data_8A0M
#
_entry.id   8A0M
#
_cell.length_a   127.911
_cell.length_b   232.806
_cell.length_c   129.177
_cell.angle_alpha   90.000
_cell.angle_beta   118.390
_cell.angle_gamma   90.000
#
_symmetry.space_group_name_H-M   'P 1 21 1'
#
loop_
_entity.id
_entity.type
_entity.pdbx_description
1 polymer Bcs3
2 non-polymer 'MAGNESIUM ION'
3 non-polymer beta-D-ribosyl-(1-&gt;1)-D-ribitol-5-phosphate
4 water water
#
_entity_poly.entity_id   1
_entity_poly.type   'polypeptide(L)'
_entity_poly.pdbx_seq_one_letter_code
;GPVDKTWLFGSYAWQGNPKALFLYMLVNCKETHECWWVADNEESMKSIKKSTGLKNITFTDSEKAKELFPHADVYVTENF
RESYPVYMNENIKVFNTWHGVGLKHIELALGMNSVLAESIVRKYVRNYDIYKNNVLFLTTSQAMEDHFLEDMAISKELII
RGKYPRNAVYGPNGIHTYDINTLLPKNKSQYSQTILFCPTYRIGAIQGVLNSLLPDFAKLEEVCRHKNQLFIVKVHPFMK
KDNYFAEMSEKYKDSEYILFWNDDYDIYEAFNSIDLAIIDYSSIFYDLLDAGVEKFIRYVPDLDEYQNDLELIGDYADLT
EGRIVKSFQQLLNCLDNANIKIISTKRKQYLMDYFFGFKKENKSMESLIADVDNCQLQPKSLKELHTFDIFDTLIRRSTL
RPFSIFDYVRDKAKASGIKFPLALTENWINVRNRAEHDVRDIMRKTTFERQSDKIEITLDDIYTRLQKNLLLTDEQTDFL
KQAEIEAEIAHVEPIQKRINYLFSLKAKGHDVAMASDMYLPEDVIYKMLDRADTRLREIPLYLSSTIGYQKSTGKLYQHI
FFDLDYQYSRWTHYGDNKHADGSVPRRLGIQTAVHDIDDFIPFENAMVNAMDNYNRYPAYQLATKMHRYRTQLVQENGFG
NTLFETKYYNYAYVGASFVPYINWAIKDAIKRGYETIYFISRDGHFLKQIADKIIEIRGYNVKTKYIYGSRKAWRLPSFI
TKVDDETFWQFGNFVGMDSFEDLVKASYLSESELLSLFPEFESLRHAKHLRGEIAENIRKIFKNSPAYHEKVLAIAAEKR
KMVRQYIQQEINPKEKFAFVEFWGRGYTQDTFGRLLNDAFGKEVKNPFYYVRSFTDDMGTSVRHNFILAPQNFSFFEPIF
AQTPYDSIPDYYEEKGRIEPIINHRDRSVSDLISEGLLKFTEDYLALNTQDEDYFDAALSQFNYQYQLNTPNDQFICNVF
SELKDNISSFGVEKPYAPALTLKQLESITSKQELDKLTQSIPISLSKSDVKVIDYYNKIQKNYNLPAYNSTPMRKAYAVN
PLEQYVWSTQVPFRVLSLKQNSFYLDVSFAETTKRKDIFLKELNEIDVIAVDWLKGGVPRLLTEHGYITAHKDWVKKSFN
DDKTNNIEEPKVKNKEKSKVLEVNTTVTNNNKQAIGKLDNNIDKSLEHHHHHH
;
_entity_poly.pdbx_strand_id   A,B,C,D
#
# COMPACT_ATOMS: atom_id res chain seq x y z
N VAL A 3 35.72 -16.53 57.38
CA VAL A 3 35.99 -15.45 56.45
C VAL A 3 35.70 -14.10 57.11
N ASP A 4 36.72 -13.24 57.17
CA ASP A 4 36.59 -11.91 57.76
C ASP A 4 36.40 -10.84 56.69
N LYS A 5 37.24 -10.85 55.66
CA LYS A 5 37.26 -9.80 54.64
C LYS A 5 36.64 -10.30 53.35
N THR A 6 36.21 -9.35 52.52
CA THR A 6 35.51 -9.65 51.28
C THR A 6 36.09 -8.75 50.20
N TRP A 7 36.54 -9.38 49.12
CA TRP A 7 37.16 -8.69 47.99
C TRP A 7 36.43 -9.02 46.70
N LEU A 8 36.07 -7.99 45.96
CA LEU A 8 35.58 -8.14 44.59
C LEU A 8 36.67 -7.66 43.64
N PHE A 9 36.67 -8.21 42.43
CA PHE A 9 37.67 -7.88 41.42
C PHE A 9 36.95 -7.56 40.12
N GLY A 10 37.33 -6.48 39.47
CA GLY A 10 36.62 -6.03 38.29
C GLY A 10 37.54 -5.45 37.24
N SER A 11 37.13 -5.62 35.99
CA SER A 11 37.80 -5.06 34.82
C SER A 11 36.95 -5.41 33.59
N TYR A 12 37.27 -4.77 32.47
CA TYR A 12 36.53 -5.04 31.25
C TYR A 12 36.88 -6.37 30.62
N ALA A 13 37.85 -7.11 31.16
CA ALA A 13 38.21 -8.40 30.61
C ALA A 13 38.87 -9.26 31.69
N TRP A 14 38.87 -10.57 31.46
CA TRP A 14 39.51 -11.54 32.33
C TRP A 14 41.02 -11.44 32.12
N GLN A 15 41.63 -10.49 32.83
CA GLN A 15 43.01 -10.14 32.57
C GLN A 15 43.58 -9.35 33.75
N GLY A 16 44.91 -9.19 33.73
CA GLY A 16 45.57 -8.18 34.53
C GLY A 16 45.80 -8.57 35.98
N ASN A 17 46.39 -7.63 36.71
CA ASN A 17 46.57 -7.79 38.14
C ASN A 17 45.29 -8.17 38.86
N PRO A 18 44.12 -7.62 38.53
CA PRO A 18 42.89 -8.12 39.14
C PRO A 18 42.75 -9.62 39.03
N LYS A 19 42.88 -10.16 37.81
CA LYS A 19 42.74 -11.61 37.62
C LYS A 19 43.82 -12.37 38.36
N ALA A 20 45.07 -11.93 38.25
CA ALA A 20 46.17 -12.61 38.92
C ALA A 20 45.93 -12.71 40.43
N LEU A 21 45.68 -11.57 41.08
CA LEU A 21 45.46 -11.57 42.52
C LEU A 21 44.20 -12.33 42.89
N PHE A 22 43.17 -12.28 42.04
CA PHE A 22 41.95 -13.02 42.32
C PHE A 22 42.20 -14.52 42.37
N LEU A 23 42.89 -15.04 41.36
CA LEU A 23 43.24 -16.47 41.36
C LEU A 23 44.13 -16.81 42.55
N TYR A 24 45.18 -16.00 42.78
CA TYR A 24 46.10 -16.30 43.86
C TYR A 24 45.41 -16.31 45.21
N MET A 25 44.37 -15.48 45.39
CA MET A 25 43.67 -15.44 46.66
C MET A 25 42.64 -16.56 46.76
N LEU A 26 41.92 -16.85 45.67
CA LEU A 26 41.02 -17.99 45.67
C LEU A 26 41.76 -19.29 45.94
N VAL A 27 43.07 -19.32 45.72
CA VAL A 27 43.85 -20.50 46.07
C VAL A 27 44.39 -20.36 47.49
N ASN A 28 45.27 -19.39 47.71
CA ASN A 28 46.05 -19.29 48.93
C ASN A 28 45.39 -18.44 50.02
N CYS A 29 44.14 -18.04 49.83
CA CYS A 29 43.45 -17.21 50.84
C CYS A 29 41.98 -17.57 50.92
N LYS A 30 41.66 -18.87 50.79
CA LYS A 30 40.26 -19.29 50.85
C LYS A 30 39.66 -19.11 52.23
N GLU A 31 40.49 -19.11 53.29
CA GLU A 31 40.00 -19.09 54.67
C GLU A 31 39.92 -17.70 55.26
N THR A 32 40.77 -16.77 54.80
CA THR A 32 40.79 -15.42 55.36
C THR A 32 40.02 -14.40 54.53
N HIS A 33 39.75 -14.70 53.26
CA HIS A 33 39.09 -13.75 52.37
C HIS A 33 38.06 -14.47 51.51
N GLU A 34 36.94 -13.82 51.26
CA GLU A 34 35.98 -14.29 50.28
C GLU A 34 36.14 -13.44 49.02
N CYS A 35 36.50 -14.09 47.92
CA CYS A 35 36.86 -13.38 46.70
C CYS A 35 35.85 -13.67 45.59
N TRP A 36 35.36 -12.60 44.96
CA TRP A 36 34.44 -12.71 43.84
C TRP A 36 34.93 -11.84 42.68
N TRP A 37 34.56 -12.24 41.46
CA TRP A 37 34.89 -11.48 40.26
C TRP A 37 33.61 -10.97 39.64
N VAL A 38 33.50 -9.65 39.54
CA VAL A 38 32.34 -8.99 38.96
C VAL A 38 32.68 -8.66 37.51
N ALA A 39 32.00 -9.33 36.57
CA ALA A 39 32.12 -8.98 35.17
C ALA A 39 31.19 -7.82 34.84
N ASP A 40 31.36 -7.28 33.63
CA ASP A 40 30.56 -6.12 33.24
C ASP A 40 29.15 -6.51 32.85
N ASN A 41 28.93 -7.74 32.39
CA ASN A 41 27.61 -8.17 31.95
C ASN A 41 27.44 -9.64 32.30
N GLU A 42 26.35 -10.24 31.84
CA GLU A 42 26.09 -11.64 32.13
C GLU A 42 26.93 -12.56 31.23
N GLU A 43 27.01 -12.23 29.94
CA GLU A 43 27.74 -13.10 29.01
C GLU A 43 29.21 -13.21 29.38
N SER A 44 29.78 -12.14 29.93
CA SER A 44 31.17 -12.21 30.38
C SER A 44 31.34 -13.23 31.49
N MET A 45 30.43 -13.21 32.47
CA MET A 45 30.45 -14.21 33.51
C MET A 45 30.31 -15.62 32.94
N LYS A 46 29.35 -15.81 32.03
CA LYS A 46 29.15 -17.13 31.43
C LYS A 46 30.43 -17.61 30.75
N SER A 47 31.11 -16.73 30.01
CA SER A 47 32.33 -17.11 29.32
C SER A 47 33.42 -17.48 30.33
N ILE A 48 33.62 -16.64 31.34
CA ILE A 48 34.62 -16.91 32.36
C ILE A 48 34.37 -18.28 33.00
N LYS A 49 33.11 -18.54 33.36
CA LYS A 49 32.81 -19.78 34.08
C LYS A 49 32.96 -21.00 33.18
N LYS A 50 32.61 -20.87 31.89
CA LYS A 50 32.79 -21.99 30.97
C LYS A 50 34.27 -22.26 30.73
N SER A 51 35.09 -21.21 30.62
CA SER A 51 36.49 -21.39 30.29
C SER A 51 37.35 -21.76 31.49
N THR A 52 36.91 -21.44 32.71
CA THR A 52 37.72 -21.64 33.90
C THR A 52 37.06 -22.48 34.97
N GLY A 53 35.75 -22.71 34.89
CA GLY A 53 35.07 -23.55 35.85
C GLY A 53 34.92 -22.99 37.25
N LEU A 54 35.33 -21.76 37.50
CA LEU A 54 35.15 -21.19 38.83
C LEU A 54 33.69 -20.88 39.10
N LYS A 55 33.36 -20.77 40.39
CA LYS A 55 32.01 -20.44 40.82
C LYS A 55 31.89 -19.09 41.51
N ASN A 56 33.01 -18.45 41.85
CA ASN A 56 32.97 -17.14 42.50
C ASN A 56 32.97 -16.02 41.48
N ILE A 57 32.16 -16.14 40.43
CA ILE A 57 32.04 -15.14 39.38
C ILE A 57 30.60 -14.67 39.31
N THR A 58 30.40 -13.36 39.48
CA THR A 58 29.11 -12.71 39.30
C THR A 58 29.29 -11.59 38.30
N PHE A 59 28.27 -10.77 38.08
CA PHE A 59 28.36 -9.70 37.11
C PHE A 59 27.74 -8.45 37.71
N THR A 60 28.01 -7.32 37.06
CA THR A 60 27.56 -6.04 37.60
C THR A 60 26.04 -6.02 37.65
N ASP A 61 25.49 -5.48 38.73
CA ASP A 61 24.06 -5.38 38.96
C ASP A 61 23.40 -6.74 39.11
N SER A 62 24.19 -7.80 39.25
CA SER A 62 23.68 -9.12 39.60
C SER A 62 23.18 -9.11 41.04
N GLU A 63 22.26 -10.02 41.34
CA GLU A 63 21.80 -10.12 42.72
C GLU A 63 22.93 -10.50 43.66
N LYS A 64 23.89 -11.30 43.18
CA LYS A 64 25.11 -11.55 43.96
C LYS A 64 25.92 -10.27 44.12
N ALA A 65 26.02 -9.47 43.07
CA ALA A 65 26.73 -8.20 43.17
C ALA A 65 25.99 -7.22 44.08
N LYS A 66 24.67 -7.10 43.92
CA LYS A 66 23.89 -6.26 44.82
C LYS A 66 23.97 -6.73 46.26
N GLU A 67 24.26 -8.01 46.48
CA GLU A 67 24.48 -8.50 47.85
C GLU A 67 25.87 -8.14 48.36
N LEU A 68 26.89 -8.31 47.51
CA LEU A 68 28.27 -8.17 47.95
C LEU A 68 28.70 -6.71 48.06
N PHE A 69 28.48 -5.90 47.02
CA PHE A 69 28.98 -4.54 47.01
C PHE A 69 28.57 -3.71 48.21
N PRO A 70 27.33 -3.78 48.72
CA PRO A 70 26.95 -2.87 49.81
C PRO A 70 27.82 -3.05 51.05
N HIS A 71 28.38 -4.22 51.27
CA HIS A 71 29.16 -4.50 52.47
C HIS A 71 30.48 -5.21 52.13
N ALA A 72 31.06 -4.89 50.98
CA ALA A 72 32.35 -5.47 50.63
C ALA A 72 33.47 -4.76 51.40
N ASP A 73 34.67 -5.32 51.30
CA ASP A 73 35.84 -4.75 51.96
C ASP A 73 36.84 -4.14 50.99
N VAL A 74 37.07 -4.77 49.84
CA VAL A 74 37.99 -4.23 48.85
C VAL A 74 37.43 -4.47 47.45
N TYR A 75 37.69 -3.51 46.56
CA TYR A 75 37.34 -3.60 45.15
C TYR A 75 38.63 -3.43 44.36
N VAL A 76 39.07 -4.49 43.71
CA VAL A 76 40.33 -4.48 42.97
C VAL A 76 40.04 -4.12 41.53
N THR A 77 40.88 -3.24 40.98
CA THR A 77 40.71 -2.74 39.62
C THR A 77 42.08 -2.49 39.02
N GLU A 78 42.12 -2.44 37.69
CA GLU A 78 43.33 -2.09 36.96
C GLU A 78 43.24 -0.71 36.30
N ASN A 79 42.17 0.03 36.54
CA ASN A 79 41.97 1.36 35.96
C ASN A 79 41.20 2.21 36.95
N PHE A 80 41.22 3.52 36.70
CA PHE A 80 40.28 4.43 37.36
C PHE A 80 38.98 4.28 36.60
N ARG A 81 38.11 3.39 37.11
CA ARG A 81 36.91 3.02 36.38
C ARG A 81 36.10 4.25 36.00
N GLU A 82 35.32 4.13 34.93
CA GLU A 82 34.46 5.23 34.52
C GLU A 82 33.21 5.33 35.38
N SER A 83 32.66 4.20 35.84
CA SER A 83 31.53 4.20 36.75
C SER A 83 31.74 3.18 37.86
N TYR A 84 31.24 3.49 39.04
CA TYR A 84 31.25 2.58 40.17
C TYR A 84 29.82 2.33 40.66
N PRO A 85 29.52 1.12 41.13
CA PRO A 85 28.16 0.80 41.57
C PRO A 85 27.64 1.82 42.57
N VAL A 86 26.40 2.27 42.35
CA VAL A 86 25.81 3.26 43.24
C VAL A 86 25.60 2.72 44.64
N TYR A 87 25.51 1.40 44.80
CA TYR A 87 25.36 0.77 46.10
C TYR A 87 26.69 0.31 46.67
N MET A 88 27.80 0.66 46.02
CA MET A 88 29.12 0.35 46.54
C MET A 88 29.31 0.97 47.91
N ASN A 89 29.88 0.21 48.84
CA ASN A 89 29.91 0.65 50.23
C ASN A 89 30.70 1.95 50.37
N GLU A 90 30.33 2.73 51.39
CA GLU A 90 30.92 4.06 51.58
C GLU A 90 32.41 3.97 51.83
N ASN A 91 32.86 2.96 52.57
CA ASN A 91 34.23 2.85 53.06
C ASN A 91 35.05 1.80 52.32
N ILE A 92 34.57 1.34 51.16
CA ILE A 92 35.30 0.31 50.43
C ILE A 92 36.70 0.82 50.12
N LYS A 93 37.64 -0.10 49.93
CA LYS A 93 39.01 0.22 49.55
C LYS A 93 39.19 -0.16 48.10
N VAL A 94 39.39 0.85 47.25
CA VAL A 94 39.61 0.64 45.82
C VAL A 94 41.10 0.37 45.63
N PHE A 95 41.45 -0.91 45.51
CA PHE A 95 42.82 -1.34 45.26
C PHE A 95 43.04 -1.24 43.76
N ASN A 96 43.62 -0.13 43.31
CA ASN A 96 43.90 0.09 41.90
C ASN A 96 45.28 -0.45 41.57
N THR A 97 45.32 -1.68 41.06
CA THR A 97 46.58 -2.27 40.59
C THR A 97 46.71 -1.94 39.10
N TRP A 98 47.47 -0.90 38.80
CA TRP A 98 47.54 -0.30 37.46
C TRP A 98 47.78 -1.36 36.39
N HIS A 99 47.61 -0.99 35.13
CA HIS A 99 47.72 -1.93 34.03
C HIS A 99 49.11 -1.95 33.39
N GLY A 100 50.09 -1.32 34.02
CA GLY A 100 51.46 -1.35 33.54
C GLY A 100 52.25 -0.18 34.06
N VAL A 101 53.57 -0.28 33.96
CA VAL A 101 54.48 0.80 34.32
C VAL A 101 55.23 1.26 33.08
N GLY A 102 55.73 2.49 33.16
CA GLY A 102 56.46 3.07 32.04
C GLY A 102 56.78 4.53 32.31
N LEU A 103 57.05 5.25 31.22
CA LEU A 103 57.49 6.64 31.27
C LEU A 103 56.65 7.49 30.33
N LYS A 104 55.40 7.10 30.11
CA LYS A 104 54.46 7.84 29.28
C LYS A 104 53.41 8.47 30.16
N HIS A 105 52.97 9.67 29.78
CA HIS A 105 51.93 10.36 30.52
C HIS A 105 50.58 9.65 30.38
N ILE A 106 49.76 9.78 31.42
CA ILE A 106 48.49 9.07 31.52
C ILE A 106 47.50 9.92 32.31
N GLU A 107 46.22 9.59 32.19
CA GLU A 107 45.16 10.15 33.04
C GLU A 107 45.18 11.68 32.92
N LEU A 108 45.18 12.43 34.02
CA LEU A 108 45.02 13.87 33.94
C LEU A 108 46.12 14.53 33.12
N ALA A 109 47.26 13.86 32.93
CA ALA A 109 48.35 14.45 32.15
C ALA A 109 48.03 14.50 30.67
N LEU A 110 47.09 13.67 30.20
CA LEU A 110 46.75 13.63 28.78
C LEU A 110 46.15 14.95 28.29
N GLY A 111 45.56 15.74 29.18
CA GLY A 111 45.10 17.07 28.81
C GLY A 111 43.87 17.08 27.91
N MET A 112 43.58 18.27 27.41
CA MET A 112 42.38 18.50 26.61
C MET A 112 42.53 18.07 25.16
N ASN A 113 43.77 17.88 24.69
CA ASN A 113 44.01 17.44 23.32
C ASN A 113 43.87 15.94 23.14
N SER A 114 43.75 15.19 24.24
CA SER A 114 43.69 13.74 24.16
C SER A 114 42.37 13.28 23.54
N VAL A 115 42.44 12.17 22.80
CA VAL A 115 41.23 11.58 22.25
C VAL A 115 40.29 11.13 23.35
N LEU A 116 40.79 10.96 24.57
CA LEU A 116 39.99 10.50 25.70
C LEU A 116 39.61 11.65 26.63
N ALA A 117 39.69 12.90 26.16
CA ALA A 117 39.46 14.04 27.04
C ALA A 117 38.08 13.97 27.66
N GLU A 118 37.05 13.76 26.84
CA GLU A 118 35.68 13.75 27.36
C GLU A 118 35.53 12.67 28.41
N SER A 119 36.11 11.50 28.16
CA SER A 119 35.97 10.38 29.07
C SER A 119 36.70 10.67 30.38
N ILE A 120 37.87 11.31 30.31
CA ILE A 120 38.59 11.66 31.53
C ILE A 120 37.79 12.66 32.35
N VAL A 121 37.29 13.72 31.70
CA VAL A 121 36.52 14.72 32.44
C VAL A 121 35.31 14.07 33.09
N ARG A 122 34.59 13.21 32.35
CA ARG A 122 33.43 12.53 32.92
C ARG A 122 33.84 11.67 34.12
N LYS A 123 34.80 10.76 33.93
CA LYS A 123 35.30 9.93 35.01
C LYS A 123 35.58 10.75 36.26
N TYR A 124 36.39 11.79 36.14
CA TYR A 124 36.86 12.48 37.34
C TYR A 124 35.74 13.30 37.97
N VAL A 125 35.03 14.10 37.17
CA VAL A 125 33.89 14.84 37.70
C VAL A 125 32.94 13.93 38.46
N ARG A 126 32.68 12.74 37.91
CA ARG A 126 31.78 11.78 38.56
C ARG A 126 32.37 11.25 39.87
N ASN A 127 33.59 10.71 39.83
CA ASN A 127 34.08 9.83 40.87
C ASN A 127 35.35 10.37 41.55
N TYR A 128 35.47 11.70 41.65
CA TYR A 128 36.66 12.26 42.28
C TYR A 128 36.71 11.90 43.77
N ASP A 129 35.56 11.89 44.44
CA ASP A 129 35.54 11.50 45.84
C ASP A 129 36.15 10.12 46.03
N ILE A 130 35.69 9.15 45.23
CA ILE A 130 36.24 7.79 45.33
C ILE A 130 37.73 7.82 45.01
N TYR A 131 38.10 8.45 43.89
CA TYR A 131 39.50 8.48 43.48
C TYR A 131 40.41 8.99 44.60
N LYS A 132 40.00 10.07 45.27
CA LYS A 132 40.88 10.72 46.23
C LYS A 132 40.84 10.10 47.61
N ASN A 133 39.70 9.55 48.04
CA ASN A 133 39.57 9.08 49.41
C ASN A 133 39.52 7.57 49.55
N ASN A 134 39.43 6.81 48.45
CA ASN A 134 39.27 5.38 48.55
C ASN A 134 40.15 4.57 47.61
N VAL A 135 41.03 5.20 46.84
CA VAL A 135 41.86 4.49 45.88
C VAL A 135 43.24 4.31 46.49
N LEU A 136 43.64 3.05 46.63
CA LEU A 136 45.00 2.68 47.02
C LEU A 136 45.69 2.25 45.73
N PHE A 137 46.52 3.13 45.19
CA PHE A 137 47.18 2.88 43.91
C PHE A 137 48.47 2.12 44.17
N LEU A 138 48.69 1.05 43.38
CA LEU A 138 49.85 0.19 43.56
C LEU A 138 51.04 0.76 42.78
N THR A 139 52.13 1.04 43.49
CA THR A 139 53.37 1.52 42.89
C THR A 139 54.47 0.50 43.07
N THR A 140 55.35 0.39 42.07
CA THR A 140 56.40 -0.62 42.07
C THR A 140 57.80 -0.06 42.30
N SER A 141 57.99 1.25 42.12
CA SER A 141 59.29 1.87 42.37
C SER A 141 59.06 3.34 42.68
N GLN A 142 60.09 3.97 43.24
CA GLN A 142 59.98 5.39 43.57
C GLN A 142 59.79 6.22 42.31
N ALA A 143 60.51 5.88 41.24
CA ALA A 143 60.32 6.57 39.98
C ALA A 143 58.88 6.45 39.49
N MET A 144 58.34 5.24 39.48
CA MET A 144 56.97 5.05 39.03
C MET A 144 55.97 5.71 39.96
N GLU A 145 56.21 5.64 41.27
CA GLU A 145 55.30 6.30 42.20
C GLU A 145 55.26 7.80 41.94
N ASP A 146 56.43 8.43 41.77
CA ASP A 146 56.46 9.87 41.48
C ASP A 146 55.77 10.18 40.17
N HIS A 147 56.07 9.41 39.12
CA HIS A 147 55.44 9.63 37.83
C HIS A 147 53.92 9.56 37.93
N PHE A 148 53.41 8.52 38.58
CA PHE A 148 51.96 8.32 38.68
C PHE A 148 51.31 9.39 39.54
N LEU A 149 51.96 9.77 40.66
CA LEU A 149 51.43 10.84 41.48
C LEU A 149 51.42 12.16 40.72
N GLU A 150 52.37 12.35 39.80
CA GLU A 150 52.35 13.54 38.95
C GLU A 150 51.18 13.49 37.98
N ASP A 151 50.91 12.32 37.40
CA ASP A 151 49.92 12.19 36.34
C ASP A 151 48.51 11.92 36.84
N MET A 152 48.32 11.62 38.12
CA MET A 152 47.03 11.20 38.64
C MET A 152 46.72 11.99 39.90
N ALA A 153 45.49 11.81 40.39
CA ALA A 153 45.02 12.48 41.60
C ALA A 153 44.79 11.44 42.68
N ILE A 154 45.88 10.82 43.14
CA ILE A 154 45.82 9.81 44.18
C ILE A 154 46.45 10.35 45.45
N SER A 155 45.99 9.82 46.58
CA SER A 155 46.47 10.23 47.89
C SER A 155 47.82 9.57 48.18
N LYS A 156 48.84 10.37 48.47
CA LYS A 156 50.15 9.82 48.77
C LYS A 156 50.13 8.90 49.99
N GLU A 157 49.18 9.12 50.91
CA GLU A 157 49.12 8.32 52.12
C GLU A 157 48.54 6.92 51.89
N LEU A 158 47.76 6.73 50.83
CA LEU A 158 47.10 5.45 50.56
C LEU A 158 47.87 4.59 49.58
N ILE A 159 49.09 4.98 49.22
CA ILE A 159 49.90 4.19 48.30
C ILE A 159 50.11 2.78 48.85
N ILE A 160 50.15 1.80 47.94
CA ILE A 160 50.52 0.43 48.27
C ILE A 160 51.74 0.08 47.44
N ARG A 161 52.81 -0.32 48.12
CA ARG A 161 54.07 -0.67 47.48
C ARG A 161 54.22 -2.19 47.43
N GLY A 162 54.64 -2.71 46.28
CA GLY A 162 54.84 -4.14 46.15
C GLY A 162 55.05 -4.52 44.70
N LYS A 163 54.74 -5.77 44.40
CA LYS A 163 54.98 -6.35 43.09
C LYS A 163 53.68 -6.34 42.28
N TYR A 164 53.83 -6.58 40.97
CA TYR A 164 52.69 -6.71 40.09
C TYR A 164 52.20 -8.15 40.14
N PRO A 165 51.03 -8.42 40.70
CA PRO A 165 50.57 -9.83 40.79
C PRO A 165 50.60 -10.58 39.47
N ARG A 166 50.36 -9.91 38.34
CA ARG A 166 50.33 -10.66 37.07
C ARG A 166 51.73 -11.04 36.60
N ASN A 167 52.77 -10.44 37.18
CA ASN A 167 54.14 -10.76 36.80
C ASN A 167 54.84 -11.68 37.79
N ALA A 168 54.17 -12.08 38.87
CA ALA A 168 54.82 -12.89 39.90
C ALA A 168 53.94 -14.04 40.39
N VAL A 169 52.79 -14.28 39.78
CA VAL A 169 51.85 -15.28 40.27
C VAL A 169 51.79 -16.53 39.40
N TYR A 170 51.98 -16.41 38.09
CA TYR A 170 51.90 -17.56 37.19
C TYR A 170 53.26 -18.17 36.90
N GLY A 171 54.08 -18.34 37.93
CA GLY A 171 55.40 -18.90 37.76
C GLY A 171 55.39 -20.39 37.47
N PRO A 172 56.57 -21.01 37.51
CA PRO A 172 56.63 -22.46 37.22
C PRO A 172 55.75 -23.29 38.15
N ASN A 173 55.85 -23.05 39.46
CA ASN A 173 55.04 -23.75 40.45
C ASN A 173 53.80 -22.97 40.85
N GLY A 174 53.51 -21.88 40.16
CA GLY A 174 52.43 -20.97 40.52
C GLY A 174 51.10 -21.37 39.94
N ILE A 175 50.28 -20.38 39.64
CA ILE A 175 48.91 -20.59 39.21
C ILE A 175 48.88 -20.76 37.70
N HIS A 176 48.00 -21.63 37.21
CA HIS A 176 47.79 -21.78 35.77
C HIS A 176 46.37 -22.26 35.54
N THR A 177 45.58 -21.48 34.81
CA THR A 177 44.23 -21.87 34.45
C THR A 177 44.18 -22.69 33.18
N TYR A 178 45.32 -22.88 32.51
CA TYR A 178 45.40 -23.66 31.29
C TYR A 178 46.81 -24.21 31.16
N ASP A 179 46.93 -25.37 30.51
CA ASP A 179 48.24 -25.94 30.22
C ASP A 179 48.76 -25.38 28.90
N ILE A 180 49.96 -24.81 28.92
CA ILE A 180 50.45 -24.12 27.72
C ILE A 180 50.64 -25.11 26.59
N ASN A 181 51.11 -26.32 26.92
CA ASN A 181 51.39 -27.33 25.90
C ASN A 181 50.15 -27.72 25.11
N THR A 182 48.97 -27.54 25.70
CA THR A 182 47.73 -27.87 25.00
C THR A 182 47.40 -26.89 23.89
N LEU A 183 48.12 -25.76 23.83
CA LEU A 183 47.89 -24.74 22.81
C LEU A 183 48.96 -24.73 21.73
N LEU A 184 50.12 -25.29 21.99
CA LEU A 184 51.29 -25.29 21.13
C LEU A 184 51.29 -26.52 20.23
N PRO A 185 51.85 -26.40 19.02
CA PRO A 185 52.02 -27.59 18.17
C PRO A 185 52.80 -28.71 18.83
N LYS A 186 53.86 -28.37 19.54
CA LYS A 186 54.66 -29.31 20.31
C LYS A 186 54.76 -28.82 21.74
N ASN A 187 55.22 -29.69 22.63
CA ASN A 187 55.45 -29.29 24.01
C ASN A 187 56.49 -28.19 24.08
N LYS A 188 56.36 -27.33 25.10
CA LYS A 188 57.28 -26.21 25.23
C LYS A 188 58.73 -26.68 25.22
N SER A 189 59.02 -27.79 25.89
CA SER A 189 60.31 -28.42 25.70
C SER A 189 60.48 -28.98 24.30
N GLN A 190 59.44 -28.92 23.47
CA GLN A 190 59.54 -29.34 22.08
C GLN A 190 59.87 -28.18 21.13
N TYR A 191 60.47 -27.10 21.63
CA TYR A 191 61.18 -26.14 20.80
C TYR A 191 62.57 -25.88 21.36
N SER A 192 63.51 -25.51 20.49
CA SER A 192 64.81 -25.06 20.99
C SER A 192 64.68 -23.80 21.84
N GLN A 193 63.62 -23.01 21.61
CA GLN A 193 63.25 -21.87 22.43
C GLN A 193 61.94 -21.31 21.89
N THR A 194 61.37 -20.38 22.64
CA THR A 194 60.13 -19.72 22.28
C THR A 194 60.36 -18.22 22.20
N ILE A 195 59.80 -17.60 21.16
CA ILE A 195 59.85 -16.16 20.96
C ILE A 195 58.43 -15.62 21.03
N LEU A 196 58.26 -14.48 21.72
CA LEU A 196 56.96 -13.82 21.85
C LEU A 196 57.05 -12.46 21.20
N PHE A 197 56.24 -12.23 20.16
CA PHE A 197 56.27 -11.00 19.38
C PHE A 197 55.11 -10.11 19.80
N CYS A 198 55.43 -8.96 20.43
CA CYS A 198 54.44 -8.06 21.00
C CYS A 198 54.60 -6.65 20.42
N PRO A 199 54.15 -6.42 19.19
CA PRO A 199 54.21 -5.07 18.62
C PRO A 199 53.07 -4.20 19.13
N THR A 200 53.16 -2.92 18.81
CA THR A 200 52.20 -1.91 19.26
C THR A 200 51.43 -1.36 18.07
N TYR A 201 50.18 -0.95 18.33
CA TYR A 201 49.31 -0.41 17.29
C TYR A 201 49.82 0.96 16.86
N ARG A 202 50.42 1.02 15.66
CA ARG A 202 50.92 2.28 15.13
C ARG A 202 49.78 3.05 14.47
N ILE A 203 49.82 4.38 14.61
CA ILE A 203 48.77 5.24 14.09
C ILE A 203 48.67 5.09 12.58
N GLY A 204 49.37 5.96 11.85
CA GLY A 204 49.31 5.95 10.39
C GLY A 204 49.76 4.64 9.78
N ALA A 205 48.79 3.83 9.34
CA ALA A 205 49.07 2.49 8.80
C ALA A 205 48.39 2.38 7.44
N ILE A 206 49.13 2.65 6.36
CA ILE A 206 48.64 2.44 5.01
C ILE A 206 48.31 0.96 4.85
N GLN A 207 49.34 0.12 4.90
CA GLN A 207 49.17 -1.32 5.00
C GLN A 207 49.12 -1.72 6.47
N GLY A 208 48.38 -2.79 6.76
CA GLY A 208 48.23 -3.27 8.12
C GLY A 208 49.53 -3.24 8.92
N VAL A 209 49.44 -2.87 10.19
CA VAL A 209 50.63 -2.79 11.03
C VAL A 209 51.40 -4.10 10.98
N LEU A 210 50.68 -5.22 10.94
CA LEU A 210 51.34 -6.52 10.92
C LEU A 210 52.05 -6.78 9.59
N ASN A 211 51.41 -6.41 8.48
CA ASN A 211 52.01 -6.64 7.17
C ASN A 211 53.32 -5.87 7.02
N SER A 212 53.39 -4.66 7.59
CA SER A 212 54.60 -3.87 7.47
C SER A 212 55.73 -4.43 8.31
N LEU A 213 55.41 -5.02 9.47
CA LEU A 213 56.45 -5.56 10.35
C LEU A 213 56.90 -6.94 9.90
N LEU A 214 55.96 -7.82 9.55
CA LEU A 214 56.24 -9.18 9.15
C LEU A 214 55.61 -9.41 7.77
N PRO A 215 56.24 -8.94 6.71
CA PRO A 215 55.66 -9.11 5.37
C PRO A 215 55.56 -10.57 4.96
N ASP A 216 56.71 -11.24 4.86
CA ASP A 216 56.78 -12.62 4.39
C ASP A 216 56.81 -13.57 5.58
N PHE A 217 55.69 -14.23 5.83
CA PHE A 217 55.63 -15.23 6.89
C PHE A 217 56.31 -16.55 6.50
N ALA A 218 56.42 -16.84 5.20
CA ALA A 218 57.07 -18.07 4.77
C ALA A 218 58.53 -18.09 5.17
N LYS A 219 59.25 -16.98 4.93
CA LYS A 219 60.65 -16.92 5.33
C LYS A 219 60.81 -16.97 6.83
N LEU A 220 59.90 -16.32 7.57
CA LEU A 220 59.94 -16.38 9.02
C LEU A 220 59.80 -17.83 9.51
N GLU A 221 58.82 -18.56 8.96
CA GLU A 221 58.63 -19.94 9.37
C GLU A 221 59.83 -20.81 8.98
N GLU A 222 60.40 -20.56 7.80
CA GLU A 222 61.60 -21.31 7.41
C GLU A 222 62.73 -21.09 8.40
N VAL A 223 62.98 -19.83 8.77
CA VAL A 223 64.07 -19.53 9.69
C VAL A 223 63.79 -20.06 11.08
N CYS A 224 62.51 -20.18 11.45
CA CYS A 224 62.18 -20.76 12.75
C CYS A 224 62.34 -22.28 12.76
N ARG A 225 61.91 -22.96 11.69
CA ARG A 225 62.16 -24.39 11.58
C ARG A 225 63.65 -24.67 11.64
N HIS A 226 64.44 -23.95 10.83
CA HIS A 226 65.88 -24.17 10.81
C HIS A 226 66.48 -24.13 12.22
N LYS A 227 65.90 -23.32 13.11
CA LYS A 227 66.38 -23.21 14.48
C LYS A 227 65.46 -23.92 15.48
N ASN A 228 64.34 -24.47 15.03
CA ASN A 228 63.40 -25.17 15.91
C ASN A 228 62.84 -24.24 16.99
N GLN A 229 62.46 -23.03 16.59
CA GLN A 229 61.89 -22.04 17.48
C GLN A 229 60.37 -21.99 17.33
N LEU A 230 59.70 -21.63 18.42
CA LEU A 230 58.26 -21.39 18.39
C LEU A 230 58.03 -19.89 18.40
N PHE A 231 57.57 -19.35 17.27
CA PHE A 231 57.30 -17.91 17.13
C PHE A 231 55.84 -17.65 17.41
N ILE A 232 55.54 -16.98 18.52
CA ILE A 232 54.19 -16.77 19.00
C ILE A 232 53.84 -15.29 18.78
N VAL A 233 52.84 -15.06 17.93
CA VAL A 233 52.46 -13.70 17.52
C VAL A 233 51.23 -13.29 18.32
N LYS A 234 51.37 -12.21 19.10
CA LYS A 234 50.27 -11.59 19.84
C LYS A 234 50.27 -10.10 19.51
N VAL A 235 49.58 -9.74 18.43
CA VAL A 235 49.54 -8.35 17.96
C VAL A 235 48.60 -7.54 18.83
N HIS A 236 48.57 -6.22 18.62
CA HIS A 236 47.68 -5.35 19.37
C HIS A 236 46.23 -5.71 19.10
N PRO A 237 45.31 -5.33 19.98
CA PRO A 237 43.91 -5.73 19.79
C PRO A 237 43.33 -5.24 18.48
N PHE A 238 43.47 -3.94 18.19
CA PHE A 238 42.95 -3.39 16.94
C PHE A 238 43.62 -4.03 15.73
N MET A 239 44.91 -4.36 15.84
CA MET A 239 45.60 -4.97 14.70
C MET A 239 44.92 -6.26 14.25
N LYS A 240 44.21 -6.95 15.16
CA LYS A 240 43.54 -8.19 14.81
C LYS A 240 42.34 -7.98 13.91
N LYS A 241 41.95 -6.73 13.63
CA LYS A 241 40.82 -6.46 12.76
C LYS A 241 41.20 -6.45 11.28
N ASP A 242 42.48 -6.27 10.97
CA ASP A 242 42.90 -6.18 9.57
C ASP A 242 42.76 -7.52 8.88
N ASN A 243 42.51 -7.47 7.56
CA ASN A 243 42.32 -8.69 6.79
C ASN A 243 43.61 -9.48 6.64
N TYR A 244 44.76 -8.79 6.60
CA TYR A 244 46.03 -9.49 6.49
C TYR A 244 46.29 -10.35 7.72
N PHE A 245 45.89 -9.86 8.89
CA PHE A 245 46.03 -10.65 10.12
C PHE A 245 45.30 -11.98 10.01
N ALA A 246 44.01 -11.94 9.66
CA ALA A 246 43.24 -13.17 9.53
C ALA A 246 43.76 -14.05 8.40
N GLU A 247 44.20 -13.43 7.29
CA GLU A 247 44.73 -14.21 6.19
C GLU A 247 45.97 -15.00 6.62
N MET A 248 46.92 -14.34 7.26
CA MET A 248 48.12 -15.02 7.72
C MET A 248 47.83 -16.00 8.84
N SER A 249 46.79 -15.73 9.65
CA SER A 249 46.42 -16.68 10.69
C SER A 249 45.85 -17.96 10.09
N GLU A 250 45.09 -17.84 9.00
CA GLU A 250 44.53 -19.00 8.34
C GLU A 250 45.58 -19.76 7.54
N LYS A 251 46.50 -19.05 6.88
CA LYS A 251 47.54 -19.70 6.09
C LYS A 251 48.47 -20.54 6.96
N TYR A 252 48.59 -20.21 8.25
CA TYR A 252 49.45 -20.93 9.18
C TYR A 252 48.66 -21.38 10.40
N LYS A 253 47.40 -21.79 10.19
CA LYS A 253 46.56 -22.24 11.30
C LYS A 253 47.09 -23.53 11.92
N ASP A 254 47.86 -24.31 11.19
CA ASP A 254 48.42 -25.58 11.66
C ASP A 254 49.91 -25.64 11.37
N SER A 255 50.63 -24.60 11.74
CA SER A 255 52.08 -24.55 11.56
C SER A 255 52.77 -25.00 12.84
N GLU A 256 53.92 -25.66 12.66
CA GLU A 256 54.67 -26.21 13.77
C GLU A 256 55.55 -25.17 14.45
N TYR A 257 55.71 -23.99 13.87
CA TYR A 257 56.61 -22.97 14.42
C TYR A 257 56.01 -21.57 14.50
N ILE A 258 55.02 -21.22 13.68
CA ILE A 258 54.36 -19.93 13.73
C ILE A 258 52.99 -20.14 14.34
N LEU A 259 52.77 -19.57 15.54
CA LEU A 259 51.54 -19.75 16.28
C LEU A 259 50.95 -18.37 16.62
N PHE A 260 49.78 -18.09 16.09
CA PHE A 260 49.05 -16.86 16.43
C PHE A 260 48.33 -17.09 17.75
N TRP A 261 48.84 -16.50 18.82
CA TRP A 261 48.28 -16.73 20.15
C TRP A 261 46.79 -16.46 20.18
N ASN A 262 46.04 -17.40 20.75
CA ASN A 262 44.60 -17.23 20.91
C ASN A 262 44.35 -16.32 22.11
N ASP A 263 43.88 -15.10 21.83
CA ASP A 263 43.72 -14.10 22.88
C ASP A 263 42.71 -14.49 23.94
N ASP A 264 41.96 -15.58 23.73
CA ASP A 264 41.05 -16.06 24.77
C ASP A 264 41.80 -16.52 26.02
N TYR A 265 43.12 -16.61 25.97
CA TYR A 265 43.94 -17.00 27.10
C TYR A 265 44.87 -15.86 27.50
N ASP A 266 45.08 -15.72 28.80
CA ASP A 266 45.95 -14.67 29.32
C ASP A 266 47.40 -15.01 29.02
N ILE A 267 48.07 -14.17 28.21
CA ILE A 267 49.44 -14.45 27.80
C ILE A 267 50.39 -14.34 28.99
N TYR A 268 50.04 -13.55 30.00
CA TYR A 268 50.91 -13.36 31.15
C TYR A 268 51.16 -14.68 31.88
N GLU A 269 50.13 -15.53 32.00
CA GLU A 269 50.31 -16.84 32.60
C GLU A 269 51.46 -17.61 31.96
N ALA A 270 51.76 -17.32 30.69
CA ALA A 270 52.78 -18.06 29.96
C ALA A 270 54.13 -17.34 29.93
N PHE A 271 54.26 -16.20 30.61
CA PHE A 271 55.52 -15.45 30.54
C PHE A 271 56.70 -16.30 30.96
N ASN A 272 56.54 -17.11 32.00
CA ASN A 272 57.67 -17.90 32.48
C ASN A 272 58.16 -18.88 31.42
N SER A 273 57.35 -19.16 30.40
CA SER A 273 57.74 -20.07 29.33
C SER A 273 58.35 -19.37 28.13
N ILE A 274 58.44 -18.04 28.16
CA ILE A 274 58.97 -17.25 27.07
C ILE A 274 60.48 -17.02 27.27
N ASP A 275 61.29 -17.47 26.31
CA ASP A 275 62.73 -17.24 26.38
C ASP A 275 63.14 -15.94 25.71
N LEU A 276 62.58 -15.63 24.54
CA LEU A 276 62.92 -14.43 23.79
C LEU A 276 61.68 -13.57 23.62
N ALA A 277 61.87 -12.25 23.66
CA ALA A 277 60.78 -11.30 23.50
C ALA A 277 61.15 -10.28 22.43
N ILE A 278 60.33 -10.20 21.38
CA ILE A 278 60.49 -9.20 20.33
C ILE A 278 59.47 -8.10 20.61
N ILE A 279 59.97 -6.96 21.07
CA ILE A 279 59.12 -5.85 21.51
C ILE A 279 59.55 -4.57 20.80
N ASP A 280 58.69 -3.56 20.88
CA ASP A 280 58.98 -2.27 20.26
C ASP A 280 58.86 -1.13 21.27
N TYR A 281 57.63 -0.72 21.58
CA TYR A 281 57.42 0.43 22.46
C TYR A 281 56.35 0.16 23.52
N SER A 282 55.97 -1.09 23.73
CA SER A 282 54.89 -1.42 24.64
C SER A 282 55.39 -1.56 26.07
N SER A 283 54.49 -1.28 27.02
CA SER A 283 54.83 -1.45 28.43
C SER A 283 55.06 -2.90 28.81
N ILE A 284 54.53 -3.84 28.03
CA ILE A 284 54.62 -5.25 28.38
C ILE A 284 56.07 -5.67 28.57
N PHE A 285 57.00 -5.02 27.86
CA PHE A 285 58.41 -5.29 28.06
C PHE A 285 58.76 -5.35 29.55
N TYR A 286 58.44 -4.29 30.30
CA TYR A 286 58.74 -4.29 31.73
C TYR A 286 58.09 -5.48 32.42
N ASP A 287 56.82 -5.73 32.13
CA ASP A 287 56.17 -6.93 32.65
C ASP A 287 57.02 -8.17 32.38
N LEU A 288 57.45 -8.36 31.12
CA LEU A 288 58.32 -9.49 30.80
C LEU A 288 59.57 -9.49 31.66
N LEU A 289 60.21 -8.31 31.80
CA LEU A 289 61.40 -8.23 32.63
C LEU A 289 61.10 -8.65 34.05
N ASP A 290 59.89 -8.33 34.53
CA ASP A 290 59.48 -8.72 35.87
C ASP A 290 59.09 -10.19 35.95
N ALA A 291 58.76 -10.80 34.81
CA ALA A 291 58.39 -12.21 34.76
C ALA A 291 59.59 -13.14 34.64
N GLY A 292 60.80 -12.61 34.47
CA GLY A 292 61.99 -13.42 34.36
C GLY A 292 62.59 -13.51 32.98
N VAL A 293 61.92 -13.00 31.94
CA VAL A 293 62.51 -13.04 30.60
C VAL A 293 63.82 -12.26 30.59
N GLU A 294 64.75 -12.69 29.73
CA GLU A 294 66.09 -12.13 29.74
C GLU A 294 66.72 -11.91 28.37
N LYS A 295 66.05 -12.30 27.28
CA LYS A 295 66.55 -12.08 25.92
C LYS A 295 65.55 -11.23 25.17
N PHE A 296 66.00 -10.06 24.69
CA PHE A 296 65.11 -9.04 24.14
C PHE A 296 65.61 -8.54 22.79
N ILE A 297 64.70 -8.45 21.83
CA ILE A 297 64.96 -7.83 20.53
C ILE A 297 64.00 -6.65 20.40
N ARG A 298 64.56 -5.45 20.36
CA ARG A 298 63.79 -4.25 20.08
C ARG A 298 63.67 -4.11 18.56
N TYR A 299 62.55 -4.56 18.02
CA TYR A 299 62.28 -4.52 16.58
C TYR A 299 61.55 -3.22 16.31
N VAL A 300 62.32 -2.17 16.01
CA VAL A 300 61.76 -0.83 15.87
C VAL A 300 62.06 -0.28 14.48
N PRO A 301 61.43 -0.79 13.43
CA PRO A 301 61.62 -0.18 12.10
C PRO A 301 61.20 1.27 12.06
N ASP A 302 60.17 1.64 12.82
CA ASP A 302 59.66 3.00 12.88
C ASP A 302 60.33 3.83 13.97
N LEU A 303 61.61 3.58 14.25
CA LEU A 303 62.33 4.44 15.20
C LEU A 303 62.64 5.81 14.61
N ASP A 304 62.45 5.99 13.30
CA ASP A 304 62.63 7.30 12.70
C ASP A 304 61.61 8.29 13.24
N GLU A 305 60.37 7.84 13.43
CA GLU A 305 59.31 8.71 13.92
C GLU A 305 59.58 9.13 15.37
N TYR A 306 59.62 8.16 16.28
CA TYR A 306 59.83 8.47 17.69
C TYR A 306 61.14 9.20 17.94
N GLN A 307 62.03 9.27 16.95
CA GLN A 307 63.30 9.98 17.10
C GLN A 307 63.06 11.48 17.00
N ASN A 308 64.13 12.25 16.85
CA ASN A 308 64.07 13.71 16.78
C ASN A 308 63.38 14.33 17.99
N ASP A 309 63.40 13.64 19.12
CA ASP A 309 62.77 14.14 20.35
C ASP A 309 63.65 13.85 21.56
N ASP A 315 64.65 8.62 28.16
CA ASP A 315 65.35 8.11 26.98
C ASP A 315 65.02 6.65 26.71
N TYR A 316 64.53 6.39 25.49
CA TYR A 316 64.25 5.02 25.07
C TYR A 316 65.49 4.15 25.14
N ALA A 317 66.66 4.72 24.86
CA ALA A 317 67.89 3.94 24.84
C ALA A 317 68.26 3.44 26.23
N ASP A 318 68.07 4.27 27.25
CA ASP A 318 68.53 3.95 28.59
C ASP A 318 67.52 3.13 29.40
N LEU A 319 66.24 3.17 29.04
CA LEU A 319 65.20 2.52 29.82
C LEU A 319 64.56 1.34 29.10
N THR A 320 65.21 0.83 28.05
CA THR A 320 64.74 -0.38 27.38
C THR A 320 65.94 -1.22 26.95
N GLU A 321 65.78 -2.53 27.03
CA GLU A 321 66.80 -3.50 26.64
C GLU A 321 66.39 -4.21 25.36
N GLY A 322 67.36 -4.82 24.71
CA GLY A 322 67.03 -5.57 23.49
C GLY A 322 67.84 -5.06 22.32
N ARG A 323 68.46 -5.99 21.61
CA ARG A 323 69.24 -5.62 20.44
C ARG A 323 68.33 -4.98 19.40
N ILE A 324 68.83 -3.93 18.74
CA ILE A 324 68.00 -3.13 17.85
C ILE A 324 67.93 -3.78 16.48
N VAL A 325 66.72 -3.84 15.92
CA VAL A 325 66.47 -4.37 14.58
C VAL A 325 65.43 -3.48 13.91
N LYS A 326 65.80 -2.84 12.81
CA LYS A 326 64.93 -1.89 12.14
C LYS A 326 64.38 -2.38 10.81
N SER A 327 64.89 -3.50 10.28
CA SER A 327 64.45 -4.03 8.99
C SER A 327 64.03 -5.48 9.15
N PHE A 328 63.05 -5.89 8.35
CA PHE A 328 62.61 -7.28 8.39
C PHE A 328 63.75 -8.23 8.05
N GLN A 329 64.57 -7.87 7.07
CA GLN A 329 65.74 -8.69 6.74
C GLN A 329 66.68 -8.80 7.93
N GLN A 330 66.85 -7.71 8.66
CA GLN A 330 67.69 -7.74 9.87
C GLN A 330 67.08 -8.67 10.92
N LEU A 331 65.76 -8.62 11.08
CA LEU A 331 65.11 -9.51 12.03
C LEU A 331 65.30 -10.97 11.65
N LEU A 332 65.20 -11.28 10.35
CA LEU A 332 65.46 -12.64 9.91
C LEU A 332 66.90 -13.05 10.20
N ASN A 333 67.86 -12.19 9.84
CA ASN A 333 69.26 -12.50 10.12
C ASN A 333 69.52 -12.69 11.60
N CYS A 334 68.77 -11.99 12.45
CA CYS A 334 68.95 -12.14 13.89
C CYS A 334 68.31 -13.44 14.40
N LEU A 335 67.14 -13.79 13.88
CA LEU A 335 66.48 -15.01 14.32
C LEU A 335 67.24 -16.26 13.86
N ASP A 336 67.85 -16.20 12.68
CA ASP A 336 68.62 -17.35 12.21
C ASP A 336 70.01 -17.38 12.84
N ASN A 337 70.68 -16.23 12.92
CA ASN A 337 72.04 -16.20 13.45
C ASN A 337 72.11 -16.76 14.87
N ALA A 338 71.06 -16.56 15.66
CA ALA A 338 71.03 -17.05 17.04
C ALA A 338 72.13 -16.41 17.88
N ASN A 339 72.32 -15.11 17.71
CA ASN A 339 73.32 -14.34 18.45
C ASN A 339 72.60 -13.26 19.26
N ILE A 340 71.96 -13.69 20.35
CA ILE A 340 71.23 -12.78 21.24
C ILE A 340 71.50 -13.25 22.67
N LYS A 341 72.32 -12.51 23.42
CA LYS A 341 72.70 -12.91 24.75
C LYS A 341 71.64 -12.49 25.77
N ILE A 342 71.74 -13.08 26.97
CA ILE A 342 70.86 -12.69 28.06
C ILE A 342 71.19 -11.28 28.49
N ILE A 343 70.18 -10.56 29.01
CA ILE A 343 70.41 -9.21 29.48
C ILE A 343 71.53 -9.22 30.50
N SER A 344 72.40 -8.21 30.41
CA SER A 344 73.55 -8.14 31.32
C SER A 344 73.07 -7.93 32.76
N THR A 345 73.81 -8.53 33.69
CA THR A 345 73.42 -8.46 35.10
C THR A 345 73.29 -7.00 35.55
N LYS A 346 74.27 -6.17 35.21
CA LYS A 346 74.21 -4.76 35.63
C LYS A 346 73.01 -4.05 35.01
N ARG A 347 72.70 -4.33 33.74
CA ARG A 347 71.57 -3.67 33.10
C ARG A 347 70.24 -4.14 33.69
N LYS A 348 70.10 -5.45 33.93
CA LYS A 348 68.88 -5.92 34.56
C LYS A 348 68.73 -5.35 35.96
N GLN A 349 69.82 -5.26 36.72
CA GLN A 349 69.76 -4.62 38.04
C GLN A 349 69.29 -3.17 37.91
N TYR A 350 69.87 -2.44 36.96
CA TYR A 350 69.50 -1.05 36.70
C TYR A 350 68.01 -0.91 36.44
N LEU A 351 67.52 -1.60 35.41
CA LEU A 351 66.11 -1.46 35.02
C LEU A 351 65.18 -1.92 36.14
N MET A 352 65.50 -3.04 36.78
CA MET A 352 64.62 -3.56 37.81
C MET A 352 64.55 -2.60 39.00
N ASP A 353 65.68 -2.06 39.44
CA ASP A 353 65.61 -0.97 40.42
C ASP A 353 64.69 0.12 39.90
N TYR A 354 65.09 0.77 38.80
CA TYR A 354 64.39 1.96 38.32
C TYR A 354 62.88 1.78 38.25
N PHE A 355 62.41 0.59 37.87
CA PHE A 355 60.99 0.42 37.58
C PHE A 355 60.22 -0.35 38.64
N PHE A 356 60.79 -1.39 39.24
CA PHE A 356 60.12 -2.15 40.29
C PHE A 356 60.99 -2.23 41.53
N GLY A 357 61.57 -1.11 41.97
CA GLY A 357 62.43 -1.16 43.14
C GLY A 357 61.72 -1.69 44.37
N PHE A 358 60.47 -1.27 44.58
CA PHE A 358 59.76 -1.74 45.76
C PHE A 358 59.53 -3.25 45.74
N LYS A 359 59.86 -3.92 44.64
CA LYS A 359 59.81 -5.38 44.60
C LYS A 359 60.87 -5.99 45.52
N LYS A 360 62.13 -5.59 45.32
CA LYS A 360 63.25 -6.19 46.05
C LYS A 360 63.10 -6.09 47.56
N GLU A 361 62.12 -5.33 48.06
CA GLU A 361 61.89 -5.23 49.49
C GLU A 361 61.26 -6.52 50.03
N ASN A 362 61.66 -7.66 49.47
CA ASN A 362 61.14 -8.96 49.89
C ASN A 362 59.60 -8.96 49.93
N LYS A 363 59.00 -8.27 48.97
CA LYS A 363 57.55 -8.16 48.91
C LYS A 363 56.93 -9.44 48.39
N SER A 364 55.79 -9.82 48.96
CA SER A 364 55.06 -11.03 48.60
C SER A 364 53.63 -10.65 48.25
N MET A 365 52.89 -11.63 47.74
CA MET A 365 51.46 -11.42 47.50
C MET A 365 50.74 -11.22 48.83
N GLU A 366 50.95 -12.14 49.77
CA GLU A 366 50.32 -11.98 51.09
C GLU A 366 50.79 -10.69 51.76
N SER A 367 52.04 -10.28 51.53
CA SER A 367 52.51 -9.00 52.05
C SER A 367 51.69 -7.84 51.46
N LEU A 368 51.39 -7.92 50.17
CA LEU A 368 50.55 -6.89 49.54
C LEU A 368 49.16 -6.88 50.14
N ILE A 369 48.56 -8.07 50.30
CA ILE A 369 47.21 -8.16 50.85
C ILE A 369 47.20 -7.62 52.27
N ALA A 370 48.27 -7.83 53.02
CA ALA A 370 48.34 -7.32 54.38
C ALA A 370 48.46 -5.80 54.38
N ASP A 371 49.38 -5.26 53.57
CA ASP A 371 49.50 -3.81 53.46
C ASP A 371 48.17 -3.16 53.08
N VAL A 372 47.41 -3.82 52.21
CA VAL A 372 46.10 -3.28 51.82
C VAL A 372 45.13 -3.37 53.00
N ASP A 373 44.90 -4.58 53.50
CA ASP A 373 43.92 -4.80 54.56
C ASP A 373 44.24 -3.97 55.79
N ASN A 374 45.52 -3.89 56.15
CA ASN A 374 45.93 -3.15 57.34
C ASN A 374 45.95 -1.65 57.11
N CYS A 375 45.46 -1.20 55.96
CA CYS A 375 45.42 0.22 55.64
C CYS A 375 44.22 0.88 56.32
N GLN A 376 44.33 2.19 56.56
CA GLN A 376 43.31 2.96 57.26
C GLN A 376 42.91 4.11 56.36
N LEU A 377 41.62 4.17 56.02
CA LEU A 377 41.11 5.28 55.21
C LEU A 377 40.85 6.47 56.12
N GLN A 378 41.60 7.55 55.90
CA GLN A 378 41.42 8.81 56.60
C GLN A 378 40.92 9.85 55.61
N PRO A 379 39.66 9.77 55.17
CA PRO A 379 39.20 10.62 54.08
C PRO A 379 39.09 12.07 54.52
N LYS A 380 38.99 12.94 53.52
CA LYS A 380 38.76 14.38 53.70
C LYS A 380 37.50 14.80 52.97
N SER A 381 36.71 15.66 53.62
CA SER A 381 35.52 16.20 52.98
C SER A 381 35.92 17.24 51.94
N LEU A 382 35.46 17.05 50.71
CA LEU A 382 35.90 17.89 49.60
C LEU A 382 34.87 18.97 49.28
N LYS A 383 35.36 20.08 48.76
CA LYS A 383 34.54 21.21 48.35
C LYS A 383 33.89 20.92 46.99
N GLU A 384 32.82 21.64 46.71
CA GLU A 384 32.10 21.56 45.45
C GLU A 384 32.42 22.73 44.53
N LEU A 385 32.13 22.52 43.24
CA LEU A 385 32.32 23.51 42.19
C LEU A 385 30.96 23.84 41.61
N HIS A 386 30.69 25.14 41.44
CA HIS A 386 29.42 25.63 40.93
C HIS A 386 29.64 26.68 39.86
N THR A 387 29.38 26.31 38.60
CA THR A 387 29.52 27.25 37.50
C THR A 387 28.14 27.79 37.11
N PHE A 388 28.14 29.03 36.63
CA PHE A 388 26.92 29.78 36.34
C PHE A 388 27.00 30.40 34.95
N ASP A 389 25.97 30.15 34.15
CA ASP A 389 25.73 30.97 32.97
C ASP A 389 25.51 32.43 33.38
N ILE A 390 25.78 33.35 32.46
CA ILE A 390 25.65 34.77 32.75
C ILE A 390 24.31 35.26 32.21
N PHE A 391 24.20 35.37 30.89
CA PHE A 391 23.01 35.96 30.27
C PHE A 391 21.78 35.11 30.54
N ASP A 392 20.73 35.74 31.10
CA ASP A 392 19.47 35.09 31.44
C ASP A 392 19.61 34.08 32.57
N THR A 393 20.73 34.07 33.28
CA THR A 393 20.89 33.30 34.51
C THR A 393 21.24 34.19 35.68
N LEU A 394 22.34 34.94 35.60
CA LEU A 394 22.67 35.92 36.62
C LEU A 394 22.19 37.32 36.27
N ILE A 395 22.01 37.62 34.98
CA ILE A 395 21.52 38.91 34.53
C ILE A 395 20.57 38.70 33.37
N ARG A 396 19.78 39.73 33.08
CA ARG A 396 18.78 39.72 32.03
C ARG A 396 18.73 41.08 31.37
N ARG A 397 17.88 41.20 30.34
CA ARG A 397 17.77 42.43 29.57
C ARG A 397 16.45 43.11 29.89
N SER A 398 16.50 44.43 30.06
CA SER A 398 15.31 45.21 30.36
C SER A 398 14.26 45.16 29.26
N THR A 399 14.61 44.69 28.08
CA THR A 399 13.64 44.45 27.01
C THR A 399 13.49 42.96 26.69
N LEU A 400 14.08 42.09 27.51
CA LEU A 400 13.87 40.65 27.41
C LEU A 400 14.58 40.06 26.20
N ARG A 401 14.04 40.25 25.00
CA ARG A 401 14.60 39.58 23.84
C ARG A 401 15.96 40.18 23.50
N PRO A 402 16.91 39.35 23.05
CA PRO A 402 18.21 39.90 22.64
C PRO A 402 18.10 40.87 21.46
N PHE A 403 17.29 40.54 20.45
CA PHE A 403 17.22 41.36 19.25
C PHE A 403 16.74 42.77 19.56
N SER A 404 16.03 42.97 20.67
CA SER A 404 15.67 44.32 21.09
C SER A 404 16.89 45.23 21.06
N ILE A 405 18.02 44.75 21.57
CA ILE A 405 19.26 45.53 21.53
C ILE A 405 19.51 46.03 20.11
N PHE A 406 19.52 45.11 19.14
CA PHE A 406 19.77 45.49 17.75
C PHE A 406 18.77 46.55 17.28
N ASP A 407 17.49 46.33 17.59
CA ASP A 407 16.48 47.35 17.30
C ASP A 407 16.94 48.72 17.78
N TYR A 408 17.18 48.83 19.10
CA TYR A 408 17.71 50.05 19.71
C TYR A 408 18.87 50.64 18.90
N VAL A 409 19.88 49.81 18.63
CA VAL A 409 21.06 50.28 17.93
C VAL A 409 20.67 50.88 16.59
N ARG A 410 19.88 50.15 15.81
CA ARG A 410 19.39 50.69 14.53
C ARG A 410 18.75 52.05 14.73
N ASP A 411 17.82 52.14 15.70
CA ASP A 411 17.12 53.40 15.93
C ASP A 411 18.10 54.53 16.20
N LYS A 412 19.21 54.21 16.88
CA LYS A 412 20.21 55.24 17.14
C LYS A 412 20.94 55.59 15.85
N ALA A 413 21.34 54.58 15.08
CA ALA A 413 22.04 54.86 13.84
C ALA A 413 21.20 55.82 13.00
N LYS A 414 19.98 55.38 12.66
CA LYS A 414 19.07 56.18 11.85
C LYS A 414 18.79 57.56 12.44
N ALA A 415 18.95 57.74 13.77
CA ALA A 415 18.64 59.03 14.37
C ALA A 415 19.87 59.91 14.58
N SER A 416 21.08 59.37 14.45
CA SER A 416 22.27 60.12 14.81
C SER A 416 22.52 61.29 13.85
N GLY A 417 22.10 61.16 12.59
CA GLY A 417 22.48 62.10 11.56
C GLY A 417 23.60 61.63 10.68
N ILE A 418 24.39 60.66 11.13
CA ILE A 418 25.39 60.02 10.27
C ILE A 418 24.67 59.20 9.22
N LYS A 419 24.95 59.48 7.95
CA LYS A 419 24.32 58.73 6.86
C LYS A 419 24.85 57.31 6.81
N PHE A 420 23.93 56.36 6.63
CA PHE A 420 24.21 54.94 6.50
C PHE A 420 23.55 54.43 5.23
N PRO A 421 24.03 53.32 4.68
CA PRO A 421 23.34 52.69 3.55
C PRO A 421 21.97 52.18 3.95
N LEU A 422 20.99 52.39 3.07
CA LEU A 422 19.63 51.97 3.36
C LEU A 422 19.57 50.49 3.73
N ALA A 423 20.26 49.64 2.96
CA ALA A 423 20.28 48.22 3.26
C ALA A 423 20.71 47.96 4.70
N LEU A 424 21.62 48.77 5.23
CA LEU A 424 22.13 48.58 6.58
C LEU A 424 21.11 49.04 7.63
N THR A 425 20.58 50.25 7.45
CA THR A 425 19.63 50.79 8.42
C THR A 425 18.34 49.97 8.43
N GLU A 426 17.62 49.96 7.31
CA GLU A 426 16.30 49.35 7.28
C GLU A 426 16.34 47.87 7.69
N ASN A 427 17.42 47.17 7.37
CA ASN A 427 17.53 45.72 7.57
C ASN A 427 18.54 45.36 8.64
N TRP A 428 18.78 46.26 9.60
CA TRP A 428 19.90 46.08 10.53
C TRP A 428 19.82 44.75 11.27
N ILE A 429 18.61 44.33 11.66
CA ILE A 429 18.46 43.09 12.41
C ILE A 429 19.08 41.94 11.62
N ASN A 430 18.56 41.72 10.41
CA ASN A 430 19.05 40.63 9.57
C ASN A 430 20.53 40.84 9.25
N VAL A 431 20.89 42.06 8.83
CA VAL A 431 22.28 42.34 8.50
C VAL A 431 23.22 41.85 9.61
N ARG A 432 22.96 42.28 10.84
CA ARG A 432 23.89 42.01 11.93
C ARG A 432 23.84 40.56 12.38
N ASN A 433 22.64 39.99 12.52
CA ASN A 433 22.56 38.60 12.96
C ASN A 433 23.19 37.65 11.92
N ARG A 434 22.90 37.87 10.64
CA ARG A 434 23.50 37.04 9.60
C ARG A 434 24.99 37.26 9.48
N ALA A 435 25.49 38.49 9.69
CA ALA A 435 26.93 38.69 9.70
C ALA A 435 27.59 37.93 10.83
N GLU A 436 26.96 37.91 12.01
CA GLU A 436 27.51 37.13 13.11
C GLU A 436 27.59 35.65 12.76
N HIS A 437 26.48 35.09 12.27
CA HIS A 437 26.51 33.67 11.90
C HIS A 437 27.48 33.39 10.75
N ASP A 438 27.68 34.36 9.86
CA ASP A 438 28.65 34.20 8.79
C ASP A 438 30.06 34.08 9.36
N VAL A 439 30.41 35.00 10.28
CA VAL A 439 31.71 34.92 10.93
C VAL A 439 31.87 33.60 11.67
N ARG A 440 30.79 33.12 12.29
CA ARG A 440 30.87 31.84 13.00
C ARG A 440 31.16 30.69 12.03
N ASP A 441 30.47 30.66 10.89
CA ASP A 441 30.73 29.61 9.92
C ASP A 441 32.15 29.71 9.38
N ILE A 442 32.66 30.93 9.21
CA ILE A 442 34.03 31.11 8.75
C ILE A 442 34.99 30.49 9.75
N MET A 443 34.83 30.82 11.04
CA MET A 443 35.66 30.20 12.06
C MET A 443 35.59 28.68 11.99
N ARG A 444 34.38 28.15 11.91
CA ARG A 444 34.21 26.69 11.89
C ARG A 444 34.95 26.08 10.70
N LYS A 445 34.92 26.75 9.54
CA LYS A 445 35.51 26.20 8.34
C LYS A 445 37.00 26.51 8.18
N THR A 446 37.58 27.33 9.05
CA THR A 446 38.99 27.70 8.93
C THR A 446 39.84 27.14 10.07
N THR A 447 39.49 25.95 10.56
CA THR A 447 40.25 25.35 11.66
C THR A 447 41.61 24.87 11.18
N PHE A 448 41.69 24.41 9.93
CA PHE A 448 42.99 24.06 9.37
C PHE A 448 43.81 25.32 9.13
N GLU A 449 43.26 26.28 8.40
CA GLU A 449 43.99 27.50 8.11
C GLU A 449 44.51 28.14 9.39
N ARG A 450 43.80 27.95 10.51
CA ARG A 450 44.25 28.54 11.76
C ARG A 450 45.00 27.56 12.65
N GLN A 451 45.04 26.27 12.29
CA GLN A 451 45.73 25.27 13.10
C GLN A 451 45.25 25.30 14.55
N SER A 452 43.95 25.47 14.72
CA SER A 452 43.34 25.57 16.05
C SER A 452 41.91 25.06 15.97
N ASP A 453 41.48 24.38 17.02
CA ASP A 453 40.11 23.91 17.12
C ASP A 453 39.17 24.92 17.75
N LYS A 454 39.72 25.99 18.35
CA LYS A 454 38.86 27.06 18.85
C LYS A 454 38.11 27.71 17.70
N ILE A 455 36.83 28.00 17.92
CA ILE A 455 35.98 28.51 16.84
C ILE A 455 35.10 29.66 17.32
N GLU A 456 35.38 30.21 18.49
CA GLU A 456 34.54 31.29 19.00
C GLU A 456 34.89 32.61 18.32
N ILE A 457 33.87 33.43 18.08
CA ILE A 457 34.03 34.71 17.39
C ILE A 457 34.07 35.83 18.42
N THR A 458 34.32 37.05 17.94
CA THR A 458 34.25 38.25 18.78
C THR A 458 33.47 39.32 18.03
N LEU A 459 32.94 40.27 18.82
CA LEU A 459 32.21 41.40 18.24
C LEU A 459 33.05 42.09 17.17
N ASP A 460 34.35 42.21 17.40
CA ASP A 460 35.21 42.86 16.42
C ASP A 460 35.21 42.10 15.10
N ASP A 461 35.13 40.76 15.15
CA ASP A 461 35.06 39.99 13.91
C ASP A 461 33.80 40.33 13.13
N ILE A 462 32.66 40.36 13.83
CA ILE A 462 31.40 40.68 13.17
C ILE A 462 31.49 42.04 12.48
N TYR A 463 31.96 43.05 13.22
CA TYR A 463 31.93 44.38 12.62
C TYR A 463 33.04 44.56 11.59
N THR A 464 34.14 43.81 11.68
CA THR A 464 35.13 43.82 10.63
C THR A 464 34.56 43.24 9.34
N ARG A 465 33.90 42.09 9.43
CA ARG A 465 33.22 41.52 8.27
C ARG A 465 32.28 42.54 7.66
N LEU A 466 31.40 43.12 8.48
CA LEU A 466 30.44 44.10 7.97
C LEU A 466 31.16 45.24 7.27
N GLN A 467 32.18 45.82 7.90
CA GLN A 467 32.82 47.01 7.34
C GLN A 467 33.53 46.68 6.04
N LYS A 468 34.31 45.59 6.04
CA LYS A 468 35.10 45.26 4.85
C LYS A 468 34.23 44.86 3.67
N ASN A 469 33.07 44.25 3.90
CA ASN A 469 32.27 43.80 2.77
C ASN A 469 31.11 44.71 2.43
N LEU A 470 30.82 45.71 3.26
CA LEU A 470 29.87 46.77 2.94
C LEU A 470 30.55 48.08 2.61
N LEU A 471 31.87 48.16 2.72
CA LEU A 471 32.62 49.38 2.40
C LEU A 471 32.13 50.54 3.25
N LEU A 472 32.14 50.33 4.56
CA LEU A 472 31.71 51.33 5.53
C LEU A 472 32.91 52.14 6.01
N THR A 473 32.64 53.39 6.40
CA THR A 473 33.67 54.21 6.97
C THR A 473 33.94 53.79 8.42
N ASP A 474 35.13 54.11 8.91
CA ASP A 474 35.45 53.83 10.30
C ASP A 474 34.45 54.50 11.23
N GLU A 475 33.95 55.69 10.87
CA GLU A 475 32.97 56.37 11.69
C GLU A 475 31.70 55.52 11.85
N GLN A 476 31.13 55.05 10.73
CA GLN A 476 29.92 54.24 10.79
C GLN A 476 30.13 52.99 11.64
N THR A 477 31.19 52.24 11.35
CA THR A 477 31.43 50.97 12.04
C THR A 477 31.63 51.19 13.53
N ASP A 478 32.45 52.18 13.90
CA ASP A 478 32.67 52.43 15.32
C ASP A 478 31.39 52.89 16.00
N PHE A 479 30.62 53.75 15.33
CA PHE A 479 29.33 54.16 15.88
C PHE A 479 28.46 52.94 16.17
N LEU A 480 28.30 52.06 15.19
CA LEU A 480 27.44 50.90 15.36
C LEU A 480 27.94 50.00 16.49
N LYS A 481 29.25 49.73 16.52
CA LYS A 481 29.79 48.81 17.52
C LYS A 481 29.65 49.38 18.92
N GLN A 482 30.02 50.65 19.09
CA GLN A 482 29.88 51.27 20.41
C GLN A 482 28.42 51.39 20.81
N ALA A 483 27.52 51.63 19.85
CA ALA A 483 26.11 51.67 20.17
C ALA A 483 25.64 50.32 20.69
N GLU A 484 26.02 49.23 20.02
CA GLU A 484 25.62 47.91 20.50
C GLU A 484 26.19 47.62 21.88
N ILE A 485 27.47 47.94 22.11
CA ILE A 485 28.09 47.68 23.40
C ILE A 485 27.39 48.47 24.50
N GLU A 486 27.24 49.78 24.29
CA GLU A 486 26.63 50.65 25.28
C GLU A 486 25.18 50.25 25.53
N ALA A 487 24.47 49.78 24.50
CA ALA A 487 23.08 49.37 24.68
C ALA A 487 23.01 48.09 25.50
N GLU A 488 23.86 47.11 25.18
CA GLU A 488 23.93 45.89 25.98
C GLU A 488 24.22 46.22 27.43
N ILE A 489 25.10 47.19 27.67
CA ILE A 489 25.42 47.57 29.04
C ILE A 489 24.25 48.25 29.71
N ALA A 490 23.58 49.16 28.99
CA ALA A 490 22.53 49.97 29.59
C ALA A 490 21.23 49.21 29.81
N HIS A 491 21.07 48.05 29.18
CA HIS A 491 19.87 47.24 29.33
C HIS A 491 20.05 46.13 30.35
N VAL A 492 21.18 46.10 31.06
CA VAL A 492 21.43 45.06 32.05
C VAL A 492 20.47 45.22 33.22
N GLU A 493 19.99 44.09 33.73
CA GLU A 493 19.26 44.00 34.98
C GLU A 493 19.75 42.76 35.71
N PRO A 494 19.81 42.78 37.03
CA PRO A 494 20.21 41.57 37.75
C PRO A 494 19.07 40.58 37.89
N ILE A 495 19.45 39.30 37.95
CA ILE A 495 18.56 38.25 38.42
C ILE A 495 18.98 38.00 39.86
N GLN A 496 18.41 38.78 40.78
CA GLN A 496 19.01 38.91 42.10
C GLN A 496 19.02 37.58 42.86
N LYS A 497 17.96 36.78 42.71
CA LYS A 497 17.86 35.56 43.51
C LYS A 497 19.03 34.61 43.20
N ARG A 498 19.35 34.44 41.92
CA ARG A 498 20.44 33.54 41.58
C ARG A 498 21.80 34.13 41.96
N ILE A 499 21.95 35.44 41.87
CA ILE A 499 23.19 36.07 42.31
C ILE A 499 23.40 35.84 43.80
N ASN A 500 22.36 36.07 44.59
CA ASN A 500 22.47 35.86 46.03
C ASN A 500 22.69 34.39 46.36
N TYR A 501 22.10 33.47 45.58
CA TYR A 501 22.36 32.06 45.78
C TYR A 501 23.81 31.70 45.45
N LEU A 502 24.35 32.26 44.36
CA LEU A 502 25.75 32.05 44.03
C LEU A 502 26.66 32.50 45.16
N PHE A 503 26.38 33.67 45.72
CA PHE A 503 27.26 34.18 46.78
C PHE A 503 27.05 33.44 48.09
N SER A 504 25.84 32.93 48.33
CA SER A 504 25.62 32.05 49.49
C SER A 504 26.42 30.77 49.34
N LEU A 505 26.43 30.18 48.14
CA LEU A 505 27.28 29.02 47.86
C LEU A 505 28.73 29.35 48.18
N LYS A 506 29.24 30.45 47.63
CA LYS A 506 30.62 30.83 47.91
C LYS A 506 30.87 30.96 49.40
N ALA A 507 29.92 31.53 50.14
CA ALA A 507 30.07 31.71 51.58
C ALA A 507 30.01 30.39 52.34
N LYS A 508 29.41 29.35 51.76
CA LYS A 508 29.41 28.03 52.36
C LYS A 508 30.76 27.32 52.18
N GLY A 509 31.69 27.94 51.46
CA GLY A 509 33.01 27.38 51.21
C GLY A 509 33.20 26.73 49.86
N HIS A 510 32.17 26.67 49.03
CA HIS A 510 32.30 26.09 47.71
C HIS A 510 32.98 27.07 46.76
N ASP A 511 33.57 26.54 45.69
CA ASP A 511 34.14 27.35 44.64
C ASP A 511 33.07 27.62 43.59
N VAL A 512 32.95 28.87 43.17
CA VAL A 512 31.98 29.27 42.16
C VAL A 512 32.69 30.01 41.03
N ALA A 513 32.15 29.87 39.83
CA ALA A 513 32.68 30.56 38.68
C ALA A 513 31.56 30.76 37.68
N MET A 514 31.82 31.58 36.66
CA MET A 514 30.87 31.84 35.59
C MET A 514 31.47 31.33 34.29
N ALA A 515 30.68 30.58 33.52
CA ALA A 515 31.11 30.11 32.20
C ALA A 515 30.09 30.52 31.16
N SER A 516 30.47 31.45 30.28
CA SER A 516 29.52 32.04 29.35
C SER A 516 30.04 31.99 27.92
N ASP A 517 29.13 31.70 26.98
CA ASP A 517 29.39 31.75 25.54
C ASP A 517 28.86 33.08 25.01
N MET A 518 29.78 33.97 24.64
CA MET A 518 29.44 35.31 24.18
C MET A 518 30.59 35.91 23.40
N TYR A 519 30.25 36.72 22.41
CA TYR A 519 31.25 37.36 21.56
C TYR A 519 31.77 38.67 22.14
N LEU A 520 30.99 39.32 23.01
CA LEU A 520 31.40 40.58 23.60
C LEU A 520 32.77 40.43 24.23
N PRO A 521 33.56 41.50 24.29
CA PRO A 521 34.86 41.42 24.97
C PRO A 521 34.68 41.22 26.47
N GLU A 522 35.74 40.74 27.10
CA GLU A 522 35.67 40.43 28.53
C GLU A 522 35.36 41.68 29.34
N ASP A 523 35.94 42.82 28.97
CA ASP A 523 35.72 44.04 29.73
C ASP A 523 34.27 44.51 29.63
N VAL A 524 33.63 44.33 28.47
CA VAL A 524 32.22 44.68 28.37
C VAL A 524 31.37 43.77 29.25
N ILE A 525 31.71 42.48 29.28
CA ILE A 525 31.00 41.55 30.15
C ILE A 525 31.15 41.95 31.60
N TYR A 526 32.37 42.34 32.00
CA TYR A 526 32.58 42.73 33.39
C TYR A 526 31.84 44.01 33.72
N LYS A 527 31.74 44.94 32.77
CA LYS A 527 30.95 46.14 33.01
C LYS A 527 29.47 45.79 33.20
N MET A 528 28.95 44.88 32.38
CA MET A 528 27.57 44.44 32.54
C MET A 528 27.34 43.79 33.90
N LEU A 529 28.22 42.85 34.26
CA LEU A 529 28.11 42.22 35.58
C LEU A 529 28.15 43.26 36.69
N ASP A 530 29.07 44.22 36.59
CA ASP A 530 29.18 45.24 37.62
C ASP A 530 27.90 46.06 37.72
N ARG A 531 27.24 46.33 36.59
CA ARG A 531 25.97 47.05 36.67
C ARG A 531 24.86 46.17 37.23
N ALA A 532 24.95 44.85 37.09
CA ALA A 532 23.96 43.99 37.72
C ALA A 532 24.21 43.83 39.21
N ASP A 533 25.45 43.56 39.60
CA ASP A 533 25.80 43.42 41.00
C ASP A 533 27.31 43.50 41.13
N THR A 534 27.79 44.44 41.95
CA THR A 534 29.22 44.68 42.03
C THR A 534 29.97 43.43 42.48
N ARG A 535 29.37 42.66 43.40
CA ARG A 535 30.02 41.45 43.89
C ARG A 535 30.43 40.53 42.75
N LEU A 536 29.61 40.47 41.70
CA LEU A 536 29.88 39.55 40.60
C LEU A 536 31.24 39.79 39.97
N ARG A 537 31.81 40.98 40.14
CA ARG A 537 33.12 41.28 39.57
C ARG A 537 34.22 40.43 40.15
N GLU A 538 34.01 39.83 41.32
CA GLU A 538 35.05 39.08 42.01
C GLU A 538 35.01 37.58 41.72
N ILE A 539 34.12 37.13 40.84
CA ILE A 539 33.93 35.70 40.59
C ILE A 539 34.73 35.32 39.35
N PRO A 540 35.40 34.17 39.35
CA PRO A 540 36.14 33.75 38.16
C PRO A 540 35.23 33.72 36.94
N LEU A 541 35.82 33.96 35.77
CA LEU A 541 35.08 34.09 34.53
C LEU A 541 35.76 33.30 33.41
N TYR A 542 34.97 32.45 32.75
CA TYR A 542 35.38 31.69 31.58
C TYR A 542 34.50 32.20 30.43
N LEU A 543 34.97 33.24 29.75
CA LEU A 543 34.23 33.83 28.64
C LEU A 543 34.69 33.20 27.34
N SER A 544 33.73 32.74 26.53
CA SER A 544 34.11 32.02 25.32
C SER A 544 34.92 32.89 24.38
N SER A 545 34.59 34.17 24.27
CA SER A 545 35.32 35.05 23.36
C SER A 545 36.78 35.14 23.75
N THR A 546 37.06 35.14 25.06
CA THR A 546 38.45 35.23 25.53
C THR A 546 39.20 33.91 25.33
N ILE A 547 38.50 32.78 25.49
CA ILE A 547 39.16 31.48 25.56
C ILE A 547 39.14 30.80 24.20
N GLY A 548 38.08 31.02 23.44
CA GLY A 548 37.90 30.38 22.17
C GLY A 548 37.10 29.09 22.19
N TYR A 549 36.74 28.58 23.36
CA TYR A 549 35.95 27.37 23.50
C TYR A 549 34.59 27.69 24.09
N GLN A 550 33.60 26.87 23.76
CA GLN A 550 32.20 27.13 24.08
C GLN A 550 31.59 25.96 24.85
N LYS A 551 30.54 26.27 25.61
CA LYS A 551 29.76 25.24 26.28
C LYS A 551 28.99 24.39 25.29
N SER A 552 28.55 24.98 24.18
CA SER A 552 27.76 24.25 23.19
C SER A 552 28.52 23.06 22.66
N THR A 553 29.82 23.21 22.42
CA THR A 553 30.67 22.11 22.00
C THR A 553 31.17 21.28 23.17
N GLY A 554 30.96 21.73 24.40
CA GLY A 554 31.51 21.07 25.57
C GLY A 554 32.97 21.37 25.81
N LYS A 555 33.64 22.05 24.88
CA LYS A 555 35.06 22.29 25.03
C LYS A 555 35.36 23.25 26.18
N LEU A 556 34.47 24.21 26.44
CA LEU A 556 34.70 25.13 27.56
C LEU A 556 34.67 24.38 28.89
N TYR A 557 33.83 23.35 29.01
CA TYR A 557 33.81 22.55 30.23
C TYR A 557 35.11 21.79 30.39
N GLN A 558 35.64 21.21 29.30
CA GLN A 558 36.92 20.53 29.38
C GLN A 558 38.02 21.53 29.76
N HIS A 559 37.98 22.73 29.21
CA HIS A 559 38.97 23.73 29.55
C HIS A 559 38.89 24.09 31.02
N ILE A 560 37.68 24.21 31.56
CA ILE A 560 37.53 24.48 32.98
C ILE A 560 38.09 23.32 33.81
N PHE A 561 37.82 22.09 33.38
CA PHE A 561 38.29 20.92 34.13
C PHE A 561 39.81 20.87 34.18
N PHE A 562 40.47 21.14 33.05
CA PHE A 562 41.92 21.04 33.00
C PHE A 562 42.62 22.29 33.51
N ASP A 563 41.89 23.41 33.59
CA ASP A 563 42.49 24.65 34.07
C ASP A 563 42.46 24.72 35.59
N LEU A 564 41.35 24.34 36.21
CA LEU A 564 41.29 24.29 37.66
C LEU A 564 42.06 23.08 38.20
N ASP A 565 42.50 23.22 39.45
CA ASP A 565 43.07 22.11 40.21
C ASP A 565 41.92 21.27 40.75
N TYR A 566 41.32 20.48 39.85
CA TYR A 566 40.08 19.81 40.21
C TYR A 566 40.23 18.95 41.45
N GLN A 567 39.56 19.37 42.52
CA GLN A 567 39.60 18.69 43.81
C GLN A 567 38.20 18.58 44.41
N TYR A 568 37.17 18.59 43.57
CA TYR A 568 35.81 18.81 44.01
C TYR A 568 35.06 17.49 44.12
N SER A 569 34.19 17.40 45.13
CA SER A 569 33.35 16.21 45.29
C SER A 569 32.13 16.22 44.38
N ARG A 570 31.78 17.39 43.82
CA ARG A 570 30.61 17.49 42.96
C ARG A 570 30.72 18.76 42.13
N TRP A 571 30.19 18.69 40.92
CA TRP A 571 30.15 19.82 39.99
C TRP A 571 28.71 20.04 39.57
N THR A 572 28.19 21.22 39.87
CA THR A 572 26.84 21.62 39.52
C THR A 572 26.90 22.87 38.64
N HIS A 573 26.10 22.86 37.57
CA HIS A 573 26.07 23.97 36.62
C HIS A 573 24.65 24.48 36.52
N TYR A 574 24.50 25.79 36.73
CA TYR A 574 23.19 26.44 36.69
C TYR A 574 23.07 27.27 35.42
N GLY A 575 21.99 27.06 34.67
CA GLY A 575 21.87 27.75 33.40
C GLY A 575 20.45 27.75 32.88
N ASP A 576 20.29 28.34 31.70
CA ASP A 576 18.99 28.43 31.04
C ASP A 576 18.94 27.67 29.73
N ASN A 577 20.08 27.23 29.21
CA ASN A 577 20.16 26.60 27.90
C ASN A 577 20.03 25.09 28.08
N LYS A 578 19.00 24.51 27.47
CA LYS A 578 18.78 23.07 27.60
C LYS A 578 19.94 22.27 27.01
N HIS A 579 20.75 22.88 26.15
CA HIS A 579 21.89 22.20 25.54
C HIS A 579 23.21 22.67 26.14
N ALA A 580 23.57 23.94 25.97
CA ALA A 580 24.87 24.41 26.45
C ALA A 580 25.02 24.19 27.95
N ASP A 581 23.97 24.43 28.72
CA ASP A 581 24.03 24.33 30.17
C ASP A 581 23.32 23.09 30.70
N GLY A 582 22.96 22.15 29.84
CA GLY A 582 22.26 20.96 30.28
C GLY A 582 22.78 19.70 29.63
N SER A 583 22.31 19.42 28.41
CA SER A 583 22.71 18.22 27.68
C SER A 583 24.23 18.05 27.71
N VAL A 584 24.96 19.06 27.23
CA VAL A 584 26.39 18.97 27.01
C VAL A 584 27.09 18.75 28.34
N PRO A 585 26.90 19.62 29.34
CA PRO A 585 27.54 19.38 30.65
C PRO A 585 27.20 18.04 31.27
N ARG A 586 25.94 17.59 31.14
CA ARG A 586 25.58 16.28 31.65
C ARG A 586 26.38 15.18 30.97
N ARG A 587 26.62 15.33 29.66
CA ARG A 587 27.48 14.38 28.96
C ARG A 587 28.88 14.33 29.56
N LEU A 588 29.32 15.41 30.19
CA LEU A 588 30.60 15.48 30.87
C LEU A 588 30.51 15.10 32.33
N GLY A 589 29.42 14.44 32.73
CA GLY A 589 29.27 14.01 34.11
C GLY A 589 28.94 15.09 35.10
N ILE A 590 28.46 16.25 34.64
CA ILE A 590 28.20 17.40 35.50
C ILE A 590 26.73 17.39 35.89
N GLN A 591 26.44 17.53 37.18
CA GLN A 591 25.08 17.79 37.63
C GLN A 591 24.64 19.17 37.13
N THR A 592 23.44 19.26 36.56
CA THR A 592 22.89 20.50 36.05
C THR A 592 21.59 20.90 36.73
N ALA A 593 21.42 22.22 36.88
CA ALA A 593 20.15 22.84 37.28
C ALA A 593 19.81 23.83 36.16
N VAL A 594 18.92 23.41 35.26
CA VAL A 594 18.54 24.18 34.08
C VAL A 594 17.16 24.79 34.30
N HIS A 595 17.08 26.12 34.35
CA HIS A 595 15.80 26.81 34.47
C HIS A 595 15.31 27.26 33.10
N ASP A 596 14.13 27.87 33.08
CA ASP A 596 13.54 28.39 31.85
C ASP A 596 13.93 29.85 31.63
N ILE A 597 14.21 30.18 30.37
CA ILE A 597 14.48 31.57 30.00
C ILE A 597 13.18 32.39 30.04
N ASP A 598 13.32 33.69 30.30
CA ASP A 598 12.16 34.57 30.19
C ASP A 598 11.67 34.62 28.75
N ASP A 599 10.37 34.78 28.59
CA ASP A 599 9.76 34.74 27.27
C ASP A 599 8.36 35.33 27.36
N PHE A 600 7.90 35.89 26.24
CA PHE A 600 6.58 36.47 26.17
C PHE A 600 5.51 35.38 26.06
N ILE A 601 4.26 35.81 26.14
CA ILE A 601 3.11 34.94 25.95
C ILE A 601 2.32 35.47 24.76
N PRO A 602 1.22 34.82 24.34
CA PRO A 602 0.61 35.18 23.05
C PRO A 602 0.38 36.67 22.84
N PHE A 603 -0.27 37.35 23.78
CA PHE A 603 -0.64 38.74 23.55
C PHE A 603 0.61 39.62 23.40
N GLU A 604 1.56 39.46 24.32
CA GLU A 604 2.80 40.23 24.27
C GLU A 604 3.56 39.95 22.98
N ASN A 605 3.71 38.68 22.63
CA ASN A 605 4.41 38.33 21.40
C ASN A 605 3.75 38.97 20.20
N ALA A 606 2.43 38.83 20.08
CA ALA A 606 1.76 39.43 18.93
C ALA A 606 1.95 40.93 18.90
N MET A 607 1.89 41.59 20.06
CA MET A 607 2.14 43.03 20.10
C MET A 607 3.51 43.38 19.55
N VAL A 608 4.54 42.67 20.00
CA VAL A 608 5.89 43.02 19.55
C VAL A 608 6.06 42.68 18.07
N ASN A 609 5.53 41.53 17.64
CA ASN A 609 5.69 41.09 16.26
C ASN A 609 4.92 41.96 15.27
N ALA A 610 3.94 42.73 15.76
CA ALA A 610 3.10 43.52 14.89
C ALA A 610 3.70 44.88 14.52
N MET A 611 4.81 45.27 15.13
CA MET A 611 5.34 46.60 14.92
C MET A 611 6.40 46.62 13.82
N ASP A 612 6.52 47.77 13.17
CA ASP A 612 7.59 48.07 12.24
C ASP A 612 8.73 48.74 12.99
N ASN A 613 9.69 49.31 12.25
CA ASN A 613 10.88 49.83 12.91
C ASN A 613 10.54 50.97 13.87
N TYR A 614 9.55 51.80 13.51
CA TYR A 614 9.25 52.95 14.35
C TYR A 614 8.70 52.54 15.72
N ASN A 615 8.02 51.39 15.80
CA ASN A 615 7.26 51.05 16.99
C ASN A 615 7.71 49.75 17.65
N ARG A 616 8.82 49.14 17.21
CA ARG A 616 9.17 47.83 17.76
C ARG A 616 9.85 47.94 19.12
N TYR A 617 10.73 48.94 19.32
CA TYR A 617 11.41 49.01 20.60
C TYR A 617 10.45 49.38 21.72
N PRO A 618 9.59 50.39 21.58
CA PRO A 618 8.59 50.64 22.63
C PRO A 618 7.66 49.47 22.83
N ALA A 619 7.39 48.70 21.78
CA ALA A 619 6.58 47.49 21.95
C ALA A 619 7.33 46.46 22.79
N TYR A 620 8.65 46.34 22.59
CA TYR A 620 9.45 45.50 23.48
C TYR A 620 9.36 45.98 24.92
N GLN A 621 9.50 47.29 25.12
CA GLN A 621 9.39 47.85 26.47
C GLN A 621 8.05 47.50 27.11
N LEU A 622 6.96 47.69 26.38
CA LEU A 622 5.63 47.46 26.96
C LEU A 622 5.39 45.98 27.22
N ALA A 623 5.77 45.11 26.28
CA ALA A 623 5.62 43.68 26.48
C ALA A 623 6.45 43.21 27.67
N THR A 624 7.67 43.73 27.82
CA THR A 624 8.51 43.35 28.96
C THR A 624 7.90 43.86 30.26
N LYS A 625 7.28 45.05 30.23
CA LYS A 625 6.58 45.53 31.42
C LYS A 625 5.42 44.61 31.79
N MET A 626 4.67 44.15 30.79
CA MET A 626 3.59 43.20 31.05
C MET A 626 4.13 41.91 31.64
N HIS A 627 5.23 41.41 31.07
CA HIS A 627 5.85 40.19 31.59
C HIS A 627 6.29 40.39 33.04
N ARG A 628 6.95 41.52 33.32
CA ARG A 628 7.36 41.80 34.70
C ARG A 628 6.15 41.87 35.63
N TYR A 629 5.03 42.43 35.14
CA TYR A 629 3.86 42.57 35.98
C TYR A 629 3.26 41.22 36.32
N ARG A 630 3.05 40.37 35.31
CA ARG A 630 2.49 39.06 35.58
C ARG A 630 3.45 38.19 36.38
N THR A 631 4.75 38.35 36.15
CA THR A 631 5.75 37.67 36.96
C THR A 631 5.62 38.06 38.42
N GLN A 632 5.58 39.36 38.71
CA GLN A 632 5.41 39.82 40.09
C GLN A 632 4.12 39.28 40.69
N LEU A 633 3.03 39.32 39.93
CA LEU A 633 1.74 38.88 40.47
C LEU A 633 1.77 37.41 40.85
N VAL A 634 2.34 36.57 39.98
CA VAL A 634 2.26 35.13 40.18
C VAL A 634 3.34 34.66 41.14
N GLN A 635 4.58 35.12 40.94
CA GLN A 635 5.75 34.54 41.59
C GLN A 635 6.41 35.46 42.59
N GLU A 636 5.86 36.65 42.85
CA GLU A 636 6.26 37.48 43.97
C GLU A 636 5.15 37.64 45.00
N ASN A 637 3.99 38.14 44.58
CA ASN A 637 2.87 38.34 45.48
C ASN A 637 2.13 37.05 45.78
N GLY A 638 2.32 36.02 44.96
CA GLY A 638 1.69 34.74 45.21
C GLY A 638 0.19 34.73 45.06
N PHE A 639 -0.34 35.50 44.11
CA PHE A 639 -1.79 35.54 43.93
C PHE A 639 -2.26 34.26 43.25
N GLY A 640 -3.55 33.97 43.44
CA GLY A 640 -4.18 32.85 42.81
C GLY A 640 -4.44 33.12 41.33
N ASN A 641 -4.99 32.10 40.66
CA ASN A 641 -5.22 32.20 39.22
C ASN A 641 -6.20 33.32 38.91
N THR A 642 -7.33 33.37 39.61
CA THR A 642 -8.35 34.36 39.26
C THR A 642 -7.86 35.78 39.50
N LEU A 643 -7.22 36.03 40.65
CA LEU A 643 -6.73 37.37 40.94
C LEU A 643 -5.65 37.79 39.94
N PHE A 644 -4.68 36.92 39.71
CA PHE A 644 -3.64 37.23 38.73
C PHE A 644 -4.25 37.54 37.37
N GLU A 645 -5.17 36.69 36.91
CA GLU A 645 -5.74 36.89 35.59
C GLU A 645 -6.49 38.22 35.52
N THR A 646 -7.27 38.52 36.57
CA THR A 646 -7.99 39.79 36.61
C THR A 646 -7.02 40.97 36.52
N LYS A 647 -5.97 40.96 37.36
CA LYS A 647 -5.05 42.10 37.37
C LYS A 647 -4.33 42.24 36.03
N TYR A 648 -3.86 41.13 35.48
CA TYR A 648 -3.12 41.19 34.23
C TYR A 648 -4.02 41.65 33.09
N TYR A 649 -5.26 41.18 33.04
CA TYR A 649 -6.18 41.65 32.02
C TYR A 649 -6.42 43.15 32.16
N ASN A 650 -6.88 43.57 33.34
CA ASN A 650 -7.17 44.98 33.59
C ASN A 650 -5.99 45.85 33.19
N TYR A 651 -4.78 45.43 33.53
CA TYR A 651 -3.58 46.16 33.12
C TYR A 651 -3.44 46.08 31.61
N ALA A 652 -2.89 44.98 31.11
CA ALA A 652 -2.47 44.90 29.70
C ALA A 652 -3.63 45.19 28.75
N TYR A 653 -4.68 44.37 28.80
CA TYR A 653 -5.70 44.42 27.76
C TYR A 653 -6.51 45.71 27.82
N VAL A 654 -7.01 46.06 29.00
CA VAL A 654 -7.85 47.24 29.10
C VAL A 654 -7.03 48.51 28.88
N GLY A 655 -5.76 48.53 29.31
CA GLY A 655 -4.92 49.68 28.99
C GLY A 655 -4.70 49.84 27.51
N ALA A 656 -4.28 48.76 26.83
CA ALA A 656 -4.10 48.84 25.39
C ALA A 656 -5.40 49.21 24.67
N SER A 657 -6.56 48.93 25.27
CA SER A 657 -7.82 49.26 24.63
C SER A 657 -8.28 50.70 24.89
N PHE A 658 -7.95 51.28 26.04
CA PHE A 658 -8.46 52.60 26.42
C PHE A 658 -7.41 53.70 26.38
N VAL A 659 -6.22 53.47 26.92
CA VAL A 659 -5.27 54.55 27.19
C VAL A 659 -4.76 55.17 25.90
N PRO A 660 -4.36 54.38 24.89
CA PRO A 660 -3.96 55.01 23.62
C PRO A 660 -5.05 55.85 23.00
N TYR A 661 -6.30 55.39 23.07
CA TYR A 661 -7.42 56.16 22.52
C TYR A 661 -7.57 57.50 23.23
N ILE A 662 -7.50 57.50 24.56
CA ILE A 662 -7.69 58.74 25.31
C ILE A 662 -6.52 59.69 25.08
N ASN A 663 -5.30 59.15 25.02
CA ASN A 663 -4.14 59.98 24.69
C ASN A 663 -4.33 60.66 23.34
N TRP A 664 -4.69 59.88 22.32
CA TRP A 664 -4.94 60.46 21.01
C TRP A 664 -6.02 61.52 21.09
N ALA A 665 -7.11 61.24 21.79
CA ALA A 665 -8.23 62.17 21.86
C ALA A 665 -7.82 63.47 22.54
N ILE A 666 -7.01 63.38 23.60
CA ILE A 666 -6.57 64.59 24.30
C ILE A 666 -5.68 65.43 23.40
N LYS A 667 -4.71 64.78 22.75
CA LYS A 667 -3.83 65.51 21.85
C LYS A 667 -4.61 66.15 20.71
N ASP A 668 -5.59 65.42 20.16
CA ASP A 668 -6.39 65.93 19.06
C ASP A 668 -7.26 67.11 19.52
N ALA A 669 -7.83 67.01 20.72
CA ALA A 669 -8.63 68.10 21.25
C ALA A 669 -7.79 69.35 21.40
N ILE A 670 -6.60 69.22 21.98
CA ILE A 670 -5.69 70.37 22.07
C ILE A 670 -5.42 70.92 20.68
N LYS A 671 -5.10 70.03 19.72
CA LYS A 671 -4.78 70.48 18.36
C LYS A 671 -5.95 71.24 17.73
N ARG A 672 -7.19 70.91 18.09
CA ARG A 672 -8.36 71.59 17.54
C ARG A 672 -8.81 72.78 18.36
N GLY A 673 -8.24 73.00 19.55
CA GLY A 673 -8.51 74.19 20.31
C GLY A 673 -9.55 74.05 21.40
N TYR A 674 -10.04 72.85 21.67
CA TYR A 674 -11.01 72.66 22.74
C TYR A 674 -10.35 72.90 24.09
N GLU A 675 -11.05 73.63 24.96
CA GLU A 675 -10.55 73.95 26.29
C GLU A 675 -11.07 73.00 27.36
N THR A 676 -12.28 72.50 27.21
CA THR A 676 -12.92 71.63 28.18
C THR A 676 -13.33 70.31 27.52
N ILE A 677 -13.09 69.21 28.23
CA ILE A 677 -13.45 67.88 27.74
C ILE A 677 -14.44 67.32 28.74
N TYR A 678 -15.66 67.06 28.26
CA TYR A 678 -16.74 66.52 29.07
C TYR A 678 -16.97 65.03 28.84
N PHE A 679 -17.14 64.30 29.93
CA PHE A 679 -17.18 62.85 29.94
C PHE A 679 -18.65 62.49 30.16
N ILE A 680 -19.23 61.74 29.24
CA ILE A 680 -20.55 61.16 29.41
C ILE A 680 -20.52 59.93 30.30
N SER A 681 -21.60 59.77 31.07
CA SER A 681 -21.63 58.92 32.25
C SER A 681 -21.47 57.45 31.87
N ARG A 682 -20.94 56.69 32.82
CA ARG A 682 -20.73 55.25 32.69
C ARG A 682 -19.50 54.99 31.83
N ASP A 683 -19.58 55.25 30.52
CA ASP A 683 -18.40 55.01 29.71
C ASP A 683 -17.29 55.98 30.08
N GLY A 684 -17.65 57.23 30.37
CA GLY A 684 -16.68 58.25 30.67
C GLY A 684 -16.02 58.16 32.04
N HIS A 685 -16.47 57.26 32.91
CA HIS A 685 -15.87 57.16 34.25
C HIS A 685 -14.42 56.68 34.18
N PHE A 686 -14.18 55.58 33.46
CA PHE A 686 -12.82 55.10 33.28
C PHE A 686 -12.06 55.97 32.30
N LEU A 687 -12.72 56.43 31.24
CA LEU A 687 -12.00 57.23 30.26
C LEU A 687 -11.49 58.50 30.91
N LYS A 688 -12.29 59.09 31.80
CA LYS A 688 -11.89 60.32 32.46
C LYS A 688 -10.80 60.05 33.49
N GLN A 689 -10.85 58.91 34.19
CA GLN A 689 -9.72 58.57 35.05
C GLN A 689 -8.41 58.53 34.24
N ILE A 690 -8.44 57.82 33.12
CA ILE A 690 -7.27 57.73 32.25
C ILE A 690 -6.84 59.12 31.79
N ALA A 691 -7.80 59.92 31.32
CA ALA A 691 -7.47 61.24 30.78
C ALA A 691 -6.85 62.13 31.84
N ASP A 692 -7.38 62.10 33.06
CA ASP A 692 -6.82 62.90 34.14
C ASP A 692 -5.39 62.47 34.42
N LYS A 693 -5.13 61.16 34.44
CA LYS A 693 -3.76 60.71 34.67
C LYS A 693 -2.83 61.19 33.56
N ILE A 694 -3.28 61.09 32.31
CA ILE A 694 -2.47 61.54 31.19
C ILE A 694 -2.16 63.02 31.35
N ILE A 695 -3.19 63.83 31.62
CA ILE A 695 -3.01 65.28 31.74
C ILE A 695 -2.04 65.60 32.86
N GLU A 696 -2.16 64.90 34.00
CA GLU A 696 -1.22 65.14 35.08
C GLU A 696 0.21 64.84 34.65
N ILE A 697 0.42 63.66 34.06
CA ILE A 697 1.78 63.25 33.72
C ILE A 697 2.39 64.18 32.67
N ARG A 698 1.62 64.53 31.64
CA ARG A 698 2.11 65.33 30.53
C ARG A 698 1.99 66.84 30.75
N GLY A 699 1.35 67.27 31.83
CA GLY A 699 1.17 68.70 32.04
C GLY A 699 0.35 69.37 30.96
N TYR A 700 -0.53 68.62 30.31
CA TYR A 700 -1.39 69.17 29.27
C TYR A 700 -2.32 70.24 29.81
N ASN A 701 -2.55 71.28 29.01
CA ASN A 701 -3.37 72.43 29.39
C ASN A 701 -4.78 72.23 28.83
N VAL A 702 -5.61 71.52 29.59
CA VAL A 702 -7.01 71.27 29.22
C VAL A 702 -7.73 70.81 30.48
N LYS A 703 -8.98 71.24 30.61
CA LYS A 703 -9.79 70.88 31.76
C LYS A 703 -10.65 69.67 31.43
N THR A 704 -10.97 68.89 32.47
CA THR A 704 -11.85 67.75 32.32
C THR A 704 -13.02 67.90 33.28
N LYS A 705 -14.19 67.46 32.82
CA LYS A 705 -15.39 67.51 33.63
C LYS A 705 -16.22 66.25 33.38
N TYR A 706 -17.01 65.90 34.37
CA TYR A 706 -17.86 64.72 34.31
C TYR A 706 -19.32 65.16 34.36
N ILE A 707 -20.10 64.66 33.41
CA ILE A 707 -21.52 64.96 33.31
C ILE A 707 -22.27 63.65 33.38
N TYR A 708 -23.42 63.67 34.05
CA TYR A 708 -24.25 62.48 34.22
C TYR A 708 -25.40 62.51 33.22
N GLY A 709 -25.75 61.33 32.72
CA GLY A 709 -26.79 61.21 31.73
C GLY A 709 -26.73 59.85 31.06
N SER A 710 -27.80 59.56 30.32
CA SER A 710 -27.91 58.28 29.64
C SER A 710 -28.84 58.44 28.44
N ARG A 711 -28.88 57.40 27.61
CA ARG A 711 -29.83 57.38 26.51
C ARG A 711 -31.26 57.56 27.03
N LYS A 712 -31.57 56.91 28.17
CA LYS A 712 -32.90 57.05 28.76
C LYS A 712 -33.21 58.50 29.09
N ALA A 713 -32.32 59.17 29.83
CA ALA A 713 -32.57 60.52 30.33
C ALA A 713 -32.51 61.58 29.24
N TRP A 714 -32.00 61.25 28.05
CA TRP A 714 -31.74 62.24 27.01
C TRP A 714 -32.58 62.05 25.75
N ARG A 715 -32.99 60.83 25.40
CA ARG A 715 -33.73 60.66 24.15
C ARG A 715 -35.10 61.30 24.23
N LEU A 716 -35.89 60.96 25.26
CA LEU A 716 -37.23 61.53 25.37
C LEU A 716 -37.19 63.05 25.44
N PRO A 717 -36.43 63.67 26.36
CA PRO A 717 -36.38 65.14 26.38
C PRO A 717 -35.91 65.76 25.08
N SER A 718 -35.16 65.01 24.26
CA SER A 718 -34.68 65.57 23.00
C SER A 718 -35.79 65.75 21.97
N PHE A 719 -36.99 65.24 22.26
CA PHE A 719 -38.14 65.42 21.38
C PHE A 719 -38.70 66.82 21.59
N ILE A 720 -38.10 67.78 20.89
CA ILE A 720 -38.49 69.19 21.06
C ILE A 720 -39.78 69.47 20.32
N THR A 721 -39.80 69.20 19.01
CA THR A 721 -40.96 69.49 18.18
C THR A 721 -41.46 68.28 17.40
N LYS A 722 -40.84 67.11 17.58
CA LYS A 722 -41.27 65.91 16.91
C LYS A 722 -40.68 64.70 17.62
N VAL A 723 -41.36 63.57 17.51
CA VAL A 723 -40.83 62.30 17.98
C VAL A 723 -40.10 61.65 16.81
N ASP A 724 -38.79 61.48 16.97
CA ASP A 724 -37.95 60.99 15.87
C ASP A 724 -38.49 59.70 15.28
N ASP A 725 -38.36 59.57 13.96
CA ASP A 725 -38.70 58.33 13.30
C ASP A 725 -37.83 57.17 13.78
N GLU A 726 -36.59 57.47 14.19
CA GLU A 726 -35.73 56.45 14.78
C GLU A 726 -36.42 55.71 15.91
N THR A 727 -37.34 56.38 16.61
CA THR A 727 -38.04 55.74 17.73
C THR A 727 -38.75 54.47 17.29
N PHE A 728 -39.19 54.40 16.04
CA PHE A 728 -39.97 53.29 15.53
C PHE A 728 -39.22 52.48 14.48
N TRP A 729 -37.91 52.29 14.66
CA TRP A 729 -37.13 51.49 13.72
C TRP A 729 -36.20 50.58 14.51
N GLN A 730 -35.25 49.94 13.81
CA GLN A 730 -34.54 48.79 14.36
C GLN A 730 -33.63 49.17 15.52
N PHE A 731 -33.02 50.34 15.48
CA PHE A 731 -32.23 50.85 16.61
C PHE A 731 -32.99 51.89 17.42
N GLY A 732 -34.33 51.83 17.38
CA GLY A 732 -35.16 52.75 18.12
C GLY A 732 -35.53 52.24 19.50
N ASN A 733 -36.75 52.54 19.94
CA ASN A 733 -37.17 52.23 21.30
C ASN A 733 -37.73 50.83 21.43
N PHE A 734 -38.51 50.37 20.46
CA PHE A 734 -39.20 49.08 20.54
C PHE A 734 -38.32 47.98 19.93
N VAL A 735 -37.28 47.63 20.68
CA VAL A 735 -36.26 46.69 20.21
C VAL A 735 -35.85 45.77 21.35
N GLY A 736 -35.50 44.54 20.99
CA GLY A 736 -35.01 43.60 21.97
C GLY A 736 -35.97 43.29 23.10
N MET A 737 -37.24 43.63 22.96
CA MET A 737 -38.20 43.42 24.02
C MET A 737 -38.66 41.96 24.01
N ASP A 738 -38.58 41.32 25.18
CA ASP A 738 -38.78 39.88 25.30
C ASP A 738 -39.97 39.51 26.17
N SER A 739 -40.89 40.44 26.41
CA SER A 739 -42.05 40.15 27.25
C SER A 739 -42.98 41.37 27.20
N PHE A 740 -44.19 41.16 27.71
CA PHE A 740 -45.17 42.24 27.69
C PHE A 740 -44.71 43.40 28.56
N GLU A 741 -44.19 43.11 29.76
CA GLU A 741 -43.69 44.18 30.61
C GLU A 741 -42.51 44.91 29.97
N ASP A 742 -41.73 44.22 29.13
CA ASP A 742 -40.70 44.94 28.38
C ASP A 742 -41.30 45.96 27.42
N LEU A 743 -42.36 45.57 26.71
CA LEU A 743 -43.07 46.54 25.88
C LEU A 743 -43.61 47.70 26.70
N VAL A 744 -44.19 47.39 27.87
CA VAL A 744 -44.70 48.45 28.74
C VAL A 744 -43.59 49.44 29.09
N LYS A 745 -42.43 48.91 29.52
CA LYS A 745 -41.33 49.79 29.92
C LYS A 745 -40.79 50.57 28.72
N ALA A 746 -40.75 49.96 27.54
CA ALA A 746 -40.27 50.66 26.35
C ALA A 746 -41.18 51.81 26.00
N SER A 747 -42.50 51.58 25.99
CA SER A 747 -43.44 52.67 25.77
C SER A 747 -43.32 53.68 26.89
N TYR A 748 -43.17 54.95 26.54
CA TYR A 748 -43.04 55.99 27.55
C TYR A 748 -44.23 56.03 28.51
N LEU A 749 -45.28 55.26 28.25
CA LEU A 749 -46.48 55.22 29.07
C LEU A 749 -46.40 54.08 30.07
N SER A 750 -47.48 53.91 30.84
CA SER A 750 -47.60 52.80 31.77
C SER A 750 -48.57 51.75 31.22
N GLU A 751 -48.41 50.52 31.72
CA GLU A 751 -49.23 49.41 31.24
C GLU A 751 -50.69 49.80 31.12
N SER A 752 -51.23 50.47 32.15
CA SER A 752 -52.60 50.97 32.07
C SER A 752 -52.78 51.88 30.86
N GLU A 753 -51.94 52.89 30.73
CA GLU A 753 -52.05 53.81 29.60
C GLU A 753 -51.78 53.11 28.28
N LEU A 754 -50.87 52.14 28.27
CA LEU A 754 -50.57 51.41 27.04
C LEU A 754 -51.80 50.65 26.54
N LEU A 755 -52.46 49.93 27.44
CA LEU A 755 -53.70 49.25 27.06
C LEU A 755 -54.83 50.23 26.79
N SER A 756 -54.77 51.43 27.37
CA SER A 756 -55.78 52.45 27.07
C SER A 756 -55.66 52.91 25.62
N LEU A 757 -54.44 53.17 25.16
CA LEU A 757 -54.26 53.60 23.78
C LEU A 757 -54.33 52.42 22.81
N PHE A 758 -53.72 51.29 23.16
CA PHE A 758 -53.66 50.12 22.29
C PHE A 758 -54.23 48.92 23.04
N PRO A 759 -55.55 48.71 23.01
CA PRO A 759 -56.12 47.54 23.68
C PRO A 759 -55.63 46.22 23.10
N GLU A 760 -55.31 46.19 21.80
CA GLU A 760 -54.86 44.96 21.17
C GLU A 760 -53.67 44.34 21.90
N PHE A 761 -52.79 45.17 22.46
CA PHE A 761 -51.61 44.67 23.14
C PHE A 761 -51.96 43.78 24.34
N GLU A 762 -53.21 43.79 24.78
CA GLU A 762 -53.65 42.88 25.83
C GLU A 762 -53.43 41.43 25.43
N SER A 763 -53.50 41.13 24.13
CA SER A 763 -53.26 39.79 23.62
C SER A 763 -51.81 39.37 23.69
N LEU A 764 -50.91 40.26 24.10
CA LEU A 764 -49.50 39.95 24.25
C LEU A 764 -49.08 39.77 25.70
N ARG A 765 -50.05 39.62 26.62
CA ARG A 765 -49.73 39.57 28.03
C ARG A 765 -48.82 38.40 28.36
N HIS A 766 -49.16 37.21 27.87
CA HIS A 766 -48.38 36.00 28.13
C HIS A 766 -47.47 35.64 26.96
N ALA A 767 -47.02 36.63 26.21
CA ALA A 767 -46.14 36.37 25.07
C ALA A 767 -44.75 35.97 25.52
N LYS A 768 -44.15 35.02 24.82
CA LYS A 768 -42.81 34.55 25.17
C LYS A 768 -41.74 35.54 24.76
N HIS A 769 -41.79 36.02 23.52
CA HIS A 769 -40.80 36.97 23.02
C HIS A 769 -41.47 37.92 22.03
N LEU A 770 -41.07 39.18 22.09
CA LEU A 770 -41.57 40.18 21.15
C LEU A 770 -40.43 40.72 20.30
N ARG A 771 -39.83 39.84 19.48
CA ARG A 771 -38.71 40.21 18.64
C ARG A 771 -38.98 39.75 17.22
N GLY A 772 -38.30 40.38 16.26
CA GLY A 772 -38.45 40.01 14.86
C GLY A 772 -39.61 40.74 14.22
N GLU A 773 -40.43 40.00 13.48
CA GLU A 773 -41.53 40.62 12.74
C GLU A 773 -42.56 41.24 13.67
N ILE A 774 -42.83 40.59 14.81
CA ILE A 774 -43.73 41.17 15.80
C ILE A 774 -43.24 42.54 16.23
N ALA A 775 -41.92 42.69 16.36
CA ALA A 775 -41.36 43.99 16.76
C ALA A 775 -41.59 45.05 15.69
N GLU A 776 -41.35 44.71 14.42
CA GLU A 776 -41.64 45.65 13.35
C GLU A 776 -43.10 46.05 13.34
N ASN A 777 -44.00 45.08 13.53
CA ASN A 777 -45.41 45.42 13.57
C ASN A 777 -45.73 46.34 14.73
N ILE A 778 -45.17 46.09 15.91
CA ILE A 778 -45.43 46.96 17.05
C ILE A 778 -44.92 48.37 16.77
N ARG A 779 -43.74 48.48 16.14
CA ARG A 779 -43.24 49.80 15.77
C ARG A 779 -44.18 50.50 14.80
N LYS A 780 -44.66 49.78 13.79
CA LYS A 780 -45.59 50.38 12.83
C LYS A 780 -46.88 50.81 13.51
N ILE A 781 -47.31 50.08 14.54
CA ILE A 781 -48.52 50.46 15.26
C ILE A 781 -48.29 51.75 16.03
N PHE A 782 -47.22 51.79 16.82
CA PHE A 782 -46.91 53.00 17.58
C PHE A 782 -46.74 54.21 16.67
N LYS A 783 -46.08 54.03 15.54
CA LYS A 783 -45.74 55.17 14.69
C LYS A 783 -47.00 55.82 14.13
N ASN A 784 -47.99 55.02 13.75
CA ASN A 784 -49.20 55.52 13.11
C ASN A 784 -50.28 55.92 14.12
N SER A 785 -49.89 56.26 15.34
CA SER A 785 -50.81 56.72 16.38
C SER A 785 -50.47 58.14 16.77
N PRO A 786 -51.21 59.14 16.29
CA PRO A 786 -50.94 60.53 16.72
C PRO A 786 -51.07 60.73 18.23
N ALA A 787 -51.99 60.01 18.87
CA ALA A 787 -52.14 60.13 20.32
C ALA A 787 -50.83 59.76 21.03
N TYR A 788 -50.14 58.73 20.55
CA TYR A 788 -48.88 58.35 21.16
C TYR A 788 -47.85 59.45 20.98
N HIS A 789 -47.77 60.02 19.78
CA HIS A 789 -46.86 61.14 19.54
C HIS A 789 -47.15 62.30 20.49
N GLU A 790 -48.42 62.60 20.73
CA GLU A 790 -48.77 63.72 21.59
C GLU A 790 -48.38 63.44 23.03
N LYS A 791 -48.70 62.23 23.52
CA LYS A 791 -48.32 61.87 24.88
C LYS A 791 -46.80 61.92 25.05
N VAL A 792 -46.06 61.45 24.05
CA VAL A 792 -44.60 61.46 24.12
C VAL A 792 -44.08 62.89 24.12
N LEU A 793 -44.66 63.76 23.29
CA LEU A 793 -44.23 65.15 23.27
C LEU A 793 -44.48 65.82 24.62
N ALA A 794 -45.59 65.48 25.27
CA ALA A 794 -45.87 66.04 26.59
C ALA A 794 -44.85 65.56 27.62
N ILE A 795 -44.62 64.25 27.68
CA ILE A 795 -43.62 63.72 28.60
C ILE A 795 -42.26 64.37 28.37
N ALA A 796 -41.90 64.55 27.09
CA ALA A 796 -40.59 65.12 26.77
C ALA A 796 -40.52 66.58 27.19
N ALA A 797 -41.58 67.35 26.95
CA ALA A 797 -41.60 68.73 27.39
C ALA A 797 -41.51 68.82 28.91
N GLU A 798 -42.04 67.82 29.63
CA GLU A 798 -41.94 67.82 31.08
C GLU A 798 -40.52 67.54 31.55
N LYS A 799 -39.90 66.49 31.01
CA LYS A 799 -38.52 66.18 31.40
C LYS A 799 -37.52 67.23 30.94
N ARG A 800 -37.84 67.97 29.87
CA ARG A 800 -36.88 68.93 29.33
C ARG A 800 -36.64 70.10 30.26
N LYS A 801 -37.60 70.47 31.10
CA LYS A 801 -37.33 71.53 32.07
C LYS A 801 -36.10 71.18 32.92
N MET A 802 -36.15 70.02 33.56
CA MET A 802 -35.08 69.59 34.44
C MET A 802 -33.79 69.35 33.67
N VAL A 803 -33.88 68.69 32.51
CA VAL A 803 -32.65 68.39 31.77
C VAL A 803 -32.01 69.67 31.25
N ARG A 804 -32.83 70.64 30.82
CA ARG A 804 -32.30 71.91 30.36
C ARG A 804 -31.60 72.66 31.48
N GLN A 805 -32.23 72.69 32.66
CA GLN A 805 -31.58 73.35 33.79
C GLN A 805 -30.26 72.67 34.14
N TYR A 806 -30.23 71.33 34.09
CA TYR A 806 -29.00 70.60 34.36
C TYR A 806 -27.92 70.98 33.35
N ILE A 807 -28.28 71.00 32.06
CA ILE A 807 -27.33 71.37 31.01
C ILE A 807 -26.77 72.76 31.28
N GLN A 808 -27.66 73.73 31.48
CA GLN A 808 -27.21 75.09 31.74
C GLN A 808 -26.32 75.15 32.97
N GLN A 809 -26.56 74.29 33.95
CA GLN A 809 -25.79 74.27 35.18
C GLN A 809 -24.44 73.61 35.05
N GLU A 810 -24.25 72.72 34.06
CA GLU A 810 -23.05 71.90 34.00
C GLU A 810 -22.12 72.20 32.83
N ILE A 811 -22.57 72.94 31.82
CA ILE A 811 -21.77 73.18 30.62
C ILE A 811 -21.63 74.68 30.41
N ASN A 812 -20.39 75.15 30.29
CA ASN A 812 -20.09 76.55 29.98
C ASN A 812 -20.13 76.74 28.47
N PRO A 813 -21.17 77.39 27.94
CA PRO A 813 -21.28 77.56 26.48
C PRO A 813 -20.27 78.54 25.90
N LYS A 814 -19.58 79.34 26.72
CA LYS A 814 -18.63 80.30 26.18
C LYS A 814 -17.30 79.67 25.83
N GLU A 815 -16.94 78.52 26.41
CA GLU A 815 -15.72 77.83 26.06
C GLU A 815 -15.89 77.00 24.78
N LYS A 816 -14.75 76.67 24.17
CA LYS A 816 -14.72 75.77 23.02
C LYS A 816 -14.52 74.37 23.62
N PHE A 817 -15.60 73.60 23.70
CA PHE A 817 -15.63 72.36 24.45
C PHE A 817 -15.88 71.18 23.53
N ALA A 818 -15.61 69.98 24.06
CA ALA A 818 -15.89 68.77 23.32
C ALA A 818 -16.13 67.63 24.31
N PHE A 819 -16.79 66.59 23.83
CA PHE A 819 -17.17 65.44 24.63
C PHE A 819 -16.41 64.21 24.17
N VAL A 820 -16.08 63.34 25.13
CA VAL A 820 -15.28 62.15 24.85
C VAL A 820 -16.14 60.96 25.25
N GLU A 821 -16.68 60.27 24.25
CA GLU A 821 -17.37 59.00 24.38
C GLU A 821 -16.49 57.88 23.83
N PHE A 822 -17.09 56.72 23.57
CA PHE A 822 -16.33 55.57 23.07
C PHE A 822 -16.86 55.05 21.74
N TRP A 823 -18.13 54.62 21.68
CA TRP A 823 -18.67 54.04 20.47
C TRP A 823 -20.17 54.25 20.38
N GLY A 824 -20.65 54.48 19.16
CA GLY A 824 -22.06 54.61 18.91
C GLY A 824 -22.31 55.08 17.50
N ARG A 825 -23.59 55.00 17.10
CA ARG A 825 -24.00 55.54 15.81
C ARG A 825 -23.69 57.03 15.73
N GLY A 826 -24.09 57.78 16.75
CA GLY A 826 -24.09 59.23 16.72
C GLY A 826 -25.46 59.83 16.90
N TYR A 827 -26.52 59.01 16.98
CA TYR A 827 -27.87 59.54 17.11
C TYR A 827 -28.07 60.14 18.51
N THR A 828 -27.59 59.45 19.54
CA THR A 828 -27.64 60.01 20.88
C THR A 828 -26.92 61.35 20.94
N GLN A 829 -25.77 61.47 20.26
CA GLN A 829 -25.09 62.76 20.18
C GLN A 829 -25.97 63.82 19.51
N ASP A 830 -26.78 63.42 18.52
CA ASP A 830 -27.64 64.39 17.86
C ASP A 830 -28.74 64.87 18.79
N THR A 831 -29.36 63.93 19.52
CA THR A 831 -30.35 64.31 20.51
C THR A 831 -29.75 65.22 21.58
N PHE A 832 -28.53 64.91 22.03
CA PHE A 832 -27.90 65.75 23.03
C PHE A 832 -27.56 67.12 22.46
N GLY A 833 -27.25 67.20 21.16
CA GLY A 833 -27.06 68.50 20.54
C GLY A 833 -28.34 69.32 20.50
N ARG A 834 -29.46 68.67 20.19
CA ARG A 834 -30.75 69.35 20.29
C ARG A 834 -30.96 69.88 21.69
N LEU A 835 -30.68 69.06 22.71
CA LEU A 835 -30.88 69.50 24.08
C LEU A 835 -29.96 70.66 24.43
N LEU A 836 -28.74 70.63 23.92
CA LEU A 836 -27.80 71.73 24.15
C LEU A 836 -28.33 73.02 23.52
N ASN A 837 -28.80 72.93 22.27
CA ASN A 837 -29.33 74.11 21.60
C ASN A 837 -30.54 74.67 22.33
N ASP A 838 -31.39 73.78 22.87
CA ASP A 838 -32.53 74.25 23.65
C ASP A 838 -32.08 74.91 24.95
N ALA A 839 -31.06 74.36 25.60
CA ALA A 839 -30.61 74.90 26.87
C ALA A 839 -29.89 76.24 26.70
N PHE A 840 -29.23 76.44 25.56
CA PHE A 840 -28.43 77.64 25.33
C PHE A 840 -29.07 78.59 24.32
N GLY A 841 -30.25 78.26 23.79
CA GLY A 841 -30.96 79.14 22.90
C GLY A 841 -30.25 79.47 21.61
N LYS A 842 -29.33 78.62 21.17
CA LYS A 842 -28.64 78.84 19.91
C LYS A 842 -28.06 77.51 19.46
N GLU A 843 -27.70 77.45 18.18
CA GLU A 843 -27.10 76.25 17.62
C GLU A 843 -25.66 76.15 18.15
N VAL A 844 -25.44 75.25 19.11
CA VAL A 844 -24.15 75.11 19.77
C VAL A 844 -23.44 73.90 19.17
N LYS A 845 -22.25 74.13 18.59
CA LYS A 845 -21.50 73.03 18.01
C LYS A 845 -21.17 71.98 19.08
N ASN A 846 -21.49 70.73 18.77
CA ASN A 846 -21.38 69.60 19.69
C ASN A 846 -20.38 68.63 19.08
N PRO A 847 -19.08 68.75 19.41
CA PRO A 847 -18.11 67.77 18.92
C PRO A 847 -17.97 66.63 19.91
N PHE A 848 -17.94 65.42 19.36
CA PHE A 848 -17.81 64.18 20.11
C PHE A 848 -16.61 63.42 19.60
N TYR A 849 -15.79 62.91 20.52
CA TYR A 849 -14.69 62.00 20.18
C TYR A 849 -15.18 60.57 20.40
N TYR A 850 -15.06 59.75 19.36
CA TYR A 850 -15.35 58.33 19.44
C TYR A 850 -14.11 57.54 19.06
N VAL A 851 -14.06 56.30 19.55
CA VAL A 851 -13.19 55.31 18.92
C VAL A 851 -13.59 55.13 17.47
N ARG A 852 -14.89 54.97 17.21
CA ARG A 852 -15.41 54.93 15.86
C ARG A 852 -16.91 55.24 15.88
N SER A 853 -17.38 55.99 14.87
CA SER A 853 -18.80 56.16 14.63
C SER A 853 -19.09 55.93 13.16
N PHE A 854 -20.31 55.48 12.87
CA PHE A 854 -20.71 55.09 11.53
C PHE A 854 -21.87 55.94 11.03
N THR A 855 -21.85 57.24 11.37
CA THR A 855 -22.73 58.20 10.73
C THR A 855 -21.95 59.48 10.48
N ASP A 856 -22.25 60.13 9.36
CA ASP A 856 -21.54 61.35 9.01
C ASP A 856 -22.02 62.50 9.88
N ASP A 857 -21.29 63.61 9.81
CA ASP A 857 -21.69 64.81 10.54
C ASP A 857 -23.04 65.31 10.05
N MET A 858 -23.87 65.77 10.97
CA MET A 858 -25.21 66.27 10.65
C MET A 858 -25.51 67.46 11.55
N GLY A 859 -25.76 68.61 10.94
CA GLY A 859 -26.11 69.79 11.69
C GLY A 859 -24.98 70.24 12.61
N THR A 860 -25.30 70.41 13.89
CA THR A 860 -24.31 70.81 14.88
C THR A 860 -23.40 69.68 15.32
N SER A 861 -23.75 68.43 15.04
CA SER A 861 -22.95 67.30 15.48
C SER A 861 -21.67 67.21 14.67
N VAL A 862 -20.53 67.21 15.36
CA VAL A 862 -19.23 66.94 14.75
C VAL A 862 -18.67 65.70 15.41
N ARG A 863 -18.07 64.82 14.61
CA ARG A 863 -17.54 63.55 15.12
C ARG A 863 -16.07 63.41 14.74
N HIS A 864 -15.21 63.36 15.75
CA HIS A 864 -13.81 63.01 15.56
C HIS A 864 -13.66 61.53 15.89
N ASN A 865 -12.99 60.79 15.02
CA ASN A 865 -12.94 59.34 15.13
C ASN A 865 -11.52 58.83 15.17
N PHE A 866 -11.27 57.90 16.10
CA PHE A 866 -9.92 57.40 16.35
C PHE A 866 -9.50 56.37 15.30
N ILE A 867 -10.25 55.28 15.18
CA ILE A 867 -9.94 54.23 14.24
C ILE A 867 -10.87 54.34 13.03
N LEU A 868 -10.29 54.29 11.84
CA LEU A 868 -11.04 54.37 10.59
C LEU A 868 -11.04 52.99 9.93
N ALA A 869 -11.78 52.06 10.55
CA ALA A 869 -11.89 50.70 10.04
C ALA A 869 -13.26 50.17 10.45
N PRO A 870 -13.82 49.21 9.70
CA PRO A 870 -15.20 48.80 9.96
C PRO A 870 -15.31 47.86 11.14
N GLN A 871 -14.60 48.18 12.22
CA GLN A 871 -14.61 47.35 13.42
C GLN A 871 -15.72 47.79 14.36
N ASN A 872 -16.26 46.82 15.09
CA ASN A 872 -17.38 47.05 16.00
C ASN A 872 -16.86 47.04 17.44
N PHE A 873 -17.04 48.15 18.15
CA PHE A 873 -16.49 48.27 19.49
C PHE A 873 -17.55 48.13 20.58
N SER A 874 -18.73 47.60 20.22
CA SER A 874 -19.63 47.13 21.26
C SER A 874 -18.98 46.03 22.05
N PHE A 875 -18.00 45.34 21.45
CA PHE A 875 -17.21 44.33 22.13
C PHE A 875 -16.82 44.81 23.52
N PHE A 876 -16.54 46.11 23.67
CA PHE A 876 -16.00 46.59 24.92
C PHE A 876 -17.04 47.05 25.93
N GLU A 877 -18.33 46.93 25.61
CA GLU A 877 -19.35 47.40 26.55
C GLU A 877 -19.28 46.74 27.91
N PRO A 878 -18.95 45.45 28.04
CA PRO A 878 -18.88 44.84 29.39
C PRO A 878 -17.97 45.59 30.36
N ILE A 879 -16.77 45.98 29.92
CA ILE A 879 -15.86 46.73 30.78
C ILE A 879 -16.57 47.97 31.34
N PHE A 880 -17.12 48.81 30.46
CA PHE A 880 -17.81 50.01 30.92
C PHE A 880 -19.01 49.69 31.82
N ALA A 881 -19.58 48.50 31.72
CA ALA A 881 -20.71 48.16 32.58
C ALA A 881 -20.30 47.90 34.02
N GLN A 882 -19.00 47.84 34.31
CA GLN A 882 -18.53 47.69 35.69
C GLN A 882 -18.47 49.00 36.47
N THR A 883 -18.72 50.13 35.83
CA THR A 883 -18.81 51.40 36.55
C THR A 883 -19.71 51.25 37.78
N PRO A 884 -19.31 51.83 38.92
CA PRO A 884 -19.99 51.53 40.20
C PRO A 884 -21.32 52.24 40.41
N TYR A 885 -22.07 52.54 39.34
CA TYR A 885 -23.45 52.98 39.50
C TYR A 885 -24.25 52.50 38.29
N ASP A 886 -25.57 52.56 38.42
CA ASP A 886 -26.42 52.21 37.30
C ASP A 886 -26.54 53.37 36.32
N SER A 887 -27.11 53.08 35.15
CA SER A 887 -27.38 54.12 34.17
C SER A 887 -28.30 55.17 34.75
N ILE A 888 -27.94 56.43 34.59
CA ILE A 888 -28.70 57.53 35.17
C ILE A 888 -30.14 57.47 34.65
N PRO A 889 -31.11 57.14 35.51
CA PRO A 889 -32.50 57.01 35.04
C PRO A 889 -33.17 58.35 34.83
N ASP A 890 -32.87 59.32 35.68
CA ASP A 890 -33.47 60.65 35.61
C ASP A 890 -32.73 61.56 36.59
N TYR A 891 -33.20 62.80 36.69
CA TYR A 891 -32.64 63.79 37.60
C TYR A 891 -33.66 64.14 38.68
N TYR A 892 -33.17 64.78 39.74
CA TYR A 892 -34.04 65.36 40.75
C TYR A 892 -33.50 66.74 41.09
N GLU A 893 -34.21 67.43 41.98
CA GLU A 893 -33.82 68.78 42.40
C GLU A 893 -33.64 68.81 43.92
N GLU A 894 -32.53 69.41 44.36
CA GLU A 894 -32.28 69.64 45.77
C GLU A 894 -31.52 70.94 45.92
N LYS A 895 -31.94 71.78 46.85
CA LYS A 895 -31.28 73.06 47.10
C LYS A 895 -31.23 73.89 45.82
N GLY A 896 -32.33 73.86 45.06
CA GLY A 896 -32.41 74.59 43.82
C GLY A 896 -31.47 74.14 42.73
N ARG A 897 -30.82 72.98 42.90
CA ARG A 897 -29.85 72.47 41.94
C ARG A 897 -30.28 71.11 41.43
N ILE A 898 -30.02 70.86 40.14
CA ILE A 898 -30.35 69.59 39.50
C ILE A 898 -29.24 68.60 39.76
N GLU A 899 -29.60 67.43 40.26
CA GLU A 899 -28.64 66.37 40.53
C GLU A 899 -29.08 65.09 39.84
N PRO A 900 -28.12 64.23 39.49
CA PRO A 900 -28.47 62.93 38.92
C PRO A 900 -28.90 61.92 39.97
N ILE A 901 -29.69 60.96 39.52
CA ILE A 901 -30.10 59.83 40.34
C ILE A 901 -28.98 58.78 40.28
N ILE A 902 -28.26 58.60 41.37
CA ILE A 902 -27.13 57.69 41.40
C ILE A 902 -27.51 56.53 42.30
N ASN A 903 -27.63 55.35 41.69
CA ASN A 903 -27.88 54.09 42.40
C ASN A 903 -26.56 53.33 42.50
N HIS A 904 -25.85 53.52 43.60
CA HIS A 904 -24.52 52.93 43.70
C HIS A 904 -24.61 51.41 43.70
N ARG A 905 -23.57 50.79 43.15
CA ARG A 905 -23.36 49.34 43.17
C ARG A 905 -21.94 49.09 43.67
N ASP A 906 -21.54 47.81 43.74
CA ASP A 906 -20.26 47.51 44.37
C ASP A 906 -19.11 48.07 43.54
N ARG A 907 -18.07 48.50 44.24
CA ARG A 907 -16.93 49.18 43.60
C ARG A 907 -15.82 48.23 43.18
N SER A 908 -15.64 47.12 43.91
CA SER A 908 -14.42 46.31 43.80
C SER A 908 -13.98 46.09 42.35
N VAL A 909 -14.88 45.63 41.49
CA VAL A 909 -14.52 45.34 40.10
C VAL A 909 -14.01 46.61 39.40
N SER A 910 -14.81 47.68 39.45
CA SER A 910 -14.38 48.92 38.83
C SER A 910 -13.13 49.48 39.51
N ASP A 911 -12.99 49.25 40.82
CA ASP A 911 -11.79 49.67 41.52
C ASP A 911 -10.55 49.01 40.91
N LEU A 912 -10.57 47.69 40.77
CA LEU A 912 -9.42 47.00 40.20
C LEU A 912 -9.19 47.40 38.75
N ILE A 913 -10.28 47.61 38.00
CA ILE A 913 -10.13 48.04 36.62
C ILE A 913 -9.43 49.39 36.54
N SER A 914 -9.83 50.34 37.40
CA SER A 914 -9.20 51.65 37.42
C SER A 914 -7.75 51.56 37.85
N GLU A 915 -7.47 50.73 38.85
CA GLU A 915 -6.08 50.49 39.25
C GLU A 915 -5.24 50.06 38.06
N GLY A 916 -5.73 49.05 37.34
CA GLY A 916 -5.01 48.57 36.18
C GLY A 916 -4.83 49.65 35.13
N LEU A 917 -5.91 50.40 34.85
CA LEU A 917 -5.84 51.42 33.81
C LEU A 917 -4.83 52.50 34.16
N LEU A 918 -4.78 52.88 35.45
CA LEU A 918 -3.84 53.92 35.85
C LEU A 918 -2.41 53.42 35.76
N LYS A 919 -2.16 52.19 36.22
CA LYS A 919 -0.82 51.62 36.06
C LYS A 919 -0.43 51.57 34.59
N PHE A 920 -1.36 51.18 33.72
CA PHE A 920 -1.03 51.09 32.31
C PHE A 920 -0.73 52.46 31.73
N THR A 921 -1.49 53.48 32.14
CA THR A 921 -1.21 54.83 31.67
C THR A 921 0.19 55.28 32.08
N GLU A 922 0.53 55.08 33.35
CA GLU A 922 1.87 55.45 33.81
C GLU A 922 2.95 54.74 33.00
N ASP A 923 2.78 53.43 32.76
CA ASP A 923 3.80 52.70 32.02
C ASP A 923 3.81 53.09 30.55
N TYR A 924 2.66 53.47 29.99
CA TYR A 924 2.56 53.74 28.57
C TYR A 924 3.16 55.09 28.21
N LEU A 925 2.88 56.12 29.01
CA LEU A 925 3.48 57.42 28.72
C LEU A 925 4.99 57.42 28.96
N ALA A 926 5.51 56.45 29.70
CA ALA A 926 6.93 56.37 30.00
C ALA A 926 7.72 55.62 28.93
N LEU A 927 7.04 55.08 27.92
CA LEU A 927 7.73 54.37 26.85
C LEU A 927 8.63 55.33 26.07
N ASN A 928 9.62 54.75 25.40
CA ASN A 928 10.59 55.51 24.60
C ASN A 928 10.16 55.35 23.14
N THR A 929 9.35 56.29 22.67
CA THR A 929 8.81 56.26 21.32
C THR A 929 9.51 57.30 20.44
N GLN A 930 9.66 56.95 19.16
CA GLN A 930 10.15 57.93 18.20
C GLN A 930 9.06 58.90 17.77
N ASP A 931 7.81 58.44 17.70
CA ASP A 931 6.67 59.27 17.38
C ASP A 931 5.49 58.75 18.19
N GLU A 932 5.02 59.52 19.16
CA GLU A 932 4.01 59.02 20.09
C GLU A 932 2.66 58.85 19.40
N ASP A 933 2.31 59.74 18.48
CA ASP A 933 1.06 59.58 17.74
C ASP A 933 1.05 58.27 16.95
N TYR A 934 2.14 57.99 16.25
CA TYR A 934 2.23 56.75 15.47
C TYR A 934 2.15 55.53 16.36
N PHE A 935 2.72 55.61 17.57
CA PHE A 935 2.64 54.45 18.46
C PHE A 935 1.23 54.28 19.01
N ASP A 936 0.57 55.38 19.37
CA ASP A 936 -0.86 55.28 19.68
C ASP A 936 -1.60 54.53 18.60
N ALA A 937 -1.46 54.98 17.35
CA ALA A 937 -2.18 54.37 16.24
C ALA A 937 -1.84 52.89 16.11
N ALA A 938 -0.55 52.55 16.13
CA ALA A 938 -0.11 51.18 15.89
C ALA A 938 -0.57 50.24 17.00
N LEU A 939 -0.32 50.62 18.26
CA LEU A 939 -0.75 49.77 19.37
C LEU A 939 -2.26 49.61 19.38
N SER A 940 -3.00 50.69 19.08
CA SER A 940 -4.46 50.59 19.01
C SER A 940 -4.89 49.62 17.93
N GLN A 941 -4.34 49.76 16.72
CA GLN A 941 -4.67 48.85 15.63
C GLN A 941 -4.42 47.41 16.05
N PHE A 942 -3.21 47.12 16.55
CA PHE A 942 -2.89 45.77 16.96
C PHE A 942 -3.88 45.26 18.01
N ASN A 943 -4.09 46.03 19.07
CA ASN A 943 -4.87 45.54 20.20
C ASN A 943 -6.31 45.29 19.79
N TYR A 944 -6.89 46.20 19.00
CA TYR A 944 -8.27 46.02 18.56
C TYR A 944 -8.38 44.78 17.67
N GLN A 945 -7.48 44.64 16.70
CA GLN A 945 -7.51 43.44 15.85
C GLN A 945 -7.42 42.17 16.69
N TYR A 946 -6.42 42.10 17.57
CA TYR A 946 -6.20 40.89 18.36
C TYR A 946 -7.42 40.57 19.21
N GLN A 947 -7.97 41.57 19.89
CA GLN A 947 -9.05 41.30 20.84
C GLN A 947 -10.34 40.96 20.12
N LEU A 948 -10.60 41.60 18.98
CA LEU A 948 -11.82 41.34 18.24
C LEU A 948 -11.77 40.06 17.41
N ASN A 949 -10.59 39.47 17.20
CA ASN A 949 -10.51 38.28 16.35
C ASN A 949 -9.80 37.11 17.03
N THR A 950 -9.68 37.12 18.36
CA THR A 950 -9.07 36.04 19.12
C THR A 950 -10.06 35.52 20.16
N PRO A 951 -11.00 34.67 19.76
CA PRO A 951 -12.03 34.21 20.71
C PRO A 951 -11.50 33.22 21.73
N ASN A 952 -10.33 32.62 21.51
CA ASN A 952 -9.79 31.61 22.40
C ASN A 952 -8.60 32.13 23.22
N ASP A 953 -8.46 33.44 23.33
CA ASP A 953 -7.45 34.03 24.18
C ASP A 953 -7.71 33.68 25.64
N GLN A 954 -6.65 33.34 26.38
CA GLN A 954 -6.81 32.96 27.78
C GLN A 954 -7.59 33.99 28.56
N PHE A 955 -7.19 35.26 28.43
CA PHE A 955 -7.75 36.32 29.27
C PHE A 955 -9.05 36.90 28.74
N ILE A 956 -9.26 36.86 27.42
CA ILE A 956 -10.58 37.20 26.91
C ILE A 956 -11.60 36.14 27.30
N CYS A 957 -11.16 34.92 27.57
CA CYS A 957 -12.06 33.84 27.94
C CYS A 957 -12.33 33.79 29.43
N ASN A 958 -11.27 33.86 30.24
CA ASN A 958 -11.40 33.71 31.68
C ASN A 958 -11.66 35.02 32.42
N VAL A 959 -11.50 36.17 31.75
CA VAL A 959 -11.66 37.45 32.43
C VAL A 959 -12.74 38.29 31.76
N PHE A 960 -12.46 38.78 30.55
CA PHE A 960 -13.42 39.63 29.84
C PHE A 960 -14.79 38.98 29.74
N SER A 961 -14.83 37.78 29.13
CA SER A 961 -16.09 37.10 28.88
C SER A 961 -16.86 36.78 30.14
N GLU A 962 -16.19 36.77 31.30
CA GLU A 962 -16.86 36.47 32.56
C GLU A 962 -17.35 37.70 33.30
N LEU A 963 -17.04 38.91 32.82
CA LEU A 963 -17.63 40.12 33.38
C LEU A 963 -19.16 40.05 33.31
N LYS A 964 -19.80 40.19 34.45
CA LYS A 964 -21.26 40.05 34.54
C LYS A 964 -21.91 41.33 34.04
N ASP A 965 -22.72 41.22 32.98
CA ASP A 965 -23.38 42.35 32.36
C ASP A 965 -24.86 42.37 32.72
N ASN A 966 -25.63 43.17 31.98
CA ASN A 966 -27.07 43.28 32.16
C ASN A 966 -27.78 43.49 30.83
N ILE A 967 -27.17 43.02 29.73
CA ILE A 967 -27.80 43.16 28.42
C ILE A 967 -29.23 42.63 28.47
N SER A 968 -29.43 41.49 29.12
CA SER A 968 -30.78 41.00 29.33
C SER A 968 -31.55 41.96 30.23
N SER A 969 -32.84 42.12 29.93
CA SER A 969 -33.66 43.07 30.68
C SER A 969 -34.25 42.48 31.95
N PHE A 970 -34.31 41.16 32.08
CA PHE A 970 -34.88 40.51 33.24
C PHE A 970 -33.88 39.53 33.83
N GLY A 971 -33.86 39.43 35.15
CA GLY A 971 -33.06 38.44 35.84
C GLY A 971 -31.93 39.05 36.65
N VAL A 972 -30.96 38.21 36.97
CA VAL A 972 -29.78 38.59 37.73
C VAL A 972 -28.60 38.73 36.77
N GLU A 973 -27.65 39.58 37.14
CA GLU A 973 -26.51 39.85 36.27
C GLU A 973 -25.79 38.56 35.93
N LYS A 974 -25.74 38.24 34.63
CA LYS A 974 -25.11 37.02 34.14
C LYS A 974 -23.88 37.36 33.29
N PRO A 975 -22.92 36.43 33.21
CA PRO A 975 -21.70 36.70 32.45
C PRO A 975 -21.97 37.02 30.98
N TYR A 976 -21.02 37.72 30.37
CA TYR A 976 -21.10 38.14 28.98
C TYR A 976 -21.15 36.94 28.04
N ALA A 977 -20.06 36.17 27.98
CA ALA A 977 -20.00 34.98 27.15
C ALA A 977 -19.51 33.84 28.02
N PRO A 978 -20.40 33.15 28.71
CA PRO A 978 -20.01 32.03 29.56
C PRO A 978 -19.76 30.76 28.75
N ALA A 979 -18.98 29.86 29.34
CA ALA A 979 -18.86 28.53 28.78
C ALA A 979 -20.21 27.84 28.82
N LEU A 980 -20.46 26.97 27.85
CA LEU A 980 -21.78 26.38 27.71
C LEU A 980 -21.75 24.93 28.16
N THR A 981 -22.92 24.44 28.55
CA THR A 981 -23.10 23.06 28.96
C THR A 981 -23.76 22.26 27.83
N LEU A 982 -23.52 20.95 27.83
CA LEU A 982 -24.15 20.10 26.83
C LEU A 982 -25.68 20.17 26.94
N LYS A 983 -26.19 20.24 28.16
CA LYS A 983 -27.65 20.31 28.35
C LYS A 983 -28.22 21.60 27.78
N GLN A 984 -27.55 22.73 28.02
CA GLN A 984 -28.00 24.00 27.48
C GLN A 984 -28.15 23.92 25.97
N LEU A 985 -27.13 23.39 25.28
CA LEU A 985 -27.21 23.29 23.83
C LEU A 985 -28.30 22.32 23.41
N GLU A 986 -28.43 21.21 24.14
CA GLU A 986 -29.54 20.29 23.89
C GLU A 986 -30.90 20.96 24.05
N SER A 987 -30.97 22.04 24.81
CA SER A 987 -32.23 22.71 25.12
C SER A 987 -32.57 23.85 24.16
N ILE A 988 -31.74 24.13 23.16
CA ILE A 988 -31.99 25.22 22.25
C ILE A 988 -32.51 24.67 20.92
N THR A 989 -33.08 25.56 20.10
CA THR A 989 -33.53 25.19 18.77
C THR A 989 -33.35 26.31 17.74
N SER A 990 -32.86 27.48 18.15
CA SER A 990 -32.77 28.63 17.26
C SER A 990 -31.59 29.50 17.68
N LYS A 991 -31.27 30.47 16.81
CA LYS A 991 -30.24 31.44 17.15
C LYS A 991 -30.65 32.39 18.27
N GLN A 992 -31.94 32.76 18.34
CA GLN A 992 -32.38 33.63 19.43
C GLN A 992 -32.19 32.97 20.79
N GLU A 993 -32.63 31.72 20.91
CA GLU A 993 -32.44 30.99 22.17
C GLU A 993 -30.97 30.93 22.54
N LEU A 994 -30.10 30.68 21.57
CA LEU A 994 -28.67 30.60 21.89
C LEU A 994 -28.16 31.96 22.32
N ASP A 995 -28.57 33.02 21.60
CA ASP A 995 -28.14 34.37 21.92
C ASP A 995 -28.61 34.79 23.30
N LYS A 996 -29.55 34.07 23.90
CA LYS A 996 -29.95 34.37 25.27
C LYS A 996 -29.11 33.61 26.30
N LEU A 997 -28.10 32.85 25.85
CA LEU A 997 -27.12 32.26 26.76
C LEU A 997 -25.78 32.98 26.74
N THR A 998 -25.46 33.68 25.66
CA THR A 998 -24.13 34.24 25.48
C THR A 998 -24.18 35.30 24.39
N GLN A 999 -23.28 36.28 24.50
CA GLN A 999 -23.15 37.34 23.50
C GLN A 999 -21.97 37.10 22.57
N SER A 1000 -21.35 35.93 22.65
CA SER A 1000 -20.24 35.60 21.75
C SER A 1000 -20.14 34.07 21.72
N ILE A 1001 -20.87 33.47 20.77
CA ILE A 1001 -20.83 32.03 20.56
C ILE A 1001 -19.38 31.56 20.46
N PRO A 1002 -18.51 32.27 19.73
CA PRO A 1002 -17.12 31.80 19.63
C PRO A 1002 -16.40 31.70 20.97
N ILE A 1003 -16.48 32.74 21.81
CA ILE A 1003 -15.81 32.67 23.10
C ILE A 1003 -16.41 31.58 23.98
N SER A 1004 -17.74 31.51 24.01
CA SER A 1004 -18.41 30.49 24.81
C SER A 1004 -17.98 29.10 24.40
N LEU A 1005 -17.92 28.84 23.09
CA LEU A 1005 -17.47 27.54 22.62
C LEU A 1005 -16.01 27.30 22.96
N SER A 1006 -15.17 28.32 22.81
CA SER A 1006 -13.75 28.21 23.14
C SER A 1006 -13.54 27.92 24.61
N LYS A 1007 -14.51 28.24 25.46
CA LYS A 1007 -14.43 27.96 26.89
C LYS A 1007 -15.14 26.68 27.31
N SER A 1008 -15.72 25.94 26.38
CA SER A 1008 -16.55 24.78 26.69
C SER A 1008 -15.77 23.50 26.52
N ASP A 1009 -16.35 22.41 27.02
CA ASP A 1009 -15.74 21.10 26.89
C ASP A 1009 -15.84 20.58 25.45
N VAL A 1010 -14.96 19.63 25.12
CA VAL A 1010 -14.92 19.13 23.75
C VAL A 1010 -16.24 18.50 23.36
N LYS A 1011 -16.94 17.88 24.32
CA LYS A 1011 -18.23 17.28 24.01
C LYS A 1011 -19.25 18.36 23.62
N VAL A 1012 -19.23 19.50 24.32
CA VAL A 1012 -20.14 20.58 23.99
C VAL A 1012 -19.84 21.13 22.61
N ILE A 1013 -18.56 21.32 22.29
CA ILE A 1013 -18.19 21.82 20.97
C ILE A 1013 -18.64 20.85 19.89
N ASP A 1014 -18.46 19.55 20.13
CA ASP A 1014 -18.86 18.56 19.15
C ASP A 1014 -20.37 18.57 18.94
N TYR A 1015 -21.13 18.64 20.03
CA TYR A 1015 -22.59 18.69 19.90
C TYR A 1015 -23.03 19.96 19.19
N TYR A 1016 -22.39 21.10 19.50
CA TYR A 1016 -22.70 22.33 18.78
C TYR A 1016 -22.48 22.17 17.28
N ASN A 1017 -21.31 21.64 16.90
CA ASN A 1017 -21.05 21.39 15.48
C ASN A 1017 -22.11 20.47 14.88
N LYS A 1018 -22.55 19.47 15.66
CA LYS A 1018 -23.58 18.55 15.18
C LYS A 1018 -24.88 19.31 14.87
N ILE A 1019 -25.28 20.22 15.75
CA ILE A 1019 -26.59 20.84 15.63
C ILE A 1019 -26.49 22.15 14.87
N GLN A 1020 -25.29 22.44 14.33
CA GLN A 1020 -25.06 23.75 13.73
C GLN A 1020 -26.00 24.01 12.56
N LYS A 1021 -25.93 23.14 11.55
CA LYS A 1021 -26.69 23.36 10.32
C LYS A 1021 -28.19 23.27 10.58
N ASN A 1022 -28.62 22.28 11.36
CA ASN A 1022 -30.05 22.05 11.57
C ASN A 1022 -30.74 23.28 12.14
N TYR A 1023 -30.13 23.91 13.14
CA TYR A 1023 -30.70 25.07 13.80
C TYR A 1023 -30.23 26.38 13.18
N ASN A 1024 -29.54 26.34 12.04
CA ASN A 1024 -29.08 27.54 11.34
C ASN A 1024 -28.26 28.43 12.28
N LEU A 1025 -27.28 27.82 12.94
CA LEU A 1025 -26.40 28.50 13.87
C LEU A 1025 -25.10 28.87 13.20
N PRO A 1026 -24.40 29.88 13.72
CA PRO A 1026 -23.10 30.26 13.14
C PRO A 1026 -22.09 29.13 13.30
N ALA A 1027 -21.19 29.04 12.32
CA ALA A 1027 -20.18 27.99 12.31
C ALA A 1027 -19.01 28.36 13.21
N TYR A 1028 -18.58 27.41 14.03
CA TYR A 1028 -17.47 27.61 14.95
C TYR A 1028 -16.17 27.30 14.23
N ASN A 1029 -15.36 28.34 13.98
CA ASN A 1029 -14.12 28.20 13.25
C ASN A 1029 -12.89 28.48 14.13
N SER A 1030 -13.00 28.19 15.42
CA SER A 1030 -11.90 28.40 16.35
C SER A 1030 -11.64 27.11 17.12
N THR A 1031 -10.74 27.16 18.10
CA THR A 1031 -10.40 25.99 18.89
C THR A 1031 -10.51 26.32 20.37
N PRO A 1032 -10.61 25.31 21.23
CA PRO A 1032 -10.71 25.58 22.68
C PRO A 1032 -9.51 26.35 23.21
N MET A 1033 -9.80 27.33 24.08
CA MET A 1033 -8.73 28.14 24.66
C MET A 1033 -7.77 27.27 25.46
N ARG A 1034 -6.49 27.61 25.38
CA ARG A 1034 -5.45 26.99 26.19
C ARG A 1034 -4.71 28.10 26.93
N LYS A 1035 -4.50 27.90 28.23
CA LYS A 1035 -3.79 28.89 29.04
C LYS A 1035 -2.31 28.96 28.72
N ALA A 1036 -1.78 30.18 28.69
CA ALA A 1036 -0.37 30.43 28.40
C ALA A 1036 0.45 30.78 29.63
N TYR A 1037 -0.17 31.31 30.68
CA TYR A 1037 0.54 31.60 31.92
C TYR A 1037 -0.35 31.23 33.10
N ALA A 1038 0.28 30.76 34.18
CA ALA A 1038 -0.46 30.16 35.29
C ALA A 1038 -1.29 28.96 34.82
N VAL A 1039 -0.64 28.08 34.05
CA VAL A 1039 -1.34 27.01 33.35
C VAL A 1039 -1.98 25.97 34.27
N ASN A 1040 -1.63 25.97 35.56
CA ASN A 1040 -2.22 25.06 36.52
C ASN A 1040 -2.73 25.85 37.72
N PRO A 1041 -3.59 25.27 38.53
CA PRO A 1041 -4.08 25.99 39.72
C PRO A 1041 -2.93 26.21 40.69
N LEU A 1042 -2.65 27.48 41.00
CA LEU A 1042 -1.48 27.80 41.80
C LEU A 1042 -1.66 27.47 43.27
N GLU A 1043 -2.89 27.21 43.71
CA GLU A 1043 -3.12 26.86 45.11
C GLU A 1043 -2.59 25.49 45.47
N GLN A 1044 -2.23 24.67 44.48
CA GLN A 1044 -1.75 23.32 44.71
C GLN A 1044 -0.23 23.22 44.76
N TYR A 1045 0.48 24.34 44.76
CA TYR A 1045 1.94 24.34 44.68
C TYR A 1045 2.54 24.88 45.97
N VAL A 1046 3.53 24.16 46.50
CA VAL A 1046 4.22 24.53 47.74
C VAL A 1046 5.52 25.24 47.37
N TRP A 1047 5.68 26.46 47.87
CA TRP A 1047 6.88 27.26 47.61
C TRP A 1047 6.85 28.47 48.53
N SER A 1048 7.99 29.17 48.59
CA SER A 1048 8.15 30.34 49.42
C SER A 1048 9.05 31.34 48.73
N THR A 1049 8.77 32.63 48.90
CA THR A 1049 9.69 33.65 48.42
C THR A 1049 10.95 33.70 49.25
N GLN A 1050 10.93 33.15 50.46
CA GLN A 1050 12.09 33.17 51.35
C GLN A 1050 12.78 31.81 51.26
N VAL A 1051 13.96 31.79 50.64
CA VAL A 1051 14.77 30.58 50.52
C VAL A 1051 16.01 30.76 51.39
N PRO A 1052 16.60 29.68 51.93
CA PRO A 1052 16.09 28.31 51.74
C PRO A 1052 14.94 28.00 52.67
N PHE A 1053 14.31 26.85 52.48
CA PHE A 1053 13.26 26.43 53.40
C PHE A 1053 13.11 24.91 53.35
N ARG A 1054 12.80 24.32 54.49
CA ARG A 1054 12.73 22.87 54.59
C ARG A 1054 11.38 22.38 54.09
N VAL A 1055 11.39 21.22 53.44
CA VAL A 1055 10.16 20.56 53.01
C VAL A 1055 10.25 19.08 53.35
N LEU A 1056 9.09 18.49 53.63
CA LEU A 1056 8.97 17.06 53.87
C LEU A 1056 8.41 16.40 52.62
N SER A 1057 9.01 15.27 52.24
CA SER A 1057 8.59 14.49 51.07
C SER A 1057 7.44 13.58 51.44
N LEU A 1058 6.23 13.92 51.00
CA LEU A 1058 5.07 13.09 51.33
C LEU A 1058 5.16 11.74 50.64
N LYS A 1059 5.46 11.73 49.35
CA LYS A 1059 5.66 10.49 48.61
C LYS A 1059 7.12 10.36 48.20
N GLN A 1060 7.47 9.21 47.62
CA GLN A 1060 8.79 9.04 47.05
C GLN A 1060 8.93 9.99 45.86
N ASN A 1061 9.82 10.97 45.98
CA ASN A 1061 9.99 12.01 44.97
C ASN A 1061 11.28 11.78 44.19
N SER A 1062 11.21 12.01 42.88
CA SER A 1062 12.36 11.90 42.00
C SER A 1062 13.06 13.25 41.84
N PHE A 1063 14.32 13.19 41.44
CA PHE A 1063 15.12 14.38 41.14
C PHE A 1063 15.22 14.60 39.64
N TYR A 1064 15.03 15.84 39.20
CA TYR A 1064 15.18 16.25 37.82
C TYR A 1064 16.22 17.36 37.72
N LEU A 1065 17.06 17.26 36.69
CA LEU A 1065 18.11 18.24 36.44
C LEU A 1065 17.66 19.35 35.50
N ASP A 1066 16.35 19.50 35.31
CA ASP A 1066 15.80 20.51 34.41
C ASP A 1066 14.36 20.78 34.79
N VAL A 1067 14.00 22.06 34.89
CA VAL A 1067 12.66 22.45 35.30
C VAL A 1067 11.63 21.80 34.39
N SER A 1068 12.02 21.46 33.15
CA SER A 1068 11.13 20.80 32.20
C SER A 1068 10.58 19.49 32.75
N PHE A 1069 11.31 18.86 33.67
CA PHE A 1069 10.98 17.53 34.17
C PHE A 1069 10.88 16.50 33.05
N ALA A 1070 11.69 16.68 32.01
CA ALA A 1070 11.74 15.72 30.92
C ALA A 1070 12.36 14.42 31.41
N GLU A 1071 11.91 13.31 30.82
CA GLU A 1071 12.37 11.99 31.24
C GLU A 1071 13.88 11.91 31.29
N THR A 1072 14.55 12.50 30.30
CA THR A 1072 16.00 12.37 30.21
C THR A 1072 16.72 13.10 31.34
N THR A 1073 16.05 14.05 31.99
CA THR A 1073 16.64 14.80 33.09
C THR A 1073 16.29 14.23 34.46
N LYS A 1074 15.45 13.19 34.54
CA LYS A 1074 15.13 12.60 35.82
C LYS A 1074 16.32 11.74 36.27
N ARG A 1075 16.85 12.03 37.45
CA ARG A 1075 17.90 11.19 37.99
C ARG A 1075 17.38 9.78 38.30
N LYS A 1076 18.19 8.78 37.97
CA LYS A 1076 17.88 7.39 38.27
C LYS A 1076 18.89 6.77 39.22
N ASP A 1077 19.87 7.52 39.70
CA ASP A 1077 20.86 7.03 40.64
C ASP A 1077 20.43 7.17 42.09
N ILE A 1078 19.53 8.10 42.41
CA ILE A 1078 19.10 8.33 43.78
C ILE A 1078 17.76 9.06 43.74
N PHE A 1079 17.02 9.00 44.84
CA PHE A 1079 15.72 9.65 44.94
C PHE A 1079 15.54 10.21 46.34
N LEU A 1080 14.46 10.96 46.52
CA LEU A 1080 14.06 11.48 47.82
C LEU A 1080 13.16 10.46 48.52
N LYS A 1081 13.64 9.89 49.62
CA LYS A 1081 12.88 8.85 50.30
C LYS A 1081 11.60 9.43 50.89
N GLU A 1082 10.56 8.60 50.94
CA GLU A 1082 9.29 9.00 51.55
C GLU A 1082 9.47 9.38 53.02
N LEU A 1083 8.80 10.45 53.42
CA LEU A 1083 8.79 10.95 54.79
C LEU A 1083 10.13 11.54 55.22
N ASN A 1084 11.03 11.80 54.27
CA ASN A 1084 12.26 12.53 54.54
C ASN A 1084 12.10 14.03 54.26
N GLU A 1085 12.93 14.82 54.91
CA GLU A 1085 12.99 16.25 54.72
C GLU A 1085 14.23 16.64 53.92
N ILE A 1086 14.15 17.81 53.29
CA ILE A 1086 15.22 18.31 52.44
C ILE A 1086 15.08 19.83 52.35
N ASP A 1087 16.21 20.50 52.31
CA ASP A 1087 16.22 21.94 52.13
C ASP A 1087 16.02 22.30 50.66
N VAL A 1088 15.23 23.34 50.42
CA VAL A 1088 15.02 23.90 49.09
C VAL A 1088 15.74 25.23 49.04
N ILE A 1089 16.70 25.35 48.11
CA ILE A 1089 17.61 26.49 48.06
C ILE A 1089 17.26 27.47 46.96
N ALA A 1090 16.29 27.16 46.12
CA ALA A 1090 15.85 28.08 45.08
C ALA A 1090 14.51 27.59 44.56
N VAL A 1091 13.74 28.50 44.00
CA VAL A 1091 12.46 28.20 43.37
C VAL A 1091 12.53 28.74 41.95
N ASP A 1092 12.49 27.85 40.97
CA ASP A 1092 12.63 28.22 39.57
C ASP A 1092 11.35 27.90 38.83
N TRP A 1093 10.88 28.87 38.04
CA TRP A 1093 9.57 28.81 37.43
C TRP A 1093 9.70 28.49 35.94
N LEU A 1094 8.84 27.57 35.49
CA LEU A 1094 8.66 27.29 34.08
C LEU A 1094 8.15 28.53 33.34
N LYS A 1095 8.16 28.45 32.02
CA LYS A 1095 7.61 29.53 31.20
C LYS A 1095 6.14 29.73 31.52
N GLY A 1096 5.45 28.67 31.91
CA GLY A 1096 4.04 28.77 32.20
C GLY A 1096 3.85 29.31 33.60
N GLY A 1097 3.09 28.61 34.43
CA GLY A 1097 2.92 29.04 35.81
C GLY A 1097 3.07 27.93 36.84
N VAL A 1098 4.10 27.10 36.73
CA VAL A 1098 4.31 26.00 37.65
C VAL A 1098 5.70 26.11 38.27
N PRO A 1099 5.80 26.12 39.60
CA PRO A 1099 7.09 26.28 40.29
C PRO A 1099 7.81 24.95 40.48
N ARG A 1100 9.14 25.01 40.51
CA ARG A 1100 9.96 23.84 40.80
C ARG A 1100 10.92 24.17 41.94
N LEU A 1101 11.10 23.24 42.87
CA LEU A 1101 11.89 23.45 44.08
C LEU A 1101 13.26 22.81 43.92
N LEU A 1102 14.30 23.64 43.84
CA LEU A 1102 15.66 23.14 43.62
C LEU A 1102 16.31 22.72 44.94
N THR A 1103 16.95 21.55 44.92
CA THR A 1103 17.76 21.02 46.01
C THR A 1103 19.15 20.72 45.48
N GLU A 1104 20.09 20.44 46.39
CA GLU A 1104 21.46 20.16 45.96
C GLU A 1104 21.55 18.96 45.02
N HIS A 1105 20.48 18.19 44.87
CA HIS A 1105 20.47 17.04 43.97
C HIS A 1105 19.63 17.25 42.73
N GLY A 1106 18.92 18.36 42.62
CA GLY A 1106 18.12 18.64 41.44
C GLY A 1106 16.77 19.18 41.83
N TYR A 1107 15.92 19.33 40.83
CA TYR A 1107 14.58 19.86 41.07
C TYR A 1107 13.65 18.78 41.60
N ILE A 1108 12.70 19.20 42.43
CA ILE A 1108 11.56 18.37 42.81
C ILE A 1108 10.30 19.17 42.56
N THR A 1109 9.18 18.45 42.52
CA THR A 1109 7.88 19.06 42.32
C THR A 1109 7.53 19.97 43.48
N ALA A 1110 6.62 20.90 43.22
CA ALA A 1110 6.03 21.75 44.25
C ALA A 1110 4.60 21.35 44.58
N HIS A 1111 4.05 20.36 43.88
CA HIS A 1111 2.65 19.97 44.06
C HIS A 1111 2.38 19.54 45.49
N LYS A 1112 1.27 20.05 46.05
CA LYS A 1112 1.01 19.89 47.48
C LYS A 1112 0.78 18.43 47.87
N ASP A 1113 0.43 17.56 46.92
CA ASP A 1113 0.27 16.15 47.23
C ASP A 1113 1.59 15.43 47.41
N TRP A 1114 2.72 16.05 47.05
CA TRP A 1114 4.00 15.36 47.08
C TRP A 1114 5.00 15.96 48.06
N VAL A 1115 4.91 17.25 48.37
CA VAL A 1115 5.80 17.91 49.32
C VAL A 1115 4.98 18.77 50.27
N LYS A 1116 5.57 19.11 51.40
CA LYS A 1116 4.88 19.90 52.41
C LYS A 1116 5.90 20.76 53.15
N LYS A 1117 5.68 22.08 53.17
CA LYS A 1117 6.55 22.95 53.94
C LYS A 1117 6.60 22.52 55.40
N SER A 1118 7.80 22.51 55.96
CA SER A 1118 7.98 22.17 57.37
C SER A 1118 7.65 23.36 58.27
N VAL B 3 -59.28 12.51 -30.94
CA VAL B 3 -58.99 13.82 -30.38
C VAL B 3 -57.91 14.51 -31.22
N ASP B 4 -57.88 15.84 -31.16
CA ASP B 4 -56.97 16.64 -31.98
C ASP B 4 -56.04 17.52 -31.16
N LYS B 5 -56.55 18.24 -30.18
CA LYS B 5 -55.74 19.19 -29.42
C LYS B 5 -55.41 18.64 -28.04
N THR B 6 -54.33 19.19 -27.46
CA THR B 6 -53.84 18.81 -26.15
C THR B 6 -53.66 20.09 -25.34
N TRP B 7 -54.36 20.20 -24.22
CA TRP B 7 -54.29 21.39 -23.37
C TRP B 7 -53.86 21.03 -21.96
N LEU B 8 -52.72 21.57 -21.53
CA LEU B 8 -52.31 21.49 -20.15
C LEU B 8 -52.72 22.79 -19.47
N PHE B 9 -53.19 22.67 -18.23
CA PHE B 9 -53.56 23.81 -17.40
C PHE B 9 -52.69 23.81 -16.14
N GLY B 10 -52.51 24.98 -15.56
CA GLY B 10 -51.68 25.07 -14.37
C GLY B 10 -51.52 26.46 -13.80
N SER B 11 -51.63 26.55 -12.48
CA SER B 11 -51.33 27.75 -11.73
C SER B 11 -50.61 27.32 -10.46
N TYR B 12 -50.42 28.26 -9.52
CA TYR B 12 -49.85 27.89 -8.22
C TYR B 12 -50.88 27.28 -7.29
N ALA B 13 -52.17 27.27 -7.66
CA ALA B 13 -53.22 26.68 -6.84
C ALA B 13 -54.35 26.23 -7.75
N TRP B 14 -55.27 25.45 -7.18
CA TRP B 14 -56.46 25.01 -7.91
C TRP B 14 -57.44 26.18 -7.87
N GLN B 15 -57.25 27.12 -8.80
CA GLN B 15 -57.83 28.44 -8.67
C GLN B 15 -58.05 29.07 -10.03
N GLY B 16 -58.95 30.04 -10.07
CA GLY B 16 -59.06 31.02 -11.14
C GLY B 16 -59.32 30.50 -12.54
N ASN B 17 -58.94 31.33 -13.51
CA ASN B 17 -59.26 31.06 -14.91
C ASN B 17 -58.70 29.73 -15.40
N PRO B 18 -57.48 29.33 -15.05
CA PRO B 18 -57.02 28.00 -15.47
C PRO B 18 -57.98 26.90 -15.03
N LYS B 19 -58.38 26.91 -13.75
CA LYS B 19 -59.31 25.91 -13.25
C LYS B 19 -60.65 25.99 -13.98
N ALA B 20 -61.17 27.21 -14.15
CA ALA B 20 -62.46 27.38 -14.79
C ALA B 20 -62.45 26.78 -16.20
N LEU B 21 -61.50 27.21 -17.03
CA LEU B 21 -61.45 26.72 -18.40
C LEU B 21 -61.14 25.22 -18.44
N PHE B 22 -60.32 24.72 -17.50
CA PHE B 22 -60.01 23.30 -17.50
C PHE B 22 -61.26 22.47 -17.24
N LEU B 23 -62.05 22.86 -16.24
CA LEU B 23 -63.30 22.16 -15.97
C LEU B 23 -64.27 22.28 -17.14
N TYR B 24 -64.43 23.50 -17.68
CA TYR B 24 -65.35 23.70 -18.79
C TYR B 24 -65.00 22.80 -19.97
N MET B 25 -63.71 22.65 -20.25
CA MET B 25 -63.31 21.84 -21.40
C MET B 25 -63.37 20.35 -21.09
N LEU B 26 -63.11 19.96 -19.83
CA LEU B 26 -63.35 18.58 -19.44
C LEU B 26 -64.80 18.18 -19.65
N VAL B 27 -65.72 19.10 -19.40
CA VAL B 27 -67.14 18.76 -19.52
C VAL B 27 -67.63 18.86 -20.96
N ASN B 28 -67.22 19.90 -21.69
CA ASN B 28 -67.82 20.24 -22.98
C ASN B 28 -66.90 19.99 -24.17
N CYS B 29 -65.71 19.46 -23.95
CA CYS B 29 -64.72 19.31 -25.02
C CYS B 29 -64.00 17.98 -24.90
N LYS B 30 -64.73 16.92 -24.55
CA LYS B 30 -64.08 15.62 -24.41
C LYS B 30 -63.71 15.06 -25.77
N GLU B 31 -64.50 15.35 -26.80
CA GLU B 31 -64.25 14.80 -28.12
C GLU B 31 -63.29 15.64 -28.96
N THR B 32 -62.98 16.86 -28.52
CA THR B 32 -62.10 17.76 -29.26
C THR B 32 -60.72 17.92 -28.65
N HIS B 33 -60.63 18.11 -27.33
CA HIS B 33 -59.37 18.34 -26.66
C HIS B 33 -59.15 17.33 -25.54
N GLU B 34 -57.88 16.97 -25.32
CA GLU B 34 -57.46 16.24 -24.14
C GLU B 34 -56.90 17.23 -23.13
N CYS B 35 -57.55 17.36 -21.98
CA CYS B 35 -57.22 18.38 -21.00
C CYS B 35 -56.60 17.74 -19.76
N TRP B 36 -55.51 18.32 -19.28
CA TRP B 36 -54.84 17.80 -18.09
C TRP B 36 -54.36 18.96 -17.22
N TRP B 37 -54.58 18.85 -15.91
CA TRP B 37 -54.14 19.86 -14.96
C TRP B 37 -52.85 19.42 -14.28
N VAL B 38 -51.80 20.24 -14.41
CA VAL B 38 -50.47 19.94 -13.92
C VAL B 38 -50.19 20.85 -12.72
N ALA B 39 -50.47 20.35 -11.52
CA ALA B 39 -50.11 21.08 -10.31
C ALA B 39 -48.58 21.25 -10.24
N ASP B 40 -48.14 22.11 -9.32
CA ASP B 40 -46.70 22.35 -9.18
C ASP B 40 -46.00 21.23 -8.44
N ASN B 41 -46.61 20.71 -7.38
CA ASN B 41 -46.02 19.62 -6.62
C ASN B 41 -46.94 18.40 -6.67
N GLU B 42 -46.56 17.34 -5.96
CA GLU B 42 -47.35 16.13 -5.96
C GLU B 42 -48.45 16.16 -4.90
N GLU B 43 -48.21 16.81 -3.76
CA GLU B 43 -49.24 16.87 -2.72
C GLU B 43 -50.45 17.66 -3.18
N SER B 44 -50.23 18.72 -3.96
CA SER B 44 -51.35 19.46 -4.53
C SER B 44 -52.11 18.58 -5.53
N MET B 45 -51.39 17.84 -6.35
CA MET B 45 -52.03 16.90 -7.26
C MET B 45 -52.94 15.95 -6.51
N LYS B 46 -52.42 15.35 -5.43
CA LYS B 46 -53.23 14.41 -4.66
C LYS B 46 -54.43 15.10 -4.01
N SER B 47 -54.23 16.29 -3.45
CA SER B 47 -55.34 17.00 -2.82
C SER B 47 -56.45 17.28 -3.83
N ILE B 48 -56.08 17.71 -5.04
CA ILE B 48 -57.08 17.97 -6.07
C ILE B 48 -57.75 16.66 -6.48
N LYS B 49 -56.96 15.64 -6.80
CA LYS B 49 -57.51 14.34 -7.18
C LYS B 49 -58.54 13.86 -6.16
N LYS B 50 -58.31 14.13 -4.88
CA LYS B 50 -59.19 13.62 -3.83
C LYS B 50 -60.42 14.52 -3.66
N SER B 51 -60.22 15.83 -3.61
CA SER B 51 -61.33 16.74 -3.34
C SER B 51 -62.29 16.83 -4.53
N THR B 52 -61.76 16.81 -5.75
CA THR B 52 -62.58 16.86 -6.95
C THR B 52 -62.88 15.48 -7.52
N GLY B 53 -62.18 14.44 -7.07
CA GLY B 53 -62.39 13.11 -7.60
C GLY B 53 -62.09 12.98 -9.08
N LEU B 54 -61.09 13.69 -9.58
CA LEU B 54 -60.77 13.68 -11.00
C LEU B 54 -59.55 12.79 -11.24
N LYS B 55 -59.58 12.05 -12.35
CA LYS B 55 -58.41 11.33 -12.86
C LYS B 55 -57.54 12.14 -13.82
N ASN B 56 -57.99 13.31 -14.27
CA ASN B 56 -57.21 14.15 -15.17
C ASN B 56 -56.31 15.14 -14.45
N ILE B 57 -55.81 14.80 -13.27
CA ILE B 57 -54.86 15.64 -12.53
C ILE B 57 -53.52 14.94 -12.42
N THR B 58 -52.45 15.73 -12.53
CA THR B 58 -51.07 15.26 -12.39
C THR B 58 -50.25 16.43 -11.87
N PHE B 59 -48.93 16.24 -11.77
CA PHE B 59 -48.08 17.28 -11.22
C PHE B 59 -46.85 17.48 -12.09
N THR B 60 -46.09 18.53 -11.76
CA THR B 60 -44.93 18.92 -12.55
C THR B 60 -43.83 17.87 -12.48
N ASP B 61 -43.16 17.66 -13.61
CA ASP B 61 -42.07 16.70 -13.74
C ASP B 61 -42.52 15.27 -13.47
N SER B 62 -43.83 15.03 -13.49
CA SER B 62 -44.36 13.68 -13.49
C SER B 62 -44.12 13.04 -14.85
N GLU B 63 -44.21 11.71 -14.90
CA GLU B 63 -44.06 11.03 -16.17
C GLU B 63 -45.15 11.44 -17.16
N LYS B 64 -46.37 11.64 -16.67
CA LYS B 64 -47.44 12.12 -17.54
C LYS B 64 -47.16 13.53 -18.03
N ALA B 65 -46.62 14.38 -17.15
CA ALA B 65 -46.23 15.73 -17.58
C ALA B 65 -45.08 15.69 -18.57
N LYS B 66 -44.04 14.90 -18.26
CA LYS B 66 -42.92 14.74 -19.17
C LYS B 66 -43.33 14.10 -20.48
N GLU B 67 -44.52 13.49 -20.53
CA GLU B 67 -45.07 12.91 -21.75
C GLU B 67 -45.90 13.92 -22.54
N LEU B 68 -46.71 14.73 -21.85
CA LEU B 68 -47.64 15.62 -22.51
C LEU B 68 -47.00 16.93 -22.95
N PHE B 69 -46.13 17.51 -22.11
CA PHE B 69 -45.53 18.79 -22.46
C PHE B 69 -44.72 18.75 -23.76
N PRO B 70 -43.89 17.72 -24.01
CA PRO B 70 -43.05 17.76 -25.21
C PRO B 70 -43.83 17.87 -26.50
N HIS B 71 -45.13 17.52 -26.52
CA HIS B 71 -45.92 17.60 -27.74
C HIS B 71 -47.30 18.18 -27.49
N ALA B 72 -47.43 19.01 -26.45
CA ALA B 72 -48.71 19.64 -26.14
C ALA B 72 -49.08 20.66 -27.23
N ASP B 73 -50.32 21.14 -27.16
CA ASP B 73 -50.82 22.15 -28.08
C ASP B 73 -51.05 23.50 -27.43
N VAL B 74 -51.51 23.52 -26.18
CA VAL B 74 -51.75 24.77 -25.47
C VAL B 74 -51.40 24.59 -24.00
N TYR B 75 -50.86 25.66 -23.39
CA TYR B 75 -50.52 25.71 -21.97
C TYR B 75 -51.23 26.91 -21.36
N VAL B 76 -52.17 26.65 -20.46
CA VAL B 76 -53.03 27.68 -19.89
C VAL B 76 -52.45 28.10 -18.56
N THR B 77 -52.17 29.39 -18.41
CA THR B 77 -51.58 29.95 -17.20
C THR B 77 -52.33 31.22 -16.84
N GLU B 78 -52.20 31.63 -15.58
CA GLU B 78 -52.76 32.91 -15.15
C GLU B 78 -51.69 33.95 -14.81
N ASN B 79 -50.41 33.57 -14.79
CA ASN B 79 -49.32 34.49 -14.56
C ASN B 79 -48.24 34.28 -15.61
N PHE B 80 -47.34 35.25 -15.73
CA PHE B 80 -46.08 35.02 -16.43
C PHE B 80 -45.19 34.24 -15.48
N ARG B 81 -45.20 32.92 -15.63
CA ARG B 81 -44.61 32.05 -14.62
C ARG B 81 -43.10 32.24 -14.55
N GLU B 82 -42.56 32.06 -13.35
CA GLU B 82 -41.11 32.15 -13.16
C GLU B 82 -40.37 31.12 -14.03
N SER B 83 -40.76 29.85 -13.94
CA SER B 83 -40.10 28.78 -14.66
C SER B 83 -41.10 28.07 -15.57
N TYR B 84 -40.64 27.68 -16.76
CA TYR B 84 -41.40 26.84 -17.66
C TYR B 84 -40.64 25.55 -17.94
N PRO B 85 -41.33 24.42 -18.07
CA PRO B 85 -40.65 23.15 -18.33
C PRO B 85 -39.69 23.23 -19.51
N VAL B 86 -38.45 22.77 -19.27
CA VAL B 86 -37.42 22.77 -20.32
C VAL B 86 -37.87 21.97 -21.53
N TYR B 87 -38.56 20.85 -21.31
CA TYR B 87 -39.00 20.00 -22.41
C TYR B 87 -40.28 20.48 -23.08
N MET B 88 -40.82 21.63 -22.68
CA MET B 88 -41.97 22.21 -23.36
C MET B 88 -41.64 22.44 -24.82
N ASN B 89 -42.56 22.08 -25.71
CA ASN B 89 -42.27 22.18 -27.13
C ASN B 89 -42.05 23.65 -27.52
N GLU B 90 -41.25 23.86 -28.56
CA GLU B 90 -40.90 25.21 -28.97
C GLU B 90 -42.02 25.91 -29.72
N ASN B 91 -43.18 25.27 -29.88
CA ASN B 91 -44.30 25.88 -30.57
C ASN B 91 -45.59 25.87 -29.75
N ILE B 92 -45.51 25.62 -28.44
CA ILE B 92 -46.69 25.66 -27.60
C ILE B 92 -47.26 27.07 -27.58
N LYS B 93 -48.58 27.16 -27.43
CA LYS B 93 -49.27 28.43 -27.28
C LYS B 93 -49.57 28.62 -25.80
N VAL B 94 -48.92 29.60 -25.18
CA VAL B 94 -49.11 29.87 -23.76
C VAL B 94 -50.28 30.84 -23.62
N PHE B 95 -51.46 30.30 -23.35
CA PHE B 95 -52.65 31.11 -23.13
C PHE B 95 -52.60 31.65 -21.70
N ASN B 96 -52.16 32.89 -21.55
CA ASN B 96 -52.08 33.52 -20.23
C ASN B 96 -53.43 34.17 -19.95
N THR B 97 -54.25 33.53 -19.13
CA THR B 97 -55.51 34.10 -18.68
C THR B 97 -55.27 34.80 -17.35
N TRP B 98 -54.99 36.11 -17.43
CA TRP B 98 -54.56 36.92 -16.29
C TRP B 98 -55.48 36.72 -15.10
N HIS B 99 -55.01 37.06 -13.90
CA HIS B 99 -55.72 36.78 -12.67
C HIS B 99 -56.49 37.99 -12.15
N GLY B 100 -56.78 38.96 -13.01
CA GLY B 100 -57.54 40.12 -12.59
C GLY B 100 -57.49 41.28 -13.56
N VAL B 101 -58.49 42.16 -13.50
CA VAL B 101 -58.52 43.37 -14.32
C VAL B 101 -58.71 44.56 -13.40
N GLY B 102 -58.01 45.66 -13.69
CA GLY B 102 -58.10 46.84 -12.85
C GLY B 102 -57.14 47.96 -13.22
N LEU B 103 -56.74 48.74 -12.23
CA LEU B 103 -55.94 49.94 -12.44
C LEU B 103 -54.52 49.82 -11.91
N LYS B 104 -54.17 48.68 -11.29
CA LYS B 104 -52.86 48.54 -10.66
C LYS B 104 -51.81 48.19 -11.71
N HIS B 105 -50.65 48.83 -11.59
CA HIS B 105 -49.51 48.42 -12.41
C HIS B 105 -49.06 47.02 -12.01
N ILE B 106 -48.40 46.36 -12.96
CA ILE B 106 -48.03 44.96 -12.81
C ILE B 106 -46.81 44.67 -13.67
N GLU B 107 -46.14 43.56 -13.36
CA GLU B 107 -45.06 43.01 -14.20
C GLU B 107 -43.98 44.09 -14.39
N LEU B 108 -43.52 44.36 -15.61
CA LEU B 108 -42.36 45.22 -15.80
C LEU B 108 -42.58 46.63 -15.27
N ALA B 109 -43.84 47.05 -15.12
CA ALA B 109 -44.13 48.38 -14.60
C ALA B 109 -43.83 48.51 -13.11
N LEU B 110 -43.74 47.40 -12.38
CA LEU B 110 -43.51 47.48 -10.94
C LEU B 110 -42.19 48.15 -10.60
N GLY B 111 -41.18 48.02 -11.44
CA GLY B 111 -39.93 48.73 -11.26
C GLY B 111 -39.02 48.06 -10.26
N MET B 112 -37.80 48.60 -10.15
CA MET B 112 -36.80 48.04 -9.24
C MET B 112 -37.16 48.23 -7.77
N ASN B 113 -38.09 49.15 -7.45
CA ASN B 113 -38.44 49.42 -6.06
C ASN B 113 -39.60 48.56 -5.56
N SER B 114 -39.98 47.53 -6.30
CA SER B 114 -41.03 46.61 -5.89
C SER B 114 -40.41 45.42 -5.15
N VAL B 115 -41.16 44.89 -4.19
CA VAL B 115 -40.71 43.76 -3.38
C VAL B 115 -40.68 42.48 -4.22
N LEU B 116 -41.15 42.57 -5.46
CA LEU B 116 -41.07 41.45 -6.39
C LEU B 116 -40.02 41.67 -7.47
N ALA B 117 -39.06 42.56 -7.22
CA ALA B 117 -38.10 42.94 -8.26
C ALA B 117 -37.32 41.74 -8.75
N GLU B 118 -36.75 40.95 -7.82
CA GLU B 118 -35.91 39.83 -8.25
C GLU B 118 -36.72 38.83 -9.06
N SER B 119 -37.96 38.55 -8.63
CA SER B 119 -38.79 37.59 -9.35
C SER B 119 -39.09 38.09 -10.77
N ILE B 120 -39.48 39.35 -10.90
CA ILE B 120 -39.72 39.93 -12.23
C ILE B 120 -38.47 39.80 -13.09
N VAL B 121 -37.33 40.24 -12.56
CA VAL B 121 -36.10 40.28 -13.36
C VAL B 121 -35.73 38.89 -13.81
N ARG B 122 -35.80 37.91 -12.91
CA ARG B 122 -35.39 36.56 -13.29
C ARG B 122 -36.39 35.93 -14.24
N LYS B 123 -37.69 36.10 -13.98
CA LYS B 123 -38.73 35.68 -14.91
C LYS B 123 -38.41 36.14 -16.33
N TYR B 124 -38.21 37.44 -16.50
CA TYR B 124 -38.09 37.98 -17.85
C TYR B 124 -36.75 37.60 -18.48
N VAL B 125 -35.65 37.76 -17.74
CA VAL B 125 -34.35 37.36 -18.27
C VAL B 125 -34.37 35.90 -18.72
N ARG B 126 -35.09 35.05 -17.99
CA ARG B 126 -35.16 33.64 -18.36
C ARG B 126 -36.06 33.38 -19.56
N ASN B 127 -37.24 33.99 -19.60
CA ASN B 127 -38.31 33.53 -20.48
C ASN B 127 -38.86 34.63 -21.38
N TYR B 128 -38.05 35.63 -21.74
CA TYR B 128 -38.59 36.68 -22.61
C TYR B 128 -38.93 36.11 -23.98
N ASP B 129 -38.13 35.16 -24.46
CA ASP B 129 -38.44 34.51 -25.74
C ASP B 129 -39.83 33.88 -25.69
N ILE B 130 -40.10 33.09 -24.64
CA ILE B 130 -41.42 32.49 -24.49
C ILE B 130 -42.50 33.57 -24.41
N TYR B 131 -42.26 34.60 -23.60
CA TYR B 131 -43.28 35.63 -23.41
C TYR B 131 -43.63 36.30 -24.73
N LYS B 132 -42.63 36.59 -25.55
CA LYS B 132 -42.83 37.36 -26.77
C LYS B 132 -43.18 36.51 -27.98
N ASN B 133 -43.00 35.19 -27.91
CA ASN B 133 -43.28 34.36 -29.07
C ASN B 133 -44.37 33.32 -28.87
N ASN B 134 -44.78 33.04 -27.62
CA ASN B 134 -45.69 31.93 -27.38
C ASN B 134 -46.80 32.27 -26.38
N VAL B 135 -46.93 33.52 -25.96
CA VAL B 135 -47.87 33.89 -24.91
C VAL B 135 -49.06 34.57 -25.57
N LEU B 136 -50.22 33.90 -25.55
CA LEU B 136 -51.48 34.50 -25.96
C LEU B 136 -52.14 35.13 -24.75
N PHE B 137 -52.14 36.46 -24.68
CA PHE B 137 -52.67 37.16 -23.51
C PHE B 137 -54.14 37.54 -23.71
N LEU B 138 -54.94 37.30 -22.67
CA LEU B 138 -56.38 37.49 -22.72
C LEU B 138 -56.74 38.87 -22.18
N THR B 139 -57.08 39.78 -23.08
CA THR B 139 -57.61 41.08 -22.71
C THR B 139 -59.14 41.07 -22.73
N THR B 140 -59.73 41.98 -21.96
CA THR B 140 -61.18 42.03 -21.80
C THR B 140 -61.80 43.36 -22.21
N SER B 141 -61.01 44.41 -22.37
CA SER B 141 -61.52 45.69 -22.86
C SER B 141 -60.37 46.46 -23.48
N GLN B 142 -60.72 47.52 -24.23
CA GLN B 142 -59.70 48.32 -24.88
C GLN B 142 -58.80 48.99 -23.85
N ALA B 143 -59.40 49.55 -22.79
CA ALA B 143 -58.60 50.18 -21.74
C ALA B 143 -57.67 49.16 -21.08
N MET B 144 -58.20 47.99 -20.73
CA MET B 144 -57.38 46.97 -20.10
C MET B 144 -56.32 46.43 -21.06
N GLU B 145 -56.66 46.30 -22.34
CA GLU B 145 -55.68 45.84 -23.32
C GLU B 145 -54.52 46.83 -23.43
N ASP B 146 -54.82 48.12 -23.51
CA ASP B 146 -53.76 49.12 -23.58
C ASP B 146 -52.93 49.13 -22.30
N HIS B 147 -53.60 49.03 -21.15
CA HIS B 147 -52.87 48.98 -19.88
C HIS B 147 -51.89 47.81 -19.85
N PHE B 148 -52.37 46.61 -20.18
CA PHE B 148 -51.52 45.43 -20.11
C PHE B 148 -50.44 45.43 -21.19
N LEU B 149 -50.71 46.05 -22.35
CA LEU B 149 -49.66 46.24 -23.35
C LEU B 149 -48.58 47.18 -22.83
N GLU B 150 -48.99 48.24 -22.13
CA GLU B 150 -48.02 49.13 -21.51
C GLU B 150 -47.15 48.38 -20.51
N ASP B 151 -47.77 47.62 -19.60
CA ASP B 151 -47.08 47.06 -18.45
C ASP B 151 -46.46 45.69 -18.71
N MET B 152 -46.64 45.11 -19.89
CA MET B 152 -46.20 43.75 -20.15
C MET B 152 -45.41 43.69 -21.44
N ALA B 153 -44.70 42.58 -21.64
CA ALA B 153 -43.94 42.35 -22.85
C ALA B 153 -44.59 41.30 -23.73
N ILE B 154 -45.85 41.53 -24.11
CA ILE B 154 -46.59 40.60 -24.93
C ILE B 154 -46.63 41.13 -26.36
N SER B 155 -47.03 40.26 -27.30
CA SER B 155 -47.19 40.61 -28.71
C SER B 155 -48.64 40.98 -28.96
N LYS B 156 -48.88 42.19 -29.46
CA LYS B 156 -50.25 42.61 -29.73
C LYS B 156 -50.94 41.65 -30.70
N GLU B 157 -50.18 41.02 -31.59
CA GLU B 157 -50.77 40.10 -32.55
C GLU B 157 -51.02 38.72 -31.96
N LEU B 158 -50.71 38.53 -30.67
CA LEU B 158 -51.02 37.31 -29.94
C LEU B 158 -52.10 37.52 -28.90
N ILE B 159 -52.73 38.69 -28.89
CA ILE B 159 -53.73 38.99 -27.88
C ILE B 159 -55.01 38.21 -28.18
N ILE B 160 -55.61 37.66 -27.14
CA ILE B 160 -56.92 37.01 -27.25
C ILE B 160 -57.91 37.88 -26.49
N ARG B 161 -59.01 38.21 -27.17
CA ARG B 161 -60.06 39.06 -26.62
C ARG B 161 -61.27 38.19 -26.28
N GLY B 162 -61.75 38.28 -25.05
CA GLY B 162 -62.89 37.50 -24.65
C GLY B 162 -63.31 37.70 -23.21
N LYS B 163 -63.91 36.67 -22.62
CA LYS B 163 -64.36 36.72 -21.23
C LYS B 163 -63.41 35.94 -20.34
N TYR B 164 -63.31 36.36 -19.09
CA TYR B 164 -62.63 35.52 -18.11
C TYR B 164 -63.47 34.27 -17.90
N PRO B 165 -62.95 33.09 -18.20
CA PRO B 165 -63.72 31.86 -17.97
C PRO B 165 -64.25 31.71 -16.56
N ARG B 166 -63.50 32.17 -15.54
CA ARG B 166 -63.95 32.02 -14.17
C ARG B 166 -65.14 32.91 -13.81
N ASN B 167 -65.60 33.74 -14.73
CA ASN B 167 -66.76 34.59 -14.50
C ASN B 167 -67.97 34.18 -15.32
N ALA B 168 -67.85 33.13 -16.15
CA ALA B 168 -68.93 32.76 -17.06
C ALA B 168 -69.00 31.25 -17.29
N VAL B 169 -68.70 30.46 -16.26
CA VAL B 169 -68.65 29.01 -16.41
C VAL B 169 -69.38 28.37 -15.24
N TYR B 170 -69.26 28.98 -14.05
CA TYR B 170 -69.87 28.46 -12.83
C TYR B 170 -71.25 29.09 -12.57
N GLY B 171 -72.00 29.42 -13.62
CA GLY B 171 -73.29 30.05 -13.49
C GLY B 171 -74.32 29.21 -12.75
N PRO B 172 -75.55 29.72 -12.68
CA PRO B 172 -76.63 28.95 -12.03
C PRO B 172 -76.75 27.53 -12.58
N ASN B 173 -76.92 27.40 -13.89
CA ASN B 173 -76.96 26.11 -14.55
C ASN B 173 -75.62 25.73 -15.17
N GLY B 174 -74.54 26.39 -14.75
CA GLY B 174 -73.20 26.07 -15.21
C GLY B 174 -72.57 24.90 -14.49
N ILE B 175 -71.25 24.97 -14.33
CA ILE B 175 -70.47 23.94 -13.67
C ILE B 175 -70.43 24.22 -12.17
N HIS B 176 -70.44 23.17 -11.37
CA HIS B 176 -70.36 23.29 -9.91
C HIS B 176 -69.67 22.05 -9.37
N THR B 177 -68.43 22.20 -8.92
CA THR B 177 -67.69 21.06 -8.37
C THR B 177 -68.05 20.77 -6.92
N TYR B 178 -68.91 21.59 -6.32
CA TYR B 178 -69.36 21.41 -4.94
C TYR B 178 -70.71 22.08 -4.80
N ASP B 179 -71.50 21.61 -3.84
CA ASP B 179 -72.80 22.20 -3.57
C ASP B 179 -72.66 23.29 -2.52
N ILE B 180 -73.14 24.49 -2.83
CA ILE B 180 -72.96 25.61 -1.91
C ILE B 180 -73.56 25.28 -0.55
N ASN B 181 -74.65 24.51 -0.54
CA ASN B 181 -75.38 24.29 0.71
C ASN B 181 -74.59 23.39 1.67
N THR B 182 -73.63 22.62 1.16
CA THR B 182 -72.79 21.77 1.99
C THR B 182 -71.70 22.55 2.73
N LEU B 183 -71.60 23.86 2.49
CA LEU B 183 -70.62 24.70 3.15
C LEU B 183 -71.25 25.74 4.06
N LEU B 184 -72.53 26.03 3.87
CA LEU B 184 -73.42 26.96 4.54
C LEU B 184 -74.05 26.31 5.75
N PRO B 185 -74.35 27.08 6.81
CA PRO B 185 -75.01 26.47 7.97
C PRO B 185 -76.39 25.95 7.66
N LYS B 186 -77.15 26.62 6.80
CA LYS B 186 -78.45 26.13 6.37
C LYS B 186 -78.51 26.11 4.84
N ASN B 187 -79.48 25.37 4.32
CA ASN B 187 -79.75 25.38 2.88
C ASN B 187 -80.02 26.81 2.41
N LYS B 188 -79.59 27.10 1.18
CA LYS B 188 -79.70 28.45 0.64
C LYS B 188 -81.15 28.91 0.61
N ILE B 267 -64.26 29.89 -4.41
CA ILE B 267 -65.37 30.75 -4.03
C ILE B 267 -66.09 31.27 -5.27
N TYR B 268 -65.34 31.41 -6.37
CA TYR B 268 -65.91 31.94 -7.60
C TYR B 268 -67.12 31.13 -8.05
N GLU B 269 -67.03 29.80 -7.94
CA GLU B 269 -68.13 28.94 -8.35
C GLU B 269 -69.45 29.33 -7.69
N ALA B 270 -69.40 30.02 -6.55
CA ALA B 270 -70.60 30.34 -5.79
C ALA B 270 -70.98 31.82 -5.92
N PHE B 271 -70.38 32.54 -6.86
CA PHE B 271 -70.71 33.94 -7.05
C PHE B 271 -72.19 34.12 -7.35
N ASN B 272 -72.80 33.16 -8.05
CA ASN B 272 -74.22 33.25 -8.38
C ASN B 272 -75.11 33.19 -7.15
N SER B 273 -74.53 32.98 -5.96
CA SER B 273 -75.28 32.94 -4.72
C SER B 273 -75.01 34.14 -3.81
N ILE B 274 -74.16 35.08 -4.24
CA ILE B 274 -73.79 36.22 -3.42
C ILE B 274 -74.75 37.36 -3.71
N ASP B 275 -75.47 37.82 -2.68
CA ASP B 275 -76.42 38.92 -2.80
C ASP B 275 -75.71 40.26 -2.64
N SER B 283 -59.93 43.40 -6.07
CA SER B 283 -60.18 43.23 -7.49
C SER B 283 -61.38 42.32 -7.73
N ILE B 284 -61.71 41.54 -6.71
CA ILE B 284 -62.84 40.61 -6.81
C ILE B 284 -64.08 41.31 -7.33
N PHE B 285 -64.29 42.56 -6.92
CA PHE B 285 -65.46 43.31 -7.36
C PHE B 285 -65.67 43.19 -8.87
N TYR B 286 -64.63 43.46 -9.65
CA TYR B 286 -64.76 43.41 -11.11
C TYR B 286 -65.18 42.02 -11.58
N ASP B 287 -64.51 40.98 -11.07
CA ASP B 287 -64.91 39.61 -11.37
C ASP B 287 -66.37 39.35 -11.02
N LEU B 288 -66.80 39.81 -9.83
CA LEU B 288 -68.20 39.67 -9.43
C LEU B 288 -69.15 40.28 -10.47
N LEU B 289 -68.86 41.51 -10.90
CA LEU B 289 -69.70 42.15 -11.92
C LEU B 289 -69.77 41.32 -13.20
N ASP B 290 -68.66 40.70 -13.60
CA ASP B 290 -68.67 39.88 -14.80
C ASP B 290 -69.49 38.61 -14.61
N ALA B 291 -69.61 38.13 -13.38
CA ALA B 291 -70.35 36.90 -13.12
C ALA B 291 -71.85 37.12 -12.96
N GLY B 292 -72.32 38.37 -13.01
CA GLY B 292 -73.73 38.65 -12.93
C GLY B 292 -74.23 39.16 -11.59
N VAL B 293 -73.34 39.37 -10.62
CA VAL B 293 -73.75 39.95 -9.35
C VAL B 293 -74.14 41.41 -9.52
N ILE B 343 -77.21 47.83 -7.99
CA ILE B 343 -76.42 48.54 -8.98
C ILE B 343 -77.34 49.18 -10.02
N SER B 344 -77.07 50.45 -10.32
CA SER B 344 -77.87 51.16 -11.32
C SER B 344 -77.53 50.69 -12.73
N THR B 345 -78.48 50.89 -13.64
CA THR B 345 -78.26 50.46 -15.02
C THR B 345 -77.12 51.22 -15.66
N LYS B 346 -77.11 52.55 -15.50
CA LYS B 346 -76.05 53.37 -16.07
C LYS B 346 -74.68 52.94 -15.54
N ARG B 347 -74.60 52.62 -14.25
CA ARG B 347 -73.32 52.31 -13.63
C ARG B 347 -72.78 50.96 -14.09
N LYS B 348 -73.61 49.92 -14.08
CA LYS B 348 -73.15 48.64 -14.60
C LYS B 348 -72.71 48.75 -16.05
N GLN B 349 -73.47 49.48 -16.87
CA GLN B 349 -73.06 49.69 -18.26
C GLN B 349 -71.69 50.34 -18.34
N TYR B 350 -71.48 51.41 -17.56
CA TYR B 350 -70.21 52.13 -17.60
C TYR B 350 -69.05 51.25 -17.17
N LEU B 351 -69.18 50.58 -16.03
CA LEU B 351 -68.09 49.73 -15.52
C LEU B 351 -67.85 48.53 -16.44
N MET B 352 -68.92 47.85 -16.84
CA MET B 352 -68.77 46.69 -17.72
C MET B 352 -68.10 47.06 -19.03
N ASP B 353 -68.48 48.19 -19.63
CA ASP B 353 -67.76 48.65 -20.81
C ASP B 353 -66.27 48.82 -20.51
N TYR B 354 -65.93 49.75 -19.62
CA TYR B 354 -64.53 50.06 -19.35
C TYR B 354 -63.70 48.80 -19.08
N PHE B 355 -64.27 47.85 -18.34
CA PHE B 355 -63.49 46.72 -17.85
C PHE B 355 -63.74 45.42 -18.60
N PHE B 356 -64.79 45.36 -19.44
CA PHE B 356 -65.09 44.13 -20.17
C PHE B 356 -65.80 44.42 -21.49
N GLY B 357 -65.50 45.55 -22.13
CA GLY B 357 -66.20 45.88 -23.37
C GLY B 357 -66.18 44.77 -24.40
N PHE B 358 -65.15 43.93 -24.36
CA PHE B 358 -65.02 42.85 -25.31
C PHE B 358 -66.08 41.78 -25.06
N LYS B 363 -69.76 36.06 -27.24
CA LYS B 363 -68.44 35.48 -27.04
C LYS B 363 -68.50 34.32 -26.03
N SER B 364 -68.74 33.11 -26.53
CA SER B 364 -68.84 31.95 -25.67
C SER B 364 -67.45 31.39 -25.37
N MET B 365 -67.41 30.48 -24.40
CA MET B 365 -66.16 29.76 -24.10
C MET B 365 -65.65 29.03 -25.34
N GLU B 366 -66.54 28.40 -26.09
CA GLU B 366 -66.14 27.73 -27.33
C GLU B 366 -65.50 28.71 -28.30
N SER B 367 -66.01 29.95 -28.37
CA SER B 367 -65.35 30.95 -29.22
C SER B 367 -63.91 31.20 -28.76
N LEU B 368 -63.69 31.27 -27.44
CA LEU B 368 -62.34 31.45 -26.91
C LEU B 368 -61.44 30.29 -27.29
N ILE B 369 -61.94 29.06 -27.08
CA ILE B 369 -61.16 27.87 -27.40
C ILE B 369 -60.81 27.86 -28.88
N ALA B 370 -61.75 28.26 -29.74
CA ALA B 370 -61.48 28.26 -31.17
C ALA B 370 -60.44 29.31 -31.52
N ASP B 371 -60.60 30.54 -31.02
CA ASP B 371 -59.61 31.58 -31.27
C ASP B 371 -58.22 31.15 -30.85
N VAL B 372 -58.10 30.48 -29.69
CA VAL B 372 -56.79 30.00 -29.24
C VAL B 372 -56.26 28.90 -30.14
N ASP B 373 -57.13 27.94 -30.49
CA ASP B 373 -56.73 26.78 -31.29
C ASP B 373 -56.34 27.15 -32.71
N ASN B 374 -56.73 28.33 -33.19
CA ASN B 374 -56.47 28.70 -34.58
C ASN B 374 -55.37 29.74 -34.75
N CYS B 375 -54.56 29.97 -33.70
CA CYS B 375 -53.51 30.97 -33.76
C CYS B 375 -52.26 30.39 -34.37
N GLN B 376 -51.63 31.14 -35.27
CA GLN B 376 -50.45 30.67 -35.97
C GLN B 376 -49.26 31.39 -35.32
N LEU B 377 -48.42 30.65 -34.61
CA LEU B 377 -47.25 31.24 -33.99
C LEU B 377 -46.22 31.66 -35.03
N GLN B 378 -45.80 32.91 -34.95
CA GLN B 378 -44.80 33.50 -35.83
C GLN B 378 -43.54 33.83 -35.04
N PRO B 379 -42.83 32.85 -34.49
CA PRO B 379 -41.73 33.18 -33.58
C PRO B 379 -40.74 34.12 -34.26
N LYS B 380 -40.13 34.97 -33.45
CA LYS B 380 -39.18 35.96 -33.90
C LYS B 380 -37.78 35.67 -33.39
N SER B 381 -36.79 36.23 -34.10
CA SER B 381 -35.41 36.19 -33.67
C SER B 381 -35.14 37.43 -32.82
N LEU B 382 -34.56 37.22 -31.65
CA LEU B 382 -34.36 38.25 -30.63
C LEU B 382 -32.89 38.59 -30.51
N LYS B 383 -32.61 39.88 -30.28
CA LYS B 383 -31.24 40.27 -30.02
C LYS B 383 -30.76 39.67 -28.70
N GLU B 384 -29.45 39.63 -28.54
CA GLU B 384 -28.78 39.22 -27.31
C GLU B 384 -28.10 40.40 -26.62
N LEU B 385 -28.12 40.38 -25.29
CA LEU B 385 -27.44 41.38 -24.48
C LEU B 385 -26.20 40.75 -23.87
N HIS B 386 -25.09 41.47 -23.90
CA HIS B 386 -23.83 41.02 -23.32
C HIS B 386 -23.20 42.12 -22.50
N THR B 387 -22.97 41.86 -21.22
CA THR B 387 -22.35 42.82 -20.32
C THR B 387 -20.96 42.33 -19.92
N PHE B 388 -20.03 43.26 -19.79
CA PHE B 388 -18.63 42.97 -19.50
C PHE B 388 -18.15 43.72 -18.27
N ASP B 389 -17.69 42.98 -17.27
CA ASP B 389 -16.90 43.59 -16.21
C ASP B 389 -15.70 44.33 -16.82
N ILE B 390 -15.16 45.28 -16.05
CA ILE B 390 -14.04 46.07 -16.53
C ILE B 390 -12.73 45.57 -15.92
N PHE B 391 -12.58 45.77 -14.61
CA PHE B 391 -11.30 45.50 -13.96
C PHE B 391 -11.01 44.00 -13.96
N ASP B 392 -9.86 43.62 -14.52
CA ASP B 392 -9.43 42.22 -14.66
C ASP B 392 -10.32 41.43 -15.62
N THR B 393 -11.06 42.12 -16.48
CA THR B 393 -11.85 41.49 -17.53
C THR B 393 -11.49 42.12 -18.88
N LEU B 394 -11.73 43.42 -19.00
CA LEU B 394 -11.31 44.16 -20.19
C LEU B 394 -9.97 44.84 -20.00
N ILE B 395 -9.66 45.30 -18.79
CA ILE B 395 -8.39 45.94 -18.50
C ILE B 395 -7.74 45.23 -17.33
N ARG B 396 -6.44 45.47 -17.16
CA ARG B 396 -5.69 44.91 -16.03
C ARG B 396 -4.64 45.93 -15.61
N ARG B 397 -3.88 45.59 -14.56
CA ARG B 397 -2.86 46.49 -14.06
C ARG B 397 -1.47 46.01 -14.43
N SER B 398 -0.60 46.95 -14.81
CA SER B 398 0.80 46.65 -15.09
C SER B 398 1.52 46.00 -13.92
N THR B 399 1.09 46.26 -12.68
CA THR B 399 1.50 45.46 -11.52
C THR B 399 0.53 44.34 -11.13
N LEU B 400 -0.50 44.08 -11.92
CA LEU B 400 -1.43 43.00 -11.62
C LEU B 400 -2.30 43.30 -10.39
N ARG B 401 -1.67 43.45 -9.21
CA ARG B 401 -2.50 43.50 -8.02
C ARG B 401 -2.99 44.93 -7.80
N PRO B 402 -4.20 45.11 -7.28
CA PRO B 402 -4.66 46.48 -7.03
C PRO B 402 -3.88 47.19 -5.94
N PHE B 403 -3.47 46.48 -4.89
CA PHE B 403 -2.72 47.11 -3.81
C PHE B 403 -1.42 47.75 -4.30
N SER B 404 -0.86 47.22 -5.39
CA SER B 404 0.34 47.82 -5.95
C SER B 404 0.15 49.31 -6.21
N ILE B 405 -1.02 49.67 -6.74
CA ILE B 405 -1.34 51.08 -6.94
C ILE B 405 -1.09 51.86 -5.65
N PHE B 406 -1.70 51.40 -4.55
CA PHE B 406 -1.52 52.07 -3.26
C PHE B 406 -0.04 52.20 -2.92
N ASP B 407 0.71 51.11 -3.07
CA ASP B 407 2.15 51.14 -2.89
C ASP B 407 2.75 52.33 -3.64
N TYR B 408 2.56 52.34 -4.96
CA TYR B 408 2.96 53.44 -5.83
C TYR B 408 2.67 54.80 -5.21
N VAL B 409 1.39 55.02 -4.89
CA VAL B 409 0.96 56.30 -4.33
C VAL B 409 1.78 56.66 -3.11
N ARG B 410 1.85 55.74 -2.13
CA ARG B 410 2.63 55.97 -0.92
C ARG B 410 4.05 56.40 -1.26
N ASP B 411 4.70 55.67 -2.18
CA ASP B 411 6.06 56.02 -2.56
C ASP B 411 6.12 57.44 -3.11
N LYS B 412 5.22 57.77 -4.04
CA LYS B 412 5.19 59.13 -4.59
C LYS B 412 4.92 60.16 -3.51
N ALA B 413 4.26 59.76 -2.42
CA ALA B 413 3.98 60.68 -1.34
C ALA B 413 5.21 60.90 -0.46
N LYS B 414 6.09 59.90 -0.38
CA LYS B 414 7.31 60.07 0.40
C LYS B 414 8.34 60.90 -0.34
N ALA B 415 8.25 60.97 -1.67
CA ALA B 415 9.16 61.75 -2.49
C ALA B 415 8.54 63.07 -2.95
N SER B 416 7.41 63.46 -2.38
CA SER B 416 6.71 64.65 -2.81
C SER B 416 7.26 65.93 -2.19
N GLY B 417 7.97 65.83 -1.07
CA GLY B 417 8.33 67.01 -0.31
C GLY B 417 7.26 67.49 0.64
N ILE B 418 6.04 67.02 0.50
CA ILE B 418 4.97 67.40 1.41
C ILE B 418 5.09 66.62 2.70
N LYS B 419 4.89 67.31 3.82
CA LYS B 419 4.91 66.65 5.12
C LYS B 419 3.60 65.90 5.32
N PHE B 420 3.69 64.61 5.60
CA PHE B 420 2.54 63.77 5.91
C PHE B 420 2.71 63.15 7.29
N PRO B 421 1.62 62.94 8.02
CA PRO B 421 1.72 62.21 9.29
C PRO B 421 2.42 60.88 9.09
N LEU B 422 3.27 60.52 10.05
CA LEU B 422 4.02 59.29 9.94
C LEU B 422 3.09 58.09 9.85
N ALA B 423 2.03 58.09 10.66
CA ALA B 423 1.03 57.03 10.62
C ALA B 423 0.41 56.87 9.24
N LEU B 424 0.48 57.91 8.40
CA LEU B 424 -0.07 57.88 7.06
C LEU B 424 0.95 57.41 6.03
N THR B 425 2.19 57.89 6.13
CA THR B 425 3.21 57.52 5.15
C THR B 425 3.70 56.09 5.35
N GLU B 426 3.75 55.61 6.59
CA GLU B 426 4.29 54.27 6.82
C GLU B 426 3.25 53.17 6.61
N ASN B 427 1.99 53.43 6.96
CA ASN B 427 0.92 52.45 6.91
C ASN B 427 -0.14 52.78 5.86
N TRP B 428 0.27 53.32 4.71
CA TRP B 428 -0.71 53.84 3.77
C TRP B 428 -1.65 52.75 3.28
N ILE B 429 -1.13 51.56 3.01
CA ILE B 429 -1.97 50.48 2.49
C ILE B 429 -3.13 50.21 3.45
N ASN B 430 -2.80 49.87 4.70
CA ASN B 430 -3.83 49.60 5.69
C ASN B 430 -4.73 50.82 5.89
N VAL B 431 -4.12 52.00 6.04
CA VAL B 431 -4.92 53.21 6.28
C VAL B 431 -6.00 53.33 5.22
N ARG B 432 -5.60 53.31 3.95
CA ARG B 432 -6.56 53.57 2.87
C ARG B 432 -7.56 52.42 2.72
N ASN B 433 -7.10 51.17 2.77
CA ASN B 433 -8.03 50.07 2.59
C ASN B 433 -9.04 50.00 3.73
N ARG B 434 -8.58 50.13 4.97
CA ARG B 434 -9.47 50.14 6.12
C ARG B 434 -10.42 51.34 6.08
N ALA B 435 -9.96 52.49 5.60
CA ALA B 435 -10.84 53.65 5.51
C ALA B 435 -11.91 53.45 4.44
N GLU B 436 -11.55 52.84 3.31
CA GLU B 436 -12.53 52.48 2.30
C GLU B 436 -13.60 51.57 2.89
N HIS B 437 -13.16 50.52 3.59
CA HIS B 437 -14.13 49.59 4.17
C HIS B 437 -14.97 50.27 5.25
N ASP B 438 -14.40 51.25 5.96
CA ASP B 438 -15.16 51.99 6.96
C ASP B 438 -16.26 52.82 6.30
N VAL B 439 -15.94 53.50 5.20
CA VAL B 439 -16.96 54.24 4.47
C VAL B 439 -18.03 53.29 3.96
N ARG B 440 -17.62 52.11 3.50
CA ARG B 440 -18.60 51.12 3.04
C ARG B 440 -19.54 50.71 4.16
N ASP B 441 -18.98 50.45 5.35
CA ASP B 441 -19.82 50.08 6.49
C ASP B 441 -20.76 51.21 6.89
N ILE B 442 -20.28 52.45 6.85
CA ILE B 442 -21.15 53.58 7.19
C ILE B 442 -22.33 53.64 6.22
N MET B 443 -22.05 53.51 4.92
CA MET B 443 -23.14 53.46 3.96
C MET B 443 -24.10 52.32 4.27
N ARG B 444 -23.56 51.13 4.53
CA ARG B 444 -24.42 49.98 4.80
C ARG B 444 -25.29 50.22 6.03
N LYS B 445 -24.80 50.98 7.00
CA LYS B 445 -25.49 51.15 8.28
C LYS B 445 -26.34 52.40 8.34
N THR B 446 -26.34 53.21 7.29
CA THR B 446 -27.07 54.48 7.32
C THR B 446 -28.16 54.51 6.25
N THR B 447 -28.68 53.34 5.88
CA THR B 447 -29.75 53.29 4.89
C THR B 447 -31.03 53.94 5.40
N PHE B 448 -31.30 53.84 6.71
CA PHE B 448 -32.49 54.48 7.26
C PHE B 448 -32.32 55.99 7.35
N GLU B 449 -31.15 56.44 7.81
CA GLU B 449 -30.88 57.87 7.86
C GLU B 449 -30.89 58.48 6.47
N ARG B 450 -30.50 57.72 5.46
CA ARG B 450 -30.42 58.23 4.10
C ARG B 450 -31.67 57.91 3.29
N GLN B 451 -32.54 57.03 3.78
CA GLN B 451 -33.77 56.65 3.08
C GLN B 451 -33.48 56.15 1.67
N SER B 452 -32.43 55.33 1.53
CA SER B 452 -32.06 54.78 0.24
C SER B 452 -31.30 53.49 0.44
N ASP B 453 -31.60 52.48 -0.39
CA ASP B 453 -30.85 51.23 -0.34
C ASP B 453 -29.55 51.29 -1.13
N LYS B 454 -29.26 52.41 -1.78
CA LYS B 454 -27.95 52.57 -2.40
C LYS B 454 -26.88 52.64 -1.32
N ILE B 455 -25.78 51.92 -1.53
CA ILE B 455 -24.73 51.80 -0.53
C ILE B 455 -23.35 51.89 -1.14
N GLU B 456 -23.27 52.30 -2.41
CA GLU B 456 -21.97 52.42 -3.05
C GLU B 456 -21.25 53.68 -2.62
N ILE B 457 -19.93 53.59 -2.56
CA ILE B 457 -19.10 54.68 -2.07
C ILE B 457 -18.41 55.35 -3.25
N THR B 458 -17.70 56.44 -2.97
CA THR B 458 -16.87 57.11 -3.95
C THR B 458 -15.48 57.31 -3.38
N LEU B 459 -14.51 57.52 -4.27
CA LEU B 459 -13.17 57.89 -3.83
C LEU B 459 -13.24 59.10 -2.93
N ASP B 460 -14.11 60.06 -3.27
CA ASP B 460 -14.27 61.25 -2.45
C ASP B 460 -14.70 60.88 -1.04
N ASP B 461 -15.52 59.85 -0.88
CA ASP B 461 -15.94 59.45 0.46
C ASP B 461 -14.76 58.94 1.28
N ILE B 462 -13.91 58.10 0.67
CA ILE B 462 -12.76 57.57 1.39
C ILE B 462 -11.83 58.71 1.82
N TYR B 463 -11.52 59.60 0.88
CA TYR B 463 -10.58 60.66 1.22
C TYR B 463 -11.20 61.72 2.12
N THR B 464 -12.52 61.89 2.11
CA THR B 464 -13.17 62.77 3.08
C THR B 464 -13.09 62.18 4.48
N ARG B 465 -13.43 60.90 4.63
CA ARG B 465 -13.24 60.22 5.90
C ARG B 465 -11.82 60.46 6.41
N LEU B 466 -10.84 60.18 5.56
CA LEU B 466 -9.44 60.31 5.97
C LEU B 466 -9.12 61.73 6.39
N GLN B 467 -9.45 62.72 5.55
CA GLN B 467 -9.07 64.09 5.83
C GLN B 467 -9.76 64.61 7.08
N LYS B 468 -11.04 64.24 7.27
CA LYS B 468 -11.80 64.77 8.39
C LYS B 468 -11.37 64.16 9.72
N ASN B 469 -11.02 62.88 9.72
CA ASN B 469 -10.68 62.24 10.98
C ASN B 469 -9.19 62.24 11.30
N LEU B 470 -8.34 62.43 10.29
CA LEU B 470 -6.90 62.56 10.51
C LEU B 470 -6.42 64.00 10.47
N LEU B 471 -7.32 64.96 10.20
CA LEU B 471 -6.98 66.38 10.26
C LEU B 471 -5.90 66.73 9.23
N LEU B 472 -6.16 66.33 7.99
CA LEU B 472 -5.20 66.55 6.91
C LEU B 472 -5.52 67.85 6.18
N THR B 473 -4.47 68.50 5.68
CA THR B 473 -4.67 69.71 4.90
C THR B 473 -5.22 69.36 3.52
N ASP B 474 -5.89 70.34 2.91
CA ASP B 474 -6.34 70.17 1.54
C ASP B 474 -5.20 69.74 0.62
N GLU B 475 -4.00 70.27 0.85
CA GLU B 475 -2.86 69.89 0.03
C GLU B 475 -2.57 68.40 0.12
N GLN B 476 -2.44 67.89 1.36
CA GLN B 476 -2.15 66.48 1.55
C GLN B 476 -3.21 65.60 0.90
N THR B 477 -4.49 65.86 1.21
CA THR B 477 -5.57 65.02 0.74
C THR B 477 -5.66 65.04 -0.78
N ASP B 478 -5.62 66.23 -1.36
CA ASP B 478 -5.71 66.34 -2.81
C ASP B 478 -4.51 65.67 -3.48
N PHE B 479 -3.32 65.84 -2.91
CA PHE B 479 -2.14 65.17 -3.47
C PHE B 479 -2.34 63.66 -3.49
N LEU B 480 -2.71 63.09 -2.34
CA LEU B 480 -2.88 61.64 -2.29
C LEU B 480 -3.94 61.17 -3.28
N LYS B 481 -5.07 61.88 -3.34
CA LYS B 481 -6.17 61.44 -4.19
C LYS B 481 -5.81 61.53 -5.67
N GLN B 482 -5.26 62.67 -6.09
CA GLN B 482 -4.87 62.82 -7.49
C GLN B 482 -3.76 61.83 -7.84
N ALA B 483 -2.85 61.57 -6.89
CA ALA B 483 -1.81 60.58 -7.13
C ALA B 483 -2.42 59.20 -7.37
N GLU B 484 -3.39 58.80 -6.54
CA GLU B 484 -4.02 57.50 -6.74
C GLU B 484 -4.73 57.44 -8.09
N ILE B 485 -5.41 58.53 -8.46
CA ILE B 485 -6.15 58.52 -9.73
C ILE B 485 -5.17 58.39 -10.90
N GLU B 486 -4.13 59.23 -10.92
CA GLU B 486 -3.17 59.17 -12.01
C GLU B 486 -2.43 57.83 -12.04
N ALA B 487 -2.19 57.24 -10.87
CA ALA B 487 -1.54 55.93 -10.83
C ALA B 487 -2.45 54.86 -11.43
N GLU B 488 -3.74 54.89 -11.07
CA GLU B 488 -4.68 53.94 -11.65
C GLU B 488 -4.73 54.08 -13.17
N ILE B 489 -4.76 55.32 -13.66
CA ILE B 489 -4.78 55.56 -15.10
C ILE B 489 -3.50 55.09 -15.77
N ALA B 490 -2.35 55.33 -15.14
CA ALA B 490 -1.06 55.05 -15.78
C ALA B 490 -0.71 53.57 -15.80
N HIS B 491 -1.31 52.76 -14.94
CA HIS B 491 -1.02 51.33 -14.87
C HIS B 491 -2.00 50.49 -15.66
N VAL B 492 -2.87 51.12 -16.46
CA VAL B 492 -3.84 50.35 -17.23
C VAL B 492 -3.16 49.64 -18.38
N GLU B 493 -3.60 48.42 -18.65
CA GLU B 493 -3.21 47.65 -19.83
C GLU B 493 -4.46 46.99 -20.37
N PRO B 494 -4.54 46.76 -21.68
CA PRO B 494 -5.72 46.10 -22.25
C PRO B 494 -5.59 44.59 -22.31
N ILE B 495 -6.71 43.93 -22.00
CA ILE B 495 -6.89 42.50 -22.26
C ILE B 495 -7.52 42.40 -23.65
N GLN B 496 -6.66 42.36 -24.67
CA GLN B 496 -7.12 42.65 -26.02
C GLN B 496 -8.09 41.59 -26.55
N LYS B 497 -7.92 40.33 -26.14
CA LYS B 497 -8.79 39.29 -26.69
C LYS B 497 -10.25 39.55 -26.35
N ARG B 498 -10.54 39.83 -25.07
CA ARG B 498 -11.92 40.08 -24.67
C ARG B 498 -12.45 41.38 -25.26
N ILE B 499 -11.60 42.40 -25.42
CA ILE B 499 -12.05 43.65 -26.04
C ILE B 499 -12.46 43.41 -27.48
N ASN B 500 -11.61 42.72 -28.24
CA ASN B 500 -11.94 42.42 -29.63
C ASN B 500 -13.19 41.55 -29.71
N TYR B 501 -13.36 40.62 -28.77
CA TYR B 501 -14.56 39.80 -28.74
C TYR B 501 -15.81 40.64 -28.47
N LEU B 502 -15.72 41.54 -27.49
CA LEU B 502 -16.84 42.45 -27.22
C LEU B 502 -17.22 43.23 -28.46
N PHE B 503 -16.23 43.79 -29.16
CA PHE B 503 -16.56 44.61 -30.31
C PHE B 503 -17.06 43.76 -31.48
N SER B 504 -16.63 42.49 -31.58
CA SER B 504 -17.22 41.60 -32.57
C SER B 504 -18.69 41.34 -32.26
N LEU B 505 -18.99 41.02 -30.99
CA LEU B 505 -20.38 40.89 -30.55
C LEU B 505 -21.18 42.12 -30.95
N LYS B 506 -20.66 43.32 -30.66
CA LYS B 506 -21.34 44.54 -31.09
C LYS B 506 -21.57 44.53 -32.60
N ALA B 507 -20.54 44.13 -33.36
CA ALA B 507 -20.58 44.18 -34.81
C ALA B 507 -21.60 43.22 -35.39
N LYS B 508 -21.97 42.17 -34.66
CA LYS B 508 -22.97 41.21 -35.11
C LYS B 508 -24.35 41.47 -34.50
N GLY B 509 -24.69 42.73 -34.28
CA GLY B 509 -26.02 43.19 -33.89
C GLY B 509 -26.32 43.17 -32.39
N HIS B 510 -25.67 42.28 -31.64
CA HIS B 510 -25.95 42.19 -30.21
C HIS B 510 -25.61 43.49 -29.49
N ASP B 511 -26.40 43.80 -28.46
CA ASP B 511 -26.19 44.99 -27.65
C ASP B 511 -25.23 44.64 -26.51
N VAL B 512 -24.23 45.50 -26.29
CA VAL B 512 -23.27 45.26 -25.23
C VAL B 512 -23.15 46.49 -24.34
N ALA B 513 -22.77 46.26 -23.08
CA ALA B 513 -22.51 47.32 -22.14
C ALA B 513 -21.59 46.77 -21.06
N MET B 514 -21.04 47.68 -20.26
CA MET B 514 -20.13 47.33 -19.17
C MET B 514 -20.82 47.53 -17.82
N ALA B 515 -20.44 46.69 -16.85
CA ALA B 515 -20.99 46.76 -15.51
C ALA B 515 -19.86 46.48 -14.52
N SER B 516 -19.52 47.49 -13.71
CA SER B 516 -18.35 47.44 -12.83
C SER B 516 -18.72 47.93 -11.44
N ASP B 517 -18.19 47.25 -10.43
CA ASP B 517 -18.25 47.68 -9.04
C ASP B 517 -16.92 48.36 -8.72
N MET B 518 -16.91 49.70 -8.73
CA MET B 518 -15.71 50.49 -8.50
C MET B 518 -16.06 51.86 -7.98
N TYR B 519 -15.27 52.35 -7.02
CA TYR B 519 -15.54 53.62 -6.36
C TYR B 519 -15.07 54.82 -7.18
N LEU B 520 -14.24 54.60 -8.20
CA LEU B 520 -13.72 55.72 -8.98
C LEU B 520 -14.84 56.40 -9.76
N PRO B 521 -14.71 57.70 -10.03
CA PRO B 521 -15.71 58.39 -10.83
C PRO B 521 -15.73 57.86 -12.25
N GLU B 522 -16.86 58.06 -12.93
CA GLU B 522 -17.05 57.48 -14.24
C GLU B 522 -16.06 58.05 -15.25
N ASP B 523 -15.72 59.33 -15.13
CA ASP B 523 -14.76 59.93 -16.05
C ASP B 523 -13.38 59.29 -15.93
N VAL B 524 -12.97 58.96 -14.70
CA VAL B 524 -11.68 58.30 -14.53
C VAL B 524 -11.71 56.89 -15.13
N ILE B 525 -12.82 56.18 -14.96
CA ILE B 525 -12.93 54.86 -15.56
C ILE B 525 -12.84 54.95 -17.07
N TYR B 526 -13.47 55.97 -17.65
CA TYR B 526 -13.40 56.17 -19.10
C TYR B 526 -11.99 56.55 -19.55
N LYS B 527 -11.30 57.38 -18.77
CA LYS B 527 -9.90 57.68 -19.09
C LYS B 527 -9.06 56.41 -19.10
N MET B 528 -9.31 55.52 -18.14
CA MET B 528 -8.57 54.26 -18.07
C MET B 528 -8.92 53.38 -19.26
N LEU B 529 -10.20 53.33 -19.63
CA LEU B 529 -10.61 52.56 -20.79
C LEU B 529 -9.95 53.10 -22.06
N ASP B 530 -9.82 54.43 -22.17
CA ASP B 530 -9.09 55.01 -23.29
C ASP B 530 -7.63 54.54 -23.28
N ARG B 531 -6.99 54.59 -22.10
CA ARG B 531 -5.63 54.07 -22.00
C ARG B 531 -5.54 52.63 -22.47
N ALA B 532 -6.60 51.85 -22.27
CA ALA B 532 -6.61 50.46 -22.68
C ALA B 532 -6.99 50.26 -24.15
N ASP B 533 -8.03 50.97 -24.61
CA ASP B 533 -8.45 50.87 -26.02
C ASP B 533 -9.37 52.04 -26.31
N THR B 534 -9.00 52.85 -27.31
CA THR B 534 -9.68 54.13 -27.48
C THR B 534 -11.16 53.96 -27.81
N ARG B 535 -11.55 52.86 -28.49
CA ARG B 535 -12.94 52.74 -28.91
C ARG B 535 -13.85 52.16 -27.83
N LEU B 536 -13.30 51.60 -26.75
CA LEU B 536 -14.13 51.07 -25.68
C LEU B 536 -14.98 52.14 -25.08
N ARG B 537 -14.54 53.37 -25.24
CA ARG B 537 -15.28 54.51 -24.75
C ARG B 537 -16.67 54.59 -25.38
N GLU B 538 -16.85 54.03 -26.58
CA GLU B 538 -18.15 54.03 -27.26
C GLU B 538 -19.23 53.27 -26.49
N ILE B 539 -18.86 52.37 -25.59
CA ILE B 539 -19.79 51.41 -24.99
C ILE B 539 -20.50 51.99 -23.77
N PRO B 540 -21.78 51.68 -23.57
CA PRO B 540 -22.48 52.12 -22.37
C PRO B 540 -21.84 51.54 -21.11
N LEU B 541 -21.76 52.38 -20.07
CA LEU B 541 -21.12 52.03 -18.81
C LEU B 541 -22.12 52.11 -17.67
N TYR B 542 -22.24 51.01 -16.92
CA TYR B 542 -23.04 50.95 -15.70
C TYR B 542 -22.06 50.84 -14.54
N LEU B 543 -21.78 51.97 -13.89
CA LEU B 543 -20.77 52.06 -12.85
C LEU B 543 -21.44 52.22 -11.49
N SER B 544 -21.06 51.37 -10.54
CA SER B 544 -21.72 51.38 -9.23
C SER B 544 -21.57 52.72 -8.53
N SER B 545 -20.41 53.38 -8.69
CA SER B 545 -20.18 54.62 -7.96
C SER B 545 -21.13 55.72 -8.41
N THR B 546 -21.59 55.67 -9.66
CA THR B 546 -22.53 56.64 -10.19
C THR B 546 -23.98 56.20 -10.02
N ILE B 547 -24.25 54.90 -10.10
CA ILE B 547 -25.62 54.40 -10.03
C ILE B 547 -26.06 54.25 -8.58
N GLY B 548 -25.19 53.70 -7.74
CA GLY B 548 -25.49 53.45 -6.35
C GLY B 548 -25.75 51.99 -6.01
N TYR B 549 -26.03 51.17 -7.01
CA TYR B 549 -26.24 49.74 -6.82
C TYR B 549 -25.05 48.97 -7.36
N GLN B 550 -24.81 47.80 -6.77
CA GLN B 550 -23.61 47.01 -7.06
C GLN B 550 -24.02 45.67 -7.65
N LYS B 551 -23.02 44.95 -8.15
CA LYS B 551 -23.24 43.59 -8.63
C LYS B 551 -23.23 42.58 -7.50
N SER B 552 -22.36 42.80 -6.51
CA SER B 552 -22.26 41.87 -5.38
C SER B 552 -23.60 41.65 -4.70
N THR B 553 -24.46 42.68 -4.66
CA THR B 553 -25.80 42.55 -4.11
C THR B 553 -26.83 42.15 -5.15
N GLY B 554 -26.49 42.22 -6.43
CA GLY B 554 -27.41 41.93 -7.51
C GLY B 554 -28.32 43.09 -7.87
N LYS B 555 -28.28 44.19 -7.12
CA LYS B 555 -29.19 45.29 -7.41
C LYS B 555 -28.76 46.06 -8.65
N LEU B 556 -27.46 46.07 -8.96
CA LEU B 556 -27.01 46.68 -10.20
C LEU B 556 -27.55 45.94 -11.42
N TYR B 557 -27.65 44.62 -11.33
CA TYR B 557 -28.25 43.86 -12.44
C TYR B 557 -29.73 44.19 -12.60
N GLN B 558 -30.47 44.28 -11.50
CA GLN B 558 -31.86 44.71 -11.58
C GLN B 558 -31.96 46.10 -12.19
N HIS B 559 -31.08 47.01 -11.79
CA HIS B 559 -31.09 48.36 -12.34
C HIS B 559 -30.85 48.31 -13.85
N ILE B 560 -29.86 47.52 -14.29
CA ILE B 560 -29.61 47.40 -15.72
C ILE B 560 -30.86 46.90 -16.42
N PHE B 561 -31.51 45.88 -15.87
CA PHE B 561 -32.73 45.34 -16.47
C PHE B 561 -33.79 46.40 -16.63
N PHE B 562 -34.09 47.13 -15.55
CA PHE B 562 -35.22 48.05 -15.57
C PHE B 562 -34.90 49.30 -16.39
N ASP B 563 -33.65 49.76 -16.37
CA ASP B 563 -33.24 50.90 -17.17
C ASP B 563 -33.21 50.56 -18.65
N LEU B 564 -32.99 49.30 -18.99
CA LEU B 564 -32.99 48.88 -20.38
C LEU B 564 -34.40 48.60 -20.86
N ASP B 565 -34.59 48.67 -22.18
CA ASP B 565 -35.81 48.18 -22.82
C ASP B 565 -35.59 46.71 -23.14
N TYR B 566 -35.78 45.87 -22.11
CA TYR B 566 -35.34 44.47 -22.19
C TYR B 566 -36.19 43.71 -23.19
N GLN B 567 -35.66 43.51 -24.40
CA GLN B 567 -36.29 42.76 -25.46
C GLN B 567 -35.35 41.65 -25.95
N TYR B 568 -34.70 40.98 -25.01
CA TYR B 568 -33.56 40.14 -25.31
C TYR B 568 -33.91 38.67 -25.18
N SER B 569 -33.35 37.84 -26.07
CA SER B 569 -33.58 36.40 -25.97
C SER B 569 -32.80 35.82 -24.80
N ARG B 570 -31.57 36.30 -24.58
CA ARG B 570 -30.75 35.85 -23.46
C ARG B 570 -29.82 36.99 -23.05
N TRP B 571 -29.29 36.87 -21.85
CA TRP B 571 -28.37 37.85 -21.27
C TRP B 571 -27.11 37.12 -20.82
N THR B 572 -25.98 37.50 -21.39
CA THR B 572 -24.69 36.93 -21.03
C THR B 572 -23.82 37.98 -20.38
N HIS B 573 -23.11 37.58 -19.32
CA HIS B 573 -22.23 38.47 -18.58
C HIS B 573 -20.87 37.82 -18.44
N TYR B 574 -19.83 38.55 -18.82
CA TYR B 574 -18.45 38.07 -18.77
C TYR B 574 -17.70 38.77 -17.65
N GLY B 575 -17.11 37.97 -16.76
CA GLY B 575 -16.43 38.54 -15.60
C GLY B 575 -15.39 37.62 -15.03
N ASP B 576 -14.74 38.11 -13.97
CA ASP B 576 -13.71 37.38 -13.25
C ASP B 576 -14.16 36.96 -11.86
N ASN B 577 -15.03 37.75 -11.22
CA ASN B 577 -15.44 37.48 -9.85
C ASN B 577 -16.41 36.31 -9.83
N LYS B 578 -16.07 35.27 -9.06
CA LYS B 578 -16.91 34.07 -9.01
C LYS B 578 -18.28 34.38 -8.44
N HIS B 579 -18.36 35.38 -7.56
CA HIS B 579 -19.61 35.75 -6.91
C HIS B 579 -20.27 36.94 -7.64
N ALA B 580 -19.59 38.08 -7.66
CA ALA B 580 -20.19 39.27 -8.25
C ALA B 580 -20.53 39.07 -9.73
N ASP B 581 -19.73 38.29 -10.45
CA ASP B 581 -19.93 38.05 -11.86
C ASP B 581 -20.39 36.63 -12.17
N GLY B 582 -20.81 35.88 -11.16
CA GLY B 582 -21.21 34.50 -11.36
C GLY B 582 -22.48 34.14 -10.62
N SER B 583 -22.36 33.80 -9.33
CA SER B 583 -23.52 33.34 -8.57
C SER B 583 -24.61 34.40 -8.56
N VAL B 584 -24.25 35.65 -8.32
CA VAL B 584 -25.22 36.73 -8.21
C VAL B 584 -25.95 36.89 -9.54
N PRO B 585 -25.26 37.15 -10.64
CA PRO B 585 -25.97 37.26 -11.93
C PRO B 585 -26.74 36.01 -12.30
N ARG B 586 -26.26 34.83 -11.88
CA ARG B 586 -26.96 33.60 -12.19
C ARG B 586 -28.28 33.47 -11.43
N ARG B 587 -28.34 33.99 -10.20
CA ARG B 587 -29.62 33.98 -9.50
C ARG B 587 -30.62 34.97 -10.09
N LEU B 588 -30.22 35.77 -11.08
CA LEU B 588 -31.15 36.56 -11.87
C LEU B 588 -31.42 35.95 -13.25
N GLY B 589 -31.08 34.68 -13.43
CA GLY B 589 -31.34 34.02 -14.70
C GLY B 589 -30.32 34.31 -15.77
N ILE B 590 -29.30 35.12 -15.47
CA ILE B 590 -28.31 35.52 -16.45
C ILE B 590 -27.31 34.40 -16.68
N GLN B 591 -26.96 34.18 -17.94
CA GLN B 591 -25.89 33.26 -18.29
C GLN B 591 -24.54 33.96 -18.10
N THR B 592 -23.58 33.26 -17.52
CA THR B 592 -22.32 33.89 -17.15
C THR B 592 -21.13 33.14 -17.75
N ALA B 593 -20.12 33.91 -18.16
CA ALA B 593 -18.79 33.42 -18.49
C ALA B 593 -17.84 34.10 -17.50
N VAL B 594 -17.56 33.44 -16.40
CA VAL B 594 -16.70 33.97 -15.35
C VAL B 594 -15.37 33.21 -15.44
N HIS B 595 -14.29 33.96 -15.67
CA HIS B 595 -12.97 33.38 -15.85
C HIS B 595 -12.11 33.58 -14.61
N ASP B 596 -10.84 33.18 -14.72
CA ASP B 596 -9.91 33.33 -13.61
C ASP B 596 -9.14 34.64 -13.77
N ILE B 597 -8.90 35.29 -12.66
CA ILE B 597 -8.14 36.54 -12.64
C ILE B 597 -6.66 36.22 -12.68
N ASP B 598 -5.88 37.13 -13.26
CA ASP B 598 -4.43 36.99 -13.25
C ASP B 598 -3.94 36.91 -11.81
N ASP B 599 -2.97 36.03 -11.57
CA ASP B 599 -2.44 35.84 -10.22
C ASP B 599 -1.03 35.29 -10.31
N PHE B 600 -0.29 35.49 -9.22
CA PHE B 600 1.08 35.04 -9.11
C PHE B 600 1.12 33.55 -8.80
N ILE B 601 2.34 33.02 -8.71
CA ILE B 601 2.57 31.63 -8.30
C ILE B 601 3.57 31.70 -7.15
N PRO B 602 3.88 30.58 -6.50
CA PRO B 602 4.61 30.65 -5.22
C PRO B 602 5.81 31.59 -5.25
N PHE B 603 6.71 31.43 -6.23
CA PHE B 603 7.93 32.22 -6.24
C PHE B 603 7.64 33.71 -6.34
N GLU B 604 6.73 34.10 -7.22
CA GLU B 604 6.42 35.51 -7.40
C GLU B 604 5.75 36.09 -6.16
N ASN B 605 4.75 35.37 -5.63
CA ASN B 605 4.07 35.83 -4.42
C ASN B 605 5.06 36.02 -3.27
N ALA B 606 5.96 35.05 -3.09
CA ALA B 606 6.95 35.16 -2.02
C ALA B 606 7.90 36.33 -2.26
N MET B 607 8.32 36.53 -3.51
CA MET B 607 9.17 37.67 -3.83
C MET B 607 8.51 38.98 -3.44
N VAL B 608 7.22 39.13 -3.75
CA VAL B 608 6.56 40.38 -3.43
C VAL B 608 6.36 40.51 -1.92
N ASN B 609 5.95 39.42 -1.27
CA ASN B 609 5.66 39.45 0.15
C ASN B 609 6.90 39.72 1.01
N ALA B 610 8.09 39.48 0.47
CA ALA B 610 9.32 39.59 1.24
C ALA B 610 9.87 41.02 1.30
N MET B 611 9.29 41.94 0.55
CA MET B 611 9.83 43.28 0.43
C MET B 611 9.16 44.22 1.43
N ASP B 612 9.92 45.21 1.89
CA ASP B 612 9.36 46.28 2.70
C ASP B 612 8.93 47.41 1.78
N ASN B 613 8.51 48.54 2.35
CA ASN B 613 7.98 49.63 1.54
C ASN B 613 8.99 50.09 0.49
N TYR B 614 10.29 49.99 0.79
CA TYR B 614 11.29 50.48 -0.14
C TYR B 614 11.34 49.64 -1.41
N ASN B 615 11.07 48.33 -1.31
CA ASN B 615 11.28 47.40 -2.41
C ASN B 615 10.00 46.73 -2.90
N ARG B 616 8.83 47.11 -2.38
CA ARG B 616 7.62 46.36 -2.72
C ARG B 616 7.16 46.63 -4.15
N TYR B 617 7.18 47.89 -4.59
CA TYR B 617 6.68 48.19 -5.93
C TYR B 617 7.54 47.57 -7.01
N PRO B 618 8.87 47.70 -7.00
CA PRO B 618 9.68 47.02 -8.01
C PRO B 618 9.53 45.51 -7.95
N ALA B 619 9.28 44.95 -6.76
CA ALA B 619 9.01 43.52 -6.69
C ALA B 619 7.70 43.16 -7.37
N TYR B 620 6.68 44.00 -7.20
CA TYR B 620 5.45 43.82 -7.97
C TYR B 620 5.73 43.85 -9.47
N GLN B 621 6.54 44.81 -9.90
CA GLN B 621 6.85 44.92 -11.33
C GLN B 621 7.53 43.67 -11.84
N LEU B 622 8.54 43.18 -11.11
CA LEU B 622 9.28 42.01 -11.57
C LEU B 622 8.41 40.76 -11.54
N ALA B 623 7.60 40.59 -10.49
CA ALA B 623 6.70 39.45 -10.43
C ALA B 623 5.68 39.48 -11.56
N THR B 624 5.15 40.67 -11.89
CA THR B 624 4.21 40.77 -13.00
C THR B 624 4.90 40.49 -14.32
N LYS B 625 6.15 40.91 -14.47
CA LYS B 625 6.90 40.56 -15.67
C LYS B 625 7.08 39.05 -15.78
N MET B 626 7.36 38.38 -14.66
CA MET B 626 7.46 36.92 -14.65
C MET B 626 6.13 36.30 -15.05
N HIS B 627 5.03 36.81 -14.50
CA HIS B 627 3.70 36.30 -14.82
C HIS B 627 3.41 36.47 -16.31
N ARG B 628 3.70 37.64 -16.86
CA ARG B 628 3.48 37.87 -18.27
C ARG B 628 4.33 36.92 -19.11
N TYR B 629 5.57 36.67 -18.70
CA TYR B 629 6.44 35.80 -19.47
C TYR B 629 5.90 34.37 -19.50
N ARG B 630 5.56 33.82 -18.33
CA ARG B 630 5.05 32.46 -18.32
C ARG B 630 3.70 32.35 -19.02
N THR B 631 2.85 33.36 -18.87
CA THR B 631 1.57 33.38 -19.56
C THR B 631 1.79 33.36 -21.07
N GLN B 632 2.70 34.19 -21.58
CA GLN B 632 3.01 34.18 -23.01
C GLN B 632 3.56 32.83 -23.44
N LEU B 633 4.44 32.25 -22.63
CA LEU B 633 5.08 31.00 -23.00
C LEU B 633 4.06 29.88 -23.14
N VAL B 634 3.15 29.75 -22.19
CA VAL B 634 2.23 28.61 -22.18
C VAL B 634 0.98 28.88 -23.01
N GLN B 635 0.48 30.12 -23.03
CA GLN B 635 -0.81 30.46 -23.61
C GLN B 635 -0.74 31.17 -24.94
N GLU B 636 0.34 31.91 -25.23
CA GLU B 636 0.53 32.54 -26.53
C GLU B 636 1.43 31.72 -27.44
N ASN B 637 2.65 31.42 -26.99
CA ASN B 637 3.46 30.44 -27.68
C ASN B 637 2.92 29.04 -27.39
N GLY B 638 3.08 28.14 -28.34
CA GLY B 638 2.55 26.81 -28.20
C GLY B 638 3.50 25.87 -27.50
N PHE B 639 4.25 26.39 -26.52
CA PHE B 639 5.31 25.62 -25.90
C PHE B 639 4.72 24.54 -24.99
N GLY B 640 5.43 23.43 -24.89
CA GLY B 640 5.06 22.34 -24.02
C GLY B 640 5.58 22.55 -22.61
N ASN B 641 5.38 21.52 -21.79
CA ASN B 641 5.71 21.62 -20.38
C ASN B 641 7.22 21.78 -20.18
N THR B 642 8.01 20.86 -20.75
CA THR B 642 9.45 20.87 -20.50
C THR B 642 10.09 22.18 -20.97
N LEU B 643 9.77 22.62 -22.19
CA LEU B 643 10.39 23.83 -22.71
C LEU B 643 9.96 25.06 -21.93
N PHE B 644 8.65 25.17 -21.65
CA PHE B 644 8.17 26.27 -20.83
C PHE B 644 8.90 26.32 -19.50
N GLU B 645 8.97 25.19 -18.81
CA GLU B 645 9.59 25.16 -17.49
C GLU B 645 11.06 25.55 -17.58
N THR B 646 11.77 25.02 -18.58
CA THR B 646 13.17 25.40 -18.76
C THR B 646 13.32 26.90 -18.95
N LYS B 647 12.51 27.48 -19.85
CA LYS B 647 12.66 28.90 -20.13
C LYS B 647 12.31 29.75 -18.92
N TYR B 648 11.22 29.41 -18.23
CA TYR B 648 10.80 30.19 -17.08
C TYR B 648 11.82 30.10 -15.95
N TYR B 649 12.38 28.91 -15.71
CA TYR B 649 13.40 28.80 -14.68
C TYR B 649 14.63 29.61 -15.05
N ASN B 650 15.22 29.33 -16.22
CA ASN B 650 16.38 30.07 -16.69
C ASN B 650 16.18 31.57 -16.57
N TYR B 651 15.00 32.06 -16.94
CA TYR B 651 14.68 33.48 -16.78
C TYR B 651 14.62 33.84 -15.30
N ALA B 652 13.48 33.57 -14.65
CA ALA B 652 13.23 34.12 -13.33
C ALA B 652 14.29 33.65 -12.33
N TYR B 653 14.41 32.34 -12.14
CA TYR B 653 15.21 31.83 -11.04
C TYR B 653 16.68 32.13 -11.24
N VAL B 654 17.22 31.80 -12.41
CA VAL B 654 18.65 31.99 -12.63
C VAL B 654 18.98 33.47 -12.73
N GLY B 655 18.07 34.31 -13.24
CA GLY B 655 18.32 35.74 -13.23
C GLY B 655 18.37 36.30 -11.82
N ALA B 656 17.36 35.99 -11.00
CA ALA B 656 17.41 36.40 -9.60
C ALA B 656 18.67 35.90 -8.92
N SER B 657 19.16 34.73 -9.31
CA SER B 657 20.34 34.17 -8.65
C SER B 657 21.62 34.87 -9.07
N PHE B 658 21.73 35.28 -10.34
CA PHE B 658 22.99 35.77 -10.88
C PHE B 658 23.03 37.29 -11.10
N VAL B 659 22.01 37.87 -11.71
CA VAL B 659 22.08 39.24 -12.22
C VAL B 659 22.22 40.26 -11.10
N PRO B 660 21.42 40.22 -10.03
CA PRO B 660 21.64 41.19 -8.94
C PRO B 660 23.05 41.14 -8.40
N TYR B 661 23.62 39.94 -8.29
CA TYR B 661 24.99 39.80 -7.80
C TYR B 661 25.97 40.51 -8.72
N ILE B 662 25.88 40.25 -10.02
CA ILE B 662 26.79 40.85 -10.97
C ILE B 662 26.62 42.36 -10.99
N ASN B 663 25.38 42.83 -10.84
CA ASN B 663 25.12 44.27 -10.77
C ASN B 663 25.83 44.88 -9.57
N TRP B 664 25.63 44.28 -8.40
CA TRP B 664 26.32 44.75 -7.21
C TRP B 664 27.83 44.76 -7.43
N ALA B 665 28.36 43.68 -8.00
CA ALA B 665 29.80 43.57 -8.16
C ALA B 665 30.33 44.65 -9.11
N ILE B 666 29.62 44.90 -10.20
CA ILE B 666 30.05 45.91 -11.17
C ILE B 666 30.03 47.28 -10.53
N LYS B 667 28.95 47.59 -9.81
CA LYS B 667 28.86 48.90 -9.16
C LYS B 667 29.92 49.05 -8.08
N ASP B 668 30.18 47.97 -7.32
CA ASP B 668 31.19 48.03 -6.27
C ASP B 668 32.58 48.20 -6.85
N ALA B 669 32.84 47.61 -8.02
CA ALA B 669 34.14 47.76 -8.65
C ALA B 669 34.31 49.17 -9.17
N ILE B 670 33.27 49.72 -9.82
CA ILE B 670 33.32 51.12 -10.22
C ILE B 670 33.58 52.02 -9.02
N LYS B 671 32.96 51.69 -7.87
CA LYS B 671 33.16 52.49 -6.67
C LYS B 671 34.60 52.39 -6.15
N ARG B 672 35.15 51.17 -6.11
CA ARG B 672 36.50 50.96 -5.60
C ARG B 672 37.58 51.38 -6.57
N GLY B 673 37.24 51.76 -7.80
CA GLY B 673 38.22 52.26 -8.74
C GLY B 673 38.81 51.21 -9.65
N TYR B 674 38.20 50.03 -9.76
CA TYR B 674 38.73 48.99 -10.63
C TYR B 674 38.48 49.35 -12.08
N GLU B 675 39.51 49.25 -12.91
CA GLU B 675 39.38 49.55 -14.33
C GLU B 675 38.97 48.34 -15.16
N THR B 676 39.42 47.15 -14.78
CA THR B 676 39.15 45.93 -15.52
C THR B 676 38.61 44.86 -14.58
N ILE B 677 37.65 44.10 -15.07
CA ILE B 677 37.06 42.99 -14.33
C ILE B 677 37.30 41.72 -15.14
N TYR B 678 37.99 40.76 -14.53
CA TYR B 678 38.30 39.48 -15.16
C TYR B 678 37.37 38.40 -14.63
N PHE B 679 36.81 37.60 -15.54
CA PHE B 679 35.96 36.47 -15.20
C PHE B 679 36.72 35.17 -15.48
N ILE B 680 36.78 34.29 -14.47
CA ILE B 680 37.60 33.09 -14.53
C ILE B 680 36.79 31.94 -15.12
N SER B 681 37.50 30.91 -15.60
CA SER B 681 36.93 29.91 -16.48
C SER B 681 35.72 29.22 -15.85
N ARG B 682 34.80 28.78 -16.71
CA ARG B 682 33.59 28.05 -16.35
C ARG B 682 32.57 28.92 -15.62
N ASP B 683 32.83 29.22 -14.35
CA ASP B 683 31.91 30.05 -13.58
C ASP B 683 31.71 31.43 -14.21
N GLY B 684 32.71 31.92 -14.93
CA GLY B 684 32.69 33.27 -15.46
C GLY B 684 32.01 33.47 -16.80
N HIS B 685 31.61 32.40 -17.50
CA HIS B 685 30.95 32.53 -18.79
C HIS B 685 29.64 33.31 -18.69
N PHE B 686 28.67 32.75 -17.97
CA PHE B 686 27.38 33.43 -17.80
C PHE B 686 27.55 34.75 -17.10
N LEU B 687 28.41 34.81 -16.09
CA LEU B 687 28.58 36.03 -15.32
C LEU B 687 29.12 37.16 -16.19
N LYS B 688 30.04 36.84 -17.10
CA LYS B 688 30.58 37.86 -17.98
C LYS B 688 29.55 38.29 -19.01
N GLN B 689 28.73 37.35 -19.50
CA GLN B 689 27.62 37.74 -20.36
C GLN B 689 26.70 38.74 -19.67
N ILE B 690 26.32 38.43 -18.43
CA ILE B 690 25.46 39.32 -17.65
C ILE B 690 26.11 40.69 -17.48
N ALA B 691 27.38 40.70 -17.07
CA ALA B 691 28.06 41.97 -16.81
C ALA B 691 28.17 42.81 -18.07
N ASP B 692 28.44 42.16 -19.21
CA ASP B 692 28.49 42.89 -20.47
C ASP B 692 27.13 43.50 -20.80
N LYS B 693 26.06 42.74 -20.60
CA LYS B 693 24.73 43.30 -20.87
C LYS B 693 24.43 44.48 -19.95
N ILE B 694 24.78 44.36 -18.67
CA ILE B 694 24.52 45.43 -17.71
C ILE B 694 25.31 46.68 -18.09
N ILE B 695 26.58 46.52 -18.46
CA ILE B 695 27.41 47.65 -18.81
C ILE B 695 26.91 48.31 -20.09
N GLU B 696 26.45 47.50 -21.04
CA GLU B 696 25.86 48.04 -22.26
C GLU B 696 24.65 48.89 -21.95
N ILE B 697 23.69 48.34 -21.21
CA ILE B 697 22.44 49.06 -20.96
C ILE B 697 22.70 50.31 -20.13
N ARG B 698 23.38 50.14 -18.99
CA ARG B 698 23.62 51.26 -18.08
C ARG B 698 24.75 52.18 -18.55
N GLY B 699 25.55 51.76 -19.52
CA GLY B 699 26.66 52.58 -20.00
C GLY B 699 27.76 52.85 -18.98
N TYR B 700 28.13 51.84 -18.21
CA TYR B 700 29.18 52.00 -17.21
C TYR B 700 30.55 52.03 -17.87
N ASN B 701 31.48 52.72 -17.22
CA ASN B 701 32.86 52.87 -17.71
C ASN B 701 33.74 51.85 -16.99
N VAL B 702 33.83 50.65 -17.57
CA VAL B 702 34.63 49.57 -17.01
C VAL B 702 34.77 48.47 -18.06
N LYS B 703 35.98 47.94 -18.22
CA LYS B 703 36.24 46.88 -19.18
C LYS B 703 36.08 45.51 -18.53
N THR B 704 35.71 44.53 -19.35
CA THR B 704 35.61 43.15 -18.92
C THR B 704 36.48 42.26 -19.80
N LYS B 705 37.16 41.31 -19.17
CA LYS B 705 37.97 40.33 -19.88
C LYS B 705 37.69 38.94 -19.32
N TYR B 706 38.02 37.94 -20.14
CA TYR B 706 37.77 36.54 -19.79
C TYR B 706 39.09 35.79 -19.72
N ILE B 707 39.27 35.02 -18.65
CA ILE B 707 40.52 34.33 -18.37
C ILE B 707 40.20 32.85 -18.15
N TYR B 708 40.99 31.98 -18.78
CA TYR B 708 40.79 30.55 -18.69
C TYR B 708 41.72 29.93 -17.64
N GLY B 709 41.18 29.02 -16.86
CA GLY B 709 41.93 28.39 -15.78
C GLY B 709 41.04 27.46 -15.00
N SER B 710 41.61 26.92 -13.93
CA SER B 710 40.90 25.94 -13.10
C SER B 710 41.83 25.55 -11.96
N ARG B 711 41.27 24.79 -11.01
CA ARG B 711 42.09 24.26 -9.92
C ARG B 711 43.21 23.39 -10.46
N LYS B 712 42.90 22.48 -11.39
CA LYS B 712 43.92 21.57 -11.89
C LYS B 712 45.02 22.34 -12.63
N ALA B 713 44.63 23.30 -13.46
CA ALA B 713 45.60 24.06 -14.25
C ALA B 713 46.37 25.10 -13.44
N TRP B 714 45.98 25.35 -12.19
CA TRP B 714 46.57 26.44 -11.42
C TRP B 714 47.19 26.00 -10.10
N ARG B 715 46.79 24.87 -9.54
CA ARG B 715 47.29 24.48 -8.23
C ARG B 715 48.75 24.08 -8.32
N LEU B 716 49.04 23.09 -9.16
CA LEU B 716 50.43 22.62 -9.28
C LEU B 716 51.38 23.74 -9.66
N PRO B 717 51.12 24.55 -10.69
CA PRO B 717 52.06 25.62 -11.01
C PRO B 717 52.22 26.64 -9.90
N SER B 718 51.22 26.78 -9.01
CA SER B 718 51.31 27.78 -7.95
C SER B 718 52.35 27.43 -6.91
N PHE B 719 52.91 26.22 -6.93
CA PHE B 719 53.94 25.82 -5.98
C PHE B 719 55.27 26.43 -6.43
N ILE B 720 55.51 27.67 -6.02
CA ILE B 720 56.71 28.37 -6.45
C ILE B 720 57.93 27.86 -5.69
N THR B 721 57.95 28.02 -4.37
CA THR B 721 59.07 27.57 -3.56
C THR B 721 58.72 26.50 -2.54
N LYS B 722 57.45 26.09 -2.46
CA LYS B 722 57.02 25.09 -1.50
C LYS B 722 55.71 24.49 -1.96
N VAL B 723 55.45 23.25 -1.56
CA VAL B 723 54.15 22.64 -1.78
C VAL B 723 53.25 22.96 -0.59
N ASP B 724 52.07 23.50 -0.86
CA ASP B 724 51.16 23.94 0.19
C ASP B 724 50.76 22.77 1.07
N ASP B 725 50.76 23.00 2.39
CA ASP B 725 50.26 21.97 3.29
C ASP B 725 48.78 21.71 3.08
N GLU B 726 48.05 22.69 2.54
CA GLU B 726 46.66 22.48 2.17
C GLU B 726 46.49 21.31 1.22
N THR B 727 47.51 21.01 0.41
CA THR B 727 47.45 19.88 -0.51
C THR B 727 47.20 18.58 0.24
N PHE B 728 47.62 18.49 1.50
CA PHE B 728 47.49 17.27 2.29
C PHE B 728 46.40 17.40 3.36
N TRP B 729 45.51 18.37 3.23
CA TRP B 729 44.44 18.61 4.19
C TRP B 729 43.13 18.02 3.68
N GLN B 730 42.06 18.26 4.44
CA GLN B 730 40.75 17.69 4.13
C GLN B 730 40.22 18.19 2.79
N PHE B 731 40.72 19.32 2.30
CA PHE B 731 40.29 19.89 1.02
C PHE B 731 41.45 20.01 0.05
N GLY B 732 42.42 19.10 0.16
CA GLY B 732 43.58 19.08 -0.70
C GLY B 732 43.33 18.34 -1.99
N ASN B 733 44.40 17.74 -2.54
CA ASN B 733 44.27 17.01 -3.79
C ASN B 733 43.82 15.58 -3.58
N PHE B 734 44.08 15.01 -2.41
CA PHE B 734 43.69 13.64 -2.08
C PHE B 734 42.35 13.61 -1.37
N VAL B 735 41.44 14.51 -1.74
CA VAL B 735 40.09 14.62 -1.18
C VAL B 735 39.07 14.27 -2.25
N GLY B 736 38.18 13.34 -1.93
CA GLY B 736 37.15 12.90 -2.85
C GLY B 736 37.43 11.60 -3.58
N MET B 737 38.52 10.92 -3.25
CA MET B 737 38.83 9.65 -3.90
C MET B 737 37.72 8.65 -3.64
N ASP B 738 37.25 7.99 -4.69
CA ASP B 738 36.23 6.95 -4.61
C ASP B 738 36.73 5.60 -5.08
N SER B 739 37.72 5.56 -5.96
CA SER B 739 38.28 4.33 -6.51
C SER B 739 39.80 4.49 -6.55
N PHE B 740 40.49 3.46 -7.02
CA PHE B 740 41.95 3.52 -7.09
C PHE B 740 42.40 4.52 -8.14
N GLU B 741 41.67 4.60 -9.25
CA GLU B 741 41.96 5.62 -10.26
C GLU B 741 41.91 7.03 -9.65
N ASP B 742 40.94 7.27 -8.77
CA ASP B 742 40.87 8.58 -8.11
C ASP B 742 42.13 8.86 -7.30
N LEU B 743 42.62 7.85 -6.58
CA LEU B 743 43.82 8.04 -5.76
C LEU B 743 45.03 8.32 -6.64
N VAL B 744 45.20 7.52 -7.70
CA VAL B 744 46.34 7.70 -8.60
C VAL B 744 46.27 9.06 -9.28
N LYS B 745 45.06 9.56 -9.56
CA LYS B 745 44.92 10.86 -10.21
C LYS B 745 45.22 12.00 -9.24
N ALA B 746 44.73 11.89 -8.01
CA ALA B 746 45.04 12.90 -7.01
C ALA B 746 46.53 12.96 -6.71
N SER B 747 47.22 11.80 -6.78
CA SER B 747 48.64 11.75 -6.48
C SER B 747 49.49 12.55 -7.45
N TYR B 748 48.94 12.95 -8.60
CA TYR B 748 49.72 13.62 -9.64
C TYR B 748 50.60 12.63 -10.38
N LEU B 749 50.84 11.47 -9.78
CA LEU B 749 51.77 10.48 -10.30
C LEU B 749 51.01 9.29 -10.87
N SER B 750 51.61 8.64 -11.86
CA SER B 750 51.03 7.47 -12.47
C SER B 750 50.95 6.33 -11.45
N GLU B 751 50.16 5.31 -11.79
CA GLU B 751 50.04 4.15 -10.92
C GLU B 751 51.39 3.49 -10.70
N SER B 752 52.14 3.27 -11.79
CA SER B 752 53.45 2.63 -11.68
C SER B 752 54.45 3.54 -10.99
N GLU B 753 54.58 4.79 -11.46
CA GLU B 753 55.55 5.71 -10.86
C GLU B 753 55.26 5.94 -9.38
N LEU B 754 53.99 5.88 -8.98
CA LEU B 754 53.64 6.10 -7.59
C LEU B 754 53.88 4.85 -6.76
N LEU B 755 53.35 3.70 -7.20
CA LEU B 755 53.59 2.45 -6.48
C LEU B 755 55.08 2.12 -6.40
N SER B 756 55.91 2.75 -7.24
CA SER B 756 57.36 2.57 -7.12
C SER B 756 57.86 3.12 -5.78
N LEU B 757 57.28 4.23 -5.33
CA LEU B 757 57.68 4.83 -4.05
C LEU B 757 56.88 4.31 -2.88
N PHE B 758 55.60 3.97 -3.08
CA PHE B 758 54.73 3.44 -2.04
C PHE B 758 54.29 2.04 -2.42
N PRO B 759 55.07 1.00 -2.08
CA PRO B 759 54.57 -0.36 -2.32
C PRO B 759 53.38 -0.72 -1.43
N GLU B 760 53.35 -0.19 -0.20
CA GLU B 760 52.19 -0.35 0.67
C GLU B 760 50.91 0.06 -0.04
N PHE B 761 50.99 0.98 -1.00
CA PHE B 761 49.84 1.49 -1.71
C PHE B 761 49.28 0.49 -2.72
N GLU B 762 50.02 -0.56 -3.06
CA GLU B 762 49.51 -1.55 -4.01
C GLU B 762 48.20 -2.17 -3.53
N SER B 763 47.90 -2.08 -2.23
CA SER B 763 46.68 -2.62 -1.67
C SER B 763 45.55 -1.60 -1.80
N LEU B 764 44.32 -2.08 -1.62
CA LEU B 764 43.10 -1.29 -1.79
C LEU B 764 42.80 -1.01 -3.25
N ARG B 765 43.53 -1.61 -4.18
CA ARG B 765 43.30 -1.39 -5.60
C ARG B 765 41.95 -1.98 -6.03
N GLU B 773 39.69 7.91 7.43
CA GLU B 773 40.81 7.21 8.05
C GLU B 773 41.88 6.87 7.01
N ILE B 774 41.47 6.10 6.00
CA ILE B 774 42.40 5.73 4.94
C ILE B 774 42.94 6.97 4.26
N ALA B 775 42.07 7.93 3.97
CA ALA B 775 42.52 9.17 3.33
C ALA B 775 43.46 9.96 4.23
N GLU B 776 43.16 9.99 5.54
CA GLU B 776 44.03 10.69 6.48
C GLU B 776 45.43 10.09 6.49
N ASN B 777 45.52 8.76 6.57
CA ASN B 777 46.82 8.11 6.58
C ASN B 777 47.54 8.30 5.24
N ILE B 778 46.80 8.27 4.13
CA ILE B 778 47.42 8.51 2.82
C ILE B 778 48.01 9.91 2.77
N ARG B 779 47.24 10.90 3.21
CA ARG B 779 47.73 12.28 3.26
C ARG B 779 48.98 12.39 4.13
N LYS B 780 48.98 11.69 5.27
CA LYS B 780 50.15 11.72 6.15
C LYS B 780 51.38 11.16 5.44
N ILE B 781 51.25 9.96 4.86
CA ILE B 781 52.41 9.35 4.22
C ILE B 781 52.91 10.22 3.08
N PHE B 782 51.99 10.90 2.37
CA PHE B 782 52.40 11.85 1.35
C PHE B 782 53.18 13.00 1.96
N LYS B 783 52.70 13.53 3.09
CA LYS B 783 53.34 14.64 3.76
C LYS B 783 54.73 14.30 4.29
N ASN B 784 55.02 13.02 4.54
CA ASN B 784 56.26 12.68 5.22
C ASN B 784 57.46 12.50 4.28
N SER B 785 57.30 12.66 2.96
CA SER B 785 58.38 12.36 2.03
C SER B 785 58.96 13.65 1.45
N PRO B 786 60.15 14.08 1.90
CA PRO B 786 60.77 15.28 1.29
C PRO B 786 61.09 15.11 -0.20
N ALA B 787 61.47 13.91 -0.62
CA ALA B 787 61.70 13.66 -2.04
C ALA B 787 60.45 13.95 -2.85
N TYR B 788 59.29 13.50 -2.37
CA TYR B 788 58.03 13.82 -3.03
C TYR B 788 57.83 15.32 -3.13
N HIS B 789 58.11 16.04 -2.05
CA HIS B 789 57.96 17.50 -2.05
C HIS B 789 58.82 18.12 -3.14
N GLU B 790 60.09 17.71 -3.23
CA GLU B 790 61.00 18.33 -4.19
C GLU B 790 60.63 17.95 -5.63
N LYS B 791 60.15 16.72 -5.83
CA LYS B 791 59.74 16.32 -7.17
C LYS B 791 58.49 17.09 -7.62
N VAL B 792 57.51 17.22 -6.72
CA VAL B 792 56.34 18.05 -7.01
C VAL B 792 56.77 19.48 -7.32
N LEU B 793 57.74 20.00 -6.56
CA LEU B 793 58.17 21.38 -6.79
C LEU B 793 58.81 21.53 -8.17
N ALA B 794 59.58 20.52 -8.59
CA ALA B 794 60.18 20.56 -9.93
C ALA B 794 59.11 20.51 -11.00
N ILE B 795 58.18 19.56 -10.90
CA ILE B 795 57.09 19.47 -11.86
C ILE B 795 56.32 20.78 -11.92
N ALA B 796 56.11 21.43 -10.76
CA ALA B 796 55.36 22.68 -10.73
C ALA B 796 56.12 23.81 -11.41
N ALA B 797 57.41 23.92 -11.11
CA ALA B 797 58.21 24.96 -11.76
C ALA B 797 58.27 24.75 -13.27
N GLU B 798 58.18 23.49 -13.72
CA GLU B 798 58.17 23.22 -15.15
C GLU B 798 56.83 23.55 -15.80
N LYS B 799 55.73 23.17 -15.16
CA LYS B 799 54.39 23.49 -15.67
C LYS B 799 54.07 24.97 -15.56
N ARG B 800 54.80 25.71 -14.72
CA ARG B 800 54.52 27.13 -14.50
C ARG B 800 54.92 28.02 -15.67
N LYS B 801 55.75 27.53 -16.59
CA LYS B 801 56.16 28.36 -17.72
C LYS B 801 54.94 28.83 -18.52
N MET B 802 54.11 27.89 -18.96
CA MET B 802 52.97 28.23 -19.79
C MET B 802 51.95 29.08 -19.03
N VAL B 803 51.76 28.81 -17.74
CA VAL B 803 50.79 29.58 -16.97
C VAL B 803 51.28 31.01 -16.77
N ARG B 804 52.56 31.17 -16.47
CA ARG B 804 53.13 32.51 -16.34
C ARG B 804 53.02 33.28 -17.66
N GLN B 805 53.32 32.62 -18.78
CA GLN B 805 53.22 33.32 -20.05
C GLN B 805 51.78 33.69 -20.37
N TYR B 806 50.83 32.80 -20.08
CA TYR B 806 49.42 33.10 -20.27
C TYR B 806 49.00 34.30 -19.44
N ILE B 807 49.38 34.33 -18.16
CA ILE B 807 49.07 35.48 -17.31
C ILE B 807 49.67 36.75 -17.90
N GLN B 808 50.97 36.71 -18.22
CA GLN B 808 51.65 37.89 -18.74
C GLN B 808 50.99 38.40 -20.01
N GLN B 809 50.44 37.49 -20.84
CA GLN B 809 49.84 37.91 -22.11
C GLN B 809 48.39 38.33 -21.97
N GLU B 810 47.67 37.86 -20.95
CA GLU B 810 46.24 38.10 -20.86
C GLU B 810 45.85 39.19 -19.88
N ILE B 811 46.68 39.49 -18.88
CA ILE B 811 46.33 40.38 -17.78
C ILE B 811 47.26 41.60 -17.83
N ASN B 812 46.68 42.78 -17.96
CA ASN B 812 47.45 44.03 -17.95
C ASN B 812 47.76 44.47 -16.52
N PRO B 813 49.02 44.34 -16.09
CA PRO B 813 49.34 44.62 -14.68
C PRO B 813 49.40 46.10 -14.34
N LYS B 814 49.54 46.99 -15.31
CA LYS B 814 49.64 48.41 -14.98
C LYS B 814 48.29 49.04 -14.66
N GLU B 815 47.19 48.31 -14.82
CA GLU B 815 45.87 48.80 -14.45
C GLU B 815 45.53 48.45 -13.01
N LYS B 816 44.39 48.95 -12.56
CA LYS B 816 43.83 48.63 -11.25
C LYS B 816 42.65 47.71 -11.54
N PHE B 817 42.85 46.41 -11.33
CA PHE B 817 41.95 45.39 -11.83
C PHE B 817 41.40 44.55 -10.69
N ALA B 818 40.37 43.77 -11.00
CA ALA B 818 39.79 42.85 -10.04
C ALA B 818 39.23 41.64 -10.79
N PHE B 819 38.88 40.60 -10.02
CA PHE B 819 38.35 39.37 -10.58
C PHE B 819 36.99 39.09 -9.94
N VAL B 820 36.08 38.55 -10.73
CA VAL B 820 34.71 38.31 -10.30
C VAL B 820 34.46 36.81 -10.41
N GLU B 821 34.31 36.15 -9.27
CA GLU B 821 33.91 34.76 -9.22
C GLU B 821 32.53 34.64 -8.58
N PHE B 822 32.16 33.42 -8.22
CA PHE B 822 30.86 33.13 -7.60
C PHE B 822 31.00 32.52 -6.21
N TRP B 823 31.63 31.34 -6.10
CA TRP B 823 31.71 30.63 -4.84
C TRP B 823 33.01 29.86 -4.73
N GLY B 824 33.52 29.80 -3.51
CA GLY B 824 34.71 29.02 -3.24
C GLY B 824 35.21 29.29 -1.83
N ARG B 825 36.13 28.41 -1.41
CA ARG B 825 36.79 28.62 -0.12
C ARG B 825 37.69 29.85 -0.17
N GLY B 826 38.37 30.06 -1.30
CA GLY B 826 39.36 31.10 -1.46
C GLY B 826 40.78 30.62 -1.68
N TYR B 827 41.02 29.30 -1.67
CA TYR B 827 42.38 28.79 -1.84
C TYR B 827 42.84 28.89 -3.28
N THR B 828 41.93 28.62 -4.22
CA THR B 828 42.23 28.81 -5.64
C THR B 828 42.65 30.25 -5.91
N GLN B 829 41.93 31.21 -5.31
CA GLN B 829 42.33 32.62 -5.46
C GLN B 829 43.74 32.85 -4.94
N ASP B 830 44.10 32.17 -3.85
CA ASP B 830 45.44 32.35 -3.29
C ASP B 830 46.50 31.81 -4.23
N THR B 831 46.29 30.61 -4.78
CA THR B 831 47.24 30.06 -5.75
C THR B 831 47.34 30.94 -6.98
N PHE B 832 46.21 31.44 -7.48
CA PHE B 832 46.26 32.31 -8.65
C PHE B 832 46.99 33.62 -8.35
N GLY B 833 46.85 34.14 -7.13
CA GLY B 833 47.60 35.34 -6.77
C GLY B 833 49.09 35.08 -6.65
N ARG B 834 49.46 33.90 -6.15
CA ARG B 834 50.85 33.49 -6.17
C ARG B 834 51.38 33.43 -7.59
N LEU B 835 50.59 32.87 -8.51
CA LEU B 835 50.99 32.81 -9.91
C LEU B 835 51.13 34.21 -10.50
N LEU B 836 50.23 35.12 -10.13
CA LEU B 836 50.33 36.51 -10.56
C LEU B 836 51.64 37.13 -10.10
N ASN B 837 51.96 36.97 -8.82
CA ASN B 837 53.21 37.52 -8.30
C ASN B 837 54.42 36.94 -9.01
N ASP B 838 54.41 35.63 -9.28
CA ASP B 838 55.54 35.02 -9.98
C ASP B 838 55.64 35.50 -11.42
N ALA B 839 54.49 35.78 -12.05
CA ALA B 839 54.48 36.17 -13.45
C ALA B 839 54.83 37.63 -13.66
N PHE B 840 54.45 38.51 -12.73
CA PHE B 840 54.74 39.94 -12.84
C PHE B 840 55.86 40.39 -11.91
N GLY B 841 56.41 39.51 -11.09
CA GLY B 841 57.59 39.85 -10.33
C GLY B 841 57.41 40.94 -9.31
N LYS B 842 56.22 41.06 -8.73
CA LYS B 842 55.98 42.07 -7.69
C LYS B 842 54.78 41.63 -6.87
N GLU B 843 54.53 42.38 -5.79
CA GLU B 843 53.37 42.11 -4.94
C GLU B 843 52.14 42.64 -5.65
N VAL B 844 51.41 41.77 -6.33
CA VAL B 844 50.26 42.16 -7.13
C VAL B 844 49.00 41.92 -6.30
N LYS B 845 48.32 43.00 -5.92
CA LYS B 845 47.04 42.87 -5.24
C LYS B 845 46.02 42.24 -6.18
N ASN B 846 45.48 41.08 -5.81
CA ASN B 846 44.40 40.49 -6.58
C ASN B 846 43.13 40.46 -5.74
N PRO B 847 42.14 41.30 -6.05
CA PRO B 847 40.84 41.17 -5.38
C PRO B 847 39.89 40.30 -6.16
N PHE B 848 39.27 39.35 -5.46
CA PHE B 848 38.24 38.48 -6.02
C PHE B 848 36.89 38.89 -5.47
N TYR B 849 35.90 38.96 -6.35
CA TYR B 849 34.51 39.12 -5.94
C TYR B 849 33.87 37.75 -5.84
N TYR B 850 33.27 37.47 -4.68
CA TYR B 850 32.49 36.26 -4.47
C TYR B 850 31.07 36.64 -4.10
N VAL B 851 30.16 35.68 -4.25
CA VAL B 851 28.92 35.75 -3.48
C VAL B 851 29.19 35.55 -2.01
N ARG B 852 30.11 34.65 -1.67
CA ARG B 852 30.57 34.45 -0.30
C ARG B 852 31.79 33.56 -0.28
N SER B 853 32.66 33.79 0.69
CA SER B 853 33.78 32.88 0.92
C SER B 853 34.06 32.74 2.41
N PHE B 854 34.63 31.58 2.80
CA PHE B 854 34.87 31.23 4.20
C PHE B 854 36.24 31.64 4.72
N THR B 855 36.92 32.60 4.11
CA THR B 855 38.28 32.87 4.57
C THR B 855 38.57 34.35 4.53
N ASP B 856 39.42 34.78 5.45
CA ASP B 856 39.82 36.17 5.54
C ASP B 856 40.85 36.48 4.45
N ASP B 857 41.14 37.76 4.28
CA ASP B 857 42.20 38.19 3.38
C ASP B 857 43.53 37.60 3.81
N MET B 858 44.25 37.01 2.84
CA MET B 858 45.52 36.37 3.12
C MET B 858 46.51 36.77 2.04
N GLY B 859 47.60 37.40 2.45
CA GLY B 859 48.62 37.83 1.51
C GLY B 859 48.08 38.92 0.59
N THR B 860 48.24 38.71 -0.71
CA THR B 860 47.75 39.64 -1.71
C THR B 860 46.30 39.40 -2.08
N SER B 861 45.71 38.30 -1.62
CA SER B 861 44.31 38.01 -1.91
C SER B 861 43.40 38.93 -1.09
N VAL B 862 42.55 39.69 -1.79
CA VAL B 862 41.50 40.48 -1.16
C VAL B 862 40.18 39.86 -1.59
N ARG B 863 39.18 39.93 -0.71
CA ARG B 863 37.92 39.22 -0.96
C ARG B 863 36.73 40.12 -0.68
N HIS B 864 36.00 40.46 -1.74
CA HIS B 864 34.77 41.24 -1.63
C HIS B 864 33.59 40.29 -1.76
N ASN B 865 32.78 40.18 -0.71
CA ASN B 865 31.72 39.18 -0.63
C ASN B 865 30.36 39.88 -0.72
N PHE B 866 29.47 39.33 -1.55
CA PHE B 866 28.15 39.92 -1.74
C PHE B 866 27.23 39.70 -0.54
N ILE B 867 27.05 38.44 -0.13
CA ILE B 867 26.10 38.09 0.92
C ILE B 867 26.86 37.71 2.18
N LEU B 868 26.50 38.33 3.29
CA LEU B 868 27.12 38.11 4.59
C LEU B 868 26.15 37.28 5.42
N ALA B 869 26.09 35.98 5.11
CA ALA B 869 25.21 35.05 5.80
C ALA B 869 25.77 33.65 5.60
N PRO B 870 25.50 32.73 6.51
CA PRO B 870 26.15 31.42 6.47
C PRO B 870 25.53 30.47 5.44
N GLN B 871 25.34 30.96 4.23
CA GLN B 871 24.76 30.17 3.14
C GLN B 871 25.85 29.55 2.27
N ASN B 872 25.54 28.37 1.74
CA ASN B 872 26.48 27.56 0.95
C ASN B 872 26.00 27.61 -0.50
N PHE B 873 26.80 28.22 -1.38
CA PHE B 873 26.37 28.46 -2.74
C PHE B 873 26.92 27.43 -3.72
N SER B 874 27.61 26.40 -3.23
CA SER B 874 27.88 25.25 -4.09
C SER B 874 26.61 24.74 -4.74
N PHE B 875 25.45 25.02 -4.14
CA PHE B 875 24.14 24.73 -4.70
C PHE B 875 24.05 25.07 -6.18
N PHE B 876 24.69 26.15 -6.60
CA PHE B 876 24.52 26.65 -7.96
C PHE B 876 25.53 26.08 -8.94
N GLU B 877 26.42 25.19 -8.50
CA GLU B 877 27.38 24.59 -9.43
C GLU B 877 26.74 23.98 -10.66
N PRO B 878 25.61 23.25 -10.58
CA PRO B 878 25.04 22.67 -11.80
C PRO B 878 24.81 23.67 -12.92
N ILE B 879 24.25 24.84 -12.61
CA ILE B 879 23.99 25.85 -13.62
C ILE B 879 25.28 26.18 -14.37
N PHE B 880 26.34 26.53 -13.62
CA PHE B 880 27.61 26.84 -14.26
C PHE B 880 28.16 25.66 -15.05
N ALA B 881 27.86 24.43 -14.63
CA ALA B 881 28.33 23.27 -15.36
C ALA B 881 27.67 23.12 -16.72
N GLN B 882 26.71 23.97 -17.06
CA GLN B 882 26.16 23.99 -18.41
C GLN B 882 26.97 24.82 -19.40
N THR B 883 28.02 25.49 -18.94
CA THR B 883 28.91 26.18 -19.84
C THR B 883 29.37 25.25 -20.97
N PRO B 884 29.41 25.71 -22.21
CA PRO B 884 29.62 24.80 -23.35
C PRO B 884 31.06 24.36 -23.56
N TYR B 885 31.77 24.00 -22.50
CA TYR B 885 33.09 23.38 -22.62
C TYR B 885 33.55 22.90 -21.25
N ASP B 886 34.42 21.89 -21.26
CA ASP B 886 34.88 21.26 -20.05
C ASP B 886 35.80 22.18 -19.25
N SER B 887 36.07 21.79 -18.00
CA SER B 887 37.05 22.48 -17.18
C SER B 887 38.41 22.49 -17.87
N ILE B 888 39.07 23.63 -17.82
CA ILE B 888 40.34 23.81 -18.53
C ILE B 888 41.37 22.89 -17.88
N PRO B 889 41.90 21.90 -18.61
CA PRO B 889 42.84 20.97 -17.98
C PRO B 889 44.26 21.55 -17.86
N ASP B 890 44.68 22.26 -18.89
CA ASP B 890 46.01 22.87 -18.96
C ASP B 890 46.03 23.82 -20.15
N TYR B 891 47.22 24.26 -20.53
CA TYR B 891 47.42 25.15 -21.67
C TYR B 891 48.26 24.45 -22.72
N TYR B 892 48.42 25.13 -23.86
CA TYR B 892 49.34 24.70 -24.91
C TYR B 892 49.81 25.93 -25.66
N GLU B 893 50.71 25.75 -26.61
CA GLU B 893 51.25 26.86 -27.38
C GLU B 893 51.10 26.59 -28.87
N GLU B 894 50.69 27.64 -29.60
CA GLU B 894 50.74 27.65 -31.05
C GLU B 894 50.71 29.09 -31.52
N LYS B 895 51.29 29.34 -32.69
CA LYS B 895 51.52 30.70 -33.16
C LYS B 895 52.32 31.50 -32.13
N GLY B 896 53.23 30.81 -31.45
CA GLY B 896 54.00 31.42 -30.39
C GLY B 896 53.18 32.02 -29.28
N ARG B 897 51.90 31.65 -29.19
CA ARG B 897 50.99 32.19 -28.18
C ARG B 897 50.40 31.05 -27.37
N ILE B 898 50.17 31.31 -26.08
CA ILE B 898 49.62 30.32 -25.17
C ILE B 898 48.10 30.38 -25.26
N GLU B 899 47.47 29.21 -25.27
CA GLU B 899 46.02 29.10 -25.40
C GLU B 899 45.53 27.98 -24.52
N PRO B 900 44.32 28.11 -23.97
CA PRO B 900 43.76 27.03 -23.14
C PRO B 900 43.18 25.90 -23.98
N ILE B 901 43.37 24.68 -23.48
CA ILE B 901 42.75 23.51 -24.11
C ILE B 901 41.25 23.55 -23.82
N ILE B 902 40.45 23.64 -24.88
CA ILE B 902 39.01 23.81 -24.77
C ILE B 902 38.35 22.64 -25.50
N ASN B 903 37.76 21.72 -24.76
CA ASN B 903 37.00 20.61 -25.33
C ASN B 903 35.52 20.93 -25.18
N HIS B 904 34.88 21.27 -26.30
CA HIS B 904 33.55 21.86 -26.27
C HIS B 904 32.48 20.82 -25.92
N ARG B 905 31.31 21.33 -25.55
CA ARG B 905 30.10 20.56 -25.30
C ARG B 905 28.97 21.19 -26.10
N ASP B 906 27.78 20.60 -26.00
CA ASP B 906 26.62 21.12 -26.72
C ASP B 906 26.20 22.47 -26.16
N ARG B 907 25.69 23.31 -27.05
CA ARG B 907 25.40 24.70 -26.73
C ARG B 907 23.93 24.96 -26.40
N SER B 908 23.06 23.96 -26.54
CA SER B 908 21.63 24.19 -26.39
C SER B 908 21.30 24.75 -25.00
N VAL B 909 21.72 24.03 -23.95
CA VAL B 909 21.40 24.42 -22.59
C VAL B 909 21.95 25.82 -22.29
N SER B 910 23.23 26.02 -22.56
CA SER B 910 23.83 27.33 -22.32
C SER B 910 23.21 28.41 -23.18
N ASP B 911 22.80 28.07 -24.40
CA ASP B 911 22.10 29.04 -25.25
C ASP B 911 20.83 29.54 -24.58
N LEU B 912 19.98 28.60 -24.13
CA LEU B 912 18.73 29.01 -23.48
C LEU B 912 19.00 29.73 -22.17
N ILE B 913 20.01 29.30 -21.42
CA ILE B 913 20.31 29.94 -20.15
C ILE B 913 20.73 31.39 -20.38
N SER B 914 21.58 31.63 -21.39
CA SER B 914 22.01 32.99 -21.68
C SER B 914 20.86 33.84 -22.20
N GLU B 915 20.01 33.28 -23.06
CA GLU B 915 18.80 33.97 -23.49
C GLU B 915 18.02 34.46 -22.28
N GLY B 916 17.70 33.55 -21.37
CA GLY B 916 16.93 33.92 -20.19
C GLY B 916 17.63 34.95 -19.33
N LEU B 917 18.95 34.77 -19.12
CA LEU B 917 19.69 35.69 -18.26
C LEU B 917 19.71 37.09 -18.84
N LEU B 918 19.84 37.22 -20.16
CA LEU B 918 19.87 38.56 -20.74
C LEU B 918 18.49 39.20 -20.77
N LYS B 919 17.45 38.43 -21.08
CA LYS B 919 16.09 38.93 -20.92
C LYS B 919 15.87 39.45 -19.50
N PHE B 920 16.31 38.68 -18.50
CA PHE B 920 16.09 39.07 -17.11
C PHE B 920 16.89 40.32 -16.78
N THR B 921 18.11 40.44 -17.31
CA THR B 921 18.90 41.63 -17.07
C THR B 921 18.18 42.87 -17.61
N GLU B 922 17.69 42.78 -18.86
CA GLU B 922 16.92 43.88 -19.42
C GLU B 922 15.73 44.24 -18.52
N ASP B 923 14.93 43.23 -18.16
CA ASP B 923 13.75 43.50 -17.34
C ASP B 923 14.12 44.08 -15.97
N TYR B 924 15.25 43.66 -15.42
CA TYR B 924 15.65 43.99 -14.06
C TYR B 924 16.21 45.40 -13.97
N LEU B 925 17.01 45.80 -14.96
CA LEU B 925 17.51 47.18 -14.96
C LEU B 925 16.43 48.20 -15.27
N ALA B 926 15.28 47.77 -15.79
CA ALA B 926 14.17 48.67 -16.09
C ALA B 926 13.23 48.89 -14.90
N LEU B 927 13.43 48.17 -13.80
CA LEU B 927 12.55 48.32 -12.65
C LEU B 927 12.65 49.72 -12.03
N ASN B 928 11.53 50.20 -11.53
CA ASN B 928 11.43 51.50 -10.88
C ASN B 928 11.76 51.32 -9.40
N THR B 929 13.04 51.44 -9.08
CA THR B 929 13.51 51.29 -7.71
C THR B 929 13.79 52.64 -7.07
N GLN B 930 13.51 52.74 -5.78
CA GLN B 930 13.89 53.91 -5.01
C GLN B 930 15.38 53.93 -4.67
N ASP B 931 15.99 52.75 -4.61
CA ASP B 931 17.40 52.61 -4.25
C ASP B 931 17.86 51.30 -4.85
N GLU B 932 18.62 51.37 -5.94
CA GLU B 932 18.91 50.17 -6.70
C GLU B 932 19.80 49.21 -5.90
N ASP B 933 20.72 49.75 -5.09
CA ASP B 933 21.55 48.89 -4.27
C ASP B 933 20.69 48.12 -3.26
N TYR B 934 19.75 48.81 -2.62
CA TYR B 934 18.88 48.15 -1.65
C TYR B 934 18.03 47.07 -2.33
N PHE B 935 17.60 47.32 -3.57
CA PHE B 935 16.79 46.31 -4.25
C PHE B 935 17.65 45.11 -4.65
N ASP B 936 18.86 45.36 -5.16
CA ASP B 936 19.79 44.26 -5.39
C ASP B 936 19.92 43.40 -4.14
N ALA B 937 20.20 44.04 -3.00
CA ALA B 937 20.41 43.29 -1.76
C ALA B 937 19.17 42.52 -1.35
N ALA B 938 17.99 43.16 -1.41
CA ALA B 938 16.77 42.54 -0.94
C ALA B 938 16.35 41.38 -1.83
N LEU B 939 16.39 41.59 -3.15
CA LEU B 939 16.05 40.51 -4.08
C LEU B 939 17.02 39.36 -3.92
N SER B 940 18.31 39.65 -3.74
CA SER B 940 19.28 38.58 -3.56
C SER B 940 18.97 37.80 -2.28
N GLN B 941 18.73 38.51 -1.18
CA GLN B 941 18.41 37.85 0.08
C GLN B 941 17.21 36.93 -0.09
N PHE B 942 16.10 37.47 -0.61
CA PHE B 942 14.90 36.65 -0.79
C PHE B 942 15.18 35.45 -1.68
N ASN B 943 15.84 35.66 -2.82
CA ASN B 943 15.97 34.59 -3.81
C ASN B 943 16.88 33.48 -3.30
N TYR B 944 18.00 33.84 -2.69
CA TYR B 944 18.88 32.83 -2.15
C TYR B 944 18.20 32.04 -1.04
N GLN B 945 17.56 32.74 -0.09
CA GLN B 945 16.80 32.04 0.94
C GLN B 945 15.81 31.05 0.34
N TYR B 946 15.03 31.51 -0.64
CA TYR B 946 13.99 30.67 -1.22
C TYR B 946 14.60 29.45 -1.89
N GLN B 947 15.56 29.66 -2.78
CA GLN B 947 16.07 28.53 -3.54
C GLN B 947 16.85 27.57 -2.65
N LEU B 948 17.38 28.05 -1.53
CA LEU B 948 18.13 27.20 -0.63
C LEU B 948 17.24 26.49 0.39
N ASN B 949 15.96 26.86 0.48
CA ASN B 949 15.08 26.26 1.49
C ASN B 949 13.70 25.97 0.93
N THR B 950 13.65 25.56 -0.35
CA THR B 950 12.40 25.19 -1.02
C THR B 950 12.67 23.99 -1.91
N PRO B 951 12.87 22.81 -1.32
CA PRO B 951 13.23 21.64 -2.14
C PRO B 951 12.06 21.04 -2.92
N ASN B 952 10.84 21.46 -2.64
CA ASN B 952 9.66 20.97 -3.35
C ASN B 952 9.09 22.03 -4.30
N ASP B 953 9.92 22.96 -4.75
CA ASP B 953 9.50 23.97 -5.71
C ASP B 953 9.37 23.37 -7.11
N GLN B 954 8.32 23.79 -7.82
CA GLN B 954 8.06 23.24 -9.14
C GLN B 954 9.30 23.26 -10.02
N PHE B 955 9.94 24.42 -10.15
CA PHE B 955 11.00 24.59 -11.14
C PHE B 955 12.36 24.16 -10.61
N ILE B 956 12.59 24.28 -9.29
CA ILE B 956 13.78 23.68 -8.71
C ILE B 956 13.74 22.16 -8.82
N CYS B 957 12.53 21.58 -8.90
CA CYS B 957 12.38 20.14 -9.01
C CYS B 957 12.46 19.67 -10.46
N ASN B 958 11.73 20.34 -11.35
CA ASN B 958 11.58 19.90 -12.73
C ASN B 958 12.68 20.40 -13.64
N VAL B 959 13.42 21.44 -13.24
CA VAL B 959 14.43 22.03 -14.12
C VAL B 959 15.81 21.95 -13.46
N PHE B 960 15.99 22.69 -12.36
CA PHE B 960 17.30 22.76 -11.70
C PHE B 960 17.84 21.36 -11.41
N SER B 961 17.15 20.60 -10.56
CA SER B 961 17.65 19.31 -10.11
C SER B 961 17.79 18.29 -11.24
N GLU B 962 17.22 18.56 -12.41
CA GLU B 962 17.36 17.69 -13.57
C GLU B 962 18.55 18.04 -14.46
N LEU B 963 19.27 19.12 -14.15
CA LEU B 963 20.42 19.50 -14.97
C LEU B 963 21.53 18.46 -14.85
N LYS B 964 22.06 18.03 -15.99
CA LYS B 964 23.12 17.04 -16.00
C LYS B 964 24.43 17.64 -15.49
N ASP B 965 25.06 16.97 -14.53
CA ASP B 965 26.30 17.45 -13.95
C ASP B 965 27.45 16.51 -14.31
N GLU B 973 27.52 11.89 -17.65
CA GLU B 973 26.55 12.94 -17.33
C GLU B 973 25.35 12.36 -16.58
N LYS B 974 25.18 12.76 -15.32
CA LYS B 974 24.07 12.33 -14.50
C LYS B 974 23.41 13.53 -13.83
N PRO B 975 22.12 13.43 -13.53
CA PRO B 975 21.41 14.56 -12.89
C PRO B 975 22.04 14.94 -11.57
N TYR B 976 21.64 16.11 -11.07
CA TYR B 976 22.19 16.63 -9.83
C TYR B 976 21.51 15.99 -8.62
N ALA B 977 20.18 15.94 -8.64
CA ALA B 977 19.41 15.34 -7.56
C ALA B 977 18.14 14.77 -8.16
N PRO B 978 18.25 13.61 -8.82
CA PRO B 978 17.09 13.01 -9.47
C PRO B 978 16.15 12.36 -8.45
N ALA B 979 14.97 11.99 -8.93
CA ALA B 979 14.07 11.22 -8.10
C ALA B 979 14.68 9.86 -7.78
N LEU B 980 14.17 9.26 -6.71
CA LEU B 980 14.68 7.99 -6.20
C LEU B 980 13.62 6.91 -6.34
N THR B 981 14.07 5.68 -6.56
CA THR B 981 13.20 4.53 -6.67
C THR B 981 13.29 3.68 -5.41
N LEU B 982 12.24 2.90 -5.18
CA LEU B 982 12.17 2.12 -3.95
C LEU B 982 13.37 1.17 -3.84
N LYS B 983 13.74 0.52 -4.93
CA LYS B 983 14.83 -0.43 -4.86
C LYS B 983 16.17 0.27 -4.66
N GLN B 984 16.33 1.47 -5.22
CA GLN B 984 17.54 2.25 -4.95
C GLN B 984 17.71 2.48 -3.46
N LEU B 985 16.63 2.80 -2.75
CA LEU B 985 16.73 2.96 -1.30
C LEU B 985 16.92 1.62 -0.60
N GLU B 986 16.37 0.54 -1.16
CA GLU B 986 16.65 -0.79 -0.61
C GLU B 986 18.12 -1.18 -0.75
N SER B 987 18.85 -0.56 -1.67
CA SER B 987 20.25 -0.91 -1.87
C SER B 987 21.21 -0.05 -1.05
N ILE B 988 20.70 0.88 -0.26
CA ILE B 988 21.53 1.79 0.53
C ILE B 988 21.50 1.35 1.98
N THR B 989 22.56 1.70 2.71
CA THR B 989 22.58 1.50 4.15
C THR B 989 23.27 2.63 4.91
N SER B 990 23.82 3.63 4.22
CA SER B 990 24.54 4.72 4.85
C SER B 990 24.25 6.01 4.10
N LYS B 991 24.68 7.14 4.67
CA LYS B 991 24.56 8.40 3.95
C LYS B 991 25.58 8.51 2.83
N GLN B 992 26.73 7.85 2.97
CA GLN B 992 27.72 7.86 1.91
C GLN B 992 27.16 7.23 0.64
N GLU B 993 26.56 6.04 0.77
CA GLU B 993 25.98 5.35 -0.37
C GLU B 993 24.89 6.18 -1.03
N LEU B 994 24.16 6.97 -0.25
CA LEU B 994 23.08 7.79 -0.79
C LEU B 994 23.60 9.02 -1.50
N ASP B 995 24.66 9.66 -0.96
CA ASP B 995 25.26 10.80 -1.64
C ASP B 995 25.75 10.43 -3.04
N LYS B 996 26.20 9.19 -3.23
CA LYS B 996 26.57 8.75 -4.57
C LYS B 996 25.36 8.74 -5.50
N LEU B 997 24.14 8.66 -4.94
CA LEU B 997 22.91 8.61 -5.72
C LEU B 997 22.32 9.98 -6.02
N THR B 998 22.56 10.97 -5.16
CA THR B 998 21.98 12.29 -5.35
C THR B 998 22.80 13.31 -4.57
N GLN B 999 22.74 14.56 -5.04
CA GLN B 999 23.42 15.66 -4.36
C GLN B 999 22.50 16.48 -3.48
N SER B 1000 21.23 16.11 -3.38
CA SER B 1000 20.26 16.82 -2.55
C SER B 1000 19.17 15.84 -2.13
N ILE B 1001 19.32 15.23 -0.96
CA ILE B 1001 18.29 14.31 -0.48
C ILE B 1001 16.92 15.00 -0.41
N PRO B 1002 16.80 16.23 0.09
CA PRO B 1002 15.48 16.85 0.14
C PRO B 1002 14.81 16.97 -1.22
N ILE B 1003 15.54 17.44 -2.24
CA ILE B 1003 14.95 17.59 -3.56
C ILE B 1003 14.60 16.24 -4.14
N SER B 1004 15.53 15.29 -4.05
CA SER B 1004 15.26 13.96 -4.58
C SER B 1004 14.01 13.36 -3.96
N LEU B 1005 13.84 13.54 -2.65
CA LEU B 1005 12.65 12.99 -2.00
C LEU B 1005 11.40 13.75 -2.42
N SER B 1006 11.50 15.08 -2.50
CA SER B 1006 10.37 15.87 -2.97
C SER B 1006 9.97 15.52 -4.39
N LYS B 1007 10.86 14.84 -5.13
CA LYS B 1007 10.56 14.40 -6.48
C LYS B 1007 10.14 12.94 -6.56
N SER B 1008 10.26 12.18 -5.48
CA SER B 1008 10.01 10.75 -5.52
C SER B 1008 8.57 10.44 -5.10
N ASP B 1009 8.14 9.22 -5.43
CA ASP B 1009 6.79 8.79 -5.14
C ASP B 1009 6.59 8.68 -3.63
N VAL B 1010 5.32 8.72 -3.21
CA VAL B 1010 5.00 8.71 -1.79
C VAL B 1010 5.48 7.42 -1.13
N LYS B 1011 5.40 6.29 -1.85
CA LYS B 1011 5.90 5.04 -1.29
C LYS B 1011 7.40 5.10 -1.04
N VAL B 1012 8.13 5.75 -1.94
CA VAL B 1012 9.57 5.92 -1.76
C VAL B 1012 9.84 6.78 -0.53
N ILE B 1013 9.07 7.85 -0.35
CA ILE B 1013 9.24 8.71 0.82
C ILE B 1013 8.96 7.93 2.10
N ASP B 1014 7.92 7.10 2.09
CA ASP B 1014 7.58 6.34 3.29
C ASP B 1014 8.67 5.33 3.61
N TYR B 1015 9.23 4.68 2.58
CA TYR B 1015 10.34 3.75 2.82
C TYR B 1015 11.56 4.49 3.35
N TYR B 1016 11.86 5.66 2.79
CA TYR B 1016 12.96 6.47 3.31
C TYR B 1016 12.74 6.78 4.79
N ASN B 1017 11.51 7.16 5.15
CA ASN B 1017 11.22 7.43 6.56
C ASN B 1017 11.45 6.17 7.40
N LYS B 1018 11.02 5.01 6.88
CA LYS B 1018 11.19 3.75 7.61
C LYS B 1018 12.65 3.46 7.87
N ILE B 1019 13.52 3.75 6.89
CA ILE B 1019 14.92 3.34 6.99
C ILE B 1019 15.81 4.43 7.57
N GLN B 1020 15.33 5.67 7.67
CA GLN B 1020 16.20 6.77 8.03
C GLN B 1020 16.64 6.66 9.49
N LYS B 1021 15.71 6.34 10.39
CA LYS B 1021 16.05 6.29 11.81
C LYS B 1021 17.16 5.29 12.08
N ASN B 1022 17.21 4.20 11.31
CA ASN B 1022 18.25 3.18 11.49
C ASN B 1022 19.53 3.49 10.73
N TYR B 1023 19.44 3.69 9.41
CA TYR B 1023 20.61 3.99 8.60
C TYR B 1023 21.24 5.35 8.89
N ASN B 1024 20.65 6.16 9.77
CA ASN B 1024 21.22 7.45 10.15
C ASN B 1024 21.33 8.38 8.94
N LEU B 1025 20.21 8.55 8.23
CA LEU B 1025 20.06 9.47 7.12
C LEU B 1025 19.37 10.75 7.57
N PRO B 1026 19.59 11.85 6.85
CA PRO B 1026 18.92 13.10 7.23
C PRO B 1026 17.41 12.93 7.25
N ALA B 1027 16.74 13.65 8.15
CA ALA B 1027 15.30 13.54 8.28
C ALA B 1027 14.60 14.35 7.19
N TYR B 1028 13.65 13.72 6.51
CA TYR B 1028 12.92 14.38 5.42
C TYR B 1028 11.76 15.16 6.03
N ASN B 1029 11.82 16.48 5.93
CA ASN B 1029 10.83 17.38 6.51
C ASN B 1029 10.15 18.24 5.46
N SER B 1030 9.85 17.66 4.30
CA SER B 1030 9.11 18.35 3.26
C SER B 1030 7.97 17.47 2.74
N THR B 1031 7.24 17.97 1.77
CA THR B 1031 6.13 17.28 1.13
C THR B 1031 6.35 17.21 -0.37
N PRO B 1032 5.70 16.26 -1.05
CA PRO B 1032 5.92 16.13 -2.49
C PRO B 1032 5.65 17.42 -3.24
N MET B 1033 6.34 17.60 -4.36
CA MET B 1033 6.21 18.82 -5.14
C MET B 1033 4.87 18.83 -5.86
N ARG B 1034 4.17 19.96 -5.80
CA ARG B 1034 2.93 20.17 -6.51
C ARG B 1034 3.13 21.29 -7.53
N LYS B 1035 2.98 20.97 -8.81
CA LYS B 1035 3.12 21.99 -9.84
C LYS B 1035 2.09 23.10 -9.64
N ALA B 1036 2.50 24.31 -9.97
CA ALA B 1036 1.69 25.51 -9.78
C ALA B 1036 1.21 26.15 -11.07
N TYR B 1037 1.98 26.07 -12.14
CA TYR B 1037 1.60 26.63 -13.42
C TYR B 1037 1.98 25.70 -14.57
N ALA B 1038 1.13 25.73 -15.60
CA ALA B 1038 1.10 24.72 -16.66
C ALA B 1038 0.87 23.32 -16.10
N VAL B 1039 -0.13 23.20 -15.23
CA VAL B 1039 -0.34 21.95 -14.51
C VAL B 1039 -0.82 20.91 -15.52
N ASN B 1040 -0.52 19.65 -15.26
CA ASN B 1040 -0.95 18.59 -16.17
C ASN B 1040 -0.30 18.72 -17.55
N PRO B 1041 -0.24 17.63 -18.31
CA PRO B 1041 0.32 17.67 -19.67
C PRO B 1041 -0.38 18.68 -20.56
N LEU B 1042 0.39 19.62 -21.12
CA LEU B 1042 -0.18 20.67 -21.95
C LEU B 1042 -0.48 20.20 -23.37
N GLU B 1043 0.02 19.03 -23.75
CA GLU B 1043 -0.26 18.44 -25.06
C GLU B 1043 -1.66 17.86 -25.15
N GLN B 1044 -2.33 17.65 -24.02
CA GLN B 1044 -3.66 17.04 -23.98
C GLN B 1044 -4.78 18.07 -24.09
N TYR B 1045 -4.49 19.28 -24.57
CA TYR B 1045 -5.48 20.34 -24.65
C TYR B 1045 -5.52 20.87 -26.08
N VAL B 1046 -6.74 21.07 -26.58
CA VAL B 1046 -7.00 21.61 -27.91
C VAL B 1046 -7.42 23.07 -27.78
N TRP B 1047 -6.76 23.95 -28.52
CA TRP B 1047 -7.07 25.36 -28.52
C TRP B 1047 -6.31 26.02 -29.66
N SER B 1048 -6.54 27.33 -29.84
CA SER B 1048 -5.94 28.07 -30.93
C SER B 1048 -5.90 29.55 -30.55
N THR B 1049 -4.89 30.25 -31.06
CA THR B 1049 -4.81 31.70 -30.91
C THR B 1049 -5.68 32.44 -31.91
N GLN B 1050 -6.35 31.74 -32.81
CA GLN B 1050 -7.19 32.33 -33.84
C GLN B 1050 -8.65 32.01 -33.50
N VAL B 1051 -9.36 32.99 -32.94
CA VAL B 1051 -10.77 32.81 -32.60
C VAL B 1051 -11.62 33.64 -33.55
N PRO B 1052 -12.84 33.19 -33.89
CA PRO B 1052 -13.41 31.93 -33.41
C PRO B 1052 -12.84 30.74 -34.18
N PHE B 1053 -13.06 29.52 -33.69
CA PHE B 1053 -12.67 28.33 -34.44
C PHE B 1053 -13.60 27.17 -34.09
N ARG B 1054 -13.88 26.35 -35.09
CA ARG B 1054 -14.82 25.24 -34.93
C ARG B 1054 -14.13 24.05 -34.26
N VAL B 1055 -14.84 23.40 -33.35
CA VAL B 1055 -14.39 22.17 -32.73
C VAL B 1055 -15.52 21.15 -32.77
N LEU B 1056 -15.17 19.90 -33.06
CA LEU B 1056 -16.12 18.80 -33.05
C LEU B 1056 -16.04 18.08 -31.70
N SER B 1057 -17.19 17.81 -31.11
CA SER B 1057 -17.27 17.20 -29.79
C SER B 1057 -17.18 15.69 -29.95
N LEU B 1058 -16.18 15.08 -29.33
CA LEU B 1058 -15.97 13.64 -29.47
C LEU B 1058 -16.84 12.85 -28.51
N LYS B 1059 -17.19 13.45 -27.37
CA LYS B 1059 -18.11 12.84 -26.41
C LYS B 1059 -19.09 13.90 -25.96
N GLN B 1060 -20.12 13.46 -25.25
CA GLN B 1060 -21.14 14.37 -24.74
C GLN B 1060 -20.53 15.40 -23.80
N ASN B 1061 -20.34 16.62 -24.27
CA ASN B 1061 -19.65 17.65 -23.51
C ASN B 1061 -20.68 18.49 -22.75
N SER B 1062 -20.45 18.63 -21.44
CA SER B 1062 -21.30 19.46 -20.61
C SER B 1062 -20.90 20.93 -20.75
N PHE B 1063 -21.80 21.81 -20.34
CA PHE B 1063 -21.55 23.24 -20.34
C PHE B 1063 -21.33 23.72 -18.93
N TYR B 1064 -20.43 24.68 -18.77
CA TYR B 1064 -20.15 25.30 -17.47
C TYR B 1064 -20.16 26.81 -17.64
N LEU B 1065 -20.71 27.49 -16.65
CA LEU B 1065 -20.77 28.94 -16.64
C LEU B 1065 -19.59 29.58 -15.90
N ASP B 1066 -18.68 28.77 -15.38
CA ASP B 1066 -17.49 29.25 -14.71
C ASP B 1066 -16.31 28.41 -15.17
N VAL B 1067 -15.16 29.05 -15.36
CA VAL B 1067 -13.97 28.32 -15.78
C VAL B 1067 -13.56 27.27 -14.76
N SER B 1068 -13.97 27.46 -13.50
CA SER B 1068 -13.67 26.48 -12.46
C SER B 1068 -14.29 25.12 -12.76
N PHE B 1069 -15.29 25.07 -13.62
CA PHE B 1069 -16.01 23.83 -13.92
C PHE B 1069 -16.53 23.19 -12.64
N ALA B 1070 -16.89 24.01 -11.65
CA ALA B 1070 -17.47 23.47 -10.44
C ALA B 1070 -18.85 22.91 -10.72
N GLU B 1071 -19.21 21.84 -10.01
CA GLU B 1071 -20.50 21.19 -10.24
C GLU B 1071 -21.64 22.20 -10.25
N THR B 1072 -21.62 23.16 -9.32
CA THR B 1072 -22.71 24.12 -9.21
C THR B 1072 -22.84 25.00 -10.45
N THR B 1073 -21.78 25.16 -11.23
CA THR B 1073 -21.82 25.98 -12.44
C THR B 1073 -22.03 25.15 -13.70
N LYS B 1074 -22.22 23.84 -13.55
CA LYS B 1074 -22.45 22.94 -14.67
C LYS B 1074 -23.89 23.11 -15.13
N ARG B 1075 -24.08 23.46 -16.40
CA ARG B 1075 -25.42 23.61 -16.93
C ARG B 1075 -26.14 22.27 -16.96
N LYS B 1076 -27.40 22.28 -16.52
CA LYS B 1076 -28.23 21.08 -16.44
C LYS B 1076 -29.37 21.09 -17.44
N ASP B 1077 -29.49 22.13 -18.27
CA ASP B 1077 -30.59 22.25 -19.22
C ASP B 1077 -30.23 21.74 -20.61
N ILE B 1078 -29.00 21.97 -21.06
CA ILE B 1078 -28.55 21.53 -22.39
C ILE B 1078 -27.18 20.88 -22.26
N PHE B 1079 -26.71 20.32 -23.38
CA PHE B 1079 -25.38 19.72 -23.45
C PHE B 1079 -24.97 19.68 -24.92
N LEU B 1080 -23.74 19.22 -25.17
CA LEU B 1080 -23.17 19.17 -26.50
C LEU B 1080 -23.25 17.73 -27.01
N LYS B 1081 -23.94 17.54 -28.14
CA LYS B 1081 -24.12 16.21 -28.70
C LYS B 1081 -22.78 15.63 -29.14
N GLU B 1082 -22.69 14.30 -29.12
CA GLU B 1082 -21.52 13.63 -29.67
C GLU B 1082 -21.47 13.83 -31.19
N LEU B 1083 -20.25 13.90 -31.71
CA LEU B 1083 -20.01 14.06 -33.15
C LEU B 1083 -20.66 15.33 -33.71
N ASN B 1084 -21.01 16.27 -32.83
CA ASN B 1084 -21.59 17.55 -33.23
C ASN B 1084 -20.59 18.68 -33.01
N GLU B 1085 -20.56 19.62 -33.94
CA GLU B 1085 -19.58 20.70 -33.95
C GLU B 1085 -20.15 21.95 -33.31
N ILE B 1086 -19.27 22.76 -32.72
CA ILE B 1086 -19.63 24.03 -32.09
C ILE B 1086 -18.49 25.02 -32.33
N ASP B 1087 -18.81 26.29 -32.14
CA ASP B 1087 -17.84 27.36 -32.36
C ASP B 1087 -17.28 27.84 -31.03
N VAL B 1088 -15.96 27.72 -30.86
CA VAL B 1088 -15.26 28.34 -29.74
C VAL B 1088 -14.96 29.79 -30.10
N ILE B 1089 -15.32 30.71 -29.22
CA ILE B 1089 -15.19 32.14 -29.47
C ILE B 1089 -14.12 32.77 -28.58
N ALA B 1090 -13.54 32.01 -27.68
CA ALA B 1090 -12.50 32.52 -26.80
C ALA B 1090 -11.89 31.35 -26.04
N VAL B 1091 -10.63 31.50 -25.65
CA VAL B 1091 -9.91 30.51 -24.86
C VAL B 1091 -9.50 31.19 -23.57
N ASP B 1092 -10.08 30.75 -22.46
CA ASP B 1092 -9.80 31.34 -21.16
C ASP B 1092 -9.05 30.33 -20.30
N TRP B 1093 -7.99 30.78 -19.63
CA TRP B 1093 -7.06 29.89 -18.95
C TRP B 1093 -7.27 29.95 -17.44
N LEU B 1094 -7.21 28.79 -16.81
CA LEU B 1094 -7.18 28.71 -15.36
C LEU B 1094 -5.89 29.30 -14.81
N LYS B 1095 -5.91 29.62 -13.51
CA LYS B 1095 -4.69 30.11 -12.86
C LYS B 1095 -3.54 29.13 -13.02
N GLY B 1096 -3.82 27.83 -12.97
CA GLY B 1096 -2.81 26.80 -13.10
C GLY B 1096 -2.32 26.52 -14.50
N GLY B 1097 -2.86 27.21 -15.51
CA GLY B 1097 -2.42 27.03 -16.88
C GLY B 1097 -3.14 25.92 -17.60
N VAL B 1098 -4.47 25.90 -17.51
CA VAL B 1098 -5.31 24.93 -18.21
C VAL B 1098 -6.33 25.72 -19.02
N PRO B 1099 -6.47 25.46 -20.32
CA PRO B 1099 -7.39 26.25 -21.15
C PRO B 1099 -8.81 25.70 -21.12
N ARG B 1100 -9.75 26.58 -21.43
CA ARG B 1100 -11.16 26.24 -21.56
C ARG B 1100 -11.72 26.97 -22.77
N LEU B 1101 -12.57 26.29 -23.54
CA LEU B 1101 -13.09 26.83 -24.80
C LEU B 1101 -14.49 27.37 -24.55
N LEU B 1102 -14.68 28.68 -24.76
CA LEU B 1102 -15.96 29.32 -24.53
C LEU B 1102 -16.83 29.29 -25.79
N THR B 1103 -18.10 28.94 -25.62
CA THR B 1103 -19.10 28.99 -26.67
C THR B 1103 -20.29 29.81 -26.17
N GLU B 1104 -21.20 30.14 -27.09
CA GLU B 1104 -22.37 30.92 -26.72
C GLU B 1104 -23.20 30.28 -25.63
N HIS B 1105 -22.94 29.01 -25.29
CA HIS B 1105 -23.69 28.31 -24.26
C HIS B 1105 -22.88 28.01 -23.01
N GLY B 1106 -21.60 28.37 -22.99
CA GLY B 1106 -20.78 28.18 -21.81
C GLY B 1106 -19.44 27.59 -22.16
N TYR B 1107 -18.71 27.20 -21.11
CA TYR B 1107 -17.37 26.66 -21.26
C TYR B 1107 -17.41 25.15 -21.52
N ILE B 1108 -16.57 24.69 -22.43
CA ILE B 1108 -16.33 23.28 -22.65
C ILE B 1108 -14.85 22.97 -22.43
N THR B 1109 -14.58 21.73 -22.06
CA THR B 1109 -13.21 21.28 -21.87
C THR B 1109 -12.42 21.34 -23.17
N ALA B 1110 -11.10 21.49 -23.03
CA ALA B 1110 -10.19 21.47 -24.17
C ALA B 1110 -9.44 20.16 -24.30
N HIS B 1111 -9.77 19.15 -23.50
CA HIS B 1111 -8.98 17.92 -23.52
C HIS B 1111 -9.03 17.25 -24.88
N LYS B 1112 -7.92 16.63 -25.28
CA LYS B 1112 -7.84 16.07 -26.63
C LYS B 1112 -8.82 14.91 -26.81
N ASP B 1113 -9.11 14.20 -25.71
CA ASP B 1113 -10.00 13.05 -25.75
C ASP B 1113 -11.47 13.46 -25.68
N TRP B 1114 -11.77 14.76 -25.65
CA TRP B 1114 -13.14 15.18 -25.55
C TRP B 1114 -13.55 16.14 -26.66
N VAL B 1115 -12.60 16.77 -27.35
CA VAL B 1115 -12.87 17.73 -28.41
C VAL B 1115 -11.76 17.60 -29.44
N LYS B 1116 -12.06 17.97 -30.69
CA LYS B 1116 -11.06 17.96 -31.75
C LYS B 1116 -11.25 19.19 -32.63
N LYS B 1117 -10.16 19.92 -32.89
CA LYS B 1117 -10.25 21.11 -33.71
C LYS B 1117 -10.60 20.72 -35.14
N SER B 1118 -11.79 21.10 -35.58
CA SER B 1118 -12.26 20.79 -36.94
C SER B 1118 -11.25 21.23 -38.00
N ASP C 4 -43.34 -18.89 50.04
CA ASP C 4 -43.30 -20.34 49.88
C ASP C 4 -43.06 -20.73 48.42
N LYS C 5 -43.84 -20.13 47.52
CA LYS C 5 -43.84 -20.48 46.10
C LYS C 5 -43.12 -19.40 45.30
N THR C 6 -42.66 -19.78 44.11
CA THR C 6 -41.88 -18.88 43.28
C THR C 6 -42.37 -18.96 41.84
N TRP C 7 -42.71 -17.80 41.28
CA TRP C 7 -43.24 -17.71 39.92
C TRP C 7 -42.40 -16.73 39.11
N LEU C 8 -41.97 -17.18 37.94
CA LEU C 8 -41.38 -16.29 36.94
C LEU C 8 -42.39 -16.11 35.81
N PHE C 9 -42.31 -14.96 35.14
CA PHE C 9 -43.21 -14.65 34.05
C PHE C 9 -42.38 -14.17 32.87
N GLY C 10 -42.65 -14.68 31.68
CA GLY C 10 -41.81 -14.36 30.54
C GLY C 10 -42.61 -14.23 29.26
N SER C 11 -42.12 -13.36 28.38
CA SER C 11 -42.66 -13.17 27.04
C SER C 11 -41.74 -12.19 26.34
N TYR C 12 -41.91 -12.07 25.03
CA TYR C 12 -41.09 -11.15 24.24
C TYR C 12 -41.46 -9.69 24.44
N ALA C 13 -42.50 -9.38 25.20
CA ALA C 13 -42.85 -7.98 25.42
C ALA C 13 -43.66 -7.85 26.72
N TRP C 14 -43.69 -6.63 27.24
CA TRP C 14 -44.46 -6.30 28.44
C TRP C 14 -45.94 -6.24 28.06
N GLN C 15 -46.58 -7.41 28.07
CA GLN C 15 -47.92 -7.55 27.52
C GLN C 15 -48.55 -8.85 28.00
N GLY C 16 -49.85 -8.97 27.78
CA GLY C 16 -50.52 -10.25 27.82
C GLY C 16 -50.89 -10.75 29.20
N ASN C 17 -51.47 -11.94 29.20
CA ASN C 17 -51.76 -12.63 30.45
C ASN C 17 -50.55 -12.72 31.37
N PRO C 18 -49.33 -12.97 30.87
CA PRO C 18 -48.17 -12.89 31.76
C PRO C 18 -48.13 -11.60 32.55
N LYS C 19 -48.22 -10.45 31.87
CA LYS C 19 -48.15 -9.16 32.55
C LYS C 19 -49.32 -8.99 33.52
N ALA C 20 -50.54 -9.31 33.06
CA ALA C 20 -51.70 -9.15 33.92
C ALA C 20 -51.54 -9.94 35.21
N LEU C 21 -51.26 -11.24 35.10
CA LEU C 21 -51.12 -12.07 36.28
C LEU C 21 -49.92 -11.65 37.12
N PHE C 22 -48.84 -11.18 36.49
CA PHE C 22 -47.67 -10.73 37.24
C PHE C 22 -48.03 -9.55 38.14
N LEU C 23 -48.67 -8.54 37.57
CA LEU C 23 -49.10 -7.39 38.39
C LEU C 23 -50.08 -7.83 39.47
N TYR C 24 -51.08 -8.63 39.09
CA TYR C 24 -52.10 -9.03 40.06
C TYR C 24 -51.49 -9.81 41.21
N MET C 25 -50.43 -10.57 40.96
CA MET C 25 -49.82 -11.34 42.04
C MET C 25 -48.86 -10.49 42.86
N LEU C 26 -48.07 -9.63 42.21
CA LEU C 26 -47.24 -8.71 42.96
C LEU C 26 -48.05 -7.80 43.86
N VAL C 27 -49.34 -7.64 43.57
CA VAL C 27 -50.22 -6.87 44.45
C VAL C 27 -50.88 -7.79 45.47
N ASN C 28 -51.73 -8.71 44.99
CA ASN C 28 -52.63 -9.49 45.84
C ASN C 28 -52.04 -10.81 46.31
N CYS C 29 -50.75 -11.07 46.08
CA CYS C 29 -50.13 -12.32 46.49
C CYS C 29 -48.69 -12.09 46.95
N LYS C 30 -48.46 -10.96 47.64
CA LYS C 30 -47.11 -10.65 48.09
C LYS C 30 -46.62 -11.60 49.18
N GLU C 31 -47.53 -12.24 49.91
CA GLU C 31 -47.15 -13.05 51.06
C GLU C 31 -46.99 -14.53 50.72
N THR C 32 -47.71 -15.04 49.73
CA THR C 32 -47.65 -16.46 49.38
C THR C 32 -46.74 -16.78 48.21
N HIS C 33 -46.40 -15.80 47.36
CA HIS C 33 -45.60 -16.07 46.18
C HIS C 33 -44.56 -14.97 45.97
N GLU C 34 -43.38 -15.36 45.51
CA GLU C 34 -42.39 -14.40 45.05
C GLU C 34 -42.41 -14.41 43.52
N CYS C 35 -42.75 -13.26 42.93
CA CYS C 35 -42.99 -13.17 41.50
C CYS C 35 -41.94 -12.28 40.86
N TRP C 36 -41.35 -12.78 39.77
CA TRP C 36 -40.37 -12.04 38.99
C TRP C 36 -40.75 -12.09 37.52
N TRP C 37 -40.33 -11.07 36.77
CA TRP C 37 -40.55 -11.01 35.33
C TRP C 37 -39.20 -11.08 34.62
N VAL C 38 -39.03 -12.11 33.80
CA VAL C 38 -37.81 -12.33 33.03
C VAL C 38 -38.03 -11.80 31.62
N ALA C 39 -37.31 -10.73 31.29
CA ALA C 39 -37.30 -10.23 29.92
C ALA C 39 -36.29 -11.00 29.08
N ASP C 40 -36.32 -10.77 27.77
CA ASP C 40 -35.43 -11.50 26.87
C ASP C 40 -34.02 -10.96 26.90
N ASN C 41 -33.83 -9.68 27.23
CA ASN C 41 -32.51 -9.08 27.24
C ASN C 41 -32.45 -8.06 28.37
N GLU C 42 -31.35 -7.29 28.41
CA GLU C 42 -31.18 -6.29 29.46
C GLU C 42 -32.00 -5.04 29.17
N GLU C 43 -32.00 -4.57 27.92
CA GLU C 43 -32.71 -3.35 27.59
C GLU C 43 -34.20 -3.47 27.87
N SER C 44 -34.77 -4.67 27.68
CA SER C 44 -36.18 -4.87 27.99
C SER C 44 -36.44 -4.66 29.47
N MET C 45 -35.58 -5.23 30.33
CA MET C 45 -35.70 -5.00 31.76
C MET C 45 -35.59 -3.51 32.09
N LYS C 46 -34.58 -2.84 31.52
CA LYS C 46 -34.41 -1.42 31.79
C LYS C 46 -35.66 -0.63 31.41
N SER C 47 -36.24 -0.93 30.24
CA SER C 47 -37.44 -0.23 29.81
C SER C 47 -38.60 -0.50 30.74
N ILE C 48 -38.82 -1.77 31.09
CA ILE C 48 -39.91 -2.12 32.00
C ILE C 48 -39.75 -1.36 33.31
N LYS C 49 -38.53 -1.34 33.85
CA LYS C 49 -38.31 -0.73 35.16
C LYS C 49 -38.47 0.78 35.10
N LYS C 50 -38.04 1.40 33.99
CA LYS C 50 -38.22 2.84 33.84
C LYS C 50 -39.70 3.19 33.71
N SER C 51 -40.46 2.35 32.99
CA SER C 51 -41.86 2.66 32.71
C SER C 51 -42.78 2.30 33.88
N THR C 52 -42.38 1.38 34.74
CA THR C 52 -43.25 0.88 35.80
C THR C 52 -42.67 1.03 37.20
N GLY C 53 -41.37 1.26 37.34
CA GLY C 53 -40.78 1.45 38.66
C GLY C 53 -40.68 0.22 39.52
N LEU C 54 -41.06 -0.96 39.01
CA LEU C 54 -40.95 -2.18 39.80
C LEU C 54 -39.49 -2.59 39.94
N LYS C 55 -39.23 -3.44 40.95
CA LYS C 55 -37.89 -3.96 41.18
C LYS C 55 -37.77 -5.46 40.99
N ASN C 56 -38.89 -6.17 40.84
CA ASN C 56 -38.85 -7.63 40.64
C ASN C 56 -38.80 -7.97 39.15
N ILE C 57 -37.94 -7.28 38.40
CA ILE C 57 -37.76 -7.51 36.98
C ILE C 57 -36.30 -7.88 36.71
N THR C 58 -36.10 -9.05 36.11
CA THR C 58 -34.77 -9.49 35.67
C THR C 58 -34.84 -9.85 34.19
N PHE C 59 -33.76 -10.40 33.63
CA PHE C 59 -33.71 -10.74 32.21
C PHE C 59 -33.06 -12.11 32.04
N THR C 60 -33.21 -12.67 30.85
CA THR C 60 -32.74 -14.03 30.58
C THR C 60 -31.23 -14.09 30.76
N ASP C 61 -30.76 -15.18 31.37
CA ASP C 61 -29.34 -15.43 31.64
C ASP C 61 -28.76 -14.43 32.62
N SER C 62 -29.60 -13.64 33.28
CA SER C 62 -29.17 -12.80 34.39
C SER C 62 -28.80 -13.66 35.59
N GLU C 63 -27.95 -13.11 36.47
CA GLU C 63 -27.60 -13.84 37.67
C GLU C 63 -28.82 -14.10 38.54
N LYS C 64 -29.79 -13.18 38.54
CA LYS C 64 -31.06 -13.45 39.21
C LYS C 64 -31.82 -14.58 38.53
N ALA C 65 -31.78 -14.63 37.19
CA ALA C 65 -32.44 -15.72 36.49
C ALA C 65 -31.72 -17.05 36.73
N LYS C 66 -30.38 -17.04 36.68
CA LYS C 66 -29.64 -18.25 37.00
C LYS C 66 -29.86 -18.70 38.43
N GLU C 67 -30.23 -17.78 39.32
CA GLU C 67 -30.58 -18.17 40.68
C GLU C 67 -31.99 -18.74 40.76
N LEU C 68 -32.95 -18.11 40.08
CA LEU C 68 -34.36 -18.47 40.23
C LEU C 68 -34.72 -19.73 39.46
N PHE C 69 -34.39 -19.80 38.16
CA PHE C 69 -34.85 -20.92 37.34
C PHE C 69 -34.50 -22.28 37.91
N PRO C 70 -33.30 -22.52 38.47
CA PRO C 70 -32.97 -23.88 38.89
C PRO C 70 -33.92 -24.43 39.94
N HIS C 71 -34.55 -23.56 40.74
CA HIS C 71 -35.43 -23.98 41.81
C HIS C 71 -36.73 -23.19 41.82
N ALA C 72 -37.21 -22.80 40.65
CA ALA C 72 -38.49 -22.10 40.58
C ALA C 72 -39.65 -23.08 40.75
N ASP C 73 -40.85 -22.52 40.88
CA ASP C 73 -42.08 -23.29 41.02
C ASP C 73 -42.99 -23.20 39.80
N VAL C 74 -43.12 -22.03 39.19
CA VAL C 74 -43.95 -21.88 38.00
C VAL C 74 -43.29 -20.92 37.02
N TYR C 75 -43.47 -21.20 35.73
CA TYR C 75 -43.01 -20.34 34.65
C TYR C 75 -44.21 -19.99 33.79
N VAL C 76 -44.62 -18.71 33.82
CA VAL C 76 -45.80 -18.27 33.09
C VAL C 76 -45.39 -17.75 31.73
N THR C 77 -46.14 -18.15 30.71
CA THR C 77 -45.85 -17.78 29.33
C THR C 77 -47.15 -17.61 28.58
N GLU C 78 -47.10 -16.90 27.46
CA GLU C 78 -48.24 -16.77 26.57
C GLU C 78 -48.07 -17.52 25.25
N ASN C 79 -46.98 -18.26 25.09
CA ASN C 79 -46.72 -19.03 23.87
C ASN C 79 -45.94 -20.28 24.23
N PHE C 80 -45.89 -21.22 23.28
CA PHE C 80 -44.95 -22.32 23.36
C PHE C 80 -43.59 -21.78 22.91
N ARG C 81 -42.78 -21.36 23.87
CA ARG C 81 -41.54 -20.65 23.59
C ARG C 81 -40.66 -21.44 22.64
N GLU C 82 -39.78 -20.75 21.91
CA GLU C 82 -38.86 -21.46 21.03
C GLU C 82 -37.70 -22.08 21.80
N SER C 83 -37.25 -21.41 22.87
CA SER C 83 -36.21 -21.96 23.74
C SER C 83 -36.58 -21.70 25.19
N TYR C 84 -36.21 -22.66 26.04
CA TYR C 84 -36.35 -22.53 27.48
C TYR C 84 -34.99 -22.68 28.16
N PRO C 85 -34.76 -21.96 29.26
CA PRO C 85 -33.44 -22.01 29.91
C PRO C 85 -33.02 -23.45 30.19
N VAL C 86 -31.76 -23.75 29.86
CA VAL C 86 -31.23 -25.10 30.06
C VAL C 86 -31.16 -25.46 31.54
N TYR C 87 -31.10 -24.47 32.43
CA TYR C 87 -31.05 -24.70 33.86
C TYR C 87 -32.43 -24.62 34.51
N MET C 88 -33.49 -24.50 33.73
CA MET C 88 -34.84 -24.51 34.27
C MET C 88 -35.08 -25.83 34.99
N ASN C 89 -35.71 -25.76 36.17
CA ASN C 89 -35.79 -26.94 37.01
C ASN C 89 -36.56 -28.05 36.29
N GLU C 90 -36.22 -29.30 36.63
CA GLU C 90 -36.78 -30.45 35.93
C GLU C 90 -38.30 -30.50 36.06
N ASN C 91 -38.82 -30.16 37.22
CA ASN C 91 -40.24 -30.36 37.53
C ASN C 91 -41.05 -29.07 37.51
N ILE C 92 -40.49 -28.00 36.94
CA ILE C 92 -41.22 -26.74 36.91
C ILE C 92 -42.54 -26.95 36.18
N LYS C 93 -43.51 -26.09 36.49
CA LYS C 93 -44.81 -26.10 35.83
C LYS C 93 -44.86 -24.91 34.88
N VAL C 94 -44.91 -25.20 33.58
CA VAL C 94 -44.99 -24.19 32.55
C VAL C 94 -46.47 -23.85 32.37
N PHE C 95 -46.90 -22.75 32.99
CA PHE C 95 -48.26 -22.26 32.88
C PHE C 95 -48.35 -21.45 31.59
N ASN C 96 -48.82 -22.09 30.53
CA ASN C 96 -48.98 -21.44 29.23
C ASN C 96 -50.37 -20.83 29.16
N THR C 97 -50.46 -19.54 29.46
CA THR C 97 -51.71 -18.79 29.33
C THR C 97 -51.73 -18.18 27.94
N TRP C 98 -52.42 -18.85 27.01
CA TRP C 98 -52.36 -18.53 25.59
C TRP C 98 -52.58 -17.04 25.36
N HIS C 99 -52.29 -16.56 24.15
CA HIS C 99 -52.38 -15.15 23.85
C HIS C 99 -53.71 -14.74 23.22
N GLY C 100 -54.69 -15.62 23.25
CA GLY C 100 -56.01 -15.29 22.74
C GLY C 100 -56.75 -16.54 22.33
N VAL C 101 -58.08 -16.39 22.18
CA VAL C 101 -58.94 -17.45 21.68
C VAL C 101 -59.53 -16.95 20.36
N GLY C 102 -59.96 -17.91 19.55
CA GLY C 102 -60.49 -17.60 18.25
C GLY C 102 -60.75 -18.85 17.42
N LEU C 103 -60.80 -18.68 16.11
CA LEU C 103 -61.19 -19.79 15.26
C LEU C 103 -60.21 -20.07 14.12
N LYS C 104 -58.93 -19.77 14.32
CA LYS C 104 -57.88 -20.05 13.36
C LYS C 104 -56.99 -21.17 13.91
N HIS C 105 -56.50 -22.02 12.99
CA HIS C 105 -55.59 -23.09 13.35
C HIS C 105 -54.25 -22.50 13.80
N ILE C 106 -53.55 -23.21 14.67
CA ILE C 106 -52.32 -22.70 15.28
C ILE C 106 -51.37 -23.87 15.55
N GLU C 107 -50.10 -23.52 15.74
CA GLU C 107 -49.07 -24.46 16.23
C GLU C 107 -49.01 -25.64 15.27
N LEU C 108 -49.04 -26.89 15.74
CA LEU C 108 -48.80 -28.03 14.86
C LEU C 108 -49.81 -28.11 13.72
N ALA C 109 -50.96 -27.46 13.85
CA ALA C 109 -51.97 -27.51 12.79
C ALA C 109 -51.57 -26.69 11.57
N LEU C 110 -50.64 -25.74 11.72
CA LEU C 110 -50.25 -24.90 10.59
C LEU C 110 -49.55 -25.70 9.50
N GLY C 111 -48.95 -26.84 9.83
CA GLY C 111 -48.40 -27.72 8.82
C GLY C 111 -47.14 -27.20 8.15
N MET C 112 -46.76 -27.93 7.09
CA MET C 112 -45.52 -27.67 6.36
C MET C 112 -45.63 -26.52 5.37
N ASN C 113 -46.83 -26.13 5.00
CA ASN C 113 -47.04 -25.02 4.07
C ASN C 113 -46.94 -23.67 4.76
N SER C 114 -46.93 -23.64 6.09
CA SER C 114 -46.92 -22.39 6.83
C SER C 114 -45.59 -21.67 6.66
N VAL C 115 -45.65 -20.33 6.65
CA VAL C 115 -44.42 -19.55 6.61
C VAL C 115 -43.59 -19.81 7.85
N LEU C 116 -44.20 -20.34 8.91
CA LEU C 116 -43.51 -20.62 10.16
C LEU C 116 -43.18 -22.10 10.33
N ALA C 117 -43.18 -22.87 9.23
CA ALA C 117 -43.00 -24.31 9.32
C ALA C 117 -41.68 -24.67 10.00
N GLU C 118 -40.58 -24.07 9.53
CA GLU C 118 -39.28 -24.42 10.08
C GLU C 118 -39.24 -24.12 11.57
N SER C 119 -39.81 -22.98 11.97
CA SER C 119 -39.77 -22.60 13.38
C SER C 119 -40.60 -23.54 14.23
N ILE C 120 -41.76 -23.97 13.73
CA ILE C 120 -42.58 -24.93 14.47
C ILE C 120 -41.85 -26.25 14.63
N VAL C 121 -41.29 -26.77 13.54
CA VAL C 121 -40.58 -28.04 13.62
C VAL C 121 -39.43 -27.92 14.62
N ARG C 122 -38.67 -26.83 14.56
CA ARG C 122 -37.57 -26.61 15.50
C ARG C 122 -38.06 -26.58 16.94
N LYS C 123 -39.02 -25.70 17.22
CA LYS C 123 -39.62 -25.60 18.55
C LYS C 123 -39.97 -26.98 19.09
N TYR C 124 -40.77 -27.74 18.35
CA TYR C 124 -41.32 -28.97 18.91
C TYR C 124 -40.25 -30.04 19.03
N VAL C 125 -39.47 -30.26 17.97
CA VAL C 125 -38.35 -31.20 18.06
C VAL C 125 -37.49 -30.91 19.27
N ARG C 126 -37.21 -29.62 19.53
CA ARG C 126 -36.38 -29.25 20.68
C ARG C 126 -37.08 -29.55 22.00
N ASN C 127 -38.29 -29.05 22.19
CA ASN C 127 -38.88 -28.93 23.52
C ASN C 127 -40.18 -29.73 23.67
N TYR C 128 -40.32 -30.86 22.97
CA TYR C 128 -41.55 -31.63 23.10
C TYR C 128 -41.70 -32.21 24.50
N ASP C 129 -40.60 -32.64 25.10
CA ASP C 129 -40.69 -33.15 26.47
C ASP C 129 -41.28 -32.10 27.39
N ILE C 130 -40.76 -30.87 27.34
CA ILE C 130 -41.31 -29.81 28.17
C ILE C 130 -42.77 -29.56 27.82
N TYR C 131 -43.06 -29.41 26.53
CA TYR C 131 -44.43 -29.13 26.10
C TYR C 131 -45.41 -30.15 26.66
N LYS C 132 -45.06 -31.43 26.61
CA LYS C 132 -45.99 -32.49 26.96
C LYS C 132 -46.03 -32.80 28.45
N ASN C 133 -44.92 -32.64 29.18
CA ASN C 133 -44.86 -33.06 30.57
C ASN C 133 -44.83 -31.92 31.57
N ASN C 134 -44.69 -30.68 31.13
CA ASN C 134 -44.55 -29.56 32.05
C ASN C 134 -45.40 -28.34 31.67
N VAL C 135 -46.21 -28.43 30.62
CA VAL C 135 -47.01 -27.30 30.15
C VAL C 135 -48.43 -27.46 30.66
N LEU C 136 -48.88 -26.48 31.45
CA LEU C 136 -50.29 -26.37 31.85
C LEU C 136 -50.92 -25.31 30.97
N PHE C 137 -51.69 -25.75 29.97
CA PHE C 137 -52.27 -24.82 29.01
C PHE C 137 -53.62 -24.34 29.53
N LEU C 138 -53.84 -23.03 29.47
CA LEU C 138 -55.06 -22.42 29.98
C LEU C 138 -56.14 -22.45 28.91
N THR C 139 -57.27 -23.07 29.22
CA THR C 139 -58.42 -23.14 28.33
C THR C 139 -59.58 -22.36 28.94
N THR C 140 -60.38 -21.72 28.08
CA THR C 140 -61.47 -20.88 28.53
C THR C 140 -62.85 -21.47 28.27
N SER C 141 -62.96 -22.45 27.37
CA SER C 141 -64.24 -23.09 27.11
C SER C 141 -63.97 -24.48 26.56
N GLN C 142 -64.99 -25.33 26.58
CA GLN C 142 -64.81 -26.68 26.05
C GLN C 142 -64.51 -26.65 24.56
N ALA C 143 -65.19 -25.77 23.82
CA ALA C 143 -64.89 -25.64 22.39
C ALA C 143 -63.44 -25.23 22.17
N MET C 144 -62.98 -24.20 22.89
CA MET C 144 -61.60 -23.75 22.74
C MET C 144 -60.62 -24.80 23.23
N GLU C 145 -60.95 -25.50 24.32
CA GLU C 145 -60.07 -26.57 24.79
C GLU C 145 -59.91 -27.65 23.73
N ASP C 146 -61.01 -28.08 23.11
CA ASP C 146 -60.92 -29.10 22.06
C ASP C 146 -60.11 -28.58 20.88
N HIS C 147 -60.38 -27.34 20.45
CA HIS C 147 -59.64 -26.77 19.34
C HIS C 147 -58.14 -26.75 19.61
N PHE C 148 -57.74 -26.27 20.80
CA PHE C 148 -56.34 -26.15 21.12
C PHE C 148 -55.68 -27.51 21.27
N LEU C 149 -56.38 -28.46 21.89
CA LEU C 149 -55.85 -29.81 22.01
C LEU C 149 -55.71 -30.48 20.64
N GLU C 150 -56.58 -30.12 19.70
CA GLU C 150 -56.42 -30.61 18.33
C GLU C 150 -55.19 -29.99 17.67
N ASP C 151 -54.96 -28.71 17.89
CA ASP C 151 -53.91 -27.98 17.18
C ASP C 151 -52.56 -28.02 17.87
N MET C 152 -52.48 -28.50 19.11
CA MET C 152 -51.25 -28.45 19.89
C MET C 152 -50.98 -29.82 20.51
N ALA C 153 -49.80 -29.93 21.12
CA ALA C 153 -49.37 -31.16 21.77
C ALA C 153 -49.29 -30.95 23.28
N ILE C 154 -50.45 -30.72 23.90
CA ILE C 154 -50.54 -30.50 25.34
C ILE C 154 -51.21 -31.70 25.99
N SER C 155 -50.86 -31.92 27.26
CA SER C 155 -51.41 -33.03 28.04
C SER C 155 -52.81 -32.68 28.51
N LYS C 156 -53.79 -33.52 28.18
CA LYS C 156 -55.16 -33.27 28.62
C LYS C 156 -55.27 -33.23 30.14
N GLU C 157 -54.36 -33.92 30.85
CA GLU C 157 -54.41 -33.97 32.30
C GLU C 157 -53.89 -32.68 32.96
N LEU C 158 -53.06 -31.91 32.26
CA LEU C 158 -52.46 -30.71 32.82
C LEU C 158 -53.22 -29.43 32.46
N ILE C 159 -54.39 -29.57 31.84
CA ILE C 159 -55.19 -28.42 31.47
C ILE C 159 -55.53 -27.58 32.70
N ILE C 160 -55.59 -26.25 32.51
CA ILE C 160 -56.06 -25.32 33.53
C ILE C 160 -57.26 -24.58 32.93
N ARG C 161 -58.40 -24.67 33.61
CA ARG C 161 -59.64 -24.04 33.16
C ARG C 161 -59.91 -22.78 33.96
N GLY C 162 -60.27 -21.70 33.26
CA GLY C 162 -60.58 -20.46 33.95
C GLY C 162 -60.69 -19.29 32.99
N LYS C 163 -60.47 -18.10 33.52
CA LYS C 163 -60.63 -16.84 32.80
C LYS C 163 -59.27 -16.33 32.31
N TYR C 164 -59.32 -15.34 31.42
CA TYR C 164 -58.12 -14.68 30.91
C TYR C 164 -57.69 -13.55 31.83
N PRO C 165 -56.55 -13.66 32.53
CA PRO C 165 -56.13 -12.59 33.45
C PRO C 165 -56.10 -11.20 32.81
N ARG C 166 -55.75 -11.08 31.52
CA ARG C 166 -55.64 -9.75 30.93
C ARG C 166 -57.01 -9.12 30.66
N ASN C 167 -58.07 -9.91 30.73
CA ASN C 167 -59.43 -9.44 30.52
C ASN C 167 -60.20 -9.28 31.82
N ALA C 168 -59.59 -9.57 32.97
CA ALA C 168 -60.29 -9.52 34.23
C ALA C 168 -59.49 -8.85 35.35
N VAL C 169 -58.34 -8.25 35.06
CA VAL C 169 -57.48 -7.70 36.08
C VAL C 169 -57.48 -6.18 36.11
N TYR C 170 -57.65 -5.52 34.97
CA TYR C 170 -57.61 -4.06 34.89
C TYR C 170 -58.99 -3.43 34.95
N GLY C 171 -59.84 -3.89 35.87
CA GLY C 171 -61.18 -3.36 35.97
C GLY C 171 -61.20 -1.96 36.58
N PRO C 172 -62.40 -1.46 36.92
CA PRO C 172 -62.47 -0.11 37.48
C PRO C 172 -61.67 0.07 38.75
N ASN C 173 -61.82 -0.84 39.72
CA ASN C 173 -61.07 -0.79 40.96
C ASN C 173 -59.83 -1.70 40.94
N GLY C 174 -59.49 -2.25 39.78
CA GLY C 174 -58.44 -3.23 39.66
C GLY C 174 -57.09 -2.59 39.45
N ILE C 175 -56.24 -3.27 38.69
CA ILE C 175 -54.85 -2.82 38.54
C ILE C 175 -54.78 -1.84 37.39
N HIS C 176 -53.92 -0.83 37.53
CA HIS C 176 -53.65 0.11 36.45
C HIS C 176 -52.25 0.67 36.64
N THR C 177 -51.38 0.44 35.67
CA THR C 177 -50.02 0.99 35.72
C THR C 177 -49.94 2.41 35.16
N TYR C 178 -51.04 2.93 34.62
CA TYR C 178 -51.08 4.27 34.06
C TYR C 178 -52.52 4.79 34.15
N ASP C 179 -52.65 6.10 34.28
CA ASP C 179 -53.96 6.74 34.26
C ASP C 179 -54.35 7.07 32.82
N ILE C 180 -55.53 6.61 32.40
CA ILE C 180 -55.92 6.75 31.01
C ILE C 180 -56.09 8.22 30.64
N ASN C 181 -56.61 9.02 31.58
CA ASN C 181 -56.87 10.43 31.27
C ASN C 181 -55.61 11.19 30.93
N THR C 182 -54.45 10.71 31.38
CA THR C 182 -53.19 11.39 31.06
C THR C 182 -52.77 11.22 29.60
N LEU C 183 -53.45 10.35 28.85
CA LEU C 183 -53.14 10.13 27.44
C LEU C 183 -54.14 10.76 26.47
N LEU C 184 -55.32 11.09 26.92
CA LEU C 184 -56.42 11.63 26.13
C LEU C 184 -56.39 13.15 26.10
N PRO C 185 -56.85 13.75 25.01
CA PRO C 185 -56.98 15.22 24.98
C PRO C 185 -57.82 15.81 26.10
N LYS C 186 -58.92 15.16 26.44
CA LYS C 186 -59.78 15.55 27.55
C LYS C 186 -59.96 14.34 28.47
N ASN C 187 -60.48 14.60 29.66
CA ASN C 187 -60.80 13.50 30.55
C ASN C 187 -61.83 12.59 29.89
N LYS C 188 -61.76 11.30 30.22
CA LYS C 188 -62.67 10.34 29.61
C LYS C 188 -64.13 10.74 29.79
N SER C 189 -64.47 11.36 30.92
CA SER C 189 -65.86 11.72 31.17
C SER C 189 -66.33 12.90 30.34
N GLN C 190 -65.41 13.70 29.80
CA GLN C 190 -65.80 14.86 28.98
C GLN C 190 -66.18 14.48 27.56
N TYR C 191 -65.92 13.25 27.14
CA TYR C 191 -66.37 12.76 25.84
C TYR C 191 -67.76 12.16 25.97
N SER C 192 -68.52 12.23 24.87
CA SER C 192 -69.80 11.54 24.85
C SER C 192 -69.62 10.03 24.66
N GLN C 193 -68.44 9.59 24.24
CA GLN C 193 -68.18 8.18 23.99
C GLN C 193 -66.74 7.97 23.52
N THR C 194 -66.19 6.78 23.78
CA THR C 194 -64.86 6.42 23.32
C THR C 194 -64.98 5.24 22.37
N ILE C 195 -64.45 5.38 21.17
CA ILE C 195 -64.41 4.32 20.16
C ILE C 195 -62.97 3.85 20.03
N LEU C 196 -62.78 2.53 19.92
CA LEU C 196 -61.46 1.91 19.81
C LEU C 196 -61.39 1.16 18.49
N PHE C 197 -60.52 1.62 17.59
CA PHE C 197 -60.39 1.07 16.24
C PHE C 197 -59.27 0.04 16.22
N CYS C 198 -59.61 -1.22 15.94
CA CYS C 198 -58.67 -2.33 16.04
C CYS C 198 -58.66 -3.15 14.74
N PRO C 199 -58.04 -2.64 13.69
CA PRO C 199 -57.93 -3.41 12.45
C PRO C 199 -56.79 -4.42 12.54
N THR C 200 -56.75 -5.32 11.56
CA THR C 200 -55.74 -6.37 11.47
C THR C 200 -54.94 -6.21 10.18
N TYR C 201 -53.82 -6.92 10.12
CA TYR C 201 -52.86 -6.80 9.02
C TYR C 201 -53.33 -7.63 7.84
N ARG C 202 -53.76 -6.98 6.75
CA ARG C 202 -54.15 -7.68 5.54
C ARG C 202 -52.91 -8.17 4.80
N ILE C 203 -52.90 -9.46 4.48
CA ILE C 203 -51.77 -10.07 3.78
C ILE C 203 -51.82 -9.72 2.30
N GLN C 207 -52.21 -0.71 -1.53
CA GLN C 207 -51.93 0.37 -0.57
C GLN C 207 -52.16 -0.12 0.86
N GLY C 208 -51.65 0.65 1.83
CA GLY C 208 -51.79 0.25 3.22
C GLY C 208 -53.23 0.10 3.63
N VAL C 209 -53.46 -0.81 4.58
CA VAL C 209 -54.82 -1.07 5.06
C VAL C 209 -55.42 0.17 5.69
N LEU C 210 -54.60 0.95 6.41
CA LEU C 210 -55.12 2.13 7.08
C LEU C 210 -55.60 3.17 6.06
N ASN C 211 -54.87 3.32 4.95
CA ASN C 211 -55.30 4.25 3.91
C ASN C 211 -56.59 3.79 3.24
N SER C 212 -56.85 2.47 3.23
CA SER C 212 -58.03 1.94 2.58
C SER C 212 -59.27 1.99 3.48
N LEU C 213 -59.10 1.77 4.78
CA LEU C 213 -60.24 1.77 5.70
C LEU C 213 -60.60 3.17 6.18
N LEU C 214 -59.63 4.08 6.30
CA LEU C 214 -59.87 5.45 6.74
C LEU C 214 -59.17 6.39 5.77
N PRO C 215 -59.81 6.71 4.64
CA PRO C 215 -59.16 7.57 3.65
C PRO C 215 -59.15 9.05 4.05
N ASP C 216 -60.32 9.60 4.35
CA ASP C 216 -60.48 11.02 4.65
C ASP C 216 -60.55 11.20 6.17
N PHE C 217 -59.38 11.36 6.79
CA PHE C 217 -59.35 11.53 8.24
C PHE C 217 -60.03 12.83 8.67
N ALA C 218 -60.04 13.85 7.81
CA ALA C 218 -60.70 15.10 8.16
C ALA C 218 -62.19 14.90 8.36
N LYS C 219 -62.83 14.12 7.50
CA LYS C 219 -64.25 13.82 7.66
C LYS C 219 -64.50 13.04 8.95
N LEU C 220 -63.59 12.11 9.29
CA LEU C 220 -63.72 11.37 10.53
C LEU C 220 -63.68 12.30 11.73
N GLU C 221 -62.69 13.20 11.76
CA GLU C 221 -62.59 14.12 12.88
C GLU C 221 -63.81 15.05 12.94
N GLU C 222 -64.31 15.48 11.78
CA GLU C 222 -65.51 16.30 11.78
C GLU C 222 -66.67 15.55 12.42
N VAL C 223 -66.90 14.30 11.99
CA VAL C 223 -68.04 13.54 12.51
C VAL C 223 -67.88 13.30 14.00
N CYS C 224 -66.65 13.05 14.46
CA CYS C 224 -66.44 12.81 15.89
C CYS C 224 -66.68 14.07 16.70
N ARG C 225 -66.09 15.20 16.29
CA ARG C 225 -66.38 16.47 16.94
C ARG C 225 -67.88 16.70 17.04
N HIS C 226 -68.61 16.45 15.94
CA HIS C 226 -70.05 16.64 15.96
C HIS C 226 -70.70 15.87 17.11
N LYS C 227 -70.21 14.67 17.39
CA LYS C 227 -70.76 13.85 18.46
C LYS C 227 -69.95 13.92 19.75
N ASN C 228 -68.77 14.53 19.73
CA ASN C 228 -67.90 14.59 20.90
C ASN C 228 -67.34 13.20 21.24
N GLN C 229 -66.90 12.48 20.21
CA GLN C 229 -66.41 11.12 20.35
C GLN C 229 -64.89 11.08 20.28
N LEU C 230 -64.28 10.23 21.10
CA LEU C 230 -62.84 10.05 21.10
C LEU C 230 -62.49 8.81 20.29
N PHE C 231 -61.84 9.01 19.15
CA PHE C 231 -61.50 7.92 18.23
C PHE C 231 -60.06 7.49 18.50
N ILE C 232 -59.89 6.36 19.19
CA ILE C 232 -58.59 5.84 19.58
C ILE C 232 -58.19 4.80 18.54
N VAL C 233 -57.19 5.15 17.72
CA VAL C 233 -56.71 4.27 16.66
C VAL C 233 -55.56 3.42 17.20
N LYS C 234 -55.73 2.10 17.13
CA LYS C 234 -54.68 1.13 17.47
C LYS C 234 -54.62 0.13 16.34
N VAL C 235 -53.78 0.41 15.35
CA VAL C 235 -53.64 -0.45 14.18
C VAL C 235 -52.60 -1.53 14.47
N HIS C 236 -52.45 -2.47 13.55
CA HIS C 236 -51.51 -3.56 13.75
C HIS C 236 -50.08 -3.04 13.65
N PRO C 237 -49.14 -3.60 14.44
CA PRO C 237 -47.75 -3.12 14.36
C PRO C 237 -47.21 -3.07 12.95
N PHE C 238 -47.63 -4.01 12.09
CA PHE C 238 -47.16 -4.02 10.71
C PHE C 238 -47.77 -2.87 9.91
N MET C 239 -49.02 -2.50 10.22
CA MET C 239 -49.64 -1.38 9.53
C MET C 239 -48.94 -0.06 9.84
N LYS C 240 -48.14 -0.01 10.91
CA LYS C 240 -47.45 1.21 11.28
C LYS C 240 -46.25 1.52 10.38
N LYS C 241 -45.72 0.51 9.68
CA LYS C 241 -44.57 0.73 8.81
C LYS C 241 -44.92 1.58 7.59
N ASP C 242 -46.18 1.56 7.18
CA ASP C 242 -46.59 2.36 6.03
C ASP C 242 -46.38 3.85 6.29
N ASN C 243 -46.11 4.60 5.22
CA ASN C 243 -45.88 6.03 5.36
C ASN C 243 -47.16 6.81 5.58
N TYR C 244 -48.29 6.31 5.06
CA TYR C 244 -49.57 6.96 5.32
C TYR C 244 -49.89 6.99 6.82
N PHE C 245 -49.50 5.93 7.53
CA PHE C 245 -49.69 5.88 8.97
C PHE C 245 -49.01 7.07 9.65
N ALA C 246 -47.71 7.25 9.39
CA ALA C 246 -46.98 8.35 10.00
C ALA C 246 -47.50 9.70 9.54
N GLU C 247 -47.88 9.81 8.26
CA GLU C 247 -48.45 11.07 7.77
C GLU C 247 -49.69 11.44 8.57
N MET C 248 -50.64 10.50 8.67
CA MET C 248 -51.88 10.77 9.39
C MET C 248 -51.63 10.98 10.88
N SER C 249 -50.60 10.33 11.44
CA SER C 249 -50.31 10.52 12.85
C SER C 249 -49.67 11.87 13.13
N GLU C 250 -48.92 12.42 12.18
CA GLU C 250 -48.36 13.75 12.36
C GLU C 250 -49.38 14.84 12.04
N LYS C 251 -50.35 14.55 11.17
CA LYS C 251 -51.39 15.53 10.89
C LYS C 251 -52.36 15.65 12.06
N TYR C 252 -52.58 14.56 12.80
CA TYR C 252 -53.50 14.53 13.93
C TYR C 252 -52.76 14.17 15.23
N LYS C 253 -51.54 14.70 15.39
CA LYS C 253 -50.79 14.45 16.61
C LYS C 253 -51.37 15.20 17.81
N ASP C 254 -52.14 16.26 17.56
CA ASP C 254 -52.75 17.05 18.63
C ASP C 254 -54.26 17.19 18.41
N SER C 255 -54.87 16.20 17.76
CA SER C 255 -56.30 16.25 17.51
C SER C 255 -57.09 15.98 18.79
N GLU C 256 -58.10 16.80 19.04
CA GLU C 256 -58.90 16.65 20.26
C GLU C 256 -59.85 15.47 20.18
N TYR C 257 -59.99 14.81 19.03
CA TYR C 257 -60.90 13.68 18.92
C TYR C 257 -60.32 12.49 18.18
N ILE C 258 -59.15 12.61 17.53
CA ILE C 258 -58.47 11.50 16.90
C ILE C 258 -57.15 11.29 17.62
N LEU C 259 -56.97 10.12 18.23
CA LEU C 259 -55.80 9.84 19.06
C LEU C 259 -55.21 8.50 18.64
N PHE C 260 -54.00 8.53 18.09
CA PHE C 260 -53.31 7.29 17.73
C PHE C 260 -52.66 6.70 18.98
N TRP C 261 -53.12 5.52 19.37
CA TRP C 261 -52.75 4.94 20.65
C TRP C 261 -51.26 4.65 20.74
N ASN C 262 -50.60 5.25 21.72
CA ASN C 262 -49.18 4.98 21.96
C ASN C 262 -49.03 3.56 22.49
N ASP C 263 -48.50 2.66 21.65
CA ASP C 263 -48.39 1.25 21.99
C ASP C 263 -47.49 1.01 23.19
N ASP C 264 -46.86 2.07 23.71
CA ASP C 264 -46.07 1.94 24.93
C ASP C 264 -46.93 1.58 26.14
N TYR C 265 -48.23 1.81 26.07
CA TYR C 265 -49.14 1.53 27.17
C TYR C 265 -50.05 0.36 26.81
N ASP C 266 -50.17 -0.60 27.72
CA ASP C 266 -50.96 -1.79 27.49
C ASP C 266 -52.43 -1.40 27.27
N ILE C 267 -52.95 -1.71 26.08
CA ILE C 267 -54.31 -1.28 25.76
C ILE C 267 -55.33 -2.01 26.61
N TYR C 268 -55.00 -3.21 27.09
CA TYR C 268 -55.95 -3.98 27.89
C TYR C 268 -56.31 -3.24 29.17
N GLU C 269 -55.33 -2.60 29.81
CA GLU C 269 -55.64 -1.79 31.00
C GLU C 269 -56.75 -0.79 30.73
N ALA C 270 -56.92 -0.36 29.49
CA ALA C 270 -57.91 0.65 29.15
C ALA C 270 -59.21 0.06 28.63
N PHE C 271 -59.34 -1.27 28.61
CA PHE C 271 -60.54 -1.87 28.05
C PHE C 271 -61.79 -1.37 28.76
N ASN C 272 -61.73 -1.24 30.09
CA ASN C 272 -62.90 -0.81 30.83
C ASN C 272 -63.35 0.59 30.44
N SER C 273 -62.48 1.38 29.78
CA SER C 273 -62.82 2.72 29.36
C SER C 273 -63.32 2.79 27.93
N ILE C 274 -63.37 1.68 27.22
CA ILE C 274 -63.81 1.64 25.83
C ILE C 274 -65.31 1.38 25.78
N ASP C 275 -66.06 2.30 25.20
CA ASP C 275 -67.50 2.11 25.05
C ASP C 275 -67.85 1.41 23.74
N LEU C 276 -67.23 1.81 22.63
CA LEU C 276 -67.47 1.22 21.33
C LEU C 276 -66.17 0.63 20.79
N ALA C 277 -66.30 -0.47 20.05
CA ALA C 277 -65.14 -1.13 19.44
C ALA C 277 -65.41 -1.32 17.95
N ILE C 278 -64.59 -0.66 17.13
CA ILE C 278 -64.64 -0.83 15.68
C ILE C 278 -63.63 -1.92 15.32
N ILE C 279 -64.14 -3.12 15.07
CA ILE C 279 -63.31 -4.30 14.88
C ILE C 279 -63.57 -4.87 13.49
N ASP C 280 -62.66 -5.76 13.06
CA ASP C 280 -62.80 -6.42 11.77
C ASP C 280 -62.63 -7.93 11.91
N TYR C 281 -61.38 -8.41 11.95
CA TYR C 281 -61.11 -9.84 12.00
C TYR C 281 -60.16 -10.24 13.13
N SER C 282 -59.84 -9.32 14.04
CA SER C 282 -58.85 -9.61 15.06
C SER C 282 -59.46 -10.38 16.23
N SER C 283 -58.63 -11.16 16.91
CA SER C 283 -59.05 -11.89 18.10
C SER C 283 -59.35 -10.95 19.27
N ILE C 284 -58.81 -9.73 19.26
CA ILE C 284 -58.98 -8.84 20.40
C ILE C 284 -60.45 -8.61 20.69
N PHE C 285 -61.30 -8.70 19.65
CA PHE C 285 -62.74 -8.61 19.87
C PHE C 285 -63.19 -9.47 21.05
N TYR C 286 -62.86 -10.76 21.01
CA TYR C 286 -63.26 -11.63 22.11
C TYR C 286 -62.73 -11.13 23.44
N ASP C 287 -61.45 -10.74 23.48
CA ASP C 287 -60.91 -10.12 24.68
C ASP C 287 -61.82 -8.98 25.15
N LEU C 288 -62.15 -8.07 24.22
CA LEU C 288 -63.03 -6.97 24.58
C LEU C 288 -64.36 -7.48 25.13
N LEU C 289 -64.94 -8.49 24.47
CA LEU C 289 -66.21 -9.04 24.95
C LEU C 289 -66.06 -9.57 26.37
N ASP C 290 -64.89 -10.14 26.68
CA ASP C 290 -64.65 -10.67 28.02
C ASP C 290 -64.35 -9.56 29.02
N ALA C 291 -63.94 -8.38 28.55
CA ALA C 291 -63.65 -7.25 29.41
C ALA C 291 -64.87 -6.41 29.74
N GLY C 292 -66.03 -6.70 29.15
CA GLY C 292 -67.25 -5.97 29.42
C GLY C 292 -67.72 -5.04 28.32
N VAL C 293 -66.92 -4.82 27.28
CA VAL C 293 -67.38 -3.96 26.20
C VAL C 293 -68.62 -4.57 25.56
N GLU C 294 -69.53 -3.71 25.12
CA GLU C 294 -70.84 -4.16 24.65
C GLU C 294 -71.31 -3.54 23.35
N LYS C 295 -70.59 -2.57 22.79
CA LYS C 295 -70.95 -1.95 21.52
C LYS C 295 -69.89 -2.28 20.49
N PHE C 296 -70.29 -2.95 19.41
CA PHE C 296 -69.35 -3.43 18.41
C PHE C 296 -69.80 -3.03 17.01
N ILE C 297 -68.87 -2.49 16.23
CA ILE C 297 -69.08 -2.17 14.83
C ILE C 297 -68.09 -2.99 14.03
N ARG C 298 -68.58 -3.94 13.23
CA ARG C 298 -67.75 -4.76 12.37
C ARG C 298 -67.54 -4.02 11.06
N TYR C 299 -66.39 -3.36 10.94
CA TYR C 299 -66.04 -2.59 9.74
C TYR C 299 -65.26 -3.50 8.81
N VAL C 300 -66.00 -4.30 8.04
CA VAL C 300 -65.41 -5.34 7.20
C VAL C 300 -65.76 -5.07 5.74
N PRO C 301 -65.17 -4.06 5.10
CA PRO C 301 -65.41 -3.88 3.67
C PRO C 301 -64.85 -5.01 2.83
N ASP C 302 -63.78 -5.65 3.28
CA ASP C 302 -63.17 -6.77 2.57
C ASP C 302 -63.54 -8.09 3.25
N LEU C 303 -64.84 -8.31 3.39
CA LEU C 303 -65.33 -9.51 4.07
C LEU C 303 -65.26 -10.74 3.18
N ASP C 304 -65.57 -10.58 1.90
CA ASP C 304 -65.66 -11.74 1.00
C ASP C 304 -64.28 -12.30 0.65
N GLU C 305 -63.20 -11.56 0.87
CA GLU C 305 -61.87 -12.04 0.56
C GLU C 305 -61.13 -12.64 1.74
N TYR C 306 -61.60 -12.38 2.97
CA TYR C 306 -60.95 -12.93 4.15
C TYR C 306 -61.61 -14.21 4.65
N GLN C 307 -62.91 -14.38 4.45
CA GLN C 307 -63.60 -15.58 4.93
C GLN C 307 -63.41 -16.76 3.97
N ASN C 308 -63.28 -16.50 2.67
CA ASN C 308 -63.13 -17.55 1.68
C ASN C 308 -61.67 -17.90 1.39
N ASP C 309 -60.72 -17.31 2.11
CA ASP C 309 -59.30 -17.58 1.91
C ASP C 309 -58.68 -18.32 3.10
N LEU C 310 -58.81 -17.78 4.31
CA LEU C 310 -58.21 -18.41 5.47
C LEU C 310 -58.91 -19.70 5.87
N GLU C 311 -60.15 -19.91 5.41
CA GLU C 311 -60.92 -21.11 5.74
C GLU C 311 -61.10 -21.24 7.26
N LEU C 312 -61.78 -20.26 7.84
CA LEU C 312 -61.99 -20.23 9.28
C LEU C 312 -62.65 -21.52 9.75
N ILE C 313 -62.26 -21.97 10.95
CA ILE C 313 -62.86 -23.16 11.54
C ILE C 313 -64.37 -22.98 11.69
N GLY C 314 -64.78 -21.83 12.22
CA GLY C 314 -66.17 -21.49 12.36
C GLY C 314 -66.63 -20.45 11.37
N ASP C 315 -67.81 -19.90 11.64
CA ASP C 315 -68.41 -18.87 10.80
C ASP C 315 -68.19 -17.50 11.44
N TYR C 316 -67.58 -16.59 10.68
CA TYR C 316 -67.31 -15.26 11.21
C TYR C 316 -68.60 -14.54 11.60
N ALA C 317 -69.60 -14.58 10.73
CA ALA C 317 -70.85 -13.88 11.01
C ALA C 317 -71.50 -14.39 12.29
N ASP C 318 -71.31 -15.67 12.62
CA ASP C 318 -71.97 -16.26 13.79
C ASP C 318 -71.18 -16.06 15.07
N LEU C 319 -69.84 -16.12 15.01
CA LEU C 319 -68.99 -15.97 16.19
C LEU C 319 -68.52 -14.54 16.40
N THR C 320 -69.28 -13.56 15.94
CA THR C 320 -68.95 -12.15 16.13
C THR C 320 -70.22 -11.37 16.38
N GLU C 321 -70.06 -10.10 16.78
CA GLU C 321 -71.19 -9.22 17.02
C GLU C 321 -70.82 -7.83 16.51
N GLY C 322 -71.82 -6.97 16.42
CA GLY C 322 -71.62 -5.60 16.00
C GLY C 322 -72.23 -5.34 14.64
N ARG C 323 -72.74 -4.12 14.46
CA ARG C 323 -73.36 -3.76 13.19
C ARG C 323 -72.33 -3.78 12.07
N ILE C 324 -72.73 -4.31 10.92
CA ILE C 324 -71.81 -4.51 9.80
C ILE C 324 -71.78 -3.26 8.94
N VAL C 325 -70.57 -2.76 8.67
CA VAL C 325 -70.37 -1.61 7.80
C VAL C 325 -69.42 -2.02 6.69
N LYS C 326 -69.81 -1.74 5.45
CA LYS C 326 -69.03 -2.17 4.29
C LYS C 326 -68.29 -1.04 3.59
N SER C 327 -68.57 0.23 3.93
CA SER C 327 -67.95 1.35 3.25
C SER C 327 -67.54 2.39 4.28
N PHE C 328 -66.59 3.25 3.87
CA PHE C 328 -66.16 4.33 4.75
C PHE C 328 -67.28 5.35 4.96
N GLN C 329 -68.12 5.57 3.94
CA GLN C 329 -69.22 6.49 4.09
C GLN C 329 -70.29 5.93 5.02
N GLN C 330 -70.58 4.62 4.91
CA GLN C 330 -71.50 4.00 5.85
C GLN C 330 -70.98 4.09 7.28
N LEU C 331 -69.66 3.96 7.44
CA LEU C 331 -69.06 4.10 8.77
C LEU C 331 -69.21 5.52 9.31
N LEU C 332 -68.95 6.52 8.47
CA LEU C 332 -69.15 7.90 8.90
C LEU C 332 -70.60 8.13 9.29
N ASN C 333 -71.54 7.59 8.51
CA ASN C 333 -72.95 7.73 8.82
C ASN C 333 -73.28 7.09 10.16
N CYS C 334 -72.77 5.88 10.40
CA CYS C 334 -73.01 5.21 11.68
C CYS C 334 -72.46 6.03 12.84
N LEU C 335 -71.23 6.53 12.70
CA LEU C 335 -70.63 7.29 13.78
C LEU C 335 -71.36 8.60 14.03
N ASP C 336 -71.88 9.24 12.98
CA ASP C 336 -72.58 10.50 13.14
C ASP C 336 -73.97 10.29 13.73
N ASN C 337 -74.70 9.27 13.26
CA ASN C 337 -76.03 8.99 13.77
C ASN C 337 -76.01 8.23 15.10
N ALA C 338 -74.89 7.60 15.44
CA ALA C 338 -74.80 6.77 16.64
C ALA C 338 -75.98 5.82 16.70
N ASN C 339 -76.51 5.59 17.91
CA ASN C 339 -77.64 4.69 18.15
C ASN C 339 -77.24 3.22 18.14
N ILE C 340 -75.93 2.94 18.24
CA ILE C 340 -75.47 1.56 18.27
C ILE C 340 -75.87 0.93 19.60
N LYS C 341 -76.65 -0.14 19.54
CA LYS C 341 -77.19 -0.75 20.75
C LYS C 341 -76.20 -1.77 21.32
N ILE C 342 -76.39 -2.08 22.60
CA ILE C 342 -75.58 -3.11 23.25
C ILE C 342 -75.90 -4.47 22.65
N ILE C 343 -74.90 -5.36 22.67
CA ILE C 343 -75.11 -6.74 22.22
C ILE C 343 -76.25 -7.35 23.03
N SER C 344 -77.24 -7.90 22.32
CA SER C 344 -78.39 -8.50 22.98
C SER C 344 -77.93 -9.51 24.02
N THR C 345 -78.70 -9.60 25.11
CA THR C 345 -78.33 -10.48 26.21
C THR C 345 -78.17 -11.92 25.73
N LYS C 346 -79.12 -12.40 24.91
CA LYS C 346 -79.02 -13.76 24.39
C LYS C 346 -77.79 -13.95 23.53
N ARG C 347 -77.45 -12.96 22.71
CA ARG C 347 -76.29 -13.07 21.84
C ARG C 347 -74.99 -13.10 22.65
N LYS C 348 -74.88 -12.23 23.66
CA LYS C 348 -73.72 -12.28 24.54
C LYS C 348 -73.63 -13.59 25.28
N GLN C 349 -74.75 -14.13 25.75
CA GLN C 349 -74.74 -15.44 26.38
C GLN C 349 -74.21 -16.50 25.42
N TYR C 350 -74.71 -16.50 24.19
CA TYR C 350 -74.25 -17.44 23.18
C TYR C 350 -72.73 -17.38 23.00
N LEU C 351 -72.22 -16.21 22.64
CA LEU C 351 -70.79 -16.08 22.37
C LEU C 351 -69.97 -16.37 23.62
N MET C 352 -70.40 -15.86 24.77
CA MET C 352 -69.64 -16.05 26.00
C MET C 352 -69.57 -17.51 26.38
N ASP C 353 -70.68 -18.24 26.31
CA ASP C 353 -70.60 -19.69 26.46
C ASP C 353 -69.54 -20.24 25.52
N TYR C 354 -69.82 -20.12 24.21
CA TYR C 354 -68.98 -20.78 23.21
C TYR C 354 -67.49 -20.54 23.42
N PHE C 355 -67.11 -19.34 23.84
CA PHE C 355 -65.69 -18.98 23.87
C PHE C 355 -65.05 -18.95 25.26
N PHE C 356 -65.75 -18.46 26.28
CA PHE C 356 -65.25 -18.40 27.65
C PHE C 356 -66.24 -19.07 28.60
N GLY C 357 -66.73 -20.27 28.27
CA GLY C 357 -67.70 -20.89 29.16
C GLY C 357 -67.15 -21.11 30.56
N PHE C 358 -65.90 -21.52 30.68
CA PHE C 358 -65.34 -21.75 32.00
C PHE C 358 -65.28 -20.47 32.83
N LYS C 359 -65.57 -19.32 32.24
CA LYS C 359 -65.67 -18.07 33.00
C LYS C 359 -66.85 -18.09 33.95
N LYS C 360 -68.04 -18.41 33.44
CA LYS C 360 -69.29 -18.26 34.19
C LYS C 360 -69.28 -18.98 35.52
N GLU C 361 -68.29 -19.83 35.75
CA GLU C 361 -68.19 -20.56 37.01
C GLU C 361 -67.67 -19.67 38.12
N ASN C 362 -67.92 -18.36 38.03
CA ASN C 362 -67.45 -17.39 39.02
C ASN C 362 -65.96 -17.58 39.29
N LYS C 363 -65.19 -17.69 38.20
CA LYS C 363 -63.77 -17.95 38.30
C LYS C 363 -63.01 -16.67 38.68
N SER C 364 -62.11 -16.79 39.65
CA SER C 364 -61.32 -15.68 40.13
C SER C 364 -59.85 -15.88 39.77
N MET C 365 -59.05 -14.85 40.00
CA MET C 365 -57.60 -14.95 39.83
C MET C 365 -57.01 -15.92 40.85
N GLU C 366 -57.31 -15.73 42.13
CA GLU C 366 -56.80 -16.64 43.16
C GLU C 366 -57.27 -18.07 42.92
N SER C 367 -58.47 -18.26 42.36
CA SER C 367 -58.89 -19.62 42.02
C SER C 367 -57.97 -20.23 40.95
N LEU C 368 -57.56 -19.43 39.96
CA LEU C 368 -56.63 -19.90 38.95
C LEU C 368 -55.28 -20.24 39.58
N ILE C 369 -54.78 -19.35 40.45
CA ILE C 369 -53.49 -19.57 41.09
C ILE C 369 -53.54 -20.83 41.94
N ALA C 370 -54.68 -21.09 42.57
CA ALA C 370 -54.83 -22.29 43.38
C ALA C 370 -54.83 -23.53 42.51
N ASP C 371 -55.64 -23.54 41.45
CA ASP C 371 -55.63 -24.67 40.53
C ASP C 371 -54.23 -24.95 40.00
N VAL C 372 -53.45 -23.89 39.74
CA VAL C 372 -52.09 -24.09 39.25
C VAL C 372 -51.21 -24.69 40.35
N ASP C 373 -51.09 -24.00 41.48
CA ASP C 373 -50.20 -24.43 42.54
C ASP C 373 -50.54 -25.83 43.03
N ASN C 374 -51.84 -26.12 43.17
CA ASN C 374 -52.30 -27.41 43.68
C ASN C 374 -52.26 -28.50 42.61
N CYS C 375 -51.68 -28.23 41.45
CA CYS C 375 -51.59 -29.20 40.39
C CYS C 375 -50.44 -30.17 40.64
N GLN C 376 -50.55 -31.36 40.05
CA GLN C 376 -49.61 -32.46 40.24
C GLN C 376 -49.08 -32.90 38.89
N LEU C 377 -47.76 -32.83 38.72
CA LEU C 377 -47.14 -33.29 37.48
C LEU C 377 -47.01 -34.81 37.52
N GLN C 378 -47.71 -35.47 36.62
CA GLN C 378 -47.69 -36.90 36.38
C GLN C 378 -47.05 -37.19 35.03
N PRO C 379 -45.74 -37.04 34.90
CA PRO C 379 -45.12 -37.11 33.56
C PRO C 379 -45.17 -38.52 33.00
N LYS C 380 -44.92 -38.60 31.70
CA LYS C 380 -44.81 -39.86 30.98
C LYS C 380 -43.45 -39.95 30.28
N SER C 381 -42.85 -41.13 30.32
CA SER C 381 -41.59 -41.35 29.62
C SER C 381 -41.89 -41.45 28.13
N LEU C 382 -41.20 -40.62 27.34
CA LEU C 382 -41.48 -40.49 25.92
C LEU C 382 -40.49 -41.30 25.09
N LYS C 383 -40.95 -41.74 23.92
CA LYS C 383 -40.11 -42.48 23.00
C LYS C 383 -39.18 -41.54 22.25
N GLU C 384 -38.10 -42.11 21.74
CA GLU C 384 -37.16 -41.38 20.90
C GLU C 384 -37.34 -41.76 19.44
N LEU C 385 -36.86 -40.88 18.57
CA LEU C 385 -36.92 -41.09 17.13
C LEU C 385 -35.49 -41.18 16.60
N HIS C 386 -35.25 -42.17 15.75
CA HIS C 386 -33.92 -42.39 15.18
C HIS C 386 -34.05 -42.62 13.68
N THR C 387 -33.66 -41.61 12.91
CA THR C 387 -33.68 -41.71 11.47
C THR C 387 -32.28 -42.00 10.96
N PHE C 388 -32.20 -42.72 9.85
CA PHE C 388 -30.94 -43.21 9.32
C PHE C 388 -30.82 -42.89 7.85
N ASP C 389 -29.72 -42.26 7.46
CA ASP C 389 -29.34 -42.25 6.06
C ASP C 389 -29.13 -43.69 5.60
N ILE C 390 -29.28 -43.92 4.30
CA ILE C 390 -29.14 -45.27 3.77
C ILE C 390 -27.74 -45.44 3.19
N PHE C 391 -27.50 -44.82 2.04
CA PHE C 391 -26.25 -45.05 1.32
C PHE C 391 -25.07 -44.52 2.14
N ASP C 392 -24.08 -45.39 2.38
CA ASP C 392 -22.90 -45.07 3.17
C ASP C 392 -23.23 -44.82 4.64
N THR C 393 -24.44 -45.17 5.07
CA THR C 393 -24.79 -45.18 6.49
C THR C 393 -25.25 -46.57 6.92
N LEU C 394 -26.29 -47.11 6.29
CA LEU C 394 -26.74 -48.48 6.55
C LEU C 394 -26.17 -49.48 5.55
N ILE C 395 -25.82 -49.04 4.34
CA ILE C 395 -25.26 -49.93 3.33
C ILE C 395 -24.17 -49.17 2.58
N ARG C 396 -23.33 -49.92 1.89
CA ARG C 396 -22.21 -49.36 1.14
C ARG C 396 -22.02 -50.15 -0.15
N ARG C 397 -21.08 -49.71 -0.97
CA ARG C 397 -20.83 -50.31 -2.26
C ARG C 397 -19.53 -51.10 -2.24
N SER C 398 -19.56 -52.29 -2.82
CA SER C 398 -18.40 -53.15 -2.90
C SER C 398 -17.25 -52.53 -3.68
N THR C 399 -17.51 -51.48 -4.45
CA THR C 399 -16.46 -50.71 -5.13
C THR C 399 -16.30 -49.30 -4.57
N LEU C 400 -16.96 -48.99 -3.46
CA LEU C 400 -16.77 -47.74 -2.74
C LEU C 400 -17.35 -46.53 -3.47
N ARG C 401 -16.68 -46.05 -4.52
CA ARG C 401 -17.11 -44.83 -5.17
C ARG C 401 -18.42 -45.05 -5.94
N PRO C 402 -19.32 -44.05 -5.95
CA PRO C 402 -20.55 -44.20 -6.75
C PRO C 402 -20.28 -44.36 -8.23
N PHE C 403 -19.36 -43.58 -8.79
CA PHE C 403 -19.12 -43.59 -10.22
C PHE C 403 -18.65 -44.97 -10.71
N SER C 404 -18.07 -45.78 -9.82
CA SER C 404 -17.73 -47.16 -10.16
C SER C 404 -18.89 -47.87 -10.83
N ILE C 405 -20.09 -47.72 -10.26
CA ILE C 405 -21.29 -48.30 -10.85
C ILE C 405 -21.39 -47.92 -12.32
N PHE C 406 -21.33 -46.62 -12.61
CA PHE C 406 -21.42 -46.13 -13.98
C PHE C 406 -20.36 -46.77 -14.86
N ASP C 407 -19.12 -46.82 -14.37
CA ASP C 407 -18.05 -47.54 -15.07
C ASP C 407 -18.54 -48.92 -15.49
N TYR C 408 -18.91 -49.72 -14.50
CA TYR C 408 -19.48 -51.05 -14.72
C TYR C 408 -20.53 -51.04 -15.84
N VAL C 409 -21.52 -50.16 -15.70
CA VAL C 409 -22.61 -50.09 -16.66
C VAL C 409 -22.08 -49.88 -18.07
N ARG C 410 -21.22 -48.88 -18.25
CA ARG C 410 -20.61 -48.67 -19.55
C ARG C 410 -19.97 -49.94 -20.08
N ASP C 411 -19.14 -50.58 -19.24
CA ASP C 411 -18.44 -51.79 -19.66
C ASP C 411 -19.43 -52.86 -20.12
N LYS C 412 -20.59 -52.89 -19.46
CA LYS C 412 -21.61 -53.85 -19.84
C LYS C 412 -22.21 -53.46 -21.17
N ALA C 413 -22.51 -52.17 -21.34
CA ALA C 413 -23.08 -51.70 -22.59
C ALA C 413 -22.17 -52.15 -23.73
N LYS C 414 -20.91 -51.71 -23.67
CA LYS C 414 -19.96 -52.04 -24.72
C LYS C 414 -19.83 -53.54 -24.94
N ALA C 415 -20.18 -54.36 -23.95
CA ALA C 415 -20.04 -55.81 -24.11
C ALA C 415 -21.35 -56.50 -24.50
N SER C 416 -22.49 -55.80 -24.43
CA SER C 416 -23.80 -56.43 -24.61
C SER C 416 -24.05 -56.90 -26.04
N GLY C 417 -23.48 -56.23 -27.03
CA GLY C 417 -23.82 -56.46 -28.41
C GLY C 417 -24.78 -55.43 -28.99
N ILE C 418 -25.51 -54.72 -28.13
CA ILE C 418 -26.32 -53.60 -28.58
C ILE C 418 -25.39 -52.47 -29.00
N LYS C 419 -25.53 -52.01 -30.24
CA LYS C 419 -24.71 -50.91 -30.72
C LYS C 419 -25.12 -49.61 -30.04
N PHE C 420 -24.15 -48.83 -29.61
CA PHE C 420 -24.39 -47.54 -28.99
C PHE C 420 -23.61 -46.44 -29.69
N PRO C 421 -24.04 -45.19 -29.55
CA PRO C 421 -23.25 -44.06 -30.05
C PRO C 421 -21.93 -43.91 -29.31
N LEU C 422 -20.87 -43.62 -30.06
CA LEU C 422 -19.55 -43.47 -29.46
C LEU C 422 -19.58 -42.46 -28.32
N ALA C 423 -20.22 -41.31 -28.54
CA ALA C 423 -20.32 -40.31 -27.49
C ALA C 423 -20.89 -40.90 -26.21
N LEU C 424 -21.81 -41.86 -26.34
CA LEU C 424 -22.44 -42.47 -25.17
C LEU C 424 -21.51 -43.46 -24.49
N THR C 425 -20.88 -44.35 -25.27
CA THR C 425 -19.99 -45.35 -24.69
C THR C 425 -18.76 -44.71 -24.05
N GLU C 426 -17.93 -44.05 -24.86
CA GLU C 426 -16.66 -43.55 -24.34
C GLU C 426 -16.83 -42.59 -23.16
N ASN C 427 -17.90 -41.80 -23.15
CA ASN C 427 -18.07 -40.74 -22.15
C ASN C 427 -19.22 -41.00 -21.19
N TRP C 428 -19.56 -42.28 -20.96
CA TRP C 428 -20.79 -42.59 -20.21
C TRP C 428 -20.83 -41.94 -18.84
N ILE C 429 -19.70 -41.90 -18.14
CA ILE C 429 -19.69 -41.31 -16.80
C ILE C 429 -20.20 -39.87 -16.88
N ASN C 430 -19.51 -39.05 -17.66
CA ASN C 430 -19.90 -37.65 -17.79
C ASN C 430 -21.30 -37.54 -18.38
N VAL C 431 -21.58 -38.29 -19.45
CA VAL C 431 -22.92 -38.24 -20.06
C VAL C 431 -23.99 -38.38 -19.00
N ARG C 432 -23.90 -39.44 -18.19
CA ARG C 432 -24.96 -39.76 -17.25
C ARG C 432 -24.98 -38.81 -16.07
N ASN C 433 -23.82 -38.48 -15.51
CA ASN C 433 -23.81 -37.57 -14.37
C ASN C 433 -24.32 -36.18 -14.76
N ARG C 434 -23.89 -35.67 -15.91
CA ARG C 434 -24.38 -34.37 -16.35
C ARG C 434 -25.85 -34.41 -16.74
N ALA C 435 -26.34 -35.52 -17.31
CA ALA C 435 -27.77 -35.62 -17.59
C ALA C 435 -28.57 -35.60 -16.29
N GLU C 436 -28.08 -36.29 -15.26
CA GLU C 436 -28.74 -36.26 -13.97
C GLU C 436 -28.82 -34.83 -13.42
N HIS C 437 -27.69 -34.12 -13.41
CA HIS C 437 -27.70 -32.75 -12.90
C HIS C 437 -28.57 -31.84 -13.77
N ASP C 438 -28.64 -32.12 -15.07
CA ASP C 438 -29.51 -31.34 -15.96
C ASP C 438 -30.97 -31.51 -15.55
N VAL C 439 -31.40 -32.76 -15.37
CA VAL C 439 -32.77 -33.02 -14.93
C VAL C 439 -33.04 -32.35 -13.59
N ARG C 440 -32.05 -32.35 -12.70
CA ARG C 440 -32.22 -31.71 -11.40
C ARG C 440 -32.44 -30.21 -11.56
N ASP C 441 -31.64 -29.55 -12.39
CA ASP C 441 -31.83 -28.12 -12.62
C ASP C 441 -33.18 -27.82 -13.27
N ILE C 442 -33.62 -28.69 -14.19
CA ILE C 442 -34.93 -28.50 -14.80
C ILE C 442 -36.02 -28.54 -13.74
N MET C 443 -36.00 -29.57 -12.89
CA MET C 443 -36.96 -29.65 -11.79
C MET C 443 -36.93 -28.39 -10.95
N ARG C 444 -35.72 -27.95 -10.55
CA ARG C 444 -35.63 -26.77 -9.69
C ARG C 444 -36.25 -25.56 -10.36
N LYS C 445 -36.06 -25.42 -11.68
CA LYS C 445 -36.56 -24.25 -12.39
C LYS C 445 -38.01 -24.37 -12.87
N THR C 446 -38.65 -25.53 -12.72
CA THR C 446 -40.02 -25.72 -13.20
C THR C 446 -41.02 -25.91 -12.06
N THR C 447 -40.79 -25.23 -10.93
CA THR C 447 -41.71 -25.36 -9.80
C THR C 447 -43.03 -24.64 -10.09
N PHE C 448 -42.98 -23.56 -10.84
CA PHE C 448 -44.22 -22.91 -11.25
C PHE C 448 -44.94 -23.77 -12.29
N GLU C 449 -44.25 -24.13 -13.37
CA GLU C 449 -44.87 -24.95 -14.40
C GLU C 449 -45.50 -26.20 -13.81
N ARG C 450 -44.94 -26.70 -12.71
CA ARG C 450 -45.47 -27.90 -12.07
C ARG C 450 -46.37 -27.59 -10.88
N GLN C 451 -46.46 -26.32 -10.48
CA GLN C 451 -47.28 -25.91 -9.34
C GLN C 451 -46.95 -26.74 -8.10
N SER C 452 -45.66 -27.00 -7.90
CA SER C 452 -45.18 -27.81 -6.79
C SER C 452 -43.78 -27.37 -6.42
N ASP C 453 -43.48 -27.39 -5.13
CA ASP C 453 -42.16 -27.05 -4.63
C ASP C 453 -41.24 -28.26 -4.55
N LYS C 454 -41.78 -29.48 -4.71
CA LYS C 454 -40.96 -30.67 -4.80
C LYS C 454 -40.07 -30.57 -6.03
N ILE C 455 -38.80 -30.97 -5.88
CA ILE C 455 -37.81 -30.80 -6.94
C ILE C 455 -36.94 -32.03 -7.13
N GLU C 456 -37.33 -33.15 -6.53
CA GLU C 456 -36.53 -34.37 -6.65
C GLU C 456 -36.73 -35.03 -7.99
N ILE C 457 -35.67 -35.61 -8.53
CA ILE C 457 -35.70 -36.26 -9.82
C ILE C 457 -35.85 -37.76 -9.63
N THR C 458 -36.01 -38.49 -10.73
CA THR C 458 -36.02 -39.94 -10.71
C THR C 458 -35.14 -40.46 -11.84
N LEU C 459 -34.68 -41.71 -11.66
CA LEU C 459 -33.89 -42.37 -12.70
C LEU C 459 -34.59 -42.28 -14.05
N ASP C 460 -35.91 -42.44 -14.05
CA ASP C 460 -36.66 -42.37 -15.29
C ASP C 460 -36.52 -41.00 -15.94
N ASP C 461 -36.46 -39.94 -15.13
CA ASP C 461 -36.26 -38.61 -15.70
C ASP C 461 -34.92 -38.51 -16.40
N ILE C 462 -33.87 -39.00 -15.75
CA ILE C 462 -32.53 -38.96 -16.32
C ILE C 462 -32.52 -39.70 -17.67
N TYR C 463 -33.07 -40.92 -17.68
CA TYR C 463 -32.96 -41.69 -18.92
C TYR C 463 -33.92 -41.22 -20.00
N THR C 464 -35.04 -40.60 -19.62
CA THR C 464 -35.91 -39.95 -20.60
C THR C 464 -35.20 -38.77 -21.27
N ARG C 465 -34.59 -37.90 -20.46
CA ARG C 465 -33.79 -36.81 -21.01
C ARG C 465 -32.76 -37.35 -21.99
N LEU C 466 -31.97 -38.34 -21.54
CA LEU C 466 -30.93 -38.92 -22.38
C LEU C 466 -31.53 -39.43 -23.70
N GLN C 467 -32.61 -40.20 -23.62
CA GLN C 467 -33.16 -40.83 -24.81
C GLN C 467 -33.71 -39.78 -25.77
N LYS C 468 -34.48 -38.81 -25.25
CA LYS C 468 -35.12 -37.84 -26.12
C LYS C 468 -34.12 -36.90 -26.77
N ASN C 469 -33.01 -36.59 -26.11
CA ASN C 469 -32.07 -35.63 -26.69
C ASN C 469 -30.85 -36.28 -27.36
N LEU C 470 -30.67 -37.58 -27.20
CA LEU C 470 -29.68 -38.34 -27.95
C LEU C 470 -30.31 -39.21 -29.03
N LEU C 471 -31.64 -39.23 -29.12
CA LEU C 471 -32.34 -40.01 -30.15
C LEU C 471 -31.95 -41.48 -30.03
N LEU C 472 -32.13 -42.01 -28.82
CA LEU C 472 -31.82 -43.39 -28.51
C LEU C 472 -33.05 -44.28 -28.71
N THR C 473 -32.81 -45.53 -29.05
CA THR C 473 -33.90 -46.50 -29.14
C THR C 473 -34.37 -46.92 -27.76
N ASP C 474 -35.61 -47.40 -27.68
CA ASP C 474 -36.10 -47.92 -26.42
C ASP C 474 -35.20 -49.05 -25.91
N GLU C 475 -34.66 -49.86 -26.83
CA GLU C 475 -33.77 -50.94 -26.45
C GLU C 475 -32.52 -50.42 -25.73
N GLN C 476 -31.83 -49.46 -26.33
CA GLN C 476 -30.62 -48.92 -25.71
C GLN C 476 -30.90 -48.33 -24.34
N THR C 477 -31.91 -47.45 -24.26
CA THR C 477 -32.22 -46.76 -23.03
C THR C 477 -32.63 -47.74 -21.94
N ASP C 478 -33.50 -48.69 -22.26
CA ASP C 478 -33.93 -49.67 -21.26
C ASP C 478 -32.76 -50.54 -20.82
N PHE C 479 -31.90 -50.94 -21.77
CA PHE C 479 -30.71 -51.69 -21.41
C PHE C 479 -29.88 -50.93 -20.39
N LEU C 480 -29.58 -49.66 -20.69
CA LEU C 480 -28.72 -48.87 -19.81
C LEU C 480 -29.37 -48.72 -18.44
N LYS C 481 -30.66 -48.41 -18.40
CA LYS C 481 -31.33 -48.15 -17.12
C LYS C 481 -31.38 -49.41 -16.28
N GLN C 482 -31.78 -50.53 -16.88
CA GLN C 482 -31.81 -51.80 -16.14
C GLN C 482 -30.42 -52.23 -15.72
N ALA C 483 -29.40 -51.96 -16.54
CA ALA C 483 -28.03 -52.27 -16.15
C ALA C 483 -27.63 -51.47 -14.91
N GLU C 484 -27.94 -50.18 -14.90
CA GLU C 484 -27.62 -49.37 -13.72
C GLU C 484 -28.35 -49.88 -12.49
N ILE C 485 -29.64 -50.21 -12.63
CA ILE C 485 -30.42 -50.68 -11.48
C ILE C 485 -29.83 -51.98 -10.96
N GLU C 486 -29.64 -52.96 -11.85
CA GLU C 486 -29.11 -54.25 -11.46
C GLU C 486 -27.70 -54.13 -10.87
N ALA C 487 -26.89 -53.21 -11.38
CA ALA C 487 -25.54 -53.04 -10.86
C ALA C 487 -25.59 -52.44 -9.45
N GLU C 488 -26.40 -51.40 -9.26
CA GLU C 488 -26.58 -50.83 -7.92
C GLU C 488 -27.04 -51.91 -6.95
N ILE C 489 -27.92 -52.79 -7.39
CA ILE C 489 -28.41 -53.84 -6.50
C ILE C 489 -27.30 -54.84 -6.21
N ALA C 490 -26.54 -55.22 -7.24
CA ALA C 490 -25.54 -56.27 -7.12
C ALA C 490 -24.27 -55.82 -6.39
N HIS C 491 -24.04 -54.52 -6.23
CA HIS C 491 -22.86 -54.05 -5.53
C HIS C 491 -23.13 -53.72 -4.07
N VAL C 492 -24.35 -53.99 -3.59
CA VAL C 492 -24.67 -53.68 -2.21
C VAL C 492 -23.88 -54.57 -1.26
N GLU C 493 -23.42 -53.99 -0.17
CA GLU C 493 -22.87 -54.73 0.97
C GLU C 493 -23.37 -54.01 2.21
N PRO C 494 -23.64 -54.74 3.29
CA PRO C 494 -24.09 -54.07 4.51
C PRO C 494 -22.97 -53.44 5.31
N ILE C 495 -23.34 -52.40 6.03
CA ILE C 495 -22.54 -51.85 7.12
C ILE C 495 -23.17 -52.43 8.38
N GLN C 496 -22.71 -53.62 8.76
CA GLN C 496 -23.48 -54.46 9.68
C GLN C 496 -23.65 -53.79 11.03
N LYS C 497 -22.61 -53.10 11.51
CA LYS C 497 -22.68 -52.53 12.85
C LYS C 497 -23.83 -51.53 12.96
N ARG C 498 -24.00 -50.66 11.96
CA ARG C 498 -25.08 -49.68 12.02
C ARG C 498 -26.45 -50.32 11.85
N ILE C 499 -26.57 -51.36 11.02
CA ILE C 499 -27.85 -52.05 10.91
C ILE C 499 -28.24 -52.67 12.24
N ASN C 500 -27.29 -53.37 12.87
CA ASN C 500 -27.57 -53.98 14.16
C ASN C 500 -27.84 -52.94 15.23
N TYR C 501 -27.17 -51.78 15.18
CA TYR C 501 -27.47 -50.72 16.12
C TYR C 501 -28.88 -50.16 15.90
N LEU C 502 -29.27 -49.98 14.64
CA LEU C 502 -30.64 -49.55 14.34
C LEU C 502 -31.66 -50.51 14.92
N PHE C 503 -31.43 -51.82 14.74
CA PHE C 503 -32.40 -52.79 15.25
C PHE C 503 -32.34 -52.91 16.75
N SER C 504 -31.18 -52.66 17.37
CA SER C 504 -31.13 -52.59 18.83
C SER C 504 -31.96 -51.40 19.32
N LEU C 505 -31.84 -50.25 18.66
CA LEU C 505 -32.70 -49.12 18.98
C LEU C 505 -34.17 -49.51 18.88
N LYS C 506 -34.56 -50.09 17.74
CA LYS C 506 -35.95 -50.51 17.56
C LYS C 506 -36.40 -51.45 18.68
N ALA C 507 -35.54 -52.38 19.07
CA ALA C 507 -35.87 -53.33 20.12
C ALA C 507 -35.93 -52.68 21.49
N LYS C 508 -35.29 -51.53 21.66
CA LYS C 508 -35.38 -50.79 22.90
C LYS C 508 -36.70 -50.02 23.03
N GLY C 509 -37.55 -50.06 22.01
CA GLY C 509 -38.82 -49.36 22.04
C GLY C 509 -38.85 -48.03 21.33
N HIS C 510 -37.73 -47.58 20.79
CA HIS C 510 -37.68 -46.33 20.05
C HIS C 510 -38.25 -46.55 18.65
N ASP C 511 -38.69 -45.44 18.03
CA ASP C 511 -39.13 -45.50 16.65
C ASP C 511 -37.94 -45.23 15.77
N VAL C 512 -37.78 -46.04 14.72
CA VAL C 512 -36.67 -45.89 13.79
C VAL C 512 -37.21 -45.82 12.37
N ALA C 513 -36.51 -45.07 11.53
CA ALA C 513 -36.87 -44.95 10.13
C ALA C 513 -35.63 -44.63 9.30
N MET C 514 -35.77 -44.72 7.99
CA MET C 514 -34.71 -44.39 7.05
C MET C 514 -35.16 -43.18 6.24
N ALA C 515 -34.30 -42.19 6.12
CA ALA C 515 -34.58 -41.02 5.29
C ALA C 515 -33.45 -40.83 4.30
N SER C 516 -33.73 -41.07 3.02
CA SER C 516 -32.68 -41.09 2.00
C SER C 516 -33.04 -40.19 0.82
N ASP C 517 -32.04 -39.49 0.31
CA ASP C 517 -32.14 -38.70 -0.91
C ASP C 517 -31.56 -39.53 -2.05
N MET C 518 -32.43 -40.00 -2.94
CA MET C 518 -32.01 -40.87 -4.03
C MET C 518 -33.06 -40.87 -5.12
N TYR C 519 -32.59 -40.99 -6.37
CA TYR C 519 -33.46 -40.99 -7.53
C TYR C 519 -34.02 -42.38 -7.85
N LEU C 520 -33.34 -43.44 -7.43
CA LEU C 520 -33.80 -44.81 -7.69
C LEU C 520 -35.24 -45.00 -7.23
N PRO C 521 -36.00 -45.88 -7.87
CA PRO C 521 -37.35 -46.15 -7.40
C PRO C 521 -37.33 -46.83 -6.03
N GLU C 522 -38.48 -46.75 -5.36
CA GLU C 522 -38.57 -47.28 -4.00
C GLU C 522 -38.32 -48.79 -4.00
N ASP C 523 -38.83 -49.50 -5.01
CA ASP C 523 -38.66 -50.94 -5.04
C ASP C 523 -37.19 -51.32 -5.23
N VAL C 524 -36.45 -50.53 -6.00
CA VAL C 524 -35.01 -50.79 -6.14
C VAL C 524 -34.30 -50.58 -4.82
N ILE C 525 -34.69 -49.53 -4.07
CA ILE C 525 -34.10 -49.29 -2.76
C ILE C 525 -34.37 -50.47 -1.84
N TYR C 526 -35.61 -50.98 -1.86
CA TYR C 526 -35.94 -52.09 -0.97
C TYR C 526 -35.20 -53.37 -1.39
N LYS C 527 -35.00 -53.58 -2.69
CA LYS C 527 -34.20 -54.73 -3.12
C LYS C 527 -32.76 -54.59 -2.65
N MET C 528 -32.20 -53.39 -2.74
CA MET C 528 -30.84 -53.14 -2.25
C MET C 528 -30.76 -53.42 -0.75
N LEU C 529 -31.71 -52.88 0.01
CA LEU C 529 -31.75 -53.13 1.44
C LEU C 529 -31.82 -54.63 1.74
N ASP C 530 -32.68 -55.34 1.01
CA ASP C 530 -32.80 -56.78 1.24
C ASP C 530 -31.49 -57.50 0.97
N ARG C 531 -30.74 -57.05 -0.04
CA ARG C 531 -29.45 -57.68 -0.25
C ARG C 531 -28.46 -57.29 0.84
N ALA C 532 -28.63 -56.13 1.46
CA ALA C 532 -27.78 -55.80 2.58
C ALA C 532 -28.23 -56.53 3.83
N ASP C 533 -29.55 -56.49 4.10
CA ASP C 533 -30.13 -57.18 5.25
C ASP C 533 -31.64 -57.25 5.09
N THR C 534 -32.20 -58.46 5.12
CA THR C 534 -33.62 -58.62 4.84
C THR C 534 -34.47 -57.85 5.84
N ARG C 535 -34.04 -57.82 7.11
CA ARG C 535 -34.78 -57.11 8.14
C ARG C 535 -35.06 -55.67 7.73
N LEU C 536 -34.12 -55.04 7.03
CA LEU C 536 -34.28 -53.63 6.67
C LEU C 536 -35.55 -53.38 5.88
N ARG C 537 -36.11 -54.39 5.23
CA ARG C 537 -37.34 -54.17 4.46
C ARG C 537 -38.52 -53.77 5.35
N GLU C 538 -38.44 -54.03 6.65
CA GLU C 538 -39.55 -53.77 7.54
C GLU C 538 -39.48 -52.41 8.23
N ILE C 539 -38.49 -51.59 7.90
CA ILE C 539 -38.29 -50.32 8.58
C ILE C 539 -38.94 -49.24 7.73
N PRO C 540 -39.63 -48.26 8.32
CA PRO C 540 -40.21 -47.19 7.51
C PRO C 540 -39.17 -46.51 6.65
N LEU C 541 -39.60 -46.01 5.49
CA LEU C 541 -38.71 -45.43 4.50
C LEU C 541 -39.27 -44.12 3.97
N TYR C 542 -38.45 -43.07 4.01
CA TYR C 542 -38.74 -41.76 3.44
C TYR C 542 -37.72 -41.55 2.32
N LEU C 543 -38.07 -42.01 1.13
CA LEU C 543 -37.21 -41.90 -0.04
C LEU C 543 -37.57 -40.62 -0.80
N SER C 544 -36.56 -39.82 -1.12
CA SER C 544 -36.83 -38.52 -1.75
C SER C 544 -37.53 -38.69 -3.08
N SER C 545 -37.17 -39.71 -3.85
CA SER C 545 -37.79 -39.89 -5.16
C SER C 545 -39.29 -40.12 -5.03
N THR C 546 -39.71 -40.83 -3.97
CA THR C 546 -41.13 -41.08 -3.78
C THR C 546 -41.88 -39.84 -3.29
N ILE C 547 -41.23 -39.01 -2.46
CA ILE C 547 -41.91 -37.93 -1.75
C ILE C 547 -41.75 -36.62 -2.50
N GLY C 548 -40.60 -36.43 -3.15
CA GLY C 548 -40.32 -35.18 -3.83
C GLY C 548 -39.55 -34.18 -3.02
N TYR C 549 -39.32 -34.45 -1.73
CA TYR C 549 -38.57 -33.56 -0.86
C TYR C 549 -37.27 -34.24 -0.44
N GLN C 550 -36.27 -33.42 -0.13
CA GLN C 550 -34.91 -33.90 0.10
C GLN C 550 -34.42 -33.43 1.46
N LYS C 551 -33.45 -34.18 2.02
CA LYS C 551 -32.78 -33.75 3.23
C LYS C 551 -31.92 -32.52 3.00
N SER C 552 -31.34 -32.39 1.80
CA SER C 552 -30.47 -31.25 1.51
C SER C 552 -31.19 -29.92 1.69
N THR C 553 -32.45 -29.85 1.26
CA THR C 553 -33.24 -28.63 1.47
C THR C 553 -33.89 -28.58 2.86
N GLY C 554 -33.84 -29.67 3.62
CA GLY C 554 -34.54 -29.75 4.88
C GLY C 554 -36.01 -30.04 4.77
N LYS C 555 -36.58 -30.02 3.56
CA LYS C 555 -38.02 -30.23 3.41
C LYS C 555 -38.43 -31.65 3.77
N LEU C 556 -37.56 -32.63 3.50
CA LEU C 556 -37.90 -34.01 3.86
C LEU C 556 -38.00 -34.19 5.36
N TYR C 557 -37.18 -33.46 6.14
CA TYR C 557 -37.30 -33.54 7.58
C TYR C 557 -38.62 -32.96 8.05
N GLN C 558 -39.03 -31.82 7.48
CA GLN C 558 -40.32 -31.25 7.81
C GLN C 558 -41.45 -32.20 7.44
N HIS C 559 -41.33 -32.85 6.28
CA HIS C 559 -42.35 -33.81 5.86
C HIS C 559 -42.45 -34.97 6.84
N ILE C 560 -41.30 -35.47 7.32
CA ILE C 560 -41.32 -36.54 8.31
C ILE C 560 -41.97 -36.06 9.60
N PHE C 561 -41.66 -34.83 10.01
CA PHE C 561 -42.22 -34.28 11.25
C PHE C 561 -43.73 -34.18 11.17
N PHE C 562 -44.25 -33.72 10.04
CA PHE C 562 -45.69 -33.53 9.92
C PHE C 562 -46.41 -34.82 9.54
N ASP C 563 -45.70 -35.82 9.03
CA ASP C 563 -46.36 -37.07 8.67
C ASP C 563 -46.49 -37.97 9.89
N LEU C 564 -45.43 -38.10 10.68
CA LEU C 564 -45.56 -38.87 11.91
C LEU C 564 -46.34 -38.08 12.95
N ASP C 565 -46.96 -38.82 13.88
CA ASP C 565 -47.59 -38.25 15.06
C ASP C 565 -46.51 -37.92 16.09
N TYR C 566 -45.79 -36.83 15.84
CA TYR C 566 -44.59 -36.53 16.62
C TYR C 566 -44.89 -36.47 18.11
N GLN C 567 -44.35 -37.44 18.85
CA GLN C 567 -44.56 -37.54 20.29
C GLN C 567 -43.26 -37.84 21.01
N TYR C 568 -42.13 -37.47 20.42
CA TYR C 568 -40.83 -37.96 20.82
C TYR C 568 -40.11 -36.96 21.72
N SER C 569 -39.39 -37.47 22.70
CA SER C 569 -38.59 -36.63 23.59
C SER C 569 -37.26 -36.22 22.97
N ARG C 570 -36.83 -36.91 21.91
CA ARG C 570 -35.56 -36.62 21.25
C ARG C 570 -35.58 -37.22 19.86
N TRP C 571 -34.91 -36.55 18.93
CA TRP C 571 -34.78 -36.98 17.56
C TRP C 571 -33.29 -37.03 17.22
N THR C 572 -32.81 -38.22 16.85
CA THR C 572 -31.42 -38.41 16.46
C THR C 572 -31.38 -38.93 15.03
N HIS C 573 -30.47 -38.36 14.23
CA HIS C 573 -30.33 -38.72 12.84
C HIS C 573 -28.89 -39.14 12.58
N TYR C 574 -28.73 -40.34 12.01
CA TYR C 574 -27.42 -40.91 11.73
C TYR C 574 -27.16 -40.85 10.23
N GLY C 575 -26.00 -40.30 9.85
CA GLY C 575 -25.73 -40.13 8.44
C GLY C 575 -24.25 -39.90 8.20
N ASP C 576 -23.91 -39.70 6.93
CA ASP C 576 -22.55 -39.46 6.50
C ASP C 576 -22.35 -38.08 5.90
N ASN C 577 -23.42 -37.36 5.59
CA ASN C 577 -23.34 -36.09 4.89
C ASN C 577 -23.27 -34.95 5.90
N LYS C 578 -22.18 -34.18 5.86
CA LYS C 578 -22.02 -33.07 6.80
C LYS C 578 -23.11 -32.04 6.63
N HIS C 579 -23.80 -32.02 5.48
CA HIS C 579 -24.87 -31.07 5.22
C HIS C 579 -26.22 -31.77 5.31
N ALA C 580 -26.50 -32.71 4.41
CA ALA C 580 -27.83 -33.33 4.39
C ALA C 580 -28.14 -33.99 5.72
N ASP C 581 -27.16 -34.64 6.34
CA ASP C 581 -27.39 -35.36 7.58
C ASP C 581 -26.80 -34.63 8.79
N GLY C 582 -26.40 -33.37 8.63
CA GLY C 582 -25.81 -32.65 9.75
C GLY C 582 -26.31 -31.22 9.86
N SER C 583 -25.72 -30.31 9.08
CA SER C 583 -26.12 -28.91 9.12
C SER C 583 -27.63 -28.76 9.06
N VAL C 584 -28.25 -29.31 8.01
CA VAL C 584 -29.66 -29.07 7.73
C VAL C 584 -30.52 -29.62 8.86
N PRO C 585 -30.41 -30.90 9.22
CA PRO C 585 -31.22 -31.41 10.35
C PRO C 585 -30.99 -30.64 11.63
N ARG C 586 -29.76 -30.23 11.91
CA ARG C 586 -29.49 -29.43 13.10
C ARG C 586 -30.26 -28.11 13.06
N ARG C 587 -30.37 -27.51 11.88
CA ARG C 587 -31.18 -26.30 11.76
C ARG C 587 -32.63 -26.55 12.15
N LEU C 588 -33.11 -27.79 12.01
CA LEU C 588 -34.46 -28.16 12.41
C LEU C 588 -34.52 -28.69 13.84
N GLY C 589 -33.48 -28.42 14.63
CA GLY C 589 -33.45 -28.82 16.03
C GLY C 589 -33.21 -30.29 16.29
N ILE C 590 -32.70 -31.03 15.32
CA ILE C 590 -32.51 -32.48 15.44
C ILE C 590 -31.08 -32.76 15.86
N GLN C 591 -30.91 -33.59 16.89
CA GLN C 591 -29.58 -34.11 17.23
C GLN C 591 -29.08 -34.99 16.11
N THR C 592 -27.83 -34.79 15.71
CA THR C 592 -27.18 -35.57 14.66
C THR C 592 -25.96 -36.31 15.15
N ALA C 593 -25.75 -37.50 14.58
CA ALA C 593 -24.51 -38.27 14.73
C ALA C 593 -23.99 -38.49 13.30
N VAL C 594 -23.03 -37.67 12.90
CA VAL C 594 -22.47 -37.67 11.55
C VAL C 594 -21.11 -38.34 11.58
N HIS C 595 -20.99 -39.48 10.91
CA HIS C 595 -19.73 -40.18 10.79
C HIS C 595 -19.08 -39.82 9.46
N ASP C 596 -17.88 -40.36 9.24
CA ASP C 596 -17.15 -40.13 7.99
C ASP C 596 -17.48 -41.21 6.98
N ILE C 597 -17.62 -40.79 5.71
CA ILE C 597 -17.82 -41.74 4.62
C ILE C 597 -16.53 -42.48 4.33
N ASP C 598 -16.65 -43.69 3.80
CA ASP C 598 -15.47 -44.41 3.34
C ASP C 598 -14.85 -43.67 2.16
N ASP C 599 -13.52 -43.75 2.07
CA ASP C 599 -12.79 -43.00 1.06
C ASP C 599 -11.39 -43.57 0.93
N PHE C 600 -10.82 -43.41 -0.25
CA PHE C 600 -9.48 -43.90 -0.53
C PHE C 600 -8.43 -42.97 0.09
N ILE C 601 -7.18 -43.42 0.01
CA ILE C 601 -6.04 -42.61 0.44
C ILE C 601 -5.14 -42.41 -0.77
N PRO C 602 -4.03 -41.68 -0.65
CA PRO C 602 -3.29 -41.26 -1.86
C PRO C 602 -3.00 -42.39 -2.84
N PHE C 603 -2.46 -43.51 -2.37
CA PHE C 603 -2.05 -44.56 -3.32
C PHE C 603 -3.26 -45.14 -4.05
N GLU C 604 -4.31 -45.47 -3.30
CA GLU C 604 -5.52 -46.02 -3.91
C GLU C 604 -6.16 -45.05 -4.88
N ASN C 605 -6.31 -43.79 -4.46
CA ASN C 605 -6.90 -42.78 -5.31
C ASN C 605 -6.10 -42.62 -6.60
N ALA C 606 -4.78 -42.48 -6.48
CA ALA C 606 -3.94 -42.32 -7.65
C ALA C 606 -4.06 -43.53 -8.57
N MET C 607 -4.12 -44.73 -7.99
CA MET C 607 -4.31 -45.93 -8.80
C MET C 607 -5.59 -45.85 -9.62
N VAL C 608 -6.70 -45.46 -8.98
CA VAL C 608 -7.97 -45.43 -9.71
C VAL C 608 -7.96 -44.33 -10.76
N ASN C 609 -7.41 -43.16 -10.42
CA ASN C 609 -7.43 -42.05 -11.36
C ASN C 609 -6.52 -42.28 -12.57
N ALA C 610 -5.59 -43.22 -12.47
CA ALA C 610 -4.62 -43.44 -13.54
C ALA C 610 -5.13 -44.34 -14.65
N MET C 611 -6.29 -44.97 -14.49
CA MET C 611 -6.76 -45.96 -15.45
C MET C 611 -7.67 -45.32 -16.49
N ASP C 612 -7.69 -45.93 -17.67
CA ASP C 612 -8.65 -45.60 -18.72
C ASP C 612 -9.84 -46.53 -18.59
N ASN C 613 -10.70 -46.55 -19.61
CA ASN C 613 -11.95 -47.30 -19.51
C ASN C 613 -11.70 -48.79 -19.32
N TYR C 614 -10.66 -49.32 -19.96
CA TYR C 614 -10.42 -50.76 -19.88
C TYR C 614 -10.05 -51.20 -18.47
N ASN C 615 -9.43 -50.31 -17.69
CA ASN C 615 -8.82 -50.71 -16.41
C ASN C 615 -9.39 -49.98 -15.20
N ARG C 616 -10.45 -49.19 -15.35
CA ARG C 616 -10.87 -48.40 -14.19
C ARG C 616 -11.68 -49.23 -13.21
N TYR C 617 -12.57 -50.11 -13.69
CA TYR C 617 -13.40 -50.87 -12.76
C TYR C 617 -12.56 -51.85 -11.95
N PRO C 618 -11.68 -52.65 -12.54
CA PRO C 618 -10.81 -53.51 -11.70
C PRO C 618 -9.93 -52.70 -10.78
N ALA C 619 -9.55 -51.48 -11.17
CA ALA C 619 -8.80 -50.63 -10.26
C ALA C 619 -9.65 -50.20 -9.08
N TYR C 620 -10.93 -49.92 -9.32
CA TYR C 620 -11.85 -49.67 -8.21
C TYR C 620 -11.93 -50.87 -7.29
N GLN C 621 -12.08 -52.07 -7.86
CA GLN C 621 -12.12 -53.29 -7.05
C GLN C 621 -10.89 -53.42 -6.17
N LEU C 622 -9.71 -53.22 -6.76
CA LEU C 622 -8.47 -53.43 -6.02
C LEU C 622 -8.26 -52.35 -4.96
N ALA C 623 -8.54 -51.10 -5.29
CA ALA C 623 -8.45 -50.03 -4.30
C ALA C 623 -9.42 -50.28 -3.15
N THR C 624 -10.64 -50.74 -3.45
CA THR C 624 -11.59 -51.02 -2.39
C THR C 624 -11.11 -52.19 -1.53
N LYS C 625 -10.47 -53.19 -2.13
CA LYS C 625 -9.89 -54.28 -1.33
C LYS C 625 -8.79 -53.75 -0.42
N MET C 626 -7.94 -52.85 -0.93
CA MET C 626 -6.90 -52.25 -0.10
C MET C 626 -7.54 -51.48 1.06
N HIS C 627 -8.58 -50.71 0.77
CA HIS C 627 -9.28 -49.98 1.83
C HIS C 627 -9.86 -50.92 2.86
N ARG C 628 -10.53 -51.98 2.41
CA ARG C 628 -11.08 -52.98 3.32
C ARG C 628 -9.98 -53.62 4.15
N TYR C 629 -8.81 -53.87 3.55
CA TYR C 629 -7.73 -54.52 4.26
C TYR C 629 -7.18 -53.64 5.37
N ARG C 630 -6.89 -52.37 5.06
CA ARG C 630 -6.36 -51.50 6.11
C ARG C 630 -7.43 -51.21 7.16
N THR C 631 -8.70 -51.14 6.74
CA THR C 631 -9.80 -51.02 7.69
C THR C 631 -9.82 -52.20 8.65
N GLN C 632 -9.77 -53.42 8.12
CA GLN C 632 -9.76 -54.61 8.98
C GLN C 632 -8.56 -54.57 9.92
N LEU C 633 -7.39 -54.19 9.40
CA LEU C 633 -6.19 -54.20 10.22
C LEU C 633 -6.31 -53.22 11.38
N VAL C 634 -6.81 -52.02 11.11
CA VAL C 634 -6.82 -50.95 12.11
C VAL C 634 -8.01 -51.08 13.04
N GLN C 635 -9.20 -51.31 12.49
CA GLN C 635 -10.45 -51.18 13.22
C GLN C 635 -11.17 -52.51 13.43
N GLU C 636 -10.58 -53.63 13.03
CA GLU C 636 -11.05 -54.95 13.43
C GLU C 636 -10.03 -55.67 14.32
N ASN C 637 -8.81 -55.85 13.82
CA ASN C 637 -7.77 -56.53 14.59
C ASN C 637 -7.15 -55.63 15.64
N GLY C 638 -7.32 -54.32 15.51
CA GLY C 638 -6.77 -53.44 16.53
C GLY C 638 -5.25 -53.42 16.55
N PHE C 639 -4.63 -53.53 15.38
CA PHE C 639 -3.17 -53.53 15.34
C PHE C 639 -2.62 -52.14 15.59
N GLY C 640 -1.38 -52.09 16.03
CA GLY C 640 -0.70 -50.83 16.24
C GLY C 640 -0.28 -50.20 14.92
N ASN C 641 0.29 -49.00 15.04
CA ASN C 641 0.66 -48.25 13.85
C ASN C 641 1.71 -49.01 13.04
N THR C 642 2.76 -49.48 13.70
CA THR C 642 3.86 -50.11 12.96
C THR C 642 3.41 -51.43 12.32
N LEU C 643 2.69 -52.27 13.06
CA LEU C 643 2.23 -53.55 12.51
C LEU C 643 1.26 -53.32 11.34
N PHE C 644 0.29 -52.45 11.53
CA PHE C 644 -0.65 -52.13 10.46
C PHE C 644 0.11 -51.64 9.23
N GLU C 645 1.03 -50.70 9.42
CA GLU C 645 1.75 -50.14 8.29
C GLU C 645 2.54 -51.22 7.55
N THR C 646 3.22 -52.08 8.30
CA THR C 646 3.97 -53.17 7.68
C THR C 646 3.05 -54.07 6.86
N LYS C 647 1.93 -54.49 7.44
CA LYS C 647 1.04 -55.40 6.73
C LYS C 647 0.47 -54.74 5.47
N TYR C 648 0.03 -53.48 5.59
CA TYR C 648 -0.57 -52.78 4.46
C TYR C 648 0.46 -52.56 3.35
N TYR C 649 1.69 -52.20 3.71
CA TYR C 649 2.72 -52.05 2.68
C TYR C 649 2.97 -53.37 1.99
N ASN C 650 3.31 -54.41 2.76
CA ASN C 650 3.60 -55.72 2.18
C ASN C 650 2.47 -56.16 1.24
N TYR C 651 1.23 -55.95 1.64
CA TYR C 651 0.11 -56.28 0.76
C TYR C 651 0.13 -55.35 -0.45
N ALA C 652 -0.40 -54.13 -0.29
CA ALA C 652 -0.66 -53.26 -1.44
C ALA C 652 0.60 -53.02 -2.26
N TYR C 653 1.62 -52.40 -1.64
CA TYR C 653 2.74 -51.89 -2.42
C TYR C 653 3.58 -53.04 -3.00
N VAL C 654 3.97 -53.99 -2.16
CA VAL C 654 4.83 -55.05 -2.66
C VAL C 654 4.08 -55.96 -3.64
N GLY C 655 2.77 -56.18 -3.43
CA GLY C 655 2.01 -56.92 -4.42
C GLY C 655 1.95 -56.20 -5.75
N ALA C 656 1.57 -54.92 -5.75
CA ALA C 656 1.55 -54.18 -7.00
C ALA C 656 2.92 -54.11 -7.66
N SER C 657 3.99 -54.26 -6.90
CA SER C 657 5.33 -54.23 -7.50
C SER C 657 5.78 -55.57 -8.05
N PHE C 658 5.36 -56.69 -7.45
CA PHE C 658 5.87 -58.01 -7.84
C PHE C 658 4.86 -58.86 -8.59
N VAL C 659 3.61 -58.93 -8.12
CA VAL C 659 2.67 -59.94 -8.60
C VAL C 659 2.30 -59.70 -10.07
N PRO C 660 1.99 -58.46 -10.48
CA PRO C 660 1.73 -58.24 -11.92
C PRO C 660 2.91 -58.64 -12.80
N TYR C 661 4.13 -58.35 -12.35
CA TYR C 661 5.30 -58.72 -13.12
C TYR C 661 5.40 -60.23 -13.29
N ILE C 662 5.18 -60.97 -12.20
CA ILE C 662 5.30 -62.42 -12.25
C ILE C 662 4.17 -63.01 -13.09
N ASN C 663 2.97 -62.45 -12.98
CA ASN C 663 1.86 -62.88 -13.82
C ASN C 663 2.23 -62.72 -15.29
N TRP C 664 2.72 -61.54 -15.65
CA TRP C 664 3.16 -61.31 -17.03
C TRP C 664 4.22 -62.33 -17.42
N ALA C 665 5.20 -62.55 -16.54
CA ALA C 665 6.30 -63.44 -16.88
C ALA C 665 5.83 -64.88 -17.09
N ILE C 666 4.90 -65.34 -16.26
CA ILE C 666 4.40 -66.71 -16.40
C ILE C 666 3.63 -66.85 -17.71
N LYS C 667 2.73 -65.90 -17.98
CA LYS C 667 1.98 -65.95 -19.23
C LYS C 667 2.92 -65.88 -20.42
N ASP C 668 3.95 -65.04 -20.34
CA ASP C 668 4.90 -64.88 -21.44
C ASP C 668 5.71 -66.16 -21.64
N ALA C 669 6.13 -66.79 -20.55
CA ALA C 669 6.87 -68.04 -20.66
C ALA C 669 6.03 -69.09 -21.35
N ILE C 670 4.77 -69.25 -20.92
CA ILE C 670 3.87 -70.18 -21.60
C ILE C 670 3.76 -69.81 -23.09
N LYS C 671 3.54 -68.53 -23.38
CA LYS C 671 3.38 -68.07 -24.76
C LYS C 671 4.62 -68.34 -25.62
N ARG C 672 5.81 -68.32 -25.01
CA ARG C 672 7.06 -68.56 -25.71
C ARG C 672 7.51 -70.02 -25.73
N GLY C 673 6.84 -70.89 -24.98
CA GLY C 673 7.09 -72.31 -25.04
C GLY C 673 8.00 -72.86 -23.97
N TYR C 674 8.40 -72.03 -23.01
CA TYR C 674 9.23 -72.50 -21.91
C TYR C 674 8.43 -73.44 -21.01
N GLU C 675 9.05 -74.55 -20.63
CA GLU C 675 8.40 -75.55 -19.78
C GLU C 675 8.75 -75.37 -18.32
N THR C 676 9.96 -74.93 -18.03
CA THR C 676 10.46 -74.76 -16.67
C THR C 676 10.93 -73.32 -16.43
N ILE C 677 10.60 -72.79 -15.26
CA ILE C 677 10.98 -71.44 -14.86
C ILE C 677 11.84 -71.60 -13.62
N TYR C 678 13.10 -71.18 -13.72
CA TYR C 678 14.07 -71.25 -12.63
C TYR C 678 14.31 -69.92 -11.93
N PHE C 679 14.32 -69.99 -10.60
CA PHE C 679 14.36 -68.81 -9.76
C PHE C 679 15.78 -68.78 -9.19
N ILE C 680 16.49 -67.68 -9.45
CA ILE C 680 17.79 -67.39 -8.82
C ILE C 680 17.63 -66.84 -7.42
N SER C 681 18.60 -67.20 -6.57
CA SER C 681 18.47 -67.16 -5.12
C SER C 681 18.36 -65.72 -4.63
N ARG C 682 17.71 -65.59 -3.46
CA ARG C 682 17.49 -64.31 -2.78
C ARG C 682 16.36 -63.55 -3.48
N ASP C 683 16.59 -63.03 -4.68
CA ASP C 683 15.51 -62.32 -5.35
C ASP C 683 14.38 -63.29 -5.72
N GLY C 684 14.74 -64.49 -6.14
CA GLY C 684 13.76 -65.47 -6.58
C GLY C 684 12.96 -66.12 -5.46
N HIS C 685 13.31 -65.86 -4.19
CA HIS C 685 12.61 -66.48 -3.07
C HIS C 685 11.16 -66.01 -2.97
N PHE C 686 10.92 -64.69 -3.02
CA PHE C 686 9.56 -64.18 -3.02
C PHE C 686 8.89 -64.37 -4.38
N LEU C 687 9.65 -64.17 -5.45
CA LEU C 687 9.05 -64.25 -6.78
C LEU C 687 8.52 -65.65 -7.04
N LYS C 688 9.23 -66.68 -6.57
CA LYS C 688 8.77 -68.05 -6.81
C LYS C 688 7.54 -68.36 -5.97
N GLN C 689 7.46 -67.84 -4.75
CA GLN C 689 6.22 -67.99 -3.99
C GLN C 689 5.04 -67.41 -4.77
N ILE C 690 5.20 -66.18 -5.25
CA ILE C 690 4.13 -65.56 -6.03
C ILE C 690 3.79 -66.39 -7.26
N ALA C 691 4.82 -66.83 -8.00
CA ALA C 691 4.58 -67.58 -9.23
C ALA C 691 3.87 -68.89 -8.95
N ASP C 692 4.26 -69.58 -7.88
CA ASP C 692 3.62 -70.84 -7.52
C ASP C 692 2.16 -70.60 -7.18
N LYS C 693 1.86 -69.53 -6.44
CA LYS C 693 0.47 -69.24 -6.12
C LYS C 693 -0.32 -68.97 -7.40
N ILE C 694 0.26 -68.19 -8.33
CA ILE C 694 -0.43 -67.90 -9.58
C ILE C 694 -0.72 -69.19 -10.33
N ILE C 695 0.29 -70.04 -10.48
CA ILE C 695 0.11 -71.28 -11.24
C ILE C 695 -0.97 -72.14 -10.60
N GLU C 696 -0.96 -72.25 -9.27
CA GLU C 696 -2.00 -73.01 -8.59
C GLU C 696 -3.38 -72.45 -8.86
N ILE C 697 -3.56 -71.14 -8.65
CA ILE C 697 -4.90 -70.56 -8.76
C ILE C 697 -5.41 -70.66 -10.19
N ARG C 698 -4.55 -70.32 -11.16
CA ARG C 698 -4.96 -70.28 -12.56
C ARG C 698 -4.81 -71.62 -13.27
N GLY C 699 -4.23 -72.63 -12.63
CA GLY C 699 -4.01 -73.91 -13.29
C GLY C 699 -3.09 -73.86 -14.48
N TYR C 700 -2.17 -72.90 -14.52
CA TYR C 700 -1.23 -72.82 -15.63
C TYR C 700 -0.35 -74.06 -15.67
N ASN C 701 -0.04 -74.51 -16.89
CA ASN C 701 0.74 -75.71 -17.13
C ASN C 701 2.19 -75.31 -17.37
N VAL C 702 2.94 -75.17 -16.29
CA VAL C 702 4.37 -74.83 -16.34
C VAL C 702 4.96 -75.17 -14.99
N LYS C 703 6.19 -75.67 -15.01
CA LYS C 703 6.88 -76.05 -13.78
C LYS C 703 7.78 -74.93 -13.30
N THR C 704 7.98 -74.88 -11.99
CA THR C 704 8.87 -73.92 -11.37
C THR C 704 9.92 -74.67 -10.56
N LYS C 705 11.14 -74.13 -10.57
CA LYS C 705 12.24 -74.71 -9.81
C LYS C 705 13.07 -73.59 -9.21
N TYR C 706 13.75 -73.90 -8.11
CA TYR C 706 14.58 -72.95 -7.39
C TYR C 706 16.03 -73.38 -7.43
N ILE C 707 16.92 -72.47 -7.82
CA ILE C 707 18.35 -72.76 -7.89
C ILE C 707 19.06 -71.74 -7.00
N TYR C 708 20.09 -72.18 -6.31
CA TYR C 708 20.87 -71.35 -5.40
C TYR C 708 22.16 -70.87 -6.05
N GLY C 709 22.53 -69.63 -5.72
CA GLY C 709 23.71 -69.01 -6.29
C GLY C 709 23.69 -67.53 -6.05
N SER C 710 24.84 -66.91 -6.31
CA SER C 710 24.99 -65.48 -6.09
C SER C 710 26.07 -64.95 -7.01
N ARG C 711 26.18 -63.62 -7.08
CA ARG C 711 27.28 -63.02 -7.81
C ARG C 711 28.60 -63.52 -7.29
N LYS C 712 28.74 -63.64 -5.96
CA LYS C 712 29.96 -64.15 -5.38
C LYS C 712 30.26 -65.56 -5.87
N ALA C 713 29.30 -66.47 -5.72
CA ALA C 713 29.54 -67.87 -6.04
C ALA C 713 29.60 -68.15 -7.53
N TRP C 714 29.18 -67.22 -8.38
CA TRP C 714 29.07 -67.50 -9.81
C TRP C 714 30.00 -66.67 -10.68
N ARG C 715 30.36 -65.45 -10.26
CA ARG C 715 31.19 -64.61 -11.13
C ARG C 715 32.59 -65.20 -11.24
N LEU C 716 33.23 -65.45 -10.10
CA LEU C 716 34.59 -65.99 -10.12
C LEU C 716 34.63 -67.33 -10.84
N PRO C 717 33.80 -68.32 -10.48
CA PRO C 717 33.80 -69.59 -11.23
C PRO C 717 33.52 -69.41 -12.71
N SER C 718 32.84 -68.32 -13.09
CA SER C 718 32.49 -68.07 -14.49
C SER C 718 33.67 -67.70 -15.36
N PHE C 719 34.86 -67.51 -14.79
CA PHE C 719 36.06 -67.21 -15.56
C PHE C 719 36.57 -68.52 -16.15
N ILE C 720 36.01 -68.90 -17.30
CA ILE C 720 36.35 -70.17 -17.92
C ILE C 720 37.69 -70.07 -18.64
N THR C 721 37.81 -69.13 -19.57
CA THR C 721 39.04 -68.99 -20.34
C THR C 721 39.63 -67.59 -20.29
N LYS C 722 39.02 -66.67 -19.54
CA LYS C 722 39.53 -65.32 -19.38
C LYS C 722 38.87 -64.68 -18.17
N VAL C 723 39.57 -63.72 -17.58
CA VAL C 723 38.99 -62.89 -16.52
C VAL C 723 38.40 -61.67 -17.21
N ASP C 724 37.08 -61.52 -17.13
CA ASP C 724 36.39 -60.48 -17.88
C ASP C 724 37.00 -59.12 -17.59
N ASP C 725 37.04 -58.27 -18.64
CA ASP C 725 37.47 -56.89 -18.46
C ASP C 725 36.53 -56.14 -17.53
N GLU C 726 35.25 -56.53 -17.51
CA GLU C 726 34.30 -55.94 -16.56
C GLU C 726 34.82 -55.99 -15.13
N THR C 727 35.66 -56.99 -14.81
CA THR C 727 36.19 -57.13 -13.47
C THR C 727 36.93 -55.86 -13.03
N PHE C 728 37.50 -55.12 -13.98
CA PHE C 728 38.32 -53.96 -13.69
C PHE C 728 37.66 -52.65 -14.15
N TRP C 729 36.34 -52.55 -14.01
CA TRP C 729 35.58 -51.34 -14.36
C TRP C 729 34.57 -51.04 -13.26
N GLN C 730 33.68 -50.09 -13.58
CA GLN C 730 32.90 -49.41 -12.55
C GLN C 730 31.89 -50.36 -11.91
N PHE C 731 31.34 -51.30 -12.69
CA PHE C 731 30.47 -52.33 -12.17
C PHE C 731 31.18 -53.67 -12.03
N GLY C 732 32.50 -53.64 -11.87
CA GLY C 732 33.28 -54.86 -11.70
C GLY C 732 33.45 -55.22 -10.25
N ASN C 733 34.62 -55.76 -9.89
CA ASN C 733 34.84 -56.29 -8.55
C ASN C 733 35.32 -55.21 -7.60
N PHE C 734 36.20 -54.32 -8.06
CA PHE C 734 36.82 -53.32 -7.20
C PHE C 734 35.97 -52.04 -7.26
N VAL C 735 34.81 -52.11 -6.59
CA VAL C 735 33.82 -51.06 -6.64
C VAL C 735 33.20 -50.87 -5.26
N GLY C 736 32.84 -49.63 -4.94
CA GLY C 736 32.16 -49.36 -3.69
C GLY C 736 32.92 -49.75 -2.45
N MET C 737 34.21 -50.01 -2.58
CA MET C 737 35.02 -50.44 -1.44
C MET C 737 35.41 -49.23 -0.60
N ASP C 738 35.17 -49.31 0.71
CA ASP C 738 35.30 -48.18 1.62
C ASP C 738 36.35 -48.40 2.69
N SER C 739 37.28 -49.34 2.49
CA SER C 739 38.31 -49.60 3.51
C SER C 739 39.30 -50.59 2.95
N PHE C 740 40.43 -50.72 3.66
CA PHE C 740 41.49 -51.62 3.22
C PHE C 740 41.02 -53.07 3.23
N GLU C 741 40.31 -53.48 4.29
CA GLU C 741 39.80 -54.83 4.33
C GLU C 741 38.80 -55.10 3.22
N ASP C 742 38.08 -54.06 2.76
CA ASP C 742 37.24 -54.23 1.58
C ASP C 742 38.07 -54.58 0.35
N LEU C 743 39.20 -53.87 0.15
CA LEU C 743 40.11 -54.23 -0.94
C LEU C 743 40.60 -55.67 -0.79
N VAL C 744 40.96 -56.07 0.44
CA VAL C 744 41.41 -57.43 0.69
C VAL C 744 40.34 -58.42 0.24
N LYS C 745 39.09 -58.21 0.68
CA LYS C 745 38.01 -59.14 0.36
C LYS C 745 37.74 -59.19 -1.14
N ALA C 746 37.70 -58.01 -1.79
CA ALA C 746 37.40 -57.97 -3.23
C ALA C 746 38.54 -58.50 -4.08
N SER C 747 39.76 -58.54 -3.54
CA SER C 747 40.90 -59.00 -4.32
C SER C 747 40.79 -60.47 -4.70
N TYR C 748 40.00 -61.25 -3.97
CA TYR C 748 39.85 -62.69 -4.08
C TYR C 748 40.95 -63.43 -3.32
N LEU C 749 41.96 -62.74 -2.81
CA LEU C 749 43.13 -63.34 -2.19
C LEU C 749 43.12 -63.09 -0.68
N SER C 750 44.19 -63.54 -0.03
CA SER C 750 44.35 -63.34 1.41
C SER C 750 45.05 -62.02 1.68
N GLU C 751 44.73 -61.43 2.84
CA GLU C 751 45.37 -60.18 3.25
C GLU C 751 46.88 -60.26 3.16
N SER C 752 47.44 -61.48 3.21
CA SER C 752 48.87 -61.70 3.00
C SER C 752 49.20 -61.92 1.53
N GLU C 753 48.33 -62.65 0.80
CA GLU C 753 48.58 -62.86 -0.62
C GLU C 753 48.45 -61.57 -1.41
N LEU C 754 47.43 -60.77 -1.12
CA LEU C 754 47.24 -59.52 -1.86
C LEU C 754 48.41 -58.58 -1.65
N LEU C 755 49.03 -58.61 -0.47
CA LEU C 755 50.19 -57.76 -0.22
C LEU C 755 51.46 -58.35 -0.83
N SER C 756 51.61 -59.68 -0.80
CA SER C 756 52.76 -60.31 -1.42
C SER C 756 52.74 -60.21 -2.94
N LEU C 757 51.56 -59.97 -3.53
CA LEU C 757 51.47 -59.82 -4.98
C LEU C 757 51.72 -58.38 -5.41
N PHE C 758 50.95 -57.44 -4.87
CA PHE C 758 51.08 -56.03 -5.16
C PHE C 758 51.55 -55.27 -3.92
N PRO C 759 52.86 -55.25 -3.65
CA PRO C 759 53.34 -54.63 -2.41
C PRO C 759 52.91 -53.17 -2.24
N GLU C 760 52.70 -52.46 -3.34
CA GLU C 760 52.31 -51.05 -3.25
C GLU C 760 51.06 -50.86 -2.39
N PHE C 761 50.13 -51.82 -2.44
CA PHE C 761 48.90 -51.69 -1.68
C PHE C 761 49.13 -51.59 -0.18
N GLU C 762 50.33 -51.90 0.31
CA GLU C 762 50.61 -51.69 1.72
C GLU C 762 50.43 -50.23 2.12
N SER C 763 50.68 -49.31 1.19
CA SER C 763 50.50 -47.88 1.45
C SER C 763 49.04 -47.47 1.53
N LEU C 764 48.09 -48.38 1.29
CA LEU C 764 46.66 -48.10 1.37
C LEU C 764 46.01 -48.68 2.63
N ARG C 765 46.81 -49.10 3.62
CA ARG C 765 46.25 -49.78 4.78
C ARG C 765 45.27 -48.88 5.51
N HIS C 766 45.74 -47.75 6.03
CA HIS C 766 44.87 -46.81 6.72
C HIS C 766 44.21 -45.89 5.70
N ALA C 767 42.89 -46.02 5.55
CA ALA C 767 42.13 -45.19 4.61
C ALA C 767 40.66 -45.44 4.84
N LYS C 768 39.86 -44.38 4.66
CA LYS C 768 38.42 -44.45 4.90
C LYS C 768 37.61 -44.10 3.65
N HIS C 769 38.18 -44.26 2.45
CA HIS C 769 37.47 -43.95 1.22
C HIS C 769 38.28 -44.32 0.00
N LEU C 770 38.44 -45.62 -0.26
CA LEU C 770 39.21 -46.08 -1.41
C LEU C 770 38.34 -46.10 -2.67
N ARG C 771 37.42 -45.15 -2.78
CA ARG C 771 36.56 -45.02 -3.95
C ARG C 771 36.94 -43.77 -4.73
N GLY C 772 36.72 -43.81 -6.04
CA GLY C 772 37.00 -42.67 -6.90
C GLY C 772 38.31 -42.86 -7.65
N GLU C 773 39.15 -41.83 -7.63
CA GLU C 773 40.43 -41.90 -8.33
C GLU C 773 41.30 -43.03 -7.78
N ILE C 774 41.28 -43.21 -6.45
CA ILE C 774 42.04 -44.30 -5.84
C ILE C 774 41.55 -45.65 -6.35
N ALA C 775 40.23 -45.81 -6.46
CA ALA C 775 39.68 -47.07 -6.94
C ALA C 775 39.99 -47.30 -8.41
N GLU C 776 39.93 -46.24 -9.22
CA GLU C 776 40.31 -46.37 -10.62
C GLU C 776 41.76 -46.81 -10.75
N ASN C 777 42.64 -46.23 -9.93
CA ASN C 777 44.04 -46.62 -9.95
C ASN C 777 44.21 -48.08 -9.53
N ILE C 778 43.49 -48.50 -8.48
CA ILE C 778 43.59 -49.90 -8.06
C ILE C 778 43.12 -50.85 -9.15
N ARG C 779 42.05 -50.49 -9.86
CA ARG C 779 41.62 -51.31 -10.99
C ARG C 779 42.70 -51.38 -12.06
N LYS C 780 43.30 -50.24 -12.40
CA LYS C 780 44.36 -50.24 -13.40
C LYS C 780 45.56 -51.08 -12.95
N ILE C 781 45.82 -51.12 -11.65
CA ILE C 781 46.93 -51.94 -11.15
C ILE C 781 46.61 -53.41 -11.32
N PHE C 782 45.42 -53.83 -10.86
CA PHE C 782 45.02 -55.23 -10.99
C PHE C 782 44.99 -55.68 -12.44
N LYS C 783 44.48 -54.83 -13.34
CA LYS C 783 44.28 -55.25 -14.72
C LYS C 783 45.61 -55.56 -15.40
N ASN C 784 46.64 -54.76 -15.13
CA ASN C 784 47.93 -54.89 -15.79
C ASN C 784 48.88 -55.87 -15.09
N SER C 785 48.34 -56.84 -14.35
CA SER C 785 49.16 -57.86 -13.68
C SER C 785 48.82 -59.24 -14.22
N PRO C 786 49.65 -59.80 -15.10
CA PRO C 786 49.38 -61.18 -15.58
C PRO C 786 49.37 -62.19 -14.46
N ALA C 787 50.19 -62.00 -13.42
CA ALA C 787 50.17 -62.92 -12.29
C ALA C 787 48.80 -62.97 -11.65
N TYR C 788 48.15 -61.81 -11.52
CA TYR C 788 46.81 -61.77 -10.94
C TYR C 788 45.82 -62.51 -11.83
N HIS C 789 45.88 -62.30 -13.14
CA HIS C 789 45.00 -63.02 -14.05
C HIS C 789 45.19 -64.53 -13.90
N GLU C 790 46.44 -64.98 -13.77
CA GLU C 790 46.68 -66.41 -13.66
C GLU C 790 46.13 -66.97 -12.35
N LYS C 791 46.41 -66.28 -11.24
CA LYS C 791 45.88 -66.74 -9.95
C LYS C 791 44.35 -66.77 -9.96
N VAL C 792 43.73 -65.75 -10.56
CA VAL C 792 42.27 -65.72 -10.63
C VAL C 792 41.74 -66.85 -11.50
N LEU C 793 42.39 -67.11 -12.64
CA LEU C 793 41.95 -68.19 -13.50
C LEU C 793 42.06 -69.53 -12.79
N ALA C 794 43.11 -69.70 -11.97
CA ALA C 794 43.25 -70.94 -11.21
C ALA C 794 42.14 -71.07 -10.17
N ILE C 795 41.91 -70.02 -9.39
CA ILE C 795 40.84 -70.04 -8.39
C ILE C 795 39.51 -70.36 -9.08
N ALA C 796 39.27 -69.76 -10.24
CA ALA C 796 38.02 -69.96 -10.95
C ALA C 796 37.91 -71.40 -11.44
N ALA C 797 38.99 -71.96 -11.96
CA ALA C 797 38.97 -73.36 -12.38
C ALA C 797 38.70 -74.28 -11.19
N GLU C 798 39.14 -73.88 -9.99
CA GLU C 798 38.87 -74.70 -8.81
C GLU C 798 37.40 -74.63 -8.42
N LYS C 799 36.84 -73.43 -8.34
CA LYS C 799 35.43 -73.31 -7.97
C LYS C 799 34.50 -73.87 -9.05
N ARG C 800 34.98 -73.90 -10.30
CA ARG C 800 34.13 -74.32 -11.41
C ARG C 800 33.79 -75.80 -11.34
N LYS C 801 34.65 -76.63 -10.74
CA LYS C 801 34.29 -78.03 -10.56
C LYS C 801 32.95 -78.15 -9.83
N MET C 802 32.89 -77.53 -8.65
CA MET C 802 31.69 -77.61 -7.83
C MET C 802 30.50 -76.93 -8.51
N VAL C 803 30.73 -75.74 -9.09
CA VAL C 803 29.59 -75.04 -9.69
C VAL C 803 29.06 -75.80 -10.91
N ARG C 804 29.95 -76.40 -11.70
CA ARG C 804 29.53 -77.18 -12.85
C ARG C 804 28.71 -78.39 -12.41
N GLN C 805 29.20 -79.11 -11.39
CA GLN C 805 28.44 -80.24 -10.89
C GLN C 805 27.07 -79.81 -10.38
N TYR C 806 27.01 -78.68 -9.68
CA TYR C 806 25.73 -78.18 -9.18
C TYR C 806 24.78 -77.89 -10.35
N ILE C 807 25.29 -77.19 -11.36
CA ILE C 807 24.48 -76.87 -12.53
C ILE C 807 23.94 -78.15 -13.16
N GLN C 808 24.84 -79.09 -13.45
CA GLN C 808 24.41 -80.34 -14.08
C GLN C 808 23.39 -81.08 -13.22
N GLN C 809 23.50 -80.95 -11.89
CA GLN C 809 22.59 -81.63 -10.99
C GLN C 809 21.23 -80.95 -10.86
N GLU C 810 21.14 -79.65 -11.13
CA GLU C 810 19.94 -78.88 -10.83
C GLU C 810 19.16 -78.40 -12.05
N ILE C 811 19.74 -78.43 -13.24
CA ILE C 811 19.08 -77.88 -14.43
C ILE C 811 19.01 -78.98 -15.48
N ASN C 812 17.81 -79.24 -15.97
CA ASN C 812 17.60 -80.18 -17.06
C ASN C 812 17.81 -79.52 -18.41
N PRO C 813 18.93 -79.81 -19.10
CA PRO C 813 19.20 -79.15 -20.38
C PRO C 813 18.28 -79.60 -21.49
N LYS C 814 17.54 -80.70 -21.32
CA LYS C 814 16.66 -81.19 -22.39
C LYS C 814 15.34 -80.43 -22.48
N GLU C 815 14.89 -79.79 -21.40
CA GLU C 815 13.69 -78.99 -21.43
C GLU C 815 13.96 -77.61 -22.02
N LYS C 816 12.88 -76.94 -22.45
CA LYS C 816 12.97 -75.56 -22.90
C LYS C 816 12.70 -74.70 -21.68
N PHE C 817 13.77 -74.17 -21.09
CA PHE C 817 13.71 -73.54 -19.78
C PHE C 817 14.06 -72.06 -19.86
N ALA C 818 13.70 -71.34 -18.81
CA ALA C 818 14.04 -69.93 -18.71
C ALA C 818 14.13 -69.55 -17.24
N PHE C 819 14.84 -68.46 -16.98
CA PHE C 819 15.09 -67.98 -15.62
C PHE C 819 14.35 -66.67 -15.40
N VAL C 820 13.90 -66.45 -14.18
CA VAL C 820 13.10 -65.28 -13.83
C VAL C 820 13.85 -64.52 -12.75
N GLU C 821 14.46 -63.40 -13.13
CA GLU C 821 15.04 -62.45 -12.20
C GLU C 821 14.19 -61.18 -12.11
N PHE C 822 14.78 -60.11 -11.55
CA PHE C 822 14.10 -58.83 -11.35
C PHE C 822 14.82 -57.66 -12.00
N TRP C 823 16.07 -57.41 -11.63
CA TRP C 823 16.87 -56.27 -12.09
C TRP C 823 18.35 -56.56 -12.13
N GLY C 824 18.98 -56.01 -13.15
CA GLY C 824 20.41 -56.08 -13.32
C GLY C 824 20.79 -55.56 -14.69
N ARG C 825 22.09 -55.35 -14.85
CA ARG C 825 22.64 -54.99 -16.16
C ARG C 825 22.33 -56.08 -17.18
N GLY C 826 22.61 -57.33 -16.81
CA GLY C 826 22.61 -58.47 -17.71
C GLY C 826 23.96 -59.16 -17.78
N TYR C 827 24.96 -58.61 -17.09
CA TYR C 827 26.29 -59.20 -17.14
C TYR C 827 26.31 -60.50 -16.35
N THR C 828 25.66 -60.50 -15.18
CA THR C 828 25.51 -61.73 -14.40
C THR C 828 24.85 -62.84 -15.22
N GLN C 829 23.82 -62.49 -16.00
CA GLN C 829 23.20 -63.48 -16.87
C GLN C 829 24.21 -64.02 -17.87
N ASP C 830 25.13 -63.17 -18.35
CA ASP C 830 26.12 -63.63 -19.31
C ASP C 830 27.11 -64.58 -18.67
N THR C 831 27.58 -64.25 -17.46
CA THR C 831 28.45 -65.17 -16.74
C THR C 831 27.75 -66.50 -16.47
N PHE C 832 26.48 -66.47 -16.09
CA PHE C 832 25.79 -67.72 -15.84
C PHE C 832 25.57 -68.51 -17.12
N GLY C 833 25.39 -67.84 -18.25
CA GLY C 833 25.32 -68.55 -19.52
C GLY C 833 26.63 -69.22 -19.91
N ARG C 834 27.74 -68.52 -19.68
CA ARG C 834 29.05 -69.15 -19.88
C ARG C 834 29.18 -70.39 -19.00
N LEU C 835 28.78 -70.29 -17.74
CA LEU C 835 28.89 -71.43 -16.83
C LEU C 835 27.99 -72.57 -17.29
N LEU C 836 26.81 -72.23 -17.82
CA LEU C 836 25.91 -73.25 -18.34
C LEU C 836 26.55 -73.98 -19.52
N ASN C 837 27.14 -73.21 -20.46
CA ASN C 837 27.78 -73.83 -21.61
C ASN C 837 28.94 -74.73 -21.19
N ASP C 838 29.69 -74.32 -20.17
CA ASP C 838 30.77 -75.17 -19.67
C ASP C 838 30.23 -76.44 -19.03
N ALA C 839 29.13 -76.32 -18.28
CA ALA C 839 28.57 -77.48 -17.59
C ALA C 839 27.93 -78.47 -18.55
N PHE C 840 27.39 -78.00 -19.66
CA PHE C 840 26.68 -78.86 -20.61
C PHE C 840 27.44 -79.13 -21.90
N GLY C 841 28.65 -78.57 -22.04
CA GLY C 841 29.44 -78.87 -23.23
C GLY C 841 28.82 -78.45 -24.54
N LYS C 842 27.92 -77.47 -24.52
CA LYS C 842 27.32 -76.97 -25.76
C LYS C 842 26.76 -75.58 -25.50
N GLU C 843 26.48 -74.87 -26.60
CA GLU C 843 25.91 -73.53 -26.51
C GLU C 843 24.45 -73.68 -26.10
N VAL C 844 24.15 -73.38 -24.84
CA VAL C 844 22.83 -73.56 -24.27
C VAL C 844 22.14 -72.20 -24.21
N LYS C 845 21.00 -72.09 -24.90
CA LYS C 845 20.25 -70.84 -24.90
C LYS C 845 19.85 -70.48 -23.47
N ASN C 846 20.13 -69.25 -23.07
CA ASN C 846 19.94 -68.77 -21.70
C ASN C 846 18.93 -67.62 -21.70
N PRO C 847 17.63 -67.90 -21.56
CA PRO C 847 16.66 -66.81 -21.46
C PRO C 847 16.42 -66.40 -20.01
N PHE C 848 16.39 -65.09 -19.82
CA PHE C 848 16.17 -64.47 -18.51
C PHE C 848 14.98 -63.53 -18.60
N TYR C 849 14.07 -63.61 -17.63
CA TYR C 849 12.99 -62.64 -17.49
C TYR C 849 13.41 -61.58 -16.48
N TYR C 850 13.37 -60.32 -16.88
CA TYR C 850 13.59 -59.19 -16.01
C TYR C 850 12.36 -58.29 -16.05
N VAL C 851 12.19 -57.50 -14.97
CA VAL C 851 11.35 -56.32 -15.07
C VAL C 851 11.92 -55.40 -16.14
N ARG C 852 13.23 -55.17 -16.09
CA ARG C 852 13.95 -54.43 -17.12
C ARG C 852 15.43 -54.77 -17.04
N SER C 853 16.08 -54.86 -18.20
CA SER C 853 17.53 -54.94 -18.26
C SER C 853 18.01 -53.95 -19.31
N PHE C 854 19.24 -53.45 -19.14
CA PHE C 854 19.77 -52.37 -19.99
C PHE C 854 21.00 -52.84 -20.73
N THR C 855 20.99 -54.09 -21.20
CA THR C 855 21.97 -54.57 -22.14
C THR C 855 21.26 -55.42 -23.17
N ASP C 856 21.71 -55.35 -24.42
CA ASP C 856 21.07 -56.10 -25.48
C ASP C 856 21.44 -57.57 -25.37
N ASP C 857 20.76 -58.39 -26.16
CA ASP C 857 21.08 -59.81 -26.18
C ASP C 857 22.51 -59.99 -26.69
N MET C 858 23.23 -60.94 -26.09
CA MET C 858 24.61 -61.20 -26.46
C MET C 858 24.88 -62.69 -26.35
N GLY C 859 25.25 -63.30 -27.47
CA GLY C 859 25.57 -64.71 -27.45
C GLY C 859 24.37 -65.56 -27.08
N THR C 860 24.53 -66.42 -26.08
CA THR C 860 23.44 -67.25 -25.62
C THR C 860 22.44 -66.51 -24.76
N SER C 861 22.79 -65.33 -24.26
CA SER C 861 21.89 -64.59 -23.38
C SER C 861 20.74 -63.99 -24.17
N VAL C 862 19.50 -64.33 -23.76
CA VAL C 862 18.29 -63.71 -24.27
C VAL C 862 17.61 -63.04 -23.09
N ARG C 863 17.08 -61.84 -23.31
CA ARG C 863 16.46 -61.06 -22.23
C ARG C 863 15.05 -60.66 -22.60
N HIS C 864 14.07 -61.16 -21.84
CA HIS C 864 12.70 -60.71 -21.92
C HIS C 864 12.48 -59.66 -20.84
N ASN C 865 11.88 -58.53 -21.21
CA ASN C 865 11.76 -57.38 -20.31
C ASN C 865 10.32 -56.95 -20.15
N PHE C 866 9.94 -56.69 -18.90
CA PHE C 866 8.55 -56.37 -18.57
C PHE C 866 8.20 -54.94 -18.92
N ILE C 867 8.92 -53.98 -18.34
CA ILE C 867 8.68 -52.57 -18.58
C ILE C 867 9.74 -52.03 -19.54
N LEU C 868 9.29 -51.30 -20.56
CA LEU C 868 10.18 -50.71 -21.55
C LEU C 868 10.21 -49.20 -21.32
N ALA C 869 10.83 -48.80 -20.22
CA ALA C 869 10.98 -47.41 -19.84
C ALA C 869 12.27 -47.27 -19.06
N PRO C 870 12.90 -46.10 -19.05
CA PRO C 870 14.23 -45.94 -18.47
C PRO C 870 14.20 -45.84 -16.94
N GLN C 871 13.40 -46.70 -16.31
CA GLN C 871 13.27 -46.72 -14.87
C GLN C 871 14.29 -47.67 -14.24
N ASN C 872 14.73 -47.32 -13.03
CA ASN C 872 15.75 -48.06 -12.30
C ASN C 872 15.08 -48.85 -11.18
N PHE C 873 15.20 -50.18 -11.21
CA PHE C 873 14.51 -51.01 -10.23
C PHE C 873 15.44 -51.57 -9.15
N SER C 874 16.66 -51.01 -9.03
CA SER C 874 17.43 -51.25 -7.83
C SER C 874 16.68 -50.75 -6.61
N PHE C 875 15.76 -49.80 -6.81
CA PHE C 875 14.89 -49.30 -5.77
C PHE C 875 14.35 -50.44 -4.92
N PHE C 876 14.08 -51.60 -5.55
CA PHE C 876 13.39 -52.65 -4.83
C PHE C 876 14.32 -53.63 -4.11
N GLU C 877 15.64 -53.40 -4.17
CA GLU C 877 16.56 -54.34 -3.54
C GLU C 877 16.31 -54.54 -2.04
N PRO C 878 15.93 -53.51 -1.27
CA PRO C 878 15.67 -53.74 0.17
C PRO C 878 14.67 -54.85 0.44
N ILE C 879 13.56 -54.86 -0.31
CA ILE C 879 12.55 -55.91 -0.17
C ILE C 879 13.20 -57.28 -0.31
N PHE C 880 13.90 -57.50 -1.43
CA PHE C 880 14.56 -58.77 -1.65
C PHE C 880 15.61 -59.08 -0.59
N ALA C 881 16.13 -58.05 0.09
CA ALA C 881 17.12 -58.30 1.15
C ALA C 881 16.49 -58.87 2.42
N GLN C 882 15.16 -58.93 2.49
CA GLN C 882 14.47 -59.55 3.61
C GLN C 882 14.36 -61.07 3.49
N THR C 883 14.79 -61.65 2.38
CA THR C 883 14.82 -63.10 2.26
C THR C 883 15.46 -63.72 3.49
N PRO C 884 14.90 -64.82 4.02
CA PRO C 884 15.32 -65.33 5.34
C PRO C 884 16.62 -66.12 5.37
N TYR C 885 17.57 -65.81 4.48
CA TYR C 885 18.92 -66.35 4.60
C TYR C 885 19.90 -65.34 4.03
N ASP C 886 21.18 -65.55 4.32
CA ASP C 886 22.18 -64.66 3.74
C ASP C 886 22.49 -65.10 2.31
N SER C 887 23.23 -64.26 1.59
CA SER C 887 23.64 -64.60 0.23
C SER C 887 24.46 -65.87 0.22
N ILE C 888 24.11 -66.78 -0.68
CA ILE C 888 24.76 -68.09 -0.76
C ILE C 888 26.24 -67.85 -0.99
N PRO C 889 27.09 -68.15 0.01
CA PRO C 889 28.53 -67.87 -0.15
C PRO C 889 29.25 -68.88 -1.03
N ASP C 890 28.87 -70.15 -0.94
CA ASP C 890 29.52 -71.20 -1.72
C ASP C 890 28.71 -72.49 -1.57
N TYR C 891 29.22 -73.56 -2.17
CA TYR C 891 28.62 -74.88 -2.11
C TYR C 891 29.50 -75.86 -1.34
N TYR C 892 28.89 -76.98 -0.95
CA TYR C 892 29.61 -78.12 -0.40
C TYR C 892 29.08 -79.40 -1.01
N GLU C 893 29.67 -80.54 -0.64
CA GLU C 893 29.26 -81.84 -1.17
C GLU C 893 28.87 -82.76 -0.03
N GLU C 894 27.72 -83.42 -0.18
CA GLU C 894 27.29 -84.46 0.76
C GLU C 894 26.52 -85.53 0.00
N LYS C 895 26.82 -86.80 0.28
CA LYS C 895 26.13 -87.90 -0.39
C LYS C 895 26.25 -87.79 -1.90
N GLY C 896 27.43 -87.40 -2.37
CA GLY C 896 27.66 -87.24 -3.79
C GLY C 896 26.86 -86.15 -4.46
N ARG C 897 26.22 -85.28 -3.69
CA ARG C 897 25.39 -84.21 -4.25
C ARG C 897 25.89 -82.85 -3.76
N ILE C 898 25.85 -81.87 -4.66
CA ILE C 898 26.26 -80.51 -4.35
C ILE C 898 25.10 -79.76 -3.70
N GLU C 899 25.34 -79.15 -2.55
CA GLU C 899 24.31 -78.38 -1.87
C GLU C 899 24.82 -76.97 -1.59
N PRO C 900 23.92 -75.99 -1.52
CA PRO C 900 24.36 -74.64 -1.17
C PRO C 900 24.58 -74.45 0.33
N ILE C 901 25.44 -73.48 0.65
CA ILE C 901 25.69 -73.05 2.02
C ILE C 901 24.63 -72.03 2.41
N ILE C 902 23.72 -72.40 3.30
CA ILE C 902 22.62 -71.52 3.70
C ILE C 902 22.87 -71.13 5.15
N ASN C 903 23.13 -69.83 5.37
CA ASN C 903 23.28 -69.26 6.71
C ASN C 903 21.96 -68.55 7.05
N HIS C 904 21.08 -69.28 7.72
CA HIS C 904 19.73 -68.79 7.98
C HIS C 904 19.75 -67.56 8.89
N ARG C 905 18.76 -66.69 8.67
CA ARG C 905 18.47 -65.54 9.52
C ARG C 905 16.99 -65.56 9.89
N ASP C 906 16.55 -64.55 10.63
CA ASP C 906 15.19 -64.56 11.17
C ASP C 906 14.16 -64.46 10.05
N ARG C 907 13.04 -65.14 10.26
CA ARG C 907 12.00 -65.25 9.23
C ARG C 907 10.96 -64.15 9.31
N SER C 908 10.67 -63.63 10.50
CA SER C 908 9.48 -62.81 10.73
C SER C 908 9.22 -61.81 9.61
N VAL C 909 10.24 -61.01 9.25
CA VAL C 909 10.04 -59.99 8.22
C VAL C 909 9.64 -60.64 6.90
N SER C 910 10.42 -61.62 6.46
CA SER C 910 10.09 -62.33 5.21
C SER C 910 8.77 -63.07 5.34
N ASP C 911 8.45 -63.57 6.52
CA ASP C 911 7.16 -64.21 6.73
C ASP C 911 6.01 -63.27 6.44
N LEU C 912 6.02 -62.08 7.05
CA LEU C 912 4.95 -61.12 6.82
C LEU C 912 4.92 -60.65 5.38
N ILE C 913 6.09 -60.45 4.76
CA ILE C 913 6.13 -60.03 3.37
C ILE C 913 5.48 -61.08 2.47
N SER C 914 5.81 -62.36 2.71
CA SER C 914 5.22 -63.43 1.91
C SER C 914 3.72 -63.52 2.14
N GLU C 915 3.29 -63.36 3.39
CA GLU C 915 1.86 -63.32 3.71
C GLU C 915 1.16 -62.26 2.86
N GLY C 916 1.71 -61.04 2.88
CA GLY C 916 1.13 -59.97 2.09
C GLY C 916 1.09 -60.29 0.61
N LEU C 917 2.20 -60.80 0.08
CA LEU C 917 2.29 -61.07 -1.35
C LEU C 917 1.29 -62.13 -1.77
N LEU C 918 1.10 -63.15 -0.94
CA LEU C 918 0.15 -64.21 -1.28
C LEU C 918 -1.29 -63.69 -1.22
N LYS C 919 -1.62 -62.92 -0.18
CA LYS C 919 -2.95 -62.31 -0.13
C LYS C 919 -3.19 -61.40 -1.34
N PHE C 920 -2.17 -60.62 -1.73
CA PHE C 920 -2.35 -59.73 -2.88
C PHE C 920 -2.52 -60.52 -4.16
N THR C 921 -1.80 -61.63 -4.31
CA THR C 921 -1.97 -62.46 -5.49
C THR C 921 -3.39 -63.01 -5.56
N GLU C 922 -3.88 -63.54 -4.43
CA GLU C 922 -5.25 -64.05 -4.40
C GLU C 922 -6.25 -62.97 -4.79
N ASP C 923 -6.08 -61.75 -4.24
CA ASP C 923 -7.03 -60.69 -4.55
C ASP C 923 -6.88 -60.20 -5.99
N TYR C 924 -5.66 -60.26 -6.54
CA TYR C 924 -5.37 -59.71 -7.86
C TYR C 924 -5.89 -60.60 -8.97
N LEU C 925 -5.68 -61.92 -8.85
CA LEU C 925 -6.19 -62.83 -9.87
C LEU C 925 -7.71 -62.89 -9.88
N ALA C 926 -8.36 -62.45 -8.80
CA ALA C 926 -9.81 -62.47 -8.69
C ALA C 926 -10.48 -61.22 -9.24
N LEU C 927 -9.73 -60.25 -9.73
CA LEU C 927 -10.31 -59.04 -10.32
C LEU C 927 -11.09 -59.36 -11.59
N ASN C 928 -12.02 -58.47 -11.92
CA ASN C 928 -12.87 -58.60 -13.12
C ASN C 928 -12.31 -57.65 -14.18
N THR C 929 -11.43 -58.18 -15.02
CA THR C 929 -10.75 -57.41 -16.05
C THR C 929 -11.30 -57.73 -17.43
N GLN C 930 -11.32 -56.71 -18.30
CA GLN C 930 -11.65 -56.93 -19.70
C GLN C 930 -10.48 -57.52 -20.47
N ASP C 931 -9.26 -57.13 -20.12
CA ASP C 931 -8.05 -57.67 -20.72
C ASP C 931 -7.01 -57.77 -19.62
N GLU C 932 -6.65 -59.00 -19.22
CA GLU C 932 -5.77 -59.17 -18.08
C GLU C 932 -4.36 -58.72 -18.38
N ASP C 933 -3.89 -58.96 -19.60
CA ASP C 933 -2.56 -58.50 -19.98
C ASP C 933 -2.47 -56.98 -19.88
N TYR C 934 -3.47 -56.28 -20.43
CA TYR C 934 -3.48 -54.83 -20.39
C TYR C 934 -3.55 -54.31 -18.96
N PHE C 935 -4.25 -55.02 -18.08
CA PHE C 935 -4.32 -54.57 -16.69
C PHE C 935 -2.99 -54.79 -15.98
N ASP C 936 -2.33 -55.94 -16.24
CA ASP C 936 -0.96 -56.09 -15.77
C ASP C 936 -0.12 -54.89 -16.16
N ALA C 937 -0.12 -54.55 -17.46
CA ALA C 937 0.70 -53.45 -17.93
C ALA C 937 0.34 -52.15 -17.25
N ALA C 938 -0.96 -51.83 -17.16
CA ALA C 938 -1.40 -50.56 -16.62
C ALA C 938 -1.10 -50.42 -15.14
N LEU C 939 -1.46 -51.43 -14.35
CA LEU C 939 -1.18 -51.40 -12.92
C LEU C 939 0.32 -51.33 -12.67
N SER C 940 1.11 -52.06 -13.46
CA SER C 940 2.56 -52.00 -13.31
C SER C 940 3.08 -50.60 -13.57
N GLN C 941 2.67 -50.00 -14.70
CA GLN C 941 3.09 -48.65 -15.02
C GLN C 941 2.76 -47.69 -13.90
N PHE C 942 1.49 -47.68 -13.46
CA PHE C 942 1.08 -46.78 -12.38
C PHE C 942 1.93 -47.00 -11.13
N ASN C 943 2.03 -48.25 -10.68
CA ASN C 943 2.67 -48.53 -9.40
C ASN C 943 4.14 -48.15 -9.44
N TYR C 944 4.82 -48.47 -10.54
CA TYR C 944 6.24 -48.14 -10.66
C TYR C 944 6.43 -46.62 -10.66
N GLN C 945 5.63 -45.90 -11.46
CA GLN C 945 5.73 -44.45 -11.46
C GLN C 945 5.51 -43.89 -10.05
N TYR C 946 4.42 -44.28 -9.40
CA TYR C 946 4.11 -43.72 -8.09
C TYR C 946 5.22 -43.99 -7.10
N GLN C 947 5.72 -45.23 -7.05
CA GLN C 947 6.69 -45.59 -6.01
C GLN C 947 8.05 -44.96 -6.29
N LEU C 948 8.45 -44.86 -7.55
CA LEU C 948 9.74 -44.28 -7.88
C LEU C 948 9.73 -42.76 -7.85
N ASN C 949 8.56 -42.11 -7.83
CA ASN C 949 8.54 -40.66 -7.87
C ASN C 949 7.72 -40.04 -6.75
N THR C 950 7.45 -40.79 -5.67
CA THR C 950 6.73 -40.30 -4.50
C THR C 950 7.59 -40.52 -3.27
N PRO C 951 8.58 -39.64 -3.03
CA PRO C 951 9.49 -39.86 -1.90
C PRO C 951 8.85 -39.59 -0.54
N ASN C 952 7.70 -38.92 -0.50
CA ASN C 952 7.04 -38.56 0.75
C ASN C 952 5.80 -39.40 1.00
N ASP C 953 5.70 -40.55 0.34
CA ASP C 953 4.60 -41.46 0.60
C ASP C 953 4.66 -42.00 2.02
N GLN C 954 3.49 -42.05 2.67
CA GLN C 954 3.42 -42.50 4.06
C GLN C 954 4.10 -43.85 4.23
N PHE C 955 3.76 -44.81 3.38
CA PHE C 955 4.20 -46.18 3.57
C PHE C 955 5.58 -46.44 2.99
N ILE C 956 5.98 -45.70 1.95
CA ILE C 956 7.38 -45.77 1.51
C ILE C 956 8.32 -45.17 2.56
N CYS C 957 7.80 -44.28 3.41
CA CYS C 957 8.61 -43.63 4.43
C CYS C 957 8.65 -44.45 5.72
N ASN C 958 7.50 -44.93 6.18
CA ASN C 958 7.43 -45.62 7.45
C ASN C 958 7.65 -47.12 7.35
N VAL C 959 7.64 -47.69 6.15
CA VAL C 959 7.78 -49.15 5.99
C VAL C 959 8.97 -49.48 5.10
N PHE C 960 8.85 -49.19 3.81
CA PHE C 960 9.88 -49.51 2.83
C PHE C 960 11.24 -48.96 3.24
N SER C 961 11.32 -47.65 3.44
CA SER C 961 12.59 -47.00 3.75
C SER C 961 13.23 -47.49 5.04
N GLU C 962 12.45 -48.12 5.91
CA GLU C 962 12.96 -48.65 7.17
C GLU C 962 13.38 -50.11 7.10
N LEU C 963 13.16 -50.78 5.97
CA LEU C 963 13.70 -52.11 5.77
C LEU C 963 15.22 -52.10 5.95
N LYS C 964 15.72 -52.94 6.86
CA LYS C 964 17.13 -52.93 7.19
C LYS C 964 17.92 -53.67 6.12
N ASP C 965 18.93 -53.02 5.57
CA ASP C 965 19.66 -53.52 4.41
C ASP C 965 21.16 -53.37 4.65
N ASN C 966 21.90 -54.47 4.50
CA ASN C 966 23.34 -54.45 4.66
C ASN C 966 24.03 -53.99 3.38
N ILE C 967 23.53 -52.91 2.79
CA ILE C 967 24.15 -52.35 1.59
C ILE C 967 25.57 -51.90 1.88
N SER C 968 25.89 -51.63 3.14
CA SER C 968 27.26 -51.35 3.55
C SER C 968 27.97 -52.66 3.86
N SER C 969 29.26 -52.73 3.50
CA SER C 969 30.01 -53.97 3.69
C SER C 969 30.15 -54.30 5.18
N PHE C 970 30.37 -53.28 6.01
CA PHE C 970 30.61 -53.46 7.44
C PHE C 970 29.48 -52.82 8.24
N GLY C 971 29.56 -53.00 9.55
CA GLY C 971 28.56 -52.45 10.45
C GLY C 971 27.44 -53.43 10.75
N VAL C 972 26.33 -52.87 11.24
CA VAL C 972 25.12 -53.63 11.47
C VAL C 972 24.12 -53.32 10.37
N GLU C 973 23.14 -54.21 10.21
CA GLU C 973 22.08 -53.98 9.23
C GLU C 973 21.41 -52.64 9.49
N LYS C 974 21.56 -51.67 8.57
CA LYS C 974 21.00 -50.34 8.80
C LYS C 974 19.84 -50.06 7.84
N PRO C 975 18.93 -49.18 8.24
CA PRO C 975 17.77 -48.89 7.38
C PRO C 975 18.17 -48.37 6.01
N TYR C 976 17.27 -48.54 5.05
CA TYR C 976 17.52 -48.09 3.68
C TYR C 976 17.70 -46.59 3.64
N ALA C 977 16.63 -45.85 3.93
CA ALA C 977 16.66 -44.39 3.95
C ALA C 977 16.08 -43.95 5.29
N PRO C 978 16.91 -43.82 6.31
CA PRO C 978 16.42 -43.38 7.61
C PRO C 978 16.25 -41.87 7.66
N ALA C 979 15.40 -41.44 8.59
CA ALA C 979 15.31 -40.02 8.89
C ALA C 979 16.64 -39.52 9.43
N LEU C 980 16.94 -38.25 9.14
CA LEU C 980 18.24 -37.71 9.46
C LEU C 980 18.15 -36.76 10.66
N THR C 981 19.27 -36.61 11.35
CA THR C 981 19.36 -35.69 12.47
C THR C 981 20.08 -34.41 12.06
N LEU C 982 19.79 -33.33 12.77
CA LEU C 982 20.48 -32.07 12.50
C LEU C 982 21.98 -32.24 12.69
N LYS C 983 22.37 -33.00 13.72
CA LYS C 983 23.79 -33.22 14.00
C LYS C 983 24.46 -34.00 12.87
N GLN C 984 23.78 -35.03 12.36
CA GLN C 984 24.32 -35.81 11.24
C GLN C 984 24.65 -34.91 10.06
N LEU C 985 23.71 -34.02 9.70
CA LEU C 985 23.94 -33.12 8.58
C LEU C 985 25.05 -32.12 8.89
N GLU C 986 25.10 -31.64 10.13
CA GLU C 986 26.21 -30.78 10.53
C GLU C 986 27.57 -31.45 10.38
N SER C 987 27.64 -32.78 10.40
CA SER C 987 28.90 -33.50 10.36
C SER C 987 29.37 -33.90 8.97
N ILE C 988 28.63 -33.59 7.91
CA ILE C 988 28.99 -33.98 6.57
C ILE C 988 29.57 -32.78 5.82
N THR C 989 30.21 -33.06 4.67
CA THR C 989 30.73 -32.02 3.80
C THR C 989 30.62 -32.35 2.32
N SER C 990 30.11 -33.52 1.95
CA SER C 990 30.07 -33.95 0.56
C SER C 990 28.86 -34.85 0.36
N LYS C 991 28.56 -35.16 -0.90
CA LYS C 991 27.49 -36.11 -1.19
C LYS C 991 27.87 -37.53 -0.79
N GLN C 992 29.15 -37.90 -0.88
CA GLN C 992 29.55 -39.25 -0.48
C GLN C 992 29.27 -39.47 1.00
N GLU C 993 29.68 -38.52 1.85
CA GLU C 993 29.42 -38.64 3.27
C GLU C 993 27.92 -38.80 3.53
N LEU C 994 27.10 -38.02 2.83
CA LEU C 994 25.66 -38.12 3.06
C LEU C 994 25.16 -39.49 2.60
N ASP C 995 25.64 -39.93 1.44
CA ASP C 995 25.25 -41.22 0.88
C ASP C 995 25.67 -42.36 1.78
N LYS C 996 26.54 -42.12 2.75
CA LYS C 996 26.89 -43.16 3.71
C LYS C 996 25.95 -43.14 4.93
N LEU C 997 24.94 -42.28 4.93
CA LEU C 997 23.85 -42.31 5.90
C LEU C 997 22.57 -42.89 5.35
N THR C 998 22.37 -42.83 4.04
CA THR C 998 21.09 -43.16 3.43
C THR C 998 21.28 -43.40 1.94
N GLN C 999 20.41 -44.23 1.38
CA GLN C 999 20.42 -44.51 -0.05
C GLN C 999 19.32 -43.76 -0.78
N SER C 1000 18.66 -42.82 -0.11
CA SER C 1000 17.64 -41.99 -0.76
C SER C 1000 17.51 -40.71 0.06
N ILE C 1001 18.32 -39.71 -0.30
CA ILE C 1001 18.28 -38.39 0.32
C ILE C 1001 16.84 -37.89 0.34
N PRO C 1002 16.07 -38.03 -0.75
CA PRO C 1002 14.69 -37.51 -0.72
C PRO C 1002 13.82 -38.16 0.34
N ILE C 1003 13.84 -39.49 0.45
CA ILE C 1003 13.02 -40.15 1.46
C ILE C 1003 13.48 -39.76 2.86
N SER C 1004 14.80 -39.77 3.08
CA SER C 1004 15.34 -39.40 4.39
C SER C 1004 14.89 -38.00 4.78
N LEU C 1005 14.96 -37.05 3.85
CA LEU C 1005 14.51 -35.69 4.15
C LEU C 1005 13.00 -35.67 4.41
N SER C 1006 12.24 -36.42 3.62
CA SER C 1006 10.80 -36.47 3.82
C SER C 1006 10.44 -37.07 5.17
N LYS C 1007 11.34 -37.82 5.79
CA LYS C 1007 11.11 -38.40 7.11
C LYS C 1007 11.75 -37.59 8.24
N SER C 1008 12.40 -36.47 7.94
CA SER C 1008 13.16 -35.72 8.93
C SER C 1008 12.38 -34.50 9.41
N ASP C 1009 12.88 -33.88 10.47
CA ASP C 1009 12.26 -32.69 11.03
C ASP C 1009 12.50 -31.48 10.13
N VAL C 1010 11.64 -30.47 10.29
CA VAL C 1010 11.73 -29.30 9.42
C VAL C 1010 13.07 -28.60 9.58
N LYS C 1011 13.65 -28.62 10.78
CA LYS C 1011 14.94 -27.99 10.98
C LYS C 1011 16.04 -28.69 10.18
N VAL C 1012 15.99 -30.03 10.14
CA VAL C 1012 17.00 -30.76 9.37
C VAL C 1012 16.85 -30.47 7.88
N ILE C 1013 15.61 -30.44 7.38
CA ILE C 1013 15.38 -30.13 5.97
C ILE C 1013 15.89 -28.73 5.66
N ASP C 1014 15.64 -27.78 6.55
CA ASP C 1014 16.07 -26.40 6.32
C ASP C 1014 17.59 -26.30 6.30
N TYR C 1015 18.26 -26.98 7.24
CA TYR C 1015 19.72 -26.97 7.25
C TYR C 1015 20.28 -27.63 6.00
N TYR C 1016 19.68 -28.73 5.58
CA TYR C 1016 20.09 -29.38 4.33
C TYR C 1016 19.98 -28.40 3.16
N ASN C 1017 18.83 -27.73 3.04
CA ASN C 1017 18.68 -26.75 1.97
C ASN C 1017 19.76 -25.68 2.09
N LYS C 1018 20.09 -25.29 3.32
CA LYS C 1018 21.13 -24.28 3.53
C LYS C 1018 22.48 -24.75 2.97
N ILE C 1019 22.84 -26.00 3.24
CA ILE C 1019 24.19 -26.44 2.89
C ILE C 1019 24.20 -27.12 1.52
N GLN C 1020 23.05 -27.07 0.83
CA GLN C 1020 22.90 -27.82 -0.42
C GLN C 1020 23.93 -27.37 -1.44
N LYS C 1021 23.88 -26.09 -1.81
CA LYS C 1021 24.75 -25.60 -2.87
C LYS C 1021 26.20 -25.68 -2.42
N ASN C 1022 26.48 -25.28 -1.18
CA ASN C 1022 27.85 -25.21 -0.70
C ASN C 1022 28.53 -26.58 -0.78
N TYR C 1023 27.84 -27.63 -0.34
CA TYR C 1023 28.38 -28.98 -0.34
C TYR C 1023 28.04 -29.77 -1.59
N ASN C 1024 27.48 -29.11 -2.61
CA ASN C 1024 27.14 -29.75 -3.87
C ASN C 1024 26.26 -30.99 -3.67
N LEU C 1025 25.21 -30.82 -2.89
CA LEU C 1025 24.26 -31.88 -2.58
C LEU C 1025 23.06 -31.80 -3.50
N PRO C 1026 22.33 -32.90 -3.71
CA PRO C 1026 21.13 -32.82 -4.54
C PRO C 1026 20.09 -31.92 -3.89
N ALA C 1027 19.33 -31.24 -4.73
CA ALA C 1027 18.32 -30.32 -4.22
C ALA C 1027 17.06 -31.07 -3.82
N TYR C 1028 16.53 -30.74 -2.64
CA TYR C 1028 15.31 -31.38 -2.13
C TYR C 1028 14.11 -30.62 -2.67
N ASN C 1029 13.36 -31.28 -3.56
CA ASN C 1029 12.21 -30.67 -4.21
C ASN C 1029 10.90 -31.32 -3.79
N SER C 1030 10.84 -31.83 -2.56
CA SER C 1030 9.64 -32.46 -2.03
C SER C 1030 9.25 -31.82 -0.71
N THR C 1031 8.27 -32.37 -0.02
CA THR C 1031 7.82 -31.84 1.26
C THR C 1031 7.77 -32.97 2.28
N PRO C 1032 7.75 -32.62 3.56
CA PRO C 1032 7.71 -33.67 4.60
C PRO C 1032 6.50 -34.56 4.47
N MET C 1033 6.72 -35.86 4.65
CA MET C 1033 5.63 -36.83 4.57
C MET C 1033 4.58 -36.52 5.63
N ARG C 1034 3.32 -36.69 5.26
CA ARG C 1034 2.19 -36.60 6.18
C ARG C 1034 1.41 -37.90 6.09
N LYS C 1035 1.06 -38.46 7.25
CA LYS C 1035 0.31 -39.71 7.27
C LYS C 1035 -1.13 -39.51 6.81
N ALA C 1036 -1.61 -40.47 6.01
CA ALA C 1036 -2.97 -40.43 5.48
C ALA C 1036 -3.92 -41.40 6.16
N TYR C 1037 -3.43 -42.49 6.77
CA TYR C 1037 -4.27 -43.41 7.51
C TYR C 1037 -3.54 -43.83 8.77
N ALA C 1038 -4.30 -44.04 9.84
CA ALA C 1038 -3.71 -44.24 11.17
C ALA C 1038 -2.85 -43.04 11.55
N VAL C 1039 -3.42 -41.84 11.35
CA VAL C 1039 -2.64 -40.61 11.46
C VAL C 1039 -2.13 -40.30 12.86
N ASN C 1040 -2.61 -40.98 13.88
CA ASN C 1040 -2.14 -40.78 15.24
C ASN C 1040 -1.76 -42.13 15.85
N PRO C 1041 -0.99 -42.11 16.94
CA PRO C 1041 -0.61 -43.38 17.58
C PRO C 1041 -1.85 -44.07 18.15
N LEU C 1042 -2.10 -45.29 17.67
CA LEU C 1042 -3.32 -45.99 18.04
C LEU C 1042 -3.30 -46.54 19.47
N GLU C 1043 -2.14 -46.61 20.11
CA GLU C 1043 -2.08 -47.11 21.48
C GLU C 1043 -2.73 -46.17 22.49
N GLN C 1044 -3.00 -44.92 22.10
CA GLN C 1044 -3.56 -43.92 23.01
C GLN C 1044 -5.07 -43.82 22.93
N TYR C 1045 -5.74 -44.73 22.22
CA TYR C 1045 -7.18 -44.65 21.98
C TYR C 1045 -7.88 -45.81 22.67
N VAL C 1046 -8.95 -45.49 23.40
CA VAL C 1046 -9.76 -46.46 24.13
C VAL C 1046 -10.98 -46.80 23.29
N TRP C 1047 -11.16 -48.09 23.00
CA TRP C 1047 -12.30 -48.55 22.22
C TRP C 1047 -12.37 -50.07 22.30
N SER C 1048 -13.48 -50.62 21.82
CA SER C 1048 -13.73 -52.05 21.84
C SER C 1048 -14.53 -52.43 20.60
N THR C 1049 -14.25 -53.62 20.07
CA THR C 1049 -15.08 -54.15 18.99
C THR C 1049 -16.45 -54.59 19.47
N GLN C 1050 -16.63 -54.81 20.77
CA GLN C 1050 -17.89 -55.25 21.33
C GLN C 1050 -18.62 -54.04 21.92
N VAL C 1051 -19.69 -53.62 21.26
CA VAL C 1051 -20.51 -52.51 21.73
C VAL C 1051 -21.86 -53.06 22.19
N PRO C 1052 -22.54 -52.42 23.15
CA PRO C 1052 -22.05 -51.21 23.82
C PRO C 1052 -21.03 -51.52 24.90
N PHE C 1053 -20.40 -50.48 25.46
CA PHE C 1053 -19.49 -50.68 26.58
C PHE C 1053 -19.35 -49.39 27.38
N ARG C 1054 -19.20 -49.55 28.69
CA ARG C 1054 -19.16 -48.40 29.59
C ARG C 1054 -17.77 -47.78 29.60
N VAL C 1055 -17.72 -46.46 29.72
CA VAL C 1055 -16.46 -45.73 29.86
C VAL C 1055 -16.61 -44.71 30.99
N LEU C 1056 -15.50 -44.44 31.66
CA LEU C 1056 -15.42 -43.42 32.69
C LEU C 1056 -14.74 -42.19 32.12
N SER C 1057 -15.31 -41.02 32.43
CA SER C 1057 -14.79 -39.74 31.96
C SER C 1057 -13.70 -39.26 32.91
N LEU C 1058 -12.44 -39.35 32.46
CA LEU C 1058 -11.33 -38.91 33.29
C LEU C 1058 -11.35 -37.40 33.48
N LYS C 1059 -11.52 -36.65 32.40
CA LYS C 1059 -11.64 -35.21 32.43
C LYS C 1059 -13.06 -34.79 32.01
N GLN C 1060 -13.33 -33.49 32.11
CA GLN C 1060 -14.59 -32.95 31.60
C GLN C 1060 -14.60 -33.08 30.08
N ASN C 1061 -15.49 -33.91 29.56
CA ASN C 1061 -15.58 -34.21 28.13
C ASN C 1061 -16.77 -33.51 27.49
N SER C 1062 -16.55 -32.99 26.28
CA SER C 1062 -17.60 -32.34 25.51
C SER C 1062 -18.29 -33.33 24.59
N PHE C 1063 -19.50 -32.97 24.16
CA PHE C 1063 -20.26 -33.74 23.17
C PHE C 1063 -20.19 -33.08 21.81
N TYR C 1064 -19.95 -33.89 20.77
CA TYR C 1064 -19.93 -33.44 19.39
C TYR C 1064 -20.95 -34.25 18.59
N LEU C 1065 -21.69 -33.56 17.72
CA LEU C 1065 -22.70 -34.18 16.87
C LEU C 1065 -22.14 -34.58 15.51
N ASP C 1066 -20.82 -34.66 15.40
CA ASP C 1066 -20.16 -35.00 14.14
C ASP C 1066 -18.77 -35.51 14.48
N VAL C 1067 -18.38 -36.63 13.89
CA VAL C 1067 -17.09 -37.25 14.17
C VAL C 1067 -15.98 -36.25 13.92
N SER C 1068 -16.24 -35.25 13.07
CA SER C 1068 -15.25 -34.23 12.78
C SER C 1068 -14.81 -33.49 14.04
N PHE C 1069 -15.67 -33.43 15.05
CA PHE C 1069 -15.41 -32.64 16.25
C PHE C 1069 -15.18 -31.17 15.90
N ALA C 1070 -15.83 -30.69 14.84
CA ALA C 1070 -15.75 -29.28 14.46
C ALA C 1070 -16.44 -28.40 15.48
N GLU C 1071 -15.93 -27.18 15.64
CA GLU C 1071 -16.47 -26.27 16.65
C GLU C 1071 -17.98 -26.15 16.52
N THR C 1072 -18.50 -26.05 15.29
CA THR C 1072 -19.92 -25.82 15.12
C THR C 1072 -20.74 -27.03 15.53
N THR C 1073 -20.12 -28.21 15.60
CA THR C 1073 -20.78 -29.44 16.01
C THR C 1073 -20.58 -29.77 17.48
N LYS C 1074 -19.79 -28.98 18.20
CA LYS C 1074 -19.59 -29.20 19.62
C LYS C 1074 -20.82 -28.73 20.37
N ARG C 1075 -21.43 -29.62 21.15
CA ARG C 1075 -22.54 -29.23 22.00
C ARG C 1075 -22.11 -28.24 23.08
N LYS C 1076 -22.94 -27.23 23.31
CA LYS C 1076 -22.70 -26.27 24.37
C LYS C 1076 -23.80 -26.27 25.42
N ASP C 1077 -24.80 -27.15 25.30
CA ASP C 1077 -25.87 -27.24 26.29
C ASP C 1077 -25.57 -28.19 27.44
N ILE C 1078 -24.69 -29.17 27.27
CA ILE C 1078 -24.39 -30.14 28.32
C ILE C 1078 -23.05 -30.77 28.03
N PHE C 1079 -22.44 -31.37 29.08
CA PHE C 1079 -21.16 -32.03 28.93
C PHE C 1079 -21.13 -33.28 29.81
N LEU C 1080 -20.07 -34.06 29.65
CA LEU C 1080 -19.82 -35.24 30.48
C LEU C 1080 -19.02 -34.85 31.72
N LYS C 1081 -19.64 -34.97 32.89
CA LYS C 1081 -19.00 -34.57 34.13
C LYS C 1081 -17.78 -35.44 34.44
N GLU C 1082 -16.78 -34.85 35.08
CA GLU C 1082 -15.61 -35.60 35.50
C GLU C 1082 -16.01 -36.74 36.44
N LEU C 1083 -15.37 -37.90 36.24
CA LEU C 1083 -15.57 -39.08 37.07
C LEU C 1083 -16.94 -39.71 36.88
N ASN C 1084 -17.68 -39.32 35.85
CA ASN C 1084 -18.92 -40.00 35.50
C ASN C 1084 -18.69 -41.08 34.44
N GLU C 1085 -19.59 -42.05 34.44
CA GLU C 1085 -19.59 -43.13 33.45
C GLU C 1085 -20.71 -42.91 32.44
N ILE C 1086 -20.53 -43.52 31.27
CA ILE C 1086 -21.48 -43.38 30.17
C ILE C 1086 -21.31 -44.57 29.25
N ASP C 1087 -22.42 -45.03 28.69
CA ASP C 1087 -22.39 -46.11 27.71
C ASP C 1087 -21.99 -45.59 26.34
N VAL C 1088 -21.16 -46.37 25.64
CA VAL C 1088 -20.75 -46.11 24.27
C VAL C 1088 -21.47 -47.14 23.41
N ILE C 1089 -22.30 -46.65 22.48
CA ILE C 1089 -23.19 -47.50 21.70
C ILE C 1089 -22.70 -47.72 20.28
N ALA C 1090 -21.63 -47.06 19.87
CA ALA C 1090 -21.06 -47.25 18.54
C ALA C 1090 -19.68 -46.61 18.53
N VAL C 1091 -18.83 -47.09 17.64
CA VAL C 1091 -17.49 -46.56 17.45
C VAL C 1091 -17.35 -46.18 15.99
N ASP C 1092 -17.21 -44.88 15.72
CA ASP C 1092 -17.15 -44.37 14.36
C ASP C 1092 -15.78 -43.77 14.10
N TRP C 1093 -15.19 -44.15 12.96
CA TRP C 1093 -13.81 -43.84 12.63
C TRP C 1093 -13.76 -42.74 11.58
N LEU C 1094 -12.89 -41.77 11.80
CA LEU C 1094 -12.58 -40.78 10.78
C LEU C 1094 -11.98 -41.46 9.54
N LYS C 1095 -11.87 -40.66 8.47
CA LYS C 1095 -11.22 -41.14 7.26
C LYS C 1095 -9.77 -41.50 7.55
N GLY C 1096 -9.15 -40.82 8.52
CA GLY C 1096 -7.77 -41.09 8.82
C GLY C 1096 -7.67 -42.29 9.75
N GLY C 1097 -7.19 -42.13 10.97
CA GLY C 1097 -7.14 -43.23 11.89
C GLY C 1097 -7.42 -42.90 13.34
N VAL C 1098 -8.46 -42.12 13.63
CA VAL C 1098 -8.80 -41.74 15.00
C VAL C 1098 -10.24 -42.13 15.28
N PRO C 1099 -10.48 -42.89 16.35
CA PRO C 1099 -11.83 -43.38 16.69
C PRO C 1099 -12.60 -42.37 17.51
N ARG C 1100 -13.93 -42.40 17.36
CA ARG C 1100 -14.82 -41.58 18.16
C ARG C 1100 -15.90 -42.48 18.77
N LEU C 1101 -16.22 -42.21 20.04
CA LEU C 1101 -17.13 -43.06 20.82
C LEU C 1101 -18.50 -42.39 20.87
N LEU C 1102 -19.50 -42.99 20.23
CA LEU C 1102 -20.83 -42.39 20.18
C LEU C 1102 -21.63 -42.77 21.42
N THR C 1103 -22.29 -41.77 22.01
CA THR C 1103 -23.22 -41.91 23.12
C THR C 1103 -24.55 -41.29 22.73
N GLU C 1104 -25.59 -41.55 23.53
CA GLU C 1104 -26.89 -41.00 23.21
C GLU C 1104 -26.88 -39.48 23.12
N HIS C 1105 -25.81 -38.83 23.56
CA HIS C 1105 -25.71 -37.38 23.50
C HIS C 1105 -24.74 -36.87 22.45
N GLY C 1106 -24.00 -37.75 21.79
CA GLY C 1106 -23.09 -37.35 20.74
C GLY C 1106 -21.77 -38.07 20.87
N TYR C 1107 -20.82 -37.67 20.05
CA TYR C 1107 -19.51 -38.30 20.06
C TYR C 1107 -18.65 -37.75 21.20
N ILE C 1108 -17.80 -38.60 21.75
CA ILE C 1108 -16.73 -38.16 22.64
C ILE C 1108 -15.42 -38.74 22.15
N THR C 1109 -14.34 -38.15 22.65
CA THR C 1109 -13.00 -38.60 22.29
C THR C 1109 -12.76 -40.03 22.79
N ALA C 1110 -11.78 -40.68 22.17
CA ALA C 1110 -11.28 -41.97 22.61
C ALA C 1110 -9.91 -41.87 23.28
N HIS C 1111 -9.34 -40.67 23.34
CA HIS C 1111 -7.99 -40.49 23.87
C HIS C 1111 -7.92 -40.98 25.32
N LYS C 1112 -6.86 -41.75 25.62
CA LYS C 1112 -6.77 -42.43 26.89
C LYS C 1112 -6.66 -41.48 28.07
N ASP C 1113 -6.26 -40.24 27.85
CA ASP C 1113 -6.20 -39.26 28.93
C ASP C 1113 -7.58 -38.74 29.33
N TRP C 1114 -8.62 -39.01 28.55
CA TRP C 1114 -9.93 -38.44 28.81
C TRP C 1114 -11.00 -39.48 29.13
N VAL C 1115 -10.87 -40.70 28.64
CA VAL C 1115 -11.83 -41.76 28.93
C VAL C 1115 -11.07 -43.03 29.30
N LYS C 1116 -11.79 -43.94 29.96
CA LYS C 1116 -11.18 -45.20 30.40
C LYS C 1116 -12.27 -46.27 30.39
N LYS C 1117 -12.02 -47.37 29.69
CA LYS C 1117 -12.95 -48.48 29.72
C LYS C 1117 -13.17 -48.96 31.15
N SER C 1118 -14.43 -49.20 31.49
CA SER C 1118 -14.79 -49.71 32.82
C SER C 1118 -14.56 -51.22 32.90
N VAL D 3 61.69 4.88 -26.03
CA VAL D 3 61.26 3.54 -26.42
C VAL D 3 60.38 3.62 -27.66
N ASP D 4 60.67 2.76 -28.64
CA ASP D 4 59.92 2.68 -29.89
C ASP D 4 58.89 1.57 -29.87
N LYS D 5 59.29 0.37 -29.46
CA LYS D 5 58.47 -0.82 -29.52
C LYS D 5 57.98 -1.22 -28.13
N THR D 6 56.90 -2.01 -28.09
CA THR D 6 56.27 -2.39 -26.83
C THR D 6 55.94 -3.87 -26.91
N TRP D 7 56.43 -4.63 -25.93
CA TRP D 7 56.22 -6.07 -25.86
C TRP D 7 55.60 -6.46 -24.53
N LEU D 8 54.53 -7.25 -24.59
CA LEU D 8 53.98 -7.90 -23.41
C LEU D 8 54.30 -9.38 -23.51
N PHE D 9 54.40 -10.04 -22.35
CA PHE D 9 54.73 -11.46 -22.27
C PHE D 9 53.75 -12.15 -21.35
N GLY D 10 53.21 -13.28 -21.78
CA GLY D 10 52.16 -13.94 -21.04
C GLY D 10 52.27 -15.45 -21.06
N SER D 11 51.80 -16.06 -19.98
CA SER D 11 51.71 -17.51 -19.84
C SER D 11 51.01 -17.78 -18.52
N TYR D 12 50.59 -19.04 -18.32
CA TYR D 12 49.91 -19.42 -17.09
C TYR D 12 50.86 -19.52 -15.89
N ALA D 13 52.16 -19.37 -16.08
CA ALA D 13 53.10 -19.44 -14.97
C ALA D 13 54.37 -18.68 -15.35
N TRP D 14 55.13 -18.31 -14.32
CA TRP D 14 56.42 -17.64 -14.50
C TRP D 14 57.43 -18.69 -14.98
N GLN D 15 57.45 -18.91 -16.29
CA GLN D 15 58.20 -20.03 -16.86
C GLN D 15 58.36 -19.81 -18.37
N GLY D 16 59.24 -20.61 -18.97
CA GLY D 16 59.23 -20.79 -20.41
C GLY D 16 59.97 -19.73 -21.20
N ASN D 17 59.95 -19.93 -22.52
CA ASN D 17 60.49 -18.94 -23.45
C ASN D 17 59.93 -17.55 -23.21
N PRO D 18 58.65 -17.36 -22.91
CA PRO D 18 58.19 -16.02 -22.53
C PRO D 18 59.04 -15.40 -21.44
N LYS D 19 59.25 -16.11 -20.33
CA LYS D 19 60.04 -15.55 -19.23
C LYS D 19 61.49 -15.30 -19.66
N ALA D 20 62.08 -16.28 -20.35
CA ALA D 20 63.47 -16.11 -20.79
C ALA D 20 63.62 -14.85 -21.64
N LEU D 21 62.81 -14.73 -22.68
CA LEU D 21 62.90 -13.56 -23.57
C LEU D 21 62.54 -12.28 -22.83
N PHE D 22 61.62 -12.35 -21.88
CA PHE D 22 61.24 -11.17 -21.10
C PHE D 22 62.43 -10.63 -20.33
N LEU D 23 63.11 -11.51 -19.58
CA LEU D 23 64.30 -11.08 -18.85
C LEU D 23 65.38 -10.58 -19.80
N TYR D 24 65.66 -11.34 -20.87
CA TYR D 24 66.73 -10.96 -21.78
C TYR D 24 66.45 -9.61 -22.43
N MET D 25 65.18 -9.27 -22.68
CA MET D 25 64.87 -7.99 -23.31
C MET D 25 64.87 -6.87 -22.29
N LEU D 26 64.31 -7.10 -21.10
CA LEU D 26 64.38 -6.10 -20.03
C LEU D 26 65.81 -5.78 -19.65
N VAL D 27 66.76 -6.66 -19.97
CA VAL D 27 68.17 -6.36 -19.75
C VAL D 27 68.79 -5.71 -20.98
N ASN D 28 68.86 -6.46 -22.08
CA ASN D 28 69.63 -6.10 -23.26
C ASN D 28 68.85 -5.30 -24.29
N CYS D 29 67.63 -4.85 -23.96
CA CYS D 29 66.82 -4.10 -24.90
C CYS D 29 66.04 -3.00 -24.17
N LYS D 30 66.68 -2.37 -23.18
CA LYS D 30 66.00 -1.33 -22.43
C LYS D 30 65.75 -0.09 -23.27
N GLU D 31 66.52 0.11 -24.34
CA GLU D 31 66.45 1.34 -25.12
C GLU D 31 65.53 1.22 -26.33
N THR D 32 65.40 0.03 -26.91
CA THR D 32 64.58 -0.17 -28.10
C THR D 32 63.19 -0.72 -27.81
N HIS D 33 62.98 -1.33 -26.64
CA HIS D 33 61.70 -1.95 -26.32
C HIS D 33 61.31 -1.68 -24.87
N GLU D 34 60.01 -1.48 -24.65
CA GLU D 34 59.44 -1.45 -23.32
C GLU D 34 58.74 -2.79 -23.10
N CYS D 35 59.20 -3.55 -22.11
CA CYS D 35 58.74 -4.92 -21.91
C CYS D 35 57.99 -5.06 -20.59
N TRP D 36 56.80 -5.66 -20.66
CA TRP D 36 55.99 -5.94 -19.48
C TRP D 36 55.57 -7.41 -19.48
N TRP D 37 55.31 -7.94 -18.29
CA TRP D 37 54.85 -9.30 -18.11
C TRP D 37 53.44 -9.29 -17.51
N VAL D 38 52.49 -9.85 -18.26
CA VAL D 38 51.11 -9.93 -17.84
C VAL D 38 50.90 -11.31 -17.23
N ALA D 39 50.65 -11.37 -15.93
CA ALA D 39 50.28 -12.61 -15.28
C ALA D 39 48.78 -12.86 -15.44
N ASP D 40 48.35 -14.06 -15.05
CA ASP D 40 46.94 -14.42 -15.22
C ASP D 40 46.05 -13.79 -14.15
N ASN D 41 46.59 -13.50 -12.97
CA ASN D 41 45.79 -12.94 -11.89
C ASN D 41 46.67 -12.00 -11.08
N GLU D 42 46.14 -11.53 -9.94
CA GLU D 42 46.90 -10.61 -9.12
C GLU D 42 47.97 -11.33 -8.29
N GLU D 43 47.60 -12.46 -7.68
CA GLU D 43 48.54 -13.17 -6.82
C GLU D 43 49.78 -13.62 -7.58
N SER D 44 49.63 -13.98 -8.85
CA SER D 44 50.78 -14.37 -9.66
C SER D 44 51.75 -13.20 -9.82
N MET D 45 51.22 -12.02 -10.12
CA MET D 45 52.05 -10.83 -10.20
C MET D 45 52.74 -10.56 -8.88
N LYS D 46 51.99 -10.62 -7.78
CA LYS D 46 52.59 -10.37 -6.48
C LYS D 46 53.74 -11.34 -6.20
N SER D 47 53.55 -12.62 -6.51
CA SER D 47 54.58 -13.61 -6.28
C SER D 47 55.81 -13.35 -7.14
N ILE D 48 55.59 -13.12 -8.45
CA ILE D 48 56.71 -12.84 -9.34
C ILE D 48 57.50 -11.64 -8.84
N LYS D 49 56.80 -10.57 -8.45
CA LYS D 49 57.48 -9.33 -8.06
C LYS D 49 58.22 -9.52 -6.74
N LYS D 50 57.65 -10.29 -5.82
CA LYS D 50 58.33 -10.57 -4.56
C LYS D 50 59.58 -11.41 -4.80
N SER D 51 59.51 -12.36 -5.74
CA SER D 51 60.61 -13.29 -5.97
C SER D 51 61.71 -12.69 -6.84
N THR D 52 61.41 -11.67 -7.64
CA THR D 52 62.37 -11.14 -8.59
C THR D 52 62.63 -9.64 -8.45
N GLY D 53 61.78 -8.91 -7.73
CA GLY D 53 62.02 -7.49 -7.52
C GLY D 53 61.81 -6.62 -8.74
N LEU D 54 61.36 -7.19 -9.86
CA LEU D 54 61.10 -6.39 -11.05
C LEU D 54 59.85 -5.53 -10.84
N LYS D 55 59.74 -4.49 -11.67
CA LYS D 55 58.59 -3.60 -11.62
C LYS D 55 57.73 -3.62 -12.86
N ASN D 56 58.17 -4.25 -13.95
CA ASN D 56 57.40 -4.32 -15.19
C ASN D 56 56.50 -5.55 -15.20
N ILE D 57 55.79 -5.79 -14.10
CA ILE D 57 54.87 -6.91 -13.96
C ILE D 57 53.48 -6.38 -13.66
N THR D 58 52.52 -6.72 -14.52
CA THR D 58 51.11 -6.42 -14.34
C THR D 58 50.33 -7.73 -14.44
N PHE D 59 49.01 -7.63 -14.43
CA PHE D 59 48.16 -8.82 -14.47
C PHE D 59 47.03 -8.59 -15.45
N THR D 60 46.37 -9.70 -15.82
CA THR D 60 45.33 -9.64 -16.83
C THR D 60 44.18 -8.75 -16.36
N ASP D 61 43.65 -7.95 -17.27
CA ASP D 61 42.55 -7.03 -17.00
C ASP D 61 42.92 -5.94 -16.02
N SER D 62 44.20 -5.79 -15.68
CA SER D 62 44.67 -4.66 -14.90
C SER D 62 44.59 -3.37 -15.72
N GLU D 63 44.49 -2.25 -15.01
CA GLU D 63 44.48 -0.96 -15.68
C GLU D 63 45.78 -0.72 -16.45
N LYS D 64 46.90 -1.24 -15.94
CA LYS D 64 48.14 -1.21 -16.72
C LYS D 64 48.00 -2.06 -17.98
N ALA D 65 47.34 -3.21 -17.87
CA ALA D 65 47.11 -4.04 -19.04
C ALA D 65 46.13 -3.37 -20.01
N LYS D 66 45.04 -2.81 -19.49
CA LYS D 66 44.14 -2.06 -20.36
C LYS D 66 44.80 -0.87 -21.01
N GLU D 67 45.87 -0.35 -20.40
CA GLU D 67 46.63 0.73 -21.03
C GLU D 67 47.56 0.21 -22.11
N LEU D 68 48.25 -0.90 -21.82
CA LEU D 68 49.30 -1.38 -22.71
C LEU D 68 48.73 -2.11 -23.92
N PHE D 69 47.86 -3.10 -23.69
CA PHE D 69 47.38 -3.95 -24.78
C PHE D 69 46.78 -3.19 -25.94
N PRO D 70 46.00 -2.12 -25.75
CA PRO D 70 45.35 -1.48 -26.91
C PRO D 70 46.34 -0.99 -27.95
N HIS D 71 47.57 -0.64 -27.55
CA HIS D 71 48.55 -0.08 -28.46
C HIS D 71 49.91 -0.77 -28.31
N ALA D 72 49.91 -2.05 -27.99
CA ALA D 72 51.17 -2.79 -27.90
C ALA D 72 51.67 -3.15 -29.30
N ASP D 73 52.90 -3.68 -29.36
CA ASP D 73 53.52 -4.10 -30.60
C ASP D 73 53.66 -5.61 -30.73
N VAL D 74 54.01 -6.31 -29.66
CA VAL D 74 54.13 -7.76 -29.70
C VAL D 74 53.60 -8.37 -28.41
N TYR D 75 52.98 -9.54 -28.53
CA TYR D 75 52.52 -10.34 -27.40
C TYR D 75 53.18 -11.70 -27.49
N VAL D 76 54.06 -12.00 -26.55
CA VAL D 76 54.83 -13.25 -26.56
C VAL D 76 54.10 -14.28 -25.71
N THR D 77 54.02 -15.50 -26.24
CA THR D 77 53.32 -16.60 -25.58
C THR D 77 54.04 -17.89 -25.89
N GLU D 78 53.77 -18.90 -25.06
CA GLU D 78 54.28 -20.25 -25.29
C GLU D 78 53.19 -21.24 -25.69
N ASN D 79 51.96 -20.77 -25.91
CA ASN D 79 50.84 -21.61 -26.30
C ASN D 79 49.90 -20.83 -27.19
N PHE D 80 48.99 -21.55 -27.85
CA PHE D 80 47.83 -20.93 -28.49
C PHE D 80 46.81 -20.67 -27.39
N ARG D 81 46.84 -19.46 -26.83
CA ARG D 81 46.05 -19.16 -25.65
C ARG D 81 44.58 -19.50 -25.90
N GLU D 82 43.83 -19.76 -24.82
CA GLU D 82 42.41 -20.03 -25.00
C GLU D 82 41.59 -18.77 -25.21
N SER D 83 41.99 -17.67 -24.57
CA SER D 83 41.35 -16.37 -24.77
C SER D 83 42.41 -15.30 -24.86
N TYR D 84 42.15 -14.28 -25.67
CA TYR D 84 43.00 -13.12 -25.78
C TYR D 84 42.23 -11.85 -25.43
N PRO D 85 42.90 -10.89 -24.80
CA PRO D 85 42.22 -9.67 -24.36
C PRO D 85 41.42 -9.02 -25.49
N VAL D 86 40.18 -8.64 -25.17
CA VAL D 86 39.29 -8.04 -26.16
C VAL D 86 39.82 -6.69 -26.62
N TYR D 87 40.67 -6.05 -25.83
CA TYR D 87 41.26 -4.77 -26.21
C TYR D 87 42.64 -4.94 -26.83
N MET D 88 43.06 -6.19 -27.07
CA MET D 88 44.32 -6.45 -27.75
C MET D 88 44.29 -5.80 -29.13
N ASN D 89 45.38 -5.15 -29.52
CA ASN D 89 45.31 -4.35 -30.74
C ASN D 89 45.01 -5.24 -31.94
N GLU D 90 44.36 -4.65 -32.95
CA GLU D 90 43.92 -5.44 -34.10
C GLU D 90 45.11 -6.08 -34.80
N ASN D 91 46.22 -5.34 -34.90
CA ASN D 91 47.37 -5.72 -35.70
C ASN D 91 48.53 -6.21 -34.85
N ILE D 92 48.27 -6.54 -33.58
CA ILE D 92 49.34 -7.00 -32.71
C ILE D 92 49.99 -8.22 -33.33
N LYS D 93 51.24 -8.47 -32.97
CA LYS D 93 51.97 -9.64 -33.42
C LYS D 93 52.05 -10.63 -32.27
N VAL D 94 51.38 -11.77 -32.41
CA VAL D 94 51.39 -12.83 -31.41
C VAL D 94 52.60 -13.71 -31.69
N PHE D 95 53.68 -13.49 -30.94
CA PHE D 95 54.89 -14.29 -31.06
C PHE D 95 54.71 -15.55 -30.22
N ASN D 96 54.29 -16.64 -30.85
CA ASN D 96 54.08 -17.91 -30.16
C ASN D 96 55.38 -18.70 -30.18
N THR D 97 56.16 -18.59 -29.11
CA THR D 97 57.38 -19.38 -28.90
C THR D 97 56.99 -20.65 -28.16
N TRP D 98 56.82 -21.74 -28.91
CA TRP D 98 56.23 -22.95 -28.36
C TRP D 98 56.89 -23.38 -27.05
N HIS D 99 56.27 -24.33 -26.36
CA HIS D 99 56.71 -24.77 -25.05
C HIS D 99 57.59 -26.02 -25.10
N GLY D 100 58.06 -26.41 -26.28
CA GLY D 100 58.95 -27.54 -26.41
C GLY D 100 58.88 -28.14 -27.79
N VAL D 101 59.88 -28.98 -28.10
CA VAL D 101 59.88 -29.72 -29.36
C VAL D 101 59.78 -31.20 -29.04
N GLY D 102 59.34 -31.97 -30.03
CA GLY D 102 59.19 -33.40 -29.83
C GLY D 102 58.53 -34.05 -31.03
N LEU D 103 57.98 -35.24 -30.78
CA LEU D 103 57.39 -36.09 -31.81
C LEU D 103 56.01 -36.58 -31.37
N LYS D 104 55.30 -35.79 -30.57
CA LYS D 104 53.94 -36.11 -30.17
C LYS D 104 52.96 -35.14 -30.84
N HIS D 105 51.79 -35.66 -31.19
CA HIS D 105 50.77 -34.82 -31.80
C HIS D 105 50.21 -33.82 -30.79
N ILE D 106 49.78 -32.67 -31.31
CA ILE D 106 49.34 -31.55 -30.48
C ILE D 106 48.28 -30.76 -31.23
N GLU D 107 47.54 -29.94 -30.48
CA GLU D 107 46.62 -28.95 -31.07
C GLU D 107 45.63 -29.67 -31.97
N LEU D 108 45.40 -29.22 -33.21
CA LEU D 108 44.34 -29.77 -34.03
C LEU D 108 44.52 -31.26 -34.28
N ALA D 109 45.73 -31.78 -34.13
CA ALA D 109 45.99 -33.20 -34.35
C ALA D 109 45.41 -34.08 -33.26
N LEU D 110 45.13 -33.53 -32.07
CA LEU D 110 44.62 -34.34 -30.97
C LEU D 110 43.23 -34.91 -31.25
N GLY D 111 42.45 -34.30 -32.14
CA GLY D 111 41.20 -34.88 -32.57
C GLY D 111 40.12 -34.86 -31.50
N MET D 112 39.03 -35.58 -31.80
CA MET D 112 37.85 -35.57 -30.94
C MET D 112 37.98 -36.52 -29.75
N ASN D 113 38.91 -37.48 -29.81
CA ASN D 113 39.10 -38.40 -28.70
C ASN D 113 39.95 -37.82 -27.58
N SER D 114 40.60 -36.67 -27.81
CA SER D 114 41.51 -36.11 -26.82
C SER D 114 40.73 -35.62 -25.61
N VAL D 115 41.36 -35.73 -24.44
CA VAL D 115 40.76 -35.19 -23.23
C VAL D 115 40.58 -33.68 -23.33
N LEU D 116 41.32 -33.02 -24.23
CA LEU D 116 41.27 -31.57 -24.39
C LEU D 116 40.46 -31.16 -25.61
N ALA D 117 39.60 -32.03 -26.13
CA ALA D 117 38.90 -31.74 -27.37
C ALA D 117 38.10 -30.45 -27.23
N GLU D 118 37.32 -30.34 -26.14
CA GLU D 118 36.50 -29.15 -25.98
C GLU D 118 37.36 -27.90 -25.96
N SER D 119 38.51 -27.97 -25.28
CA SER D 119 39.38 -26.81 -25.17
C SER D 119 39.97 -26.45 -26.53
N ILE D 120 40.33 -27.44 -27.34
CA ILE D 120 40.85 -27.15 -28.67
C ILE D 120 39.78 -26.49 -29.53
N VAL D 121 38.57 -27.08 -29.54
CA VAL D 121 37.48 -26.50 -30.33
C VAL D 121 37.20 -25.08 -29.89
N ARG D 122 37.15 -24.86 -28.58
CA ARG D 122 36.90 -23.52 -28.04
C ARG D 122 37.98 -22.55 -28.50
N LYS D 123 39.24 -22.88 -28.22
CA LYS D 123 40.36 -22.05 -28.65
C LYS D 123 40.21 -21.64 -30.09
N TYR D 124 40.06 -22.61 -31.00
CA TYR D 124 40.14 -22.28 -32.42
C TYR D 124 38.89 -21.55 -32.90
N VAL D 125 37.70 -22.07 -32.58
CA VAL D 125 36.47 -21.38 -32.93
C VAL D 125 36.52 -19.93 -32.46
N ARG D 126 37.01 -19.70 -31.25
CA ARG D 126 37.11 -18.35 -30.70
C ARG D 126 38.11 -17.51 -31.47
N ASN D 127 39.35 -17.98 -31.59
CA ASN D 127 40.49 -17.14 -31.92
C ASN D 127 41.18 -17.55 -33.22
N TYR D 128 40.42 -18.07 -34.19
CA TYR D 128 41.06 -18.48 -35.44
C TYR D 128 41.61 -17.28 -36.18
N ASP D 129 40.90 -16.15 -36.13
CA ASP D 129 41.41 -14.95 -36.78
C ASP D 129 42.79 -14.58 -36.24
N ILE D 130 42.93 -14.55 -34.92
CA ILE D 130 44.23 -14.26 -34.31
C ILE D 130 45.26 -15.31 -34.71
N TYR D 131 44.90 -16.58 -34.55
CA TYR D 131 45.83 -17.67 -34.86
C TYR D 131 46.39 -17.53 -36.27
N LYS D 132 45.53 -17.23 -37.25
CA LYS D 132 45.95 -17.25 -38.64
C LYS D 132 46.59 -15.94 -39.09
N ASN D 133 46.18 -14.80 -38.56
CA ASN D 133 46.65 -13.52 -39.08
C ASN D 133 47.62 -12.79 -38.17
N ASN D 134 47.84 -13.27 -36.95
CA ASN D 134 48.69 -12.52 -36.02
C ASN D 134 49.69 -13.38 -35.27
N VAL D 135 49.76 -14.69 -35.52
CA VAL D 135 50.66 -15.57 -34.78
C VAL D 135 51.90 -15.81 -35.60
N LEU D 136 53.06 -15.44 -35.05
CA LEU D 136 54.36 -15.78 -35.60
C LEU D 136 54.90 -16.94 -34.76
N PHE D 137 54.80 -18.15 -35.30
CA PHE D 137 55.19 -19.35 -34.57
C PHE D 137 56.68 -19.61 -34.73
N LEU D 138 57.35 -19.90 -33.62
CA LEU D 138 58.79 -20.12 -33.61
C LEU D 138 59.08 -21.58 -33.94
N THR D 139 59.86 -21.81 -34.99
CA THR D 139 60.29 -23.15 -35.41
C THR D 139 61.79 -23.27 -35.26
N THR D 140 62.27 -24.45 -34.87
CA THR D 140 63.68 -24.69 -34.63
C THR D 140 64.35 -25.56 -35.68
N SER D 141 63.59 -26.30 -36.47
CA SER D 141 64.17 -27.12 -37.53
C SER D 141 63.12 -27.35 -38.61
N GLN D 142 63.58 -27.78 -39.78
CA GLN D 142 62.67 -28.05 -40.88
C GLN D 142 61.71 -29.18 -40.54
N ALA D 143 62.21 -30.23 -39.88
CA ALA D 143 61.34 -31.31 -39.45
C ALA D 143 60.26 -30.79 -38.49
N MET D 144 60.66 -30.01 -37.49
CA MET D 144 59.69 -29.48 -36.54
C MET D 144 58.76 -28.48 -37.21
N GLU D 145 59.27 -27.66 -38.13
CA GLU D 145 58.39 -26.73 -38.84
C GLU D 145 57.31 -27.49 -39.61
N ASP D 146 57.70 -28.54 -40.33
CA ASP D 146 56.72 -29.32 -41.07
C ASP D 146 55.71 -29.98 -40.14
N HIS D 147 56.19 -30.58 -39.05
CA HIS D 147 55.29 -31.22 -38.09
C HIS D 147 54.28 -30.22 -37.53
N PHE D 148 54.75 -29.05 -37.11
CA PHE D 148 53.88 -28.06 -36.50
C PHE D 148 52.90 -27.49 -37.52
N LEU D 149 53.37 -27.22 -38.74
CA LEU D 149 52.47 -26.75 -39.78
C LEU D 149 51.41 -27.81 -40.12
N GLU D 150 51.74 -29.10 -40.00
CA GLU D 150 50.73 -30.13 -40.19
C GLU D 150 49.71 -30.13 -39.06
N ASP D 151 50.18 -29.96 -37.81
CA ASP D 151 49.33 -30.10 -36.63
C ASP D 151 48.63 -28.82 -36.22
N MET D 152 48.99 -27.66 -36.78
CA MET D 152 48.46 -26.40 -36.31
C MET D 152 47.96 -25.57 -37.48
N ALA D 153 47.33 -24.44 -37.15
CA ALA D 153 46.80 -23.53 -38.15
C ALA D 153 47.57 -22.21 -38.08
N ILE D 154 48.85 -22.26 -38.43
CA ILE D 154 49.70 -21.08 -38.42
C ILE D 154 50.05 -20.70 -39.85
N SER D 155 50.29 -19.41 -40.05
CA SER D 155 50.63 -18.90 -41.38
C SER D 155 52.08 -19.23 -41.69
N LYS D 156 52.32 -19.91 -42.82
CA LYS D 156 53.69 -20.22 -43.19
C LYS D 156 54.51 -18.96 -43.40
N GLU D 157 53.84 -17.85 -43.74
CA GLU D 157 54.55 -16.59 -43.96
C GLU D 157 54.98 -15.93 -42.67
N LEU D 158 54.31 -16.23 -41.56
CA LEU D 158 54.61 -15.59 -40.29
C LEU D 158 55.55 -16.45 -39.44
N ILE D 159 56.07 -17.54 -40.01
CA ILE D 159 56.99 -18.39 -39.27
C ILE D 159 58.19 -17.57 -38.81
N ILE D 160 58.72 -17.90 -37.64
CA ILE D 160 59.96 -17.35 -37.14
C ILE D 160 60.90 -18.52 -36.89
N ARG D 161 62.06 -18.51 -37.54
CA ARG D 161 63.04 -19.58 -37.42
C ARG D 161 64.16 -19.08 -36.50
N GLY D 162 64.55 -19.93 -35.55
CA GLY D 162 65.63 -19.54 -34.65
C GLY D 162 65.73 -20.51 -33.49
N LYS D 163 66.28 -20.00 -32.39
CA LYS D 163 66.56 -20.79 -31.21
C LYS D 163 65.47 -20.62 -30.16
N TYR D 164 65.49 -21.49 -29.15
CA TYR D 164 64.58 -21.39 -28.02
C TYR D 164 65.21 -20.46 -27.01
N PRO D 165 64.66 -19.27 -26.77
CA PRO D 165 65.27 -18.34 -25.82
C PRO D 165 65.55 -18.94 -24.45
N ARG D 166 64.72 -19.87 -23.98
CA ARG D 166 64.92 -20.42 -22.64
C ARG D 166 66.10 -21.40 -22.57
N ASN D 167 66.60 -21.86 -23.71
CA ASN D 167 67.74 -22.77 -23.74
C ASN D 167 69.05 -22.09 -24.10
N ALA D 168 69.04 -20.78 -24.33
CA ALA D 168 70.24 -20.06 -24.75
C ALA D 168 70.43 -18.74 -24.02
N VAL D 169 69.62 -18.44 -23.01
CA VAL D 169 69.66 -17.14 -22.34
C VAL D 169 70.29 -17.21 -20.95
N TYR D 170 70.15 -18.33 -20.24
CA TYR D 170 70.67 -18.45 -18.88
C TYR D 170 72.03 -19.14 -18.87
N GLY D 171 72.92 -18.74 -19.79
CA GLY D 171 74.23 -19.34 -19.86
C GLY D 171 75.15 -18.91 -18.73
N PRO D 172 76.44 -19.24 -18.84
CA PRO D 172 77.37 -18.87 -17.75
C PRO D 172 77.42 -17.38 -17.49
N ASN D 173 77.56 -16.58 -18.55
CA ASN D 173 77.59 -15.13 -18.43
C ASN D 173 76.24 -14.49 -18.69
N GLY D 174 75.19 -15.29 -18.82
CA GLY D 174 73.88 -14.84 -19.24
C GLY D 174 73.01 -14.35 -18.09
N ILE D 175 71.72 -14.56 -18.25
CA ILE D 175 70.70 -14.04 -17.35
C ILE D 175 70.46 -15.03 -16.22
N HIS D 176 70.18 -14.49 -15.04
CA HIS D 176 69.81 -15.30 -13.89
C HIS D 176 68.93 -14.46 -12.97
N THR D 177 67.70 -14.92 -12.75
CA THR D 177 66.75 -14.28 -11.85
C THR D 177 66.93 -14.72 -10.41
N TYR D 178 67.82 -15.66 -10.14
CA TYR D 178 68.09 -16.16 -8.81
C TYR D 178 69.53 -16.67 -8.81
N ASP D 179 70.17 -16.60 -7.64
CA ASP D 179 71.51 -17.15 -7.50
C ASP D 179 71.43 -18.63 -7.15
N ILE D 180 72.11 -19.46 -7.95
CA ILE D 180 71.98 -20.91 -7.80
C ILE D 180 72.55 -21.33 -6.45
N ASN D 181 73.64 -20.68 -6.02
CA ASN D 181 74.29 -21.07 -4.78
C ASN D 181 73.38 -20.91 -3.58
N THR D 182 72.36 -20.05 -3.64
CA THR D 182 71.48 -19.94 -2.48
C THR D 182 70.60 -21.17 -2.33
N LEU D 183 70.54 -22.03 -3.35
CA LEU D 183 69.76 -23.25 -3.31
C LEU D 183 70.62 -24.49 -3.17
N LEU D 184 71.90 -24.40 -3.52
CA LEU D 184 72.84 -25.51 -3.54
C LEU D 184 73.59 -25.64 -2.22
N PRO D 185 73.21 -26.58 -1.35
CA PRO D 185 74.03 -26.82 -0.16
C PRO D 185 75.46 -27.16 -0.50
N LYS D 186 75.69 -27.99 -1.53
CA LYS D 186 77.03 -28.30 -1.99
C LYS D 186 77.71 -27.11 -2.67
N ASN D 187 76.94 -26.13 -3.14
CA ASN D 187 77.49 -24.90 -3.70
C ASN D 187 78.28 -25.15 -4.97
N LYS D 188 78.10 -26.32 -5.60
CA LYS D 188 78.83 -26.69 -6.81
C LYS D 188 80.29 -26.99 -6.51
N SER D 189 80.97 -26.07 -5.82
CA SER D 189 82.38 -26.28 -5.51
C SER D 189 82.60 -27.49 -4.59
N GLN D 190 81.55 -27.98 -3.94
CA GLN D 190 81.65 -29.13 -3.06
C GLN D 190 80.86 -30.34 -3.57
N TYR D 191 80.49 -30.32 -4.85
CA TYR D 191 79.73 -31.40 -5.47
C TYR D 191 80.53 -31.96 -6.65
N SER D 192 80.56 -33.29 -6.75
CA SER D 192 81.29 -33.94 -7.83
C SER D 192 80.51 -33.91 -9.14
N GLN D 193 79.23 -34.27 -9.08
CA GLN D 193 78.38 -34.26 -10.27
C GLN D 193 76.93 -34.01 -9.83
N THR D 194 76.25 -33.11 -10.53
CA THR D 194 74.87 -32.77 -10.23
C THR D 194 73.94 -33.65 -11.05
N ILE D 195 73.06 -34.37 -10.37
CA ILE D 195 72.10 -35.26 -11.01
C ILE D 195 70.73 -34.59 -11.00
N LEU D 196 70.07 -34.56 -12.16
CA LEU D 196 68.74 -33.99 -12.30
C LEU D 196 67.79 -35.04 -12.85
N PHE D 197 66.59 -35.10 -12.27
CA PHE D 197 65.59 -36.10 -12.65
C PHE D 197 64.29 -35.39 -12.98
N CYS D 198 63.69 -35.78 -14.10
CA CYS D 198 62.41 -35.24 -14.55
C CYS D 198 61.60 -36.32 -15.26
N PRO D 199 60.54 -36.83 -14.64
CA PRO D 199 59.73 -37.85 -15.31
C PRO D 199 58.34 -37.33 -15.66
N THR D 200 57.86 -37.67 -16.85
CA THR D 200 56.56 -37.20 -17.32
C THR D 200 55.42 -37.73 -16.45
N TRP D 261 63.58 -29.94 -5.79
CA TRP D 261 63.65 -28.56 -6.23
C TRP D 261 62.32 -27.84 -6.01
N ASN D 262 62.39 -26.57 -5.62
CA ASN D 262 61.21 -25.74 -5.43
C ASN D 262 60.81 -25.13 -6.76
N ASP D 263 59.58 -25.44 -7.21
CA ASP D 263 59.09 -24.91 -8.48
C ASP D 263 59.11 -23.39 -8.52
N ASP D 264 59.25 -22.72 -7.37
CA ASP D 264 59.28 -21.26 -7.36
C ASP D 264 60.46 -20.70 -8.13
N TYR D 265 61.48 -21.52 -8.42
CA TYR D 265 62.65 -21.11 -9.18
C TYR D 265 62.70 -21.88 -10.49
N ASP D 266 62.74 -21.16 -11.60
CA ASP D 266 62.80 -21.77 -12.91
C ASP D 266 63.98 -22.72 -13.01
N ILE D 267 63.72 -24.00 -13.28
CA ILE D 267 64.80 -24.97 -13.36
C ILE D 267 65.68 -24.71 -14.58
N TYR D 268 65.11 -24.10 -15.63
CA TYR D 268 65.89 -23.85 -16.84
C TYR D 268 67.09 -22.95 -16.56
N GLU D 269 66.89 -21.93 -15.72
CA GLU D 269 68.00 -21.07 -15.32
C GLU D 269 69.18 -21.87 -14.78
N ALA D 270 68.92 -23.05 -14.23
CA ALA D 270 69.94 -23.88 -13.60
C ALA D 270 70.48 -24.96 -14.52
N PHE D 271 70.05 -24.99 -15.78
CA PHE D 271 70.47 -26.07 -16.68
C PHE D 271 71.99 -26.14 -16.79
N ASN D 272 72.66 -24.98 -16.85
CA ASN D 272 74.12 -24.98 -17.01
C ASN D 272 74.82 -25.66 -15.84
N SER D 273 74.15 -25.83 -14.71
CA SER D 273 74.72 -26.46 -13.52
C SER D 273 74.43 -27.96 -13.44
N ILE D 274 73.70 -28.51 -14.41
CA ILE D 274 73.35 -29.93 -14.39
C ILE D 274 74.42 -30.72 -15.14
N ASP D 275 75.06 -31.65 -14.43
CA ASP D 275 76.08 -32.52 -15.01
C ASP D 275 75.50 -33.81 -15.59
N LEU D 276 74.47 -34.38 -14.97
CA LEU D 276 73.85 -35.61 -15.43
C LEU D 276 72.34 -35.42 -15.55
N ALA D 277 71.72 -36.23 -16.41
CA ALA D 277 70.30 -36.10 -16.73
C ALA D 277 69.63 -37.46 -16.65
N ILE D 278 68.45 -37.49 -16.03
CA ILE D 278 67.66 -38.72 -15.93
C ILE D 278 66.48 -38.66 -16.89
N SER D 282 59.94 -37.05 -21.49
CA SER D 282 59.48 -35.67 -21.55
C SER D 282 60.28 -34.88 -22.58
N SER D 283 59.69 -33.77 -23.04
CA SER D 283 60.36 -32.91 -24.00
C SER D 283 61.58 -32.21 -23.41
N ILE D 284 61.65 -32.09 -22.09
CA ILE D 284 62.73 -31.33 -21.46
C ILE D 284 64.09 -31.89 -21.86
N PHE D 285 64.16 -33.19 -22.14
CA PHE D 285 65.39 -33.78 -22.64
C PHE D 285 66.00 -32.92 -23.74
N TYR D 286 65.22 -32.65 -24.79
CA TYR D 286 65.74 -31.84 -25.90
C TYR D 286 66.22 -30.48 -25.40
N ASP D 287 65.43 -29.83 -24.55
CA ASP D 287 65.90 -28.59 -23.94
C ASP D 287 67.28 -28.79 -23.33
N LEU D 288 67.44 -29.83 -22.52
CA LEU D 288 68.74 -30.13 -21.93
C LEU D 288 69.79 -30.32 -23.02
N LEU D 289 69.46 -31.07 -24.07
CA LEU D 289 70.43 -31.27 -25.16
C LEU D 289 70.83 -29.93 -25.76
N ASP D 290 69.88 -28.99 -25.83
CA ASP D 290 70.17 -27.68 -26.38
C ASP D 290 70.91 -26.78 -25.40
N ALA D 291 70.83 -27.09 -24.10
CA ALA D 291 71.52 -26.29 -23.09
C ALA D 291 72.96 -26.73 -22.87
N GLY D 292 73.40 -27.83 -23.48
CA GLY D 292 74.76 -28.30 -23.33
C GLY D 292 74.92 -29.55 -22.49
N VAL D 293 73.88 -29.98 -21.78
CA VAL D 293 73.96 -31.19 -20.97
C VAL D 293 74.27 -32.38 -21.88
N GLU D 294 75.42 -33.02 -21.65
CA GLU D 294 75.84 -34.18 -22.42
C GLU D 294 75.56 -35.51 -21.74
N LYS D 295 75.46 -35.52 -20.42
CA LYS D 295 75.15 -36.75 -19.69
C LYS D 295 73.65 -37.01 -19.71
N PHE D 296 73.28 -38.28 -19.80
CA PHE D 296 71.88 -38.67 -19.82
C PHE D 296 71.69 -40.10 -19.34
N ILE D 343 78.00 -37.53 -24.37
CA ILE D 343 77.41 -37.82 -25.66
C ILE D 343 78.47 -37.69 -26.76
N SER D 344 78.31 -38.47 -27.82
CA SER D 344 79.26 -38.46 -28.92
C SER D 344 78.98 -37.31 -29.87
N THR D 345 80.04 -36.73 -30.41
CA THR D 345 79.91 -35.58 -31.29
C THR D 345 78.97 -35.86 -32.46
N LYS D 346 79.13 -37.03 -33.10
CA LYS D 346 78.25 -37.36 -34.22
C LYS D 346 76.80 -37.49 -33.78
N ARG D 347 76.56 -38.08 -32.62
CA ARG D 347 75.18 -38.24 -32.15
C ARG D 347 74.54 -36.91 -31.81
N LYS D 348 75.30 -36.04 -31.14
CA LYS D 348 74.80 -34.70 -30.85
C LYS D 348 74.53 -33.92 -32.13
N GLN D 349 75.42 -34.05 -33.12
CA GLN D 349 75.19 -33.41 -34.41
C GLN D 349 73.89 -33.91 -35.03
N TYR D 350 73.67 -35.23 -35.01
CA TYR D 350 72.44 -35.80 -35.55
C TYR D 350 71.21 -35.19 -34.89
N LEU D 351 71.10 -35.33 -33.57
CA LEU D 351 69.90 -34.84 -32.88
C LEU D 351 69.74 -33.33 -33.03
N MET D 352 70.83 -32.57 -32.89
CA MET D 352 70.75 -31.12 -32.97
C MET D 352 70.31 -30.67 -34.35
N ASP D 353 70.88 -31.24 -35.41
CA ASP D 353 70.32 -30.98 -36.73
C ASP D 353 68.83 -31.24 -36.71
N TYR D 354 68.45 -32.52 -36.50
CA TYR D 354 67.06 -32.93 -36.65
C TYR D 354 66.09 -32.00 -35.93
N PHE D 355 66.48 -31.48 -34.76
CA PHE D 355 65.54 -30.76 -33.92
C PHE D 355 65.71 -29.24 -33.91
N PHE D 356 66.94 -28.73 -33.91
CA PHE D 356 67.21 -27.30 -33.92
C PHE D 356 68.14 -26.94 -35.09
N GLY D 357 67.83 -27.42 -36.29
CA GLY D 357 68.71 -27.11 -37.42
C GLY D 357 68.83 -25.62 -37.67
N PHE D 358 67.73 -24.88 -37.55
CA PHE D 358 67.75 -23.45 -37.80
C PHE D 358 68.65 -22.69 -36.81
N LYS D 359 69.20 -23.37 -35.81
CA LYS D 359 70.17 -22.71 -34.93
C LYS D 359 71.46 -22.36 -35.65
N LYS D 360 71.86 -23.16 -36.63
CA LYS D 360 73.13 -22.96 -37.32
C LYS D 360 73.07 -21.86 -38.38
N GLU D 361 72.04 -21.00 -38.35
CA GLU D 361 71.87 -19.95 -39.34
C GLU D 361 72.39 -18.60 -38.84
N ASN D 362 73.43 -18.61 -37.99
CA ASN D 362 73.97 -17.38 -37.41
C ASN D 362 72.91 -16.63 -36.60
N LYS D 363 72.03 -17.39 -35.95
CA LYS D 363 70.93 -16.78 -35.20
C LYS D 363 71.42 -16.17 -33.89
N SER D 364 70.71 -15.13 -33.46
CA SER D 364 71.00 -14.46 -32.20
C SER D 364 69.67 -14.05 -31.58
N MET D 365 69.73 -13.57 -30.33
CA MET D 365 68.52 -13.02 -29.72
C MET D 365 68.06 -11.77 -30.44
N GLU D 366 68.95 -10.80 -30.64
CA GLU D 366 68.55 -9.61 -31.38
C GLU D 366 68.11 -9.94 -32.80
N SER D 367 68.71 -10.97 -33.42
CA SER D 367 68.23 -11.40 -34.74
C SER D 367 66.78 -11.88 -34.67
N LEU D 368 66.43 -12.64 -33.63
CA LEU D 368 65.06 -13.10 -33.47
C LEU D 368 64.11 -11.91 -33.24
N ILE D 369 64.52 -11.00 -32.36
CA ILE D 369 63.69 -9.84 -32.07
C ILE D 369 63.51 -8.99 -33.31
N ALA D 370 64.54 -8.92 -34.16
CA ALA D 370 64.43 -8.15 -35.39
C ALA D 370 63.48 -8.83 -36.36
N ASP D 371 63.64 -10.14 -36.58
CA ASP D 371 62.72 -10.86 -37.45
C ASP D 371 61.28 -10.67 -36.98
N VAL D 372 61.05 -10.63 -35.67
CA VAL D 372 59.70 -10.41 -35.16
C VAL D 372 59.25 -8.99 -35.47
N ASP D 373 60.00 -8.01 -34.96
CA ASP D 373 59.63 -6.61 -35.08
C ASP D 373 59.48 -6.20 -36.54
N ASN D 374 60.40 -6.65 -37.40
CA ASN D 374 60.39 -6.29 -38.80
C ASN D 374 59.36 -7.05 -39.61
N CYS D 375 58.49 -7.82 -38.97
CA CYS D 375 57.46 -8.57 -39.67
C CYS D 375 56.30 -7.65 -40.02
N GLN D 376 55.54 -8.03 -41.04
CA GLN D 376 54.43 -7.22 -41.52
C GLN D 376 53.17 -8.07 -41.52
N LEU D 377 52.16 -7.64 -40.79
CA LEU D 377 50.87 -8.33 -40.75
C LEU D 377 50.04 -7.93 -41.96
N GLN D 378 49.79 -8.89 -42.83
CA GLN D 378 48.94 -8.82 -44.01
C GLN D 378 47.72 -9.69 -43.81
N PRO D 379 46.75 -9.30 -42.97
CA PRO D 379 45.69 -10.25 -42.64
C PRO D 379 44.78 -10.51 -43.83
N LYS D 380 44.00 -11.58 -43.72
CA LYS D 380 42.99 -11.94 -44.71
C LYS D 380 41.61 -12.07 -44.08
N SER D 381 40.60 -11.56 -44.78
CA SER D 381 39.23 -11.68 -44.32
C SER D 381 38.76 -13.12 -44.54
N LEU D 382 38.28 -13.75 -43.48
CA LEU D 382 37.93 -15.16 -43.46
C LEU D 382 36.43 -15.35 -43.60
N LYS D 383 36.06 -16.50 -44.15
CA LYS D 383 34.64 -16.84 -44.33
C LYS D 383 34.06 -17.29 -42.98
N GLU D 384 32.74 -17.21 -42.89
CA GLU D 384 32.00 -17.67 -41.72
C GLU D 384 31.33 -19.02 -41.95
N LEU D 385 30.98 -19.67 -40.85
CA LEU D 385 30.30 -20.96 -40.84
C LEU D 385 28.94 -20.76 -40.18
N HIS D 386 27.90 -21.31 -40.81
CA HIS D 386 26.53 -21.16 -40.32
C HIS D 386 25.83 -22.52 -40.32
N THR D 387 25.67 -23.12 -39.15
CA THR D 387 24.98 -24.38 -39.01
C THR D 387 23.54 -24.14 -38.56
N PHE D 388 22.64 -25.03 -38.98
CA PHE D 388 21.21 -24.85 -38.74
C PHE D 388 20.60 -26.12 -38.18
N ASP D 389 19.89 -26.00 -37.06
CA ASP D 389 18.97 -27.04 -36.63
C ASP D 389 17.87 -27.22 -37.69
N ILE D 390 17.29 -28.42 -37.72
CA ILE D 390 16.26 -28.72 -38.70
C ILE D 390 14.87 -28.55 -38.09
N PHE D 391 14.47 -29.48 -37.21
CA PHE D 391 13.11 -29.46 -36.70
C PHE D 391 12.84 -28.21 -35.88
N ASP D 392 11.78 -27.48 -36.24
CA ASP D 392 11.37 -26.23 -35.60
C ASP D 392 12.37 -25.10 -35.80
N THR D 393 13.32 -25.27 -36.72
CA THR D 393 14.20 -24.19 -37.15
C THR D 393 14.08 -23.97 -38.66
N LEU D 394 14.35 -25.00 -39.46
CA LEU D 394 14.14 -24.94 -40.90
C LEU D 394 12.80 -25.53 -41.33
N ILE D 395 12.21 -26.42 -40.53
CA ILE D 395 10.92 -27.03 -40.83
C ILE D 395 10.13 -27.18 -39.53
N ARG D 396 8.83 -27.40 -39.69
CA ARG D 396 7.91 -27.52 -38.56
C ARG D 396 6.88 -28.58 -38.93
N ARG D 397 5.99 -28.87 -37.98
CA ARG D 397 4.97 -29.91 -38.14
C ARG D 397 3.61 -29.27 -38.33
N SER D 398 2.83 -29.80 -39.29
CA SER D 398 1.50 -29.26 -39.55
C SER D 398 0.56 -29.40 -38.36
N THR D 399 0.93 -30.21 -37.36
CA THR D 399 0.19 -30.30 -36.11
C THR D 399 1.00 -29.76 -34.93
N LEU D 400 2.13 -29.12 -35.22
CA LEU D 400 2.92 -28.41 -34.22
C LEU D 400 3.66 -29.34 -33.26
N ARG D 401 2.93 -29.89 -32.29
CA ARG D 401 3.57 -30.69 -31.26
C ARG D 401 4.09 -32.00 -31.84
N PRO D 402 5.23 -32.49 -31.37
CA PRO D 402 5.74 -33.78 -31.86
C PRO D 402 4.81 -34.95 -31.60
N PHE D 403 4.24 -35.05 -30.40
CA PHE D 403 3.42 -36.22 -30.07
C PHE D 403 2.22 -36.37 -30.98
N SER D 404 1.76 -35.28 -31.62
CA SER D 404 0.71 -35.38 -32.62
C SER D 404 1.00 -36.50 -33.62
N ILE D 405 2.25 -36.55 -34.10
CA ILE D 405 2.66 -37.63 -35.01
C ILE D 405 2.25 -38.98 -34.44
N PHE D 406 2.69 -39.26 -33.21
CA PHE D 406 2.38 -40.53 -32.56
C PHE D 406 0.88 -40.76 -32.52
N ASP D 407 0.13 -39.73 -32.12
CA ASP D 407 -1.33 -39.80 -32.16
C ASP D 407 -1.80 -40.33 -33.51
N TYR D 408 -1.45 -39.61 -34.58
CA TYR D 408 -1.74 -40.02 -35.95
C TYR D 408 -1.44 -41.49 -36.17
N VAL D 409 -0.20 -41.90 -35.86
CA VAL D 409 0.22 -43.28 -36.08
C VAL D 409 -0.70 -44.25 -35.38
N ARG D 410 -0.96 -44.02 -34.09
CA ARG D 410 -1.90 -44.86 -33.35
C ARG D 410 -3.23 -44.95 -34.07
N ASP D 411 -3.79 -43.80 -34.46
CA ASP D 411 -5.10 -43.80 -35.12
C ASP D 411 -5.05 -44.67 -36.38
N LYS D 412 -3.91 -44.68 -37.05
CA LYS D 412 -3.78 -45.50 -38.24
C LYS D 412 -3.71 -46.95 -37.85
N ALA D 413 -2.92 -47.27 -36.84
CA ALA D 413 -2.81 -48.65 -36.38
C ALA D 413 -4.20 -49.19 -36.12
N LYS D 414 -4.91 -48.54 -35.18
CA LYS D 414 -6.25 -48.97 -34.80
C LYS D 414 -7.19 -49.07 -35.99
N ALA D 415 -6.92 -48.34 -37.08
CA ALA D 415 -7.84 -48.38 -38.21
C ALA D 415 -7.41 -49.34 -39.31
N SER D 416 -6.17 -49.83 -39.28
CA SER D 416 -5.61 -50.61 -40.39
C SER D 416 -6.31 -51.95 -40.57
N GLY D 417 -6.79 -52.57 -39.50
CA GLY D 417 -7.25 -53.93 -39.56
C GLY D 417 -6.27 -54.95 -39.02
N ILE D 418 -4.99 -54.60 -38.94
CA ILE D 418 -4.00 -55.44 -38.27
C ILE D 418 -4.31 -55.43 -36.78
N LYS D 419 -4.52 -56.61 -36.21
CA LYS D 419 -4.77 -56.69 -34.78
C LYS D 419 -3.51 -56.36 -34.01
N PHE D 420 -3.66 -55.55 -32.97
CA PHE D 420 -2.58 -55.15 -32.10
C PHE D 420 -2.92 -55.45 -30.66
N PRO D 421 -1.91 -55.56 -29.79
CA PRO D 421 -2.18 -55.68 -28.35
C PRO D 421 -2.81 -54.41 -27.81
N LEU D 422 -3.80 -54.59 -26.92
CA LEU D 422 -4.50 -53.45 -26.35
C LEU D 422 -3.53 -52.45 -25.73
N ALA D 423 -2.56 -52.95 -24.97
CA ALA D 423 -1.57 -52.07 -24.37
C ALA D 423 -0.89 -51.19 -25.42
N LEU D 424 -0.70 -51.72 -26.62
CA LEU D 424 -0.03 -50.96 -27.68
C LEU D 424 -0.96 -49.90 -28.25
N THR D 425 -2.18 -50.29 -28.62
CA THR D 425 -3.11 -49.33 -29.20
C THR D 425 -3.48 -48.24 -28.21
N GLU D 426 -4.15 -48.62 -27.12
CA GLU D 426 -4.70 -47.63 -26.19
C GLU D 426 -3.61 -46.71 -25.63
N ASN D 427 -2.40 -47.22 -25.42
CA ASN D 427 -1.32 -46.50 -24.75
C ASN D 427 -0.16 -46.15 -25.67
N TRP D 428 -0.40 -46.02 -26.98
CA TRP D 428 0.70 -45.92 -27.94
C TRP D 428 1.65 -44.78 -27.61
N ILE D 429 1.12 -43.64 -27.17
CA ILE D 429 1.99 -42.49 -26.87
C ILE D 429 3.04 -42.90 -25.84
N ASN D 430 2.58 -43.34 -24.67
CA ASN D 430 3.51 -43.72 -23.61
C ASN D 430 4.38 -44.88 -24.05
N VAL D 431 3.77 -45.92 -24.63
CA VAL D 431 4.56 -47.08 -25.08
C VAL D 431 5.76 -46.63 -25.89
N ARG D 432 5.52 -45.82 -26.93
CA ARG D 432 6.58 -45.48 -27.86
C ARG D 432 7.57 -44.48 -27.26
N ASN D 433 7.08 -43.45 -26.58
CA ASN D 433 8.00 -42.47 -26.00
C ASN D 433 8.89 -43.12 -24.94
N ARG D 434 8.29 -43.94 -24.08
CA ARG D 434 9.06 -44.62 -23.05
C ARG D 434 10.00 -45.67 -23.63
N ALA D 435 9.61 -46.35 -24.72
CA ALA D 435 10.55 -47.27 -25.37
C ALA D 435 11.75 -46.52 -25.95
N GLU D 436 11.50 -45.35 -26.54
CA GLU D 436 12.61 -44.55 -27.05
C GLU D 436 13.58 -44.17 -25.93
N HIS D 437 13.04 -43.64 -24.82
CA HIS D 437 13.92 -43.27 -23.71
C HIS D 437 14.60 -44.49 -23.11
N ASP D 438 13.97 -45.65 -23.17
CA ASP D 438 14.59 -46.87 -22.69
C ASP D 438 15.82 -47.21 -23.53
N VAL D 439 15.65 -47.18 -24.86
CA VAL D 439 16.79 -47.42 -25.75
C VAL D 439 17.90 -46.41 -25.51
N ARG D 440 17.53 -45.15 -25.26
CA ARG D 440 18.54 -44.13 -24.99
C ARG D 440 19.32 -44.43 -23.72
N ASP D 441 18.61 -44.80 -22.64
CA ASP D 441 19.30 -45.14 -21.40
C ASP D 441 20.19 -46.36 -21.58
N ILE D 442 19.76 -47.34 -22.37
CA ILE D 442 20.60 -48.51 -22.63
C ILE D 442 21.90 -48.07 -23.30
N MET D 443 21.78 -47.28 -24.37
CA MET D 443 22.97 -46.75 -25.05
C MET D 443 23.89 -46.02 -24.06
N ARG D 444 23.33 -45.12 -23.27
CA ARG D 444 24.14 -44.36 -22.33
C ARG D 444 24.86 -45.26 -21.35
N LYS D 445 24.20 -46.33 -20.88
CA LYS D 445 24.78 -47.21 -19.87
C LYS D 445 25.67 -48.31 -20.45
N THR D 446 25.72 -48.46 -21.77
CA THR D 446 26.51 -49.52 -22.40
C THR D 446 27.68 -48.95 -23.20
N THR D 447 28.29 -47.87 -22.70
CA THR D 447 29.44 -47.30 -23.41
C THR D 447 30.68 -48.17 -23.23
N PHE D 448 30.82 -48.84 -22.10
CA PHE D 448 31.92 -49.78 -21.93
C PHE D 448 31.72 -51.02 -22.77
N GLU D 449 30.57 -51.69 -22.63
CA GLU D 449 30.31 -52.91 -23.40
C GLU D 449 30.49 -52.68 -24.89
N ARG D 450 30.26 -51.45 -25.36
CA ARG D 450 30.41 -51.14 -26.78
C ARG D 450 31.73 -50.47 -27.11
N GLN D 451 32.52 -50.12 -26.09
CA GLN D 451 33.81 -49.46 -26.30
C GLN D 451 33.66 -48.21 -27.17
N SER D 452 32.59 -47.46 -26.94
CA SER D 452 32.30 -46.27 -27.72
C SER D 452 31.54 -45.27 -26.86
N ASP D 453 31.84 -43.99 -27.06
CA ASP D 453 31.16 -42.91 -26.36
C ASP D 453 29.94 -42.41 -27.11
N LYS D 454 29.77 -42.80 -28.38
CA LYS D 454 28.55 -42.47 -29.10
C LYS D 454 27.38 -43.13 -28.39
N ILE D 455 26.28 -42.37 -28.25
CA ILE D 455 25.14 -42.83 -27.48
C ILE D 455 23.83 -42.53 -28.19
N GLU D 456 23.88 -42.16 -29.46
CA GLU D 456 22.66 -41.82 -30.16
C GLU D 456 21.90 -43.09 -30.58
N ILE D 457 20.57 -43.01 -30.52
CA ILE D 457 19.72 -44.13 -30.85
C ILE D 457 19.22 -43.96 -32.28
N THR D 458 18.51 -44.97 -32.77
CA THR D 458 17.84 -44.88 -34.07
C THR D 458 16.42 -45.41 -33.97
N LEU D 459 15.58 -44.98 -34.90
CA LEU D 459 14.20 -45.47 -34.96
C LEU D 459 14.18 -46.99 -34.95
N ASP D 460 15.13 -47.60 -35.64
CA ASP D 460 15.19 -49.05 -35.68
C ASP D 460 15.43 -49.61 -34.29
N ASP D 461 16.22 -48.91 -33.46
CA ASP D 461 16.45 -49.37 -32.09
C ASP D 461 15.15 -49.36 -31.30
N ILE D 462 14.38 -48.27 -31.40
CA ILE D 462 13.12 -48.18 -30.69
C ILE D 462 12.20 -49.33 -31.07
N TYR D 463 12.05 -49.55 -32.38
CA TYR D 463 11.09 -50.57 -32.80
C TYR D 463 11.60 -51.99 -32.61
N THR D 464 12.93 -52.19 -32.60
CA THR D 464 13.47 -53.50 -32.23
C THR D 464 13.19 -53.80 -30.76
N ARG D 465 13.45 -52.84 -29.88
CA ARG D 465 13.10 -53.01 -28.47
C ARG D 465 11.63 -53.39 -28.34
N LEU D 466 10.75 -52.58 -28.95
CA LEU D 466 9.32 -52.84 -28.86
C LEU D 466 8.99 -54.25 -29.34
N GLN D 467 9.50 -54.63 -30.51
CA GLN D 467 9.11 -55.90 -31.09
C GLN D 467 9.62 -57.07 -30.26
N LYS D 468 10.90 -57.03 -29.88
CA LYS D 468 11.49 -58.15 -29.16
C LYS D 468 10.90 -58.32 -27.77
N ASN D 469 10.50 -57.23 -27.10
CA ASN D 469 10.01 -57.39 -25.74
C ASN D 469 8.49 -57.38 -25.64
N LEU D 470 7.78 -57.05 -26.72
CA LEU D 470 6.34 -57.23 -26.81
C LEU D 470 5.94 -58.40 -27.69
N LEU D 471 6.91 -59.07 -28.31
CA LEU D 471 6.62 -60.23 -29.14
C LEU D 471 5.65 -59.85 -30.27
N LEU D 472 6.03 -58.82 -31.01
CA LEU D 472 5.21 -58.33 -32.11
C LEU D 472 5.64 -59.02 -33.40
N THR D 473 4.69 -59.16 -34.33
CA THR D 473 5.03 -59.70 -35.63
C THR D 473 5.75 -58.66 -36.47
N ASP D 474 6.51 -59.14 -37.46
CA ASP D 474 7.17 -58.22 -38.37
C ASP D 474 6.14 -57.33 -39.05
N GLU D 475 4.96 -57.88 -39.35
CA GLU D 475 3.90 -57.09 -39.95
C GLU D 475 3.50 -55.92 -39.07
N GLN D 476 3.19 -56.21 -37.80
CA GLN D 476 2.79 -55.15 -36.87
C GLN D 476 3.88 -54.09 -36.72
N THR D 477 5.11 -54.53 -36.45
CA THR D 477 6.21 -53.62 -36.19
C THR D 477 6.51 -52.75 -37.40
N ASP D 478 6.56 -53.37 -38.58
CA ASP D 478 6.83 -52.59 -39.79
C ASP D 478 5.70 -51.63 -40.08
N PHE D 479 4.44 -52.06 -39.87
CA PHE D 479 3.33 -51.14 -40.04
C PHE D 479 3.53 -49.91 -39.18
N LEU D 480 3.80 -50.11 -37.88
CA LEU D 480 3.93 -48.98 -36.98
C LEU D 480 5.09 -48.08 -37.38
N LYS D 481 6.24 -48.68 -37.72
CA LYS D 481 7.42 -47.89 -38.03
C LYS D 481 7.22 -47.08 -39.32
N GLN D 482 6.72 -47.73 -40.37
CA GLN D 482 6.46 -47.02 -41.61
C GLN D 482 5.37 -45.97 -41.45
N ALA D 483 4.37 -46.24 -40.60
CA ALA D 483 3.36 -45.24 -40.33
C ALA D 483 3.98 -44.01 -39.69
N GLU D 484 4.86 -44.22 -38.69
CA GLU D 484 5.51 -43.08 -38.07
C GLU D 484 6.36 -42.30 -39.07
N ILE D 485 7.12 -43.01 -39.90
CA ILE D 485 7.97 -42.33 -40.88
C ILE D 485 7.13 -41.51 -41.85
N GLU D 486 6.15 -42.15 -42.48
CA GLU D 486 5.31 -41.46 -43.45
C GLU D 486 4.55 -40.31 -42.82
N ALA D 487 4.15 -40.44 -41.55
CA ALA D 487 3.43 -39.36 -40.89
C ALA D 487 4.34 -38.18 -40.63
N GLU D 488 5.54 -38.45 -40.11
CA GLU D 488 6.52 -37.37 -39.93
C GLU D 488 6.79 -36.65 -41.25
N ILE D 489 6.87 -37.40 -42.34
CA ILE D 489 7.13 -36.78 -43.64
C ILE D 489 5.93 -35.97 -44.10
N ALA D 490 4.72 -36.51 -43.94
CA ALA D 490 3.53 -35.87 -44.48
C ALA D 490 3.07 -34.66 -43.68
N HIS D 491 3.57 -34.48 -42.46
CA HIS D 491 3.21 -33.32 -41.64
C HIS D 491 4.24 -32.21 -41.74
N VAL D 492 5.23 -32.36 -42.60
CA VAL D 492 6.26 -31.34 -42.75
C VAL D 492 5.66 -30.07 -43.34
N GLU D 493 6.12 -28.93 -42.85
CA GLU D 493 5.85 -27.62 -43.42
C GLU D 493 7.15 -26.84 -43.35
N PRO D 494 7.42 -25.98 -44.32
CA PRO D 494 8.64 -25.17 -44.23
C PRO D 494 8.47 -23.98 -43.32
N ILE D 495 9.59 -23.57 -42.72
CA ILE D 495 9.72 -22.27 -42.09
C ILE D 495 10.47 -21.41 -43.10
N GLN D 496 9.72 -20.77 -44.00
CA GLN D 496 10.34 -20.26 -45.22
C GLN D 496 11.38 -19.19 -44.94
N LYS D 497 11.13 -18.33 -43.95
CA LYS D 497 12.05 -17.22 -43.72
C LYS D 497 13.46 -17.71 -43.38
N ARG D 498 13.57 -18.72 -42.51
CA ARG D 498 14.90 -19.21 -42.14
C ARG D 498 15.55 -20.01 -43.27
N ILE D 499 14.76 -20.74 -44.06
CA ILE D 499 15.33 -21.44 -45.21
C ILE D 499 15.91 -20.43 -46.20
N ASN D 500 15.15 -19.39 -46.50
CA ASN D 500 15.63 -18.36 -47.41
C ASN D 500 16.82 -17.62 -46.83
N TYR D 501 16.87 -17.42 -45.50
CA TYR D 501 18.05 -16.81 -44.90
C TYR D 501 19.26 -17.72 -45.00
N LEU D 502 19.08 -19.03 -44.80
CA LEU D 502 20.18 -19.98 -44.97
C LEU D 502 20.72 -19.90 -46.40
N PHE D 503 19.83 -19.86 -47.38
CA PHE D 503 20.29 -19.85 -48.78
C PHE D 503 20.85 -18.49 -49.17
N SER D 504 20.37 -17.40 -48.55
CA SER D 504 21.00 -16.10 -48.74
C SER D 504 22.42 -16.12 -48.20
N LEU D 505 22.61 -16.71 -47.02
CA LEU D 505 23.95 -16.90 -46.49
C LEU D 505 24.82 -17.65 -47.49
N LYS D 506 24.32 -18.80 -47.97
CA LYS D 506 25.08 -19.59 -48.95
C LYS D 506 25.45 -18.75 -50.17
N ALA D 507 24.51 -17.94 -50.65
CA ALA D 507 24.78 -17.10 -51.81
C ALA D 507 25.74 -15.96 -51.50
N LYS D 508 25.86 -15.58 -50.23
CA LYS D 508 26.84 -14.58 -49.82
C LYS D 508 28.26 -15.12 -49.75
N GLY D 509 28.46 -16.41 -49.95
CA GLY D 509 29.78 -17.03 -49.89
C GLY D 509 30.12 -17.74 -48.60
N HIS D 510 29.23 -17.72 -47.61
CA HIS D 510 29.49 -18.44 -46.37
C HIS D 510 29.22 -19.92 -46.52
N ASP D 511 29.82 -20.71 -45.64
CA ASP D 511 29.56 -22.14 -45.58
C ASP D 511 28.41 -22.39 -44.61
N VAL D 512 27.45 -23.21 -45.03
CA VAL D 512 26.30 -23.56 -44.21
C VAL D 512 26.14 -25.07 -44.13
N ALA D 513 25.62 -25.54 -42.99
CA ALA D 513 25.37 -26.95 -42.78
C ALA D 513 24.22 -27.08 -41.79
N MET D 514 23.70 -28.30 -41.65
CA MET D 514 22.64 -28.61 -40.70
C MET D 514 23.16 -29.62 -39.68
N ALA D 515 22.93 -29.32 -38.39
CA ALA D 515 23.28 -30.24 -37.32
C ALA D 515 22.04 -30.50 -36.47
N SER D 516 21.51 -31.72 -36.55
CA SER D 516 20.24 -32.06 -35.92
C SER D 516 20.38 -33.31 -35.06
N ASP D 517 19.73 -33.30 -33.90
CA ASP D 517 19.62 -34.47 -33.03
C ASP D 517 18.28 -35.15 -33.29
N MET D 518 18.32 -36.31 -33.92
CA MET D 518 17.12 -37.04 -34.30
C MET D 518 17.45 -38.49 -34.55
N TYR D 519 16.49 -39.35 -34.25
CA TYR D 519 16.69 -40.78 -34.43
C TYR D 519 16.34 -41.25 -35.83
N LEU D 520 15.49 -40.52 -36.55
CA LEU D 520 15.10 -40.88 -37.91
C LEU D 520 16.34 -41.08 -38.77
N PRO D 521 16.29 -41.94 -39.79
CA PRO D 521 17.45 -42.09 -40.67
C PRO D 521 17.67 -40.82 -41.49
N GLU D 522 18.90 -40.70 -42.00
CA GLU D 522 19.26 -39.50 -42.74
C GLU D 522 18.41 -39.34 -43.99
N ASP D 523 18.11 -40.45 -44.67
CA ASP D 523 17.32 -40.36 -45.90
C ASP D 523 15.91 -39.89 -45.62
N VAL D 524 15.33 -40.30 -44.49
CA VAL D 524 14.01 -39.80 -44.11
C VAL D 524 14.06 -38.30 -43.84
N ILE D 525 15.14 -37.85 -43.19
CA ILE D 525 15.31 -36.42 -42.95
C ILE D 525 15.37 -35.68 -44.27
N TYR D 526 16.12 -36.21 -45.23
CA TYR D 526 16.25 -35.55 -46.52
C TYR D 526 14.93 -35.56 -47.29
N LYS D 527 14.12 -36.61 -47.17
CA LYS D 527 12.81 -36.57 -47.81
C LYS D 527 11.94 -35.49 -47.18
N MET D 528 12.02 -35.36 -45.85
CA MET D 528 11.27 -34.29 -45.17
C MET D 528 11.75 -32.92 -45.66
N LEU D 529 13.06 -32.73 -45.70
CA LEU D 529 13.62 -31.47 -46.20
C LEU D 529 13.12 -31.18 -47.61
N ASP D 530 13.13 -32.20 -48.49
CA ASP D 530 12.66 -31.98 -49.86
C ASP D 530 11.21 -31.55 -49.87
N ARG D 531 10.40 -32.08 -48.97
CA ARG D 531 9.01 -31.63 -48.91
C ARG D 531 8.91 -30.22 -48.33
N ALA D 532 9.88 -29.80 -47.51
CA ALA D 532 9.89 -28.42 -47.04
C ALA D 532 10.41 -27.47 -48.10
N ASP D 533 11.53 -27.81 -48.75
CA ASP D 533 12.09 -26.98 -49.81
C ASP D 533 13.11 -27.80 -50.57
N THR D 534 12.94 -27.94 -51.88
CA THR D 534 13.80 -28.84 -52.64
C THR D 534 15.28 -28.45 -52.55
N ARG D 535 15.59 -27.15 -52.58
CA ARG D 535 16.99 -26.72 -52.50
C ARG D 535 17.69 -27.32 -51.28
N LEU D 536 16.97 -27.47 -50.17
CA LEU D 536 17.60 -27.95 -48.95
C LEU D 536 18.30 -29.30 -49.12
N ARG D 537 17.94 -30.08 -50.15
CA ARG D 537 18.61 -31.36 -50.33
C ARG D 537 20.09 -31.20 -50.64
N GLU D 538 20.52 -30.03 -51.05
CA GLU D 538 21.89 -29.81 -51.48
C GLU D 538 22.78 -29.27 -50.36
N ILE D 539 22.27 -29.15 -49.15
CA ILE D 539 23.04 -28.57 -48.05
C ILE D 539 23.62 -29.71 -47.22
N PRO D 540 24.87 -29.62 -46.78
CA PRO D 540 25.45 -30.68 -45.94
C PRO D 540 24.61 -30.92 -44.69
N LEU D 541 24.66 -32.16 -44.19
CA LEU D 541 23.85 -32.58 -43.06
C LEU D 541 24.68 -33.38 -42.08
N TYR D 542 24.62 -33.01 -40.80
CA TYR D 542 25.24 -33.73 -39.69
C TYR D 542 24.11 -34.24 -38.80
N LEU D 543 23.61 -35.44 -39.12
CA LEU D 543 22.52 -36.05 -38.38
C LEU D 543 23.09 -36.93 -37.28
N SER D 544 22.58 -36.74 -36.06
CA SER D 544 23.14 -37.46 -34.91
C SER D 544 22.99 -38.97 -35.06
N SER D 545 21.87 -39.44 -35.61
CA SER D 545 21.68 -40.87 -35.73
C SER D 545 22.76 -41.50 -36.62
N THR D 546 23.17 -40.79 -37.68
CA THR D 546 24.20 -41.32 -38.56
C THR D 546 25.57 -41.27 -37.89
N ILE D 547 25.84 -40.26 -37.07
CA ILE D 547 27.17 -39.96 -36.58
C ILE D 547 27.38 -40.55 -35.19
N GLY D 548 26.32 -40.59 -34.39
CA GLY D 548 26.42 -41.06 -33.02
C GLY D 548 26.65 -40.00 -31.98
N TYR D 549 26.88 -38.75 -32.38
CA TYR D 549 27.10 -37.65 -31.46
C TYR D 549 25.96 -36.63 -31.58
N GLN D 550 25.71 -35.92 -30.48
CA GLN D 550 24.54 -35.06 -30.36
C GLN D 550 24.96 -33.64 -30.00
N LYS D 551 24.10 -32.67 -30.36
CA LYS D 551 24.31 -31.29 -29.92
C LYS D 551 24.12 -31.14 -28.43
N SER D 552 23.22 -31.94 -27.85
CA SER D 552 22.93 -31.83 -26.41
C SER D 552 24.17 -32.08 -25.57
N THR D 553 24.99 -33.07 -25.96
CA THR D 553 26.25 -33.31 -25.26
C THR D 553 27.37 -32.41 -25.77
N GLY D 554 27.15 -31.67 -26.85
CA GLY D 554 28.19 -30.89 -27.47
C GLY D 554 29.14 -31.67 -28.33
N LYS D 555 29.06 -33.01 -28.31
CA LYS D 555 30.00 -33.83 -29.06
C LYS D 555 29.81 -33.66 -30.56
N LEU D 556 28.56 -33.47 -31.02
CA LEU D 556 28.33 -33.28 -32.44
C LEU D 556 29.00 -32.00 -32.93
N TYR D 557 29.06 -30.97 -32.09
CA TYR D 557 29.75 -29.74 -32.47
C TYR D 557 31.25 -30.00 -32.62
N GLN D 558 31.84 -30.76 -31.70
CA GLN D 558 33.25 -31.13 -31.81
C GLN D 558 33.50 -31.94 -33.07
N HIS D 559 32.59 -32.87 -33.38
CA HIS D 559 32.72 -33.66 -34.59
C HIS D 559 32.69 -32.78 -35.83
N ILE D 560 31.81 -31.77 -35.82
CA ILE D 560 31.75 -30.83 -36.94
C ILE D 560 33.05 -30.06 -37.03
N PHE D 561 33.59 -29.63 -35.89
CA PHE D 561 34.84 -28.86 -35.90
C PHE D 561 35.98 -29.66 -36.49
N PHE D 562 36.10 -30.93 -36.11
CA PHE D 562 37.22 -31.74 -36.57
C PHE D 562 36.99 -32.35 -37.94
N ASP D 563 35.75 -32.36 -38.43
CA ASP D 563 35.48 -32.93 -39.74
C ASP D 563 35.73 -31.91 -40.83
N LEU D 564 35.28 -30.67 -40.64
CA LEU D 564 35.56 -29.61 -41.58
C LEU D 564 37.02 -29.16 -41.48
N ASP D 565 37.52 -28.60 -42.60
CA ASP D 565 38.81 -27.92 -42.62
C ASP D 565 38.63 -26.52 -42.01
N TYR D 566 38.49 -26.51 -40.68
CA TYR D 566 38.08 -25.28 -40.01
C TYR D 566 39.00 -24.11 -40.33
N GLN D 567 38.46 -23.11 -41.03
CA GLN D 567 39.20 -21.92 -41.44
C GLN D 567 38.39 -20.66 -41.20
N TYR D 568 37.44 -20.69 -40.28
CA TYR D 568 36.41 -19.68 -40.18
C TYR D 568 36.72 -18.65 -39.09
N SER D 569 36.37 -17.40 -39.37
CA SER D 569 36.50 -16.32 -38.42
C SER D 569 35.36 -16.29 -37.41
N ARG D 570 34.28 -17.01 -37.71
CA ARG D 570 33.10 -17.04 -36.85
C ARG D 570 32.26 -18.26 -37.18
N TRP D 571 31.62 -18.79 -36.15
CA TRP D 571 30.73 -19.93 -36.25
C TRP D 571 29.40 -19.50 -35.65
N THR D 572 28.34 -19.53 -36.45
CA THR D 572 27.01 -19.17 -35.96
C THR D 572 26.07 -20.35 -36.15
N HIS D 573 25.29 -20.64 -35.12
CA HIS D 573 24.36 -21.76 -35.10
C HIS D 573 22.97 -21.25 -34.80
N TYR D 574 22.01 -21.59 -35.67
CA TYR D 574 20.63 -21.14 -35.54
C TYR D 574 19.77 -22.30 -35.05
N GLY D 575 18.99 -22.06 -34.00
CA GLY D 575 18.22 -23.16 -33.45
C GLY D 575 17.10 -22.71 -32.55
N ASP D 576 16.40 -23.70 -31.99
CA ASP D 576 15.27 -23.49 -31.09
C ASP D 576 15.50 -23.99 -29.68
N ASN D 577 16.56 -24.76 -29.44
CA ASN D 577 16.80 -25.39 -28.15
C ASN D 577 17.69 -24.49 -27.30
N LYS D 578 17.16 -24.04 -26.15
CA LYS D 578 17.95 -23.16 -25.30
C LYS D 578 19.21 -23.85 -24.78
N HIS D 579 19.24 -25.17 -24.83
CA HIS D 579 20.40 -25.94 -24.38
C HIS D 579 21.15 -26.51 -25.58
N ALA D 580 20.52 -27.42 -26.34
CA ALA D 580 21.22 -28.07 -27.44
C ALA D 580 21.73 -27.04 -28.45
N ASP D 581 20.94 -26.01 -28.73
CA ASP D 581 21.28 -25.01 -29.73
C ASP D 581 21.72 -23.69 -29.10
N GLY D 582 21.95 -23.66 -27.79
CA GLY D 582 22.33 -22.44 -27.12
C GLY D 582 23.45 -22.63 -26.12
N SER D 583 23.10 -23.09 -24.92
CA SER D 583 24.10 -23.31 -23.87
C SER D 583 25.31 -24.06 -24.39
N VAL D 584 25.08 -25.25 -24.95
CA VAL D 584 26.16 -26.17 -25.30
C VAL D 584 27.05 -25.55 -26.37
N PRO D 585 26.51 -25.14 -27.52
CA PRO D 585 27.36 -24.51 -28.53
C PRO D 585 28.10 -23.28 -28.01
N ARG D 586 27.45 -22.48 -27.17
CA ARG D 586 28.12 -21.32 -26.58
C ARG D 586 29.30 -21.74 -25.72
N ARG D 587 29.19 -22.88 -25.03
CA ARG D 587 30.35 -23.37 -24.29
C ARG D 587 31.53 -23.65 -25.22
N LEU D 588 31.26 -23.95 -26.49
CA LEU D 588 32.31 -24.18 -27.48
C LEU D 588 32.69 -22.90 -28.24
N GLY D 589 32.33 -21.73 -27.71
CA GLY D 589 32.71 -20.49 -28.37
C GLY D 589 31.94 -20.17 -29.63
N ILE D 590 30.77 -20.76 -29.82
CA ILE D 590 29.98 -20.59 -31.04
C ILE D 590 28.92 -19.53 -30.78
N GLN D 591 28.82 -18.56 -31.70
CA GLN D 591 27.71 -17.62 -31.70
C GLN D 591 26.41 -18.37 -31.98
N THR D 592 25.39 -18.09 -31.17
CA THR D 592 24.09 -18.73 -31.33
C THR D 592 22.99 -17.71 -31.60
N ALA D 593 22.02 -18.13 -32.42
CA ALA D 593 20.77 -17.41 -32.62
C ALA D 593 19.66 -18.39 -32.29
N VAL D 594 19.14 -18.28 -31.06
CA VAL D 594 18.13 -19.19 -30.55
C VAL D 594 16.79 -18.45 -30.58
N HIS D 595 15.87 -18.94 -31.40
CA HIS D 595 14.53 -18.41 -31.49
C HIS D 595 13.60 -19.24 -30.62
N ASP D 596 12.34 -18.83 -30.56
CA ASP D 596 11.36 -19.57 -29.79
C ASP D 596 10.66 -20.61 -30.66
N ILE D 597 10.43 -21.78 -30.08
CA ILE D 597 9.68 -22.82 -30.76
C ILE D 597 8.21 -22.42 -30.82
N ASP D 598 7.51 -22.91 -31.83
CA ASP D 598 6.07 -22.72 -31.89
C ASP D 598 5.41 -23.42 -30.71
N ASP D 599 4.32 -22.85 -30.24
CA ASP D 599 3.67 -23.38 -29.04
C ASP D 599 2.28 -22.82 -28.91
N PHE D 600 1.41 -23.59 -28.26
CA PHE D 600 0.03 -23.21 -28.04
C PHE D 600 -0.07 -22.18 -26.92
N ILE D 601 -1.26 -21.64 -26.74
CA ILE D 601 -1.56 -20.73 -25.64
C ILE D 601 -2.66 -21.39 -24.81
N PRO D 602 -3.09 -20.77 -23.70
CA PRO D 602 -3.95 -21.51 -22.75
C PRO D 602 -5.14 -22.19 -23.42
N PHE D 603 -5.90 -21.49 -24.25
CA PHE D 603 -7.12 -22.07 -24.82
C PHE D 603 -6.80 -23.25 -25.72
N GLU D 604 -5.82 -23.08 -26.62
CA GLU D 604 -5.44 -24.17 -27.50
C GLU D 604 -4.94 -25.38 -26.73
N ASN D 605 -4.04 -25.16 -25.76
CA ASN D 605 -3.52 -26.27 -24.97
C ASN D 605 -4.65 -27.00 -24.26
N ALA D 606 -5.53 -26.26 -23.57
CA ALA D 606 -6.62 -26.91 -22.87
C ALA D 606 -7.50 -27.69 -23.83
N MET D 607 -7.76 -27.13 -25.02
CA MET D 607 -8.53 -27.87 -26.02
C MET D 607 -7.88 -29.20 -26.37
N VAL D 608 -6.57 -29.18 -26.64
CA VAL D 608 -5.89 -30.42 -27.03
C VAL D 608 -5.85 -31.41 -25.88
N ASN D 609 -5.56 -30.92 -24.67
CA ASN D 609 -5.41 -31.78 -23.51
C ASN D 609 -6.74 -32.39 -23.07
N ALA D 610 -7.86 -31.82 -23.51
CA ALA D 610 -9.18 -32.25 -23.10
C ALA D 610 -9.71 -33.44 -23.90
N MET D 611 -9.02 -33.85 -24.95
CA MET D 611 -9.53 -34.87 -25.84
C MET D 611 -9.02 -36.25 -25.43
N ASP D 612 -9.81 -37.27 -25.75
CA ASP D 612 -9.40 -38.66 -25.63
C ASP D 612 -8.81 -39.11 -26.97
N ASN D 613 -8.61 -40.42 -27.13
CA ASN D 613 -7.92 -40.91 -28.31
C ASN D 613 -8.69 -40.58 -29.59
N TYR D 614 -10.03 -40.64 -29.53
CA TYR D 614 -10.82 -40.43 -30.73
C TYR D 614 -10.70 -39.00 -31.24
N ASN D 615 -10.44 -38.04 -30.36
CA ASN D 615 -10.54 -36.63 -30.69
C ASN D 615 -9.25 -35.84 -30.49
N ARG D 616 -8.13 -36.49 -30.20
CA ARG D 616 -6.94 -35.71 -29.90
C ARG D 616 -6.27 -35.16 -31.15
N TYR D 617 -6.20 -35.96 -32.23
CA TYR D 617 -5.52 -35.47 -33.43
C TYR D 617 -6.26 -34.32 -34.08
N PRO D 618 -7.58 -34.39 -34.30
CA PRO D 618 -8.28 -33.20 -34.84
C PRO D 618 -8.18 -32.01 -33.91
N ALA D 619 -8.09 -32.24 -32.60
CA ALA D 619 -7.87 -31.13 -31.68
C ALA D 619 -6.49 -30.52 -31.88
N TYR D 620 -5.48 -31.34 -32.14
CA TYR D 620 -4.18 -30.82 -32.53
C TYR D 620 -4.28 -29.97 -33.78
N GLN D 621 -4.98 -30.49 -34.79
CA GLN D 621 -5.18 -29.74 -36.03
C GLN D 621 -5.80 -28.38 -35.77
N LEU D 622 -6.87 -28.35 -34.98
CA LEU D 622 -7.59 -27.09 -34.75
C LEU D 622 -6.74 -26.13 -33.95
N ALA D 623 -6.07 -26.61 -32.91
CA ALA D 623 -5.19 -25.75 -32.13
C ALA D 623 -4.07 -25.19 -33.00
N THR D 624 -3.51 -26.01 -33.90
CA THR D 624 -2.47 -25.52 -34.79
C THR D 624 -3.02 -24.49 -35.76
N LYS D 625 -4.26 -24.67 -36.23
CA LYS D 625 -4.86 -23.64 -37.07
C LYS D 625 -5.04 -22.33 -36.32
N MET D 626 -5.48 -22.40 -35.07
CA MET D 626 -5.61 -21.20 -34.24
C MET D 626 -4.25 -20.51 -34.05
N HIS D 627 -3.22 -21.31 -33.78
CA HIS D 627 -1.88 -20.77 -33.62
C HIS D 627 -1.40 -20.09 -34.89
N ARG D 628 -1.58 -20.75 -36.04
CA ARG D 628 -1.19 -20.15 -37.31
C ARG D 628 -1.95 -18.86 -37.54
N TYR D 629 -3.23 -18.81 -37.16
CA TYR D 629 -4.03 -17.62 -37.39
C TYR D 629 -3.53 -16.44 -36.56
N ARG D 630 -3.34 -16.66 -35.26
CA ARG D 630 -2.87 -15.57 -34.42
C ARG D 630 -1.45 -15.16 -34.77
N THR D 631 -0.62 -16.13 -35.18
CA THR D 631 0.71 -15.82 -35.69
C THR D 631 0.63 -14.90 -36.91
N GLN D 632 -0.19 -15.28 -37.89
CA GLN D 632 -0.34 -14.42 -39.07
C GLN D 632 -0.82 -13.04 -38.68
N LEU D 633 -1.80 -12.95 -37.79
CA LEU D 633 -2.34 -11.65 -37.41
C LEU D 633 -1.29 -10.76 -36.74
N VAL D 634 -0.53 -11.33 -35.80
CA VAL D 634 0.38 -10.50 -35.00
C VAL D 634 1.69 -10.24 -35.72
N GLN D 635 2.32 -11.28 -36.27
CA GLN D 635 3.70 -11.18 -36.73
C GLN D 635 3.84 -11.29 -38.24
N GLU D 636 2.72 -11.36 -38.97
CA GLU D 636 2.72 -11.16 -40.41
C GLU D 636 1.95 -9.88 -40.72
N ASN D 637 0.69 -9.80 -40.29
CA ASN D 637 -0.12 -8.61 -40.51
C ASN D 637 0.29 -7.59 -39.45
N GLY D 638 0.33 -6.33 -39.84
CA GLY D 638 0.65 -5.29 -38.89
C GLY D 638 -0.52 -4.87 -38.03
N PHE D 639 -1.40 -5.79 -37.65
CA PHE D 639 -2.52 -5.36 -36.84
C PHE D 639 -2.11 -5.03 -35.41
N GLY D 640 -2.92 -4.18 -34.78
CA GLY D 640 -2.77 -3.81 -33.38
C GLY D 640 -3.24 -4.88 -32.41
N ASN D 641 -3.04 -4.58 -31.12
CA ASN D 641 -3.40 -5.54 -30.09
C ASN D 641 -4.90 -5.79 -30.10
N THR D 642 -5.69 -4.72 -30.13
CA THR D 642 -7.15 -4.84 -30.04
C THR D 642 -7.73 -5.53 -31.27
N LEU D 643 -7.27 -5.14 -32.47
CA LEU D 643 -7.79 -5.77 -33.68
C LEU D 643 -7.46 -7.26 -33.71
N PHE D 644 -6.21 -7.59 -33.42
CA PHE D 644 -5.82 -9.00 -33.36
C PHE D 644 -6.67 -9.75 -32.36
N GLU D 645 -6.83 -9.20 -31.15
CA GLU D 645 -7.58 -9.89 -30.11
C GLU D 645 -9.02 -10.10 -30.55
N THR D 646 -9.64 -9.07 -31.12
CA THR D 646 -11.02 -9.18 -31.60
C THR D 646 -11.13 -10.28 -32.64
N LYS D 647 -10.23 -10.26 -33.65
CA LYS D 647 -10.32 -11.25 -34.72
C LYS D 647 -10.12 -12.66 -34.18
N TYR D 648 -9.12 -12.83 -33.31
CA TYR D 648 -8.83 -14.16 -32.76
C TYR D 648 -9.99 -14.67 -31.92
N TYR D 649 -10.60 -13.79 -31.11
CA TYR D 649 -11.77 -14.19 -30.34
C TYR D 649 -12.91 -14.61 -31.26
N ASN D 650 -13.32 -13.72 -32.17
CA ASN D 650 -14.41 -14.01 -33.07
C ASN D 650 -14.19 -15.34 -33.77
N TYR D 651 -12.96 -15.61 -34.20
CA TYR D 651 -12.63 -16.90 -34.81
C TYR D 651 -12.73 -18.00 -33.76
N ALA D 652 -11.69 -18.16 -32.94
CA ALA D 652 -11.57 -19.34 -32.08
C ALA D 652 -12.79 -19.48 -31.16
N TYR D 653 -13.02 -18.49 -30.29
CA TYR D 653 -13.97 -18.66 -29.21
C TYR D 653 -15.40 -18.73 -29.74
N VAL D 654 -15.78 -17.77 -30.58
CA VAL D 654 -17.16 -17.75 -31.05
C VAL D 654 -17.42 -18.93 -31.98
N GLY D 655 -16.43 -19.35 -32.78
CA GLY D 655 -16.61 -20.55 -33.57
C GLY D 655 -16.81 -21.79 -32.72
N ALA D 656 -15.92 -22.01 -31.75
CA ALA D 656 -16.08 -23.15 -30.87
C ALA D 656 -17.40 -23.09 -30.10
N SER D 657 -17.97 -21.90 -29.94
CA SER D 657 -19.24 -21.80 -29.23
C SER D 657 -20.45 -22.02 -30.14
N PHE D 658 -20.36 -21.66 -31.42
CA PHE D 658 -21.52 -21.73 -32.31
C PHE D 658 -21.44 -22.83 -33.36
N VAL D 659 -20.32 -23.00 -34.04
CA VAL D 659 -20.25 -23.83 -35.26
C VAL D 659 -20.48 -25.30 -34.97
N PRO D 660 -19.85 -25.88 -33.94
CA PRO D 660 -20.15 -27.29 -33.63
C PRO D 660 -21.62 -27.50 -33.32
N TYR D 661 -22.23 -26.54 -32.59
CA TYR D 661 -23.65 -26.65 -32.26
C TYR D 661 -24.50 -26.66 -33.53
N ILE D 662 -24.22 -25.77 -34.47
CA ILE D 662 -25.03 -25.69 -35.67
C ILE D 662 -24.83 -26.93 -36.52
N ASN D 663 -23.59 -27.44 -36.59
CA ASN D 663 -23.33 -28.68 -37.29
C ASN D 663 -24.16 -29.82 -36.71
N TRP D 664 -24.12 -29.98 -35.38
CA TRP D 664 -24.93 -30.99 -34.73
C TRP D 664 -26.41 -30.80 -35.07
N ALA D 665 -26.89 -29.56 -34.96
CA ALA D 665 -28.32 -29.30 -35.15
C ALA D 665 -28.75 -29.63 -36.58
N ILE D 666 -27.91 -29.30 -37.55
CA ILE D 666 -28.25 -29.57 -38.95
C ILE D 666 -28.28 -31.07 -39.18
N LYS D 667 -27.25 -31.78 -38.70
CA LYS D 667 -27.22 -33.23 -38.87
C LYS D 667 -28.42 -33.88 -38.18
N ASP D 668 -28.78 -33.40 -36.98
CA ASP D 668 -29.90 -33.98 -36.26
C ASP D 668 -31.21 -33.70 -36.98
N ALA D 669 -31.38 -32.49 -37.51
CA ALA D 669 -32.59 -32.18 -38.25
C ALA D 669 -32.73 -33.11 -39.45
N ILE D 670 -31.65 -33.27 -40.22
CA ILE D 670 -31.67 -34.21 -41.33
C ILE D 670 -32.04 -35.61 -40.84
N LYS D 671 -31.40 -36.05 -39.76
CA LYS D 671 -31.65 -37.39 -39.22
C LYS D 671 -33.11 -37.58 -38.82
N ARG D 672 -33.78 -36.51 -38.41
CA ARG D 672 -35.18 -36.57 -38.00
C ARG D 672 -36.17 -36.30 -39.13
N GLY D 673 -35.69 -35.86 -40.29
CA GLY D 673 -36.53 -35.72 -41.46
C GLY D 673 -37.01 -34.31 -41.73
N TYR D 674 -36.55 -33.33 -40.97
CA TYR D 674 -36.96 -31.95 -41.21
C TYR D 674 -36.37 -31.48 -42.54
N GLU D 675 -37.20 -30.81 -43.34
CA GLU D 675 -36.77 -30.31 -44.63
C GLU D 675 -36.35 -28.84 -44.58
N THR D 676 -37.00 -28.05 -43.74
CA THR D 676 -36.73 -26.63 -43.62
C THR D 676 -36.34 -26.27 -42.20
N ILE D 677 -35.33 -25.42 -42.06
CA ILE D 677 -34.84 -24.98 -40.76
C ILE D 677 -35.02 -23.46 -40.75
N TYR D 678 -35.85 -22.98 -39.82
CA TYR D 678 -36.13 -21.56 -39.67
C TYR D 678 -35.38 -20.92 -38.51
N PHE D 679 -34.80 -19.75 -38.77
CA PHE D 679 -33.87 -19.07 -37.89
C PHE D 679 -34.68 -17.88 -37.34
N ILE D 680 -35.12 -18.02 -36.09
CA ILE D 680 -35.70 -16.91 -35.33
C ILE D 680 -34.76 -15.71 -35.24
N SER D 681 -35.37 -14.53 -35.26
CA SER D 681 -34.71 -13.26 -35.57
C SER D 681 -33.70 -12.89 -34.49
N ARG D 682 -32.69 -12.12 -34.89
CA ARG D 682 -31.64 -11.64 -33.98
C ARG D 682 -30.62 -12.73 -33.66
N ASP D 683 -31.00 -13.73 -32.87
CA ASP D 683 -30.05 -14.80 -32.56
C ASP D 683 -29.70 -15.61 -33.80
N GLY D 684 -30.68 -15.85 -34.67
CA GLY D 684 -30.53 -16.67 -35.86
C GLY D 684 -29.72 -16.06 -36.99
N HIS D 685 -29.31 -14.80 -36.87
CA HIS D 685 -28.53 -14.19 -37.95
C HIS D 685 -27.15 -14.83 -38.08
N PHE D 686 -26.43 -14.98 -36.96
CA PHE D 686 -25.15 -15.66 -36.99
C PHE D 686 -25.34 -17.16 -37.11
N LEU D 687 -26.33 -17.72 -36.42
CA LEU D 687 -26.49 -19.16 -36.47
C LEU D 687 -26.80 -19.57 -37.90
N LYS D 688 -27.59 -18.76 -38.61
CA LYS D 688 -27.94 -19.08 -39.98
C LYS D 688 -26.77 -18.86 -40.92
N GLN D 689 -25.93 -17.85 -40.68
CA GLN D 689 -24.70 -17.75 -41.47
C GLN D 689 -23.87 -19.04 -41.34
N ILE D 690 -23.65 -19.49 -40.11
CA ILE D 690 -22.88 -20.72 -39.88
C ILE D 690 -23.56 -21.90 -40.58
N ALA D 691 -24.87 -22.02 -40.41
CA ALA D 691 -25.58 -23.17 -40.98
C ALA D 691 -25.49 -23.18 -42.50
N ASP D 692 -25.62 -22.00 -43.12
CA ASP D 692 -25.50 -21.91 -44.58
C ASP D 692 -24.12 -22.33 -45.04
N LYS D 693 -23.08 -21.88 -44.33
CA LYS D 693 -21.72 -22.30 -44.72
C LYS D 693 -21.57 -23.81 -44.60
N ILE D 694 -22.08 -24.38 -43.49
CA ILE D 694 -21.99 -25.83 -43.30
C ILE D 694 -22.71 -26.55 -44.43
N ILE D 695 -23.93 -26.13 -44.73
CA ILE D 695 -24.73 -26.80 -45.75
C ILE D 695 -24.01 -26.73 -47.10
N GLU D 696 -23.44 -25.57 -47.42
CA GLU D 696 -22.69 -25.43 -48.66
C GLU D 696 -21.52 -26.40 -48.71
N ILE D 697 -20.70 -26.40 -47.66
CA ILE D 697 -19.48 -27.20 -47.69
C ILE D 697 -19.80 -28.69 -47.75
N ARG D 698 -20.77 -29.13 -46.95
CA ARG D 698 -21.11 -30.55 -46.84
C ARG D 698 -22.12 -31.03 -47.88
N GLY D 699 -22.70 -30.13 -48.68
CA GLY D 699 -23.72 -30.57 -49.61
C GLY D 699 -24.95 -31.15 -48.95
N TYR D 700 -25.22 -30.76 -47.71
CA TYR D 700 -26.39 -31.25 -46.99
C TYR D 700 -27.67 -30.86 -47.71
N ASN D 701 -28.64 -31.76 -47.70
CA ASN D 701 -29.93 -31.58 -48.38
C ASN D 701 -30.95 -31.08 -47.36
N VAL D 702 -30.99 -29.76 -47.18
CA VAL D 702 -31.94 -29.14 -46.27
C VAL D 702 -32.00 -27.65 -46.62
N LYS D 703 -33.20 -27.08 -46.51
CA LYS D 703 -33.41 -25.68 -46.82
C LYS D 703 -33.35 -24.84 -45.55
N THR D 704 -32.93 -23.59 -45.71
CA THR D 704 -32.87 -22.65 -44.61
C THR D 704 -33.70 -21.41 -44.89
N LYS D 705 -34.33 -20.88 -43.85
CA LYS D 705 -35.12 -19.66 -43.95
C LYS D 705 -34.92 -18.83 -42.70
N TYR D 706 -35.10 -17.51 -42.85
CA TYR D 706 -34.94 -16.56 -41.75
C TYR D 706 -36.27 -15.89 -41.47
N ILE D 707 -36.69 -15.88 -40.21
CA ILE D 707 -37.94 -15.25 -39.82
C ILE D 707 -37.63 -14.19 -38.77
N TYR D 708 -38.36 -13.08 -38.83
CA TYR D 708 -38.19 -11.96 -37.92
C TYR D 708 -39.25 -12.01 -36.84
N GLY D 709 -38.88 -11.63 -35.63
CA GLY D 709 -39.78 -11.67 -34.50
C GLY D 709 -39.04 -11.55 -33.20
N SER D 710 -39.82 -11.31 -32.13
CA SER D 710 -39.26 -11.15 -30.80
C SER D 710 -40.31 -11.54 -29.77
N ARG D 711 -39.87 -11.64 -28.52
CA ARG D 711 -40.80 -11.87 -27.42
C ARG D 711 -41.88 -10.79 -27.39
N LYS D 712 -41.50 -9.55 -27.65
CA LYS D 712 -42.47 -8.46 -27.68
C LYS D 712 -43.54 -8.73 -28.73
N ALA D 713 -43.12 -9.00 -29.96
CA ALA D 713 -44.04 -9.13 -31.08
C ALA D 713 -44.86 -10.41 -31.02
N TRP D 714 -44.49 -11.37 -30.17
CA TRP D 714 -45.12 -12.68 -30.18
C TRP D 714 -45.90 -13.01 -28.91
N ARG D 715 -45.52 -12.47 -27.75
CA ARG D 715 -46.21 -12.85 -26.52
C ARG D 715 -47.64 -12.30 -26.51
N LEU D 716 -47.80 -11.00 -26.73
CA LEU D 716 -49.15 -10.43 -26.72
C LEU D 716 -50.04 -11.09 -27.76
N PRO D 717 -49.64 -11.13 -29.04
CA PRO D 717 -50.48 -11.82 -30.04
C PRO D 717 -50.74 -13.28 -29.71
N SER D 718 -49.88 -13.92 -28.92
CA SER D 718 -50.07 -15.33 -28.60
C SER D 718 -51.24 -15.61 -27.67
N PHE D 719 -51.88 -14.59 -27.11
CA PHE D 719 -53.06 -14.81 -26.26
C PHE D 719 -54.26 -15.03 -27.19
N ILE D 720 -54.42 -16.28 -27.63
CA ILE D 720 -55.48 -16.59 -28.58
C ILE D 720 -56.82 -16.68 -27.87
N THR D 721 -56.92 -17.55 -26.86
CA THR D 721 -58.17 -17.73 -26.15
C THR D 721 -58.03 -17.58 -24.64
N LYS D 722 -56.82 -17.27 -24.16
CA LYS D 722 -56.59 -17.05 -22.74
C LYS D 722 -55.26 -16.32 -22.58
N VAL D 723 -55.12 -15.59 -21.49
CA VAL D 723 -53.85 -15.01 -21.12
C VAL D 723 -53.16 -16.01 -20.20
N ASP D 724 -52.02 -16.55 -20.65
CA ASP D 724 -51.36 -17.62 -19.92
C ASP D 724 -51.12 -17.22 -18.47
N ASP D 725 -51.23 -18.19 -17.57
CA ASP D 725 -50.92 -17.92 -16.18
C ASP D 725 -49.46 -17.52 -16.01
N GLU D 726 -48.56 -18.01 -16.87
CA GLU D 726 -47.18 -17.54 -16.83
C GLU D 726 -47.10 -16.03 -16.89
N THR D 727 -48.07 -15.39 -17.55
CA THR D 727 -48.07 -13.93 -17.67
C THR D 727 -48.07 -13.26 -16.29
N PHE D 728 -48.66 -13.91 -15.30
CA PHE D 728 -48.85 -13.38 -13.95
C PHE D 728 -48.01 -14.14 -12.94
N TRP D 729 -46.79 -14.52 -13.31
CA TRP D 729 -45.88 -15.21 -12.41
C TRP D 729 -44.49 -14.61 -12.55
N GLN D 730 -43.50 -15.29 -11.97
CA GLN D 730 -42.21 -14.65 -11.72
C GLN D 730 -41.48 -14.34 -13.01
N PHE D 731 -41.60 -15.21 -14.02
CA PHE D 731 -41.06 -14.94 -15.34
C PHE D 731 -42.12 -14.49 -16.33
N GLY D 732 -43.22 -13.91 -15.85
CA GLY D 732 -44.26 -13.44 -16.75
C GLY D 732 -44.13 -11.99 -17.16
N ASN D 733 -45.28 -11.32 -17.32
CA ASN D 733 -45.28 -9.98 -17.87
C ASN D 733 -45.11 -8.91 -16.79
N PHE D 734 -45.76 -9.07 -15.64
CA PHE D 734 -45.75 -8.05 -14.60
C PHE D 734 -44.60 -8.31 -13.63
N VAL D 735 -43.40 -8.00 -14.10
CA VAL D 735 -42.17 -8.30 -13.37
C VAL D 735 -41.18 -7.17 -13.57
N GLY D 736 -40.36 -6.92 -12.55
CA GLY D 736 -39.32 -5.93 -12.69
C GLY D 736 -39.74 -4.52 -13.04
N MET D 737 -41.02 -4.18 -12.89
CA MET D 737 -41.48 -2.85 -13.28
C MET D 737 -41.14 -1.84 -12.20
N ASP D 738 -40.51 -0.74 -12.61
CA ASP D 738 -39.90 0.25 -11.72
C ASP D 738 -40.53 1.62 -11.86
N SER D 739 -41.74 1.71 -12.41
CA SER D 739 -42.39 3.00 -12.60
C SER D 739 -43.80 2.74 -13.11
N PHE D 740 -44.62 3.80 -13.07
CA PHE D 740 -46.01 3.70 -13.51
C PHE D 740 -46.11 3.34 -14.98
N GLU D 741 -45.32 3.99 -15.83
CA GLU D 741 -45.35 3.67 -17.25
C GLU D 741 -44.91 2.24 -17.52
N ASP D 742 -44.05 1.68 -16.66
CA ASP D 742 -43.72 0.26 -16.76
C ASP D 742 -44.95 -0.63 -16.54
N LEU D 743 -45.76 -0.31 -15.53
CA LEU D 743 -47.01 -1.02 -15.33
C LEU D 743 -47.94 -0.92 -16.55
N VAL D 744 -48.04 0.26 -17.14
CA VAL D 744 -48.86 0.45 -18.33
C VAL D 744 -48.44 -0.51 -19.45
N PRO D 759 -57.61 0.34 -10.24
CA PRO D 759 -57.46 1.72 -9.74
C PRO D 759 -56.59 1.80 -8.48
N GLU D 760 -56.60 0.72 -7.70
CA GLU D 760 -55.82 0.70 -6.46
C GLU D 760 -54.36 1.03 -6.71
N PHE D 761 -53.82 0.61 -7.85
CA PHE D 761 -52.42 0.82 -8.17
C PHE D 761 -52.04 2.30 -8.21
N GLU D 762 -53.03 3.21 -8.23
CA GLU D 762 -52.71 4.63 -8.14
C GLU D 762 -51.95 4.94 -6.85
N SER D 763 -52.21 4.17 -5.79
CA SER D 763 -51.53 4.32 -4.51
C SER D 763 -50.08 3.84 -4.55
N LEU D 764 -49.62 3.30 -5.68
CA LEU D 764 -48.25 2.86 -5.83
C LEU D 764 -47.41 3.81 -6.68
N ARG D 765 -47.91 5.03 -6.91
CA ARG D 765 -47.26 5.99 -7.80
C ARG D 765 -45.85 6.36 -7.34
N HIS D 766 -45.14 5.42 -6.72
CA HIS D 766 -43.78 5.65 -6.24
C HIS D 766 -43.27 4.43 -5.49
N GLU D 776 -46.30 -9.50 -5.70
CA GLU D 776 -47.14 -10.69 -5.56
C GLU D 776 -48.60 -10.30 -5.35
N ASN D 777 -48.82 -9.27 -4.54
CA ASN D 777 -50.18 -8.79 -4.31
C ASN D 777 -50.80 -8.23 -5.59
N ILE D 778 -50.02 -7.47 -6.36
CA ILE D 778 -50.50 -6.91 -7.61
C ILE D 778 -50.89 -8.01 -8.60
N ARG D 779 -50.11 -9.09 -8.64
CA ARG D 779 -50.44 -10.22 -9.50
C ARG D 779 -51.79 -10.83 -9.13
N LYS D 780 -52.05 -11.03 -7.83
CA LYS D 780 -53.34 -11.58 -7.42
C LYS D 780 -54.50 -10.65 -7.80
N ILE D 781 -54.27 -9.34 -7.80
CA ILE D 781 -55.32 -8.40 -8.18
C ILE D 781 -55.61 -8.51 -9.66
N PHE D 782 -54.57 -8.44 -10.50
CA PHE D 782 -54.74 -8.56 -11.94
C PHE D 782 -55.40 -9.87 -12.31
N LYS D 783 -55.01 -10.96 -11.65
CA LYS D 783 -55.49 -12.29 -12.05
C LYS D 783 -56.99 -12.42 -11.86
N ASN D 784 -57.53 -11.88 -10.77
CA ASN D 784 -58.94 -12.04 -10.42
C ASN D 784 -59.86 -10.98 -11.05
N SER D 785 -59.48 -10.39 -12.18
CA SER D 785 -60.33 -9.43 -12.87
C SER D 785 -60.69 -9.95 -14.26
N PRO D 786 -61.89 -10.49 -14.46
CA PRO D 786 -62.27 -10.93 -15.81
C PRO D 786 -62.28 -9.82 -16.86
N ALA D 787 -62.63 -8.59 -16.48
CA ALA D 787 -62.61 -7.49 -17.44
C ALA D 787 -61.21 -7.29 -18.02
N TYR D 788 -60.18 -7.40 -17.18
CA TYR D 788 -58.81 -7.24 -17.66
C TYR D 788 -58.45 -8.37 -18.62
N HIS D 789 -58.82 -9.60 -18.27
CA HIS D 789 -58.59 -10.73 -19.16
C HIS D 789 -59.25 -10.50 -20.50
N GLU D 790 -60.47 -9.96 -20.51
CA GLU D 790 -61.20 -9.74 -21.75
C GLU D 790 -60.53 -8.66 -22.60
N LYS D 791 -60.17 -7.53 -21.97
CA LYS D 791 -59.48 -6.48 -22.72
C LYS D 791 -58.17 -6.98 -23.30
N VAL D 792 -57.42 -7.77 -22.53
CA VAL D 792 -56.15 -8.28 -23.02
C VAL D 792 -56.38 -9.27 -24.16
N LEU D 793 -57.38 -10.13 -24.04
CA LEU D 793 -57.70 -11.08 -25.10
C LEU D 793 -58.11 -10.34 -26.37
N ALA D 794 -58.82 -9.23 -26.24
CA ALA D 794 -59.20 -8.43 -27.41
C ALA D 794 -57.96 -7.82 -28.07
N ILE D 795 -57.11 -7.18 -27.29
CA ILE D 795 -55.88 -6.62 -27.86
C ILE D 795 -55.08 -7.70 -28.58
N ALA D 796 -55.01 -8.90 -27.97
CA ALA D 796 -54.25 -9.99 -28.55
C ALA D 796 -54.89 -10.48 -29.84
N ALA D 797 -56.21 -10.58 -29.87
CA ALA D 797 -56.90 -10.96 -31.10
C ALA D 797 -56.65 -9.93 -32.20
N GLU D 798 -56.45 -8.67 -31.82
CA GLU D 798 -56.16 -7.65 -32.82
C GLU D 798 -54.76 -7.83 -33.39
N LYS D 799 -53.76 -7.99 -32.52
CA LYS D 799 -52.39 -8.19 -33.02
C LYS D 799 -52.24 -9.54 -33.74
N ARG D 800 -53.10 -10.51 -33.42
CA ARG D 800 -52.96 -11.83 -34.01
C ARG D 800 -53.27 -11.81 -35.50
N LYS D 801 -54.10 -10.88 -35.97
CA LYS D 801 -54.31 -10.78 -37.41
C LYS D 801 -52.97 -10.62 -38.12
N MET D 802 -52.19 -9.62 -37.72
CA MET D 802 -50.92 -9.36 -38.36
C MET D 802 -49.93 -10.51 -38.14
N VAL D 803 -49.84 -11.01 -36.91
CA VAL D 803 -48.85 -12.06 -36.67
C VAL D 803 -49.21 -13.34 -37.42
N ARG D 804 -50.50 -13.67 -37.48
CA ARG D 804 -50.97 -14.84 -38.21
C ARG D 804 -50.70 -14.71 -39.69
N GLN D 805 -51.01 -13.55 -40.27
CA GLN D 805 -50.73 -13.35 -41.69
C GLN D 805 -49.24 -13.48 -41.97
N TYR D 806 -48.39 -12.93 -41.09
CA TYR D 806 -46.95 -13.06 -41.29
C TYR D 806 -46.53 -14.53 -41.26
N ILE D 807 -47.01 -15.28 -40.25
CA ILE D 807 -46.68 -16.70 -40.14
C ILE D 807 -47.11 -17.43 -41.40
N GLN D 808 -48.37 -17.27 -41.79
CA GLN D 808 -48.87 -17.94 -42.98
C GLN D 808 -48.07 -17.57 -44.21
N GLN D 809 -47.55 -16.32 -44.25
CA GLN D 809 -46.79 -15.84 -45.39
C GLN D 809 -45.37 -16.36 -45.43
N GLU D 810 -44.81 -16.76 -44.29
CA GLU D 810 -43.39 -17.07 -44.19
C GLU D 810 -43.10 -18.55 -43.94
N ILE D 811 -44.08 -19.35 -43.53
CA ILE D 811 -43.87 -20.74 -43.15
C ILE D 811 -44.79 -21.61 -43.99
N ASN D 812 -44.22 -22.59 -44.67
CA ASN D 812 -44.99 -23.57 -45.42
C ASN D 812 -45.44 -24.69 -44.50
N PRO D 813 -46.72 -24.73 -44.13
CA PRO D 813 -47.19 -25.76 -43.19
C PRO D 813 -47.18 -27.17 -43.77
N LYS D 814 -47.02 -27.34 -45.09
CA LYS D 814 -47.03 -28.67 -45.66
C LYS D 814 -45.71 -29.41 -45.48
N GLU D 815 -44.61 -28.68 -45.31
CA GLU D 815 -43.31 -29.30 -45.06
C GLU D 815 -43.17 -29.71 -43.60
N LYS D 816 -42.23 -30.63 -43.37
CA LYS D 816 -41.84 -31.03 -42.03
C LYS D 816 -40.68 -30.12 -41.65
N PHE D 817 -40.98 -29.10 -40.83
CA PHE D 817 -40.06 -28.00 -40.58
C PHE D 817 -39.66 -27.98 -39.11
N ALA D 818 -38.57 -27.25 -38.83
CA ALA D 818 -38.11 -27.06 -37.46
C ALA D 818 -37.34 -25.76 -37.37
N PHE D 819 -37.24 -25.24 -36.14
CA PHE D 819 -36.59 -23.97 -35.86
C PHE D 819 -35.32 -24.21 -35.06
N VAL D 820 -34.31 -23.37 -35.30
CA VAL D 820 -33.00 -23.52 -34.66
C VAL D 820 -32.75 -22.23 -33.89
N GLU D 821 -32.87 -22.31 -32.56
CA GLU D 821 -32.47 -21.23 -31.67
C GLU D 821 -31.19 -21.60 -30.90
N PHE D 822 -30.92 -20.86 -29.82
CA PHE D 822 -29.72 -21.05 -29.01
C PHE D 822 -30.03 -21.31 -27.54
N TRP D 823 -30.72 -20.38 -26.86
CA TRP D 823 -31.02 -20.45 -25.44
C TRP D 823 -32.32 -19.76 -25.08
N GLY D 824 -33.03 -20.35 -24.13
CA GLY D 824 -34.25 -19.78 -23.60
C GLY D 824 -34.95 -20.77 -22.69
N ARG D 825 -35.94 -20.25 -21.98
CA ARG D 825 -36.81 -21.09 -21.16
C ARG D 825 -37.51 -22.14 -22.01
N GLY D 826 -38.12 -21.70 -23.10
CA GLY D 826 -39.04 -22.49 -23.91
C GLY D 826 -40.43 -21.88 -24.00
N TYR D 827 -40.67 -20.78 -23.29
CA TYR D 827 -41.98 -20.15 -23.31
C TYR D 827 -42.22 -19.47 -24.65
N THR D 828 -41.21 -18.77 -25.17
CA THR D 828 -41.31 -18.16 -26.49
C THR D 828 -41.67 -19.19 -27.56
N GLN D 829 -41.07 -20.38 -27.49
CA GLN D 829 -41.44 -21.44 -28.41
C GLN D 829 -42.91 -21.80 -28.27
N ASP D 830 -43.44 -21.76 -27.04
CA ASP D 830 -44.84 -22.09 -26.82
C ASP D 830 -45.78 -21.03 -27.40
N THR D 831 -45.46 -19.75 -27.18
CA THR D 831 -46.24 -18.69 -27.79
C THR D 831 -46.21 -18.78 -29.31
N PHE D 832 -45.04 -19.04 -29.89
CA PHE D 832 -44.97 -19.14 -31.33
C PHE D 832 -45.73 -20.37 -31.84
N GLY D 833 -45.76 -21.45 -31.07
CA GLY D 833 -46.57 -22.59 -31.43
C GLY D 833 -48.06 -22.30 -31.42
N ARG D 834 -48.52 -21.56 -30.40
CA ARG D 834 -49.90 -21.09 -30.40
C ARG D 834 -50.20 -20.30 -31.66
N LEU D 835 -49.31 -19.37 -32.03
CA LEU D 835 -49.55 -18.56 -33.22
C LEU D 835 -49.56 -19.41 -34.48
N LEU D 836 -48.70 -20.44 -34.55
CA LEU D 836 -48.70 -21.33 -35.69
C LEU D 836 -50.01 -22.09 -35.80
N ASN D 837 -50.50 -22.62 -34.68
CA ASN D 837 -51.76 -23.35 -34.70
C ASN D 837 -52.92 -22.45 -35.10
N ASP D 838 -52.91 -21.19 -34.65
CA ASP D 838 -53.96 -20.25 -35.07
C ASP D 838 -53.85 -19.93 -36.56
N ALA D 839 -52.63 -19.77 -37.06
CA ALA D 839 -52.43 -19.41 -38.46
C ALA D 839 -52.79 -20.54 -39.40
N PHE D 840 -52.63 -21.80 -38.97
CA PHE D 840 -52.85 -22.94 -39.84
C PHE D 840 -54.12 -23.72 -39.52
N GLY D 841 -54.88 -23.30 -38.51
CA GLY D 841 -56.14 -23.96 -38.22
C GLY D 841 -56.02 -25.41 -37.83
N LYS D 842 -54.86 -25.83 -37.34
CA LYS D 842 -54.68 -27.20 -36.89
C LYS D 842 -53.49 -27.24 -35.95
N GLU D 843 -53.40 -28.33 -35.19
CA GLU D 843 -52.29 -28.52 -34.25
C GLU D 843 -51.04 -28.86 -35.05
N VAL D 844 -50.14 -27.87 -35.17
CA VAL D 844 -48.92 -27.99 -35.97
C VAL D 844 -47.75 -28.25 -35.03
N LYS D 845 -47.06 -29.37 -35.24
CA LYS D 845 -45.92 -29.72 -34.40
C LYS D 845 -44.87 -28.62 -34.50
N ASN D 846 -44.38 -28.16 -33.34
CA ASN D 846 -43.47 -27.02 -33.24
C ASN D 846 -42.17 -27.50 -32.62
N PRO D 847 -41.22 -27.96 -33.44
CA PRO D 847 -39.91 -28.35 -32.90
C PRO D 847 -38.90 -27.21 -32.88
N PHE D 848 -38.19 -27.10 -31.77
CA PHE D 848 -37.17 -26.09 -31.56
C PHE D 848 -35.86 -26.78 -31.19
N TYR D 849 -34.78 -26.35 -31.83
CA TYR D 849 -33.43 -26.77 -31.47
C TYR D 849 -32.82 -25.71 -30.56
N TYR D 850 -32.37 -26.15 -29.38
CA TYR D 850 -31.64 -25.30 -28.45
C TYR D 850 -30.28 -25.93 -28.19
N VAL D 851 -29.33 -25.08 -27.77
CA VAL D 851 -28.16 -25.60 -27.08
C VAL D 851 -28.60 -26.34 -25.82
N ARG D 852 -29.49 -25.73 -25.06
CA ARG D 852 -30.12 -26.35 -23.90
C ARG D 852 -31.40 -25.61 -23.58
N SER D 853 -32.44 -26.35 -23.18
CA SER D 853 -33.64 -25.77 -22.62
C SER D 853 -34.01 -26.51 -21.35
N PHE D 854 -34.67 -25.82 -20.43
CA PHE D 854 -34.99 -26.34 -19.11
C PHE D 854 -36.49 -26.37 -18.87
N THR D 855 -37.25 -26.74 -19.89
CA THR D 855 -38.66 -27.09 -19.75
C THR D 855 -38.94 -28.30 -20.63
N ASP D 856 -39.80 -29.19 -20.13
CA ASP D 856 -40.13 -30.40 -20.88
C ASP D 856 -41.05 -30.07 -22.05
N ASP D 857 -41.25 -31.06 -22.92
CA ASP D 857 -42.15 -30.88 -24.04
C ASP D 857 -43.56 -30.65 -23.53
N MET D 858 -44.29 -29.74 -24.20
CA MET D 858 -45.65 -29.41 -23.79
C MET D 858 -46.50 -29.14 -25.03
N GLY D 859 -47.55 -29.93 -25.21
CA GLY D 859 -48.44 -29.71 -26.34
C GLY D 859 -47.73 -29.90 -27.66
N THR D 860 -47.83 -28.88 -28.52
CA THR D 860 -47.17 -28.95 -29.82
C THR D 860 -45.67 -28.68 -29.72
N SER D 861 -45.21 -28.12 -28.62
CA SER D 861 -43.80 -27.79 -28.47
C SER D 861 -42.97 -29.04 -28.24
N VAL D 862 -41.97 -29.25 -29.11
CA VAL D 862 -40.95 -30.29 -28.95
C VAL D 862 -39.61 -29.58 -28.85
N ARG D 863 -38.76 -30.03 -27.95
CA ARG D 863 -37.47 -29.39 -27.72
C ARG D 863 -36.33 -30.40 -27.87
N HIS D 864 -35.48 -30.17 -28.87
CA HIS D 864 -34.23 -30.92 -29.02
C HIS D 864 -33.13 -30.07 -28.40
N ASN D 865 -32.29 -30.71 -27.59
CA ASN D 865 -31.30 -29.99 -26.80
C ASN D 865 -29.91 -30.55 -27.06
N PHE D 866 -28.96 -29.64 -27.23
CA PHE D 866 -27.60 -30.01 -27.62
C PHE D 866 -26.80 -30.54 -26.43
N ILE D 867 -26.66 -29.74 -25.39
CA ILE D 867 -25.89 -30.15 -24.22
C ILE D 867 -26.86 -30.56 -23.11
N LEU D 868 -26.60 -31.72 -22.52
CA LEU D 868 -27.39 -32.26 -21.42
C LEU D 868 -26.57 -32.14 -20.14
N ALA D 869 -26.41 -30.90 -19.70
CA ALA D 869 -25.67 -30.58 -18.48
C ALA D 869 -26.27 -29.31 -17.90
N PRO D 870 -26.15 -29.10 -16.60
CA PRO D 870 -26.89 -27.97 -16.01
C PRO D 870 -26.19 -26.65 -16.24
N GLN D 871 -25.71 -26.41 -17.46
CA GLN D 871 -25.02 -25.18 -17.80
C GLN D 871 -25.99 -24.12 -18.34
N ASN D 872 -25.67 -22.86 -18.06
CA ASN D 872 -26.48 -21.71 -18.43
C ASN D 872 -25.85 -20.98 -19.61
N PHE D 873 -26.56 -20.89 -20.74
CA PHE D 873 -25.99 -20.30 -21.95
C PHE D 873 -26.52 -18.89 -22.20
N SER D 874 -27.13 -18.28 -21.19
CA SER D 874 -27.35 -16.84 -21.27
C SER D 874 -26.01 -16.12 -21.37
N PHE D 875 -24.94 -16.77 -20.91
CA PHE D 875 -23.59 -16.26 -21.02
C PHE D 875 -23.35 -15.69 -22.41
N PHE D 876 -23.94 -16.32 -23.44
CA PHE D 876 -23.60 -15.94 -24.81
C PHE D 876 -24.46 -14.83 -25.37
N GLU D 877 -25.41 -14.29 -24.58
CA GLU D 877 -26.28 -13.26 -25.13
C GLU D 877 -25.51 -12.06 -25.65
N PRO D 878 -24.40 -11.63 -25.05
CA PRO D 878 -23.66 -10.48 -25.60
C PRO D 878 -23.30 -10.62 -27.07
N ILE D 879 -22.78 -11.78 -27.48
CA ILE D 879 -22.44 -12.01 -28.88
C ILE D 879 -23.64 -11.73 -29.77
N PHE D 880 -24.76 -12.39 -29.50
CA PHE D 880 -25.96 -12.19 -30.29
C PHE D 880 -26.46 -10.75 -30.26
N ALA D 881 -26.11 -9.98 -29.23
CA ALA D 881 -26.54 -8.58 -29.19
C ALA D 881 -25.79 -7.70 -30.18
N GLN D 882 -24.74 -8.20 -30.82
CA GLN D 882 -24.02 -7.46 -31.85
C GLN D 882 -24.68 -7.53 -33.23
N THR D 883 -25.72 -8.33 -33.39
CA THR D 883 -26.46 -8.35 -34.65
C THR D 883 -26.76 -6.92 -35.10
N PRO D 884 -26.61 -6.62 -36.40
CA PRO D 884 -26.64 -5.22 -36.86
C PRO D 884 -28.03 -4.59 -36.96
N TYR D 885 -28.99 -5.03 -36.15
CA TYR D 885 -30.26 -4.34 -36.01
C TYR D 885 -30.76 -4.51 -34.58
N ASP D 886 -31.75 -3.72 -34.21
CA ASP D 886 -32.35 -3.87 -32.90
C ASP D 886 -33.38 -5.00 -32.91
N SER D 887 -33.83 -5.36 -31.71
CA SER D 887 -34.86 -6.39 -31.57
C SER D 887 -36.13 -5.97 -32.30
N ILE D 888 -36.68 -6.89 -33.10
CA ILE D 888 -37.84 -6.60 -33.93
C ILE D 888 -38.95 -6.18 -32.99
N PRO D 889 -39.37 -4.90 -33.00
CA PRO D 889 -40.39 -4.46 -32.04
C PRO D 889 -41.80 -4.91 -32.42
N ASP D 890 -42.10 -4.91 -33.72
CA ASP D 890 -43.42 -5.29 -34.20
C ASP D 890 -43.35 -5.39 -35.72
N TYR D 891 -44.50 -5.68 -36.34
CA TYR D 891 -44.60 -5.75 -37.78
C TYR D 891 -45.47 -4.61 -38.29
N TYR D 892 -45.36 -4.36 -39.59
CA TYR D 892 -46.26 -3.45 -40.29
C TYR D 892 -46.66 -4.12 -41.60
N GLU D 893 -47.51 -3.44 -42.37
CA GLU D 893 -47.99 -3.96 -43.63
C GLU D 893 -47.64 -2.98 -44.74
N GLU D 894 -47.09 -3.49 -45.82
CA GLU D 894 -46.80 -2.70 -47.02
C GLU D 894 -47.02 -3.56 -48.24
N LYS D 895 -47.72 -3.02 -49.24
CA LYS D 895 -47.97 -3.73 -50.49
C LYS D 895 -48.66 -5.07 -50.21
N GLY D 896 -49.59 -5.07 -49.26
CA GLY D 896 -50.31 -6.27 -48.89
C GLY D 896 -49.48 -7.36 -48.24
N ARG D 897 -48.24 -7.06 -47.85
CA ARG D 897 -47.33 -8.04 -47.26
C ARG D 897 -46.89 -7.57 -45.88
N ILE D 898 -46.78 -8.52 -44.95
CA ILE D 898 -46.34 -8.20 -43.60
C ILE D 898 -44.82 -8.16 -43.57
N GLU D 899 -44.27 -7.06 -43.06
CA GLU D 899 -42.82 -6.92 -42.93
C GLU D 899 -42.46 -6.57 -41.50
N PRO D 900 -41.25 -6.93 -41.06
CA PRO D 900 -40.81 -6.52 -39.72
C PRO D 900 -40.30 -5.08 -39.71
N ILE D 901 -40.38 -4.48 -38.53
CA ILE D 901 -39.80 -3.16 -38.30
C ILE D 901 -38.33 -3.33 -37.96
N ILE D 902 -37.45 -2.94 -38.88
CA ILE D 902 -36.01 -3.12 -38.70
C ILE D 902 -35.38 -1.75 -38.50
N ASN D 903 -34.84 -1.52 -37.30
CA ASN D 903 -34.09 -0.31 -36.97
C ASN D 903 -32.62 -0.68 -37.03
N HIS D 904 -32.01 -0.48 -38.20
CA HIS D 904 -30.63 -0.91 -38.41
C HIS D 904 -29.67 -0.18 -37.48
N ARG D 905 -28.60 -0.88 -37.10
CA ARG D 905 -27.48 -0.34 -36.36
C ARG D 905 -26.19 -0.68 -37.09
N ASP D 906 -25.05 -0.28 -36.51
CA ASP D 906 -23.79 -0.40 -37.21
C ASP D 906 -23.41 -1.87 -37.43
N ARG D 907 -22.78 -2.14 -38.56
CA ARG D 907 -22.45 -3.48 -39.00
C ARG D 907 -21.09 -3.96 -38.52
N SER D 908 -20.11 -3.06 -38.39
CA SER D 908 -18.70 -3.44 -38.25
C SER D 908 -18.50 -4.63 -37.33
N VAL D 909 -19.07 -4.55 -36.11
CA VAL D 909 -18.88 -5.63 -35.15
C VAL D 909 -19.42 -6.95 -35.69
N SER D 910 -20.68 -6.94 -36.15
CA SER D 910 -21.26 -8.16 -36.71
C SER D 910 -20.53 -8.59 -37.97
N ASP D 911 -20.00 -7.64 -38.74
CA ASP D 911 -19.20 -7.99 -39.91
C ASP D 911 -17.99 -8.83 -39.51
N LEU D 912 -17.21 -8.34 -38.55
CA LEU D 912 -16.03 -9.09 -38.13
C LEU D 912 -16.41 -10.42 -37.49
N ILE D 913 -17.51 -10.44 -36.72
CA ILE D 913 -17.94 -11.69 -36.10
C ILE D 913 -18.29 -12.72 -37.16
N SER D 914 -19.03 -12.30 -38.20
CA SER D 914 -19.39 -13.23 -39.27
C SER D 914 -18.15 -13.72 -40.02
N GLU D 915 -17.20 -12.82 -40.28
CA GLU D 915 -15.94 -13.21 -40.90
C GLU D 915 -15.27 -14.32 -40.09
N GLY D 916 -15.13 -14.10 -38.78
CA GLY D 916 -14.52 -15.09 -37.92
C GLY D 916 -15.28 -16.41 -37.95
N LEU D 917 -16.61 -16.33 -37.84
CA LEU D 917 -17.41 -17.55 -37.78
C LEU D 917 -17.29 -18.35 -39.06
N LEU D 918 -17.25 -17.67 -40.20
CA LEU D 918 -17.14 -18.38 -41.47
C LEU D 918 -15.77 -19.03 -41.61
N LYS D 919 -14.70 -18.31 -41.25
CA LYS D 919 -13.38 -18.93 -41.26
C LYS D 919 -13.34 -20.14 -40.35
N PHE D 920 -13.95 -20.05 -39.16
CA PHE D 920 -13.92 -21.19 -38.26
C PHE D 920 -14.70 -22.36 -38.82
N THR D 921 -15.84 -22.10 -39.47
CA THR D 921 -16.60 -23.17 -40.08
C THR D 921 -15.77 -23.87 -41.16
N GLU D 922 -15.14 -23.09 -42.04
CA GLU D 922 -14.31 -23.69 -43.07
C GLU D 922 -13.22 -24.56 -42.47
N ASP D 923 -12.56 -24.07 -41.41
CA ASP D 923 -11.47 -24.86 -40.81
C ASP D 923 -12.01 -26.07 -40.06
N TYR D 924 -13.22 -25.96 -39.51
CA TYR D 924 -13.77 -27.02 -38.66
C TYR D 924 -14.25 -28.20 -39.49
N LEU D 925 -14.98 -27.93 -40.59
CA LEU D 925 -15.41 -29.04 -41.42
C LEU D 925 -14.24 -29.73 -42.11
N ALA D 926 -13.08 -29.05 -42.19
CA ALA D 926 -11.90 -29.61 -42.84
C ALA D 926 -11.04 -30.43 -41.89
N LEU D 927 -11.40 -30.52 -40.62
CA LEU D 927 -10.64 -31.34 -39.68
C LEU D 927 -10.72 -32.81 -40.05
N ASN D 928 -9.74 -33.57 -39.57
CA ASN D 928 -9.64 -35.01 -39.83
C ASN D 928 -10.11 -35.72 -38.56
N THR D 929 -11.40 -36.03 -38.52
CA THR D 929 -12.04 -36.66 -37.37
C THR D 929 -12.34 -38.13 -37.65
N GLN D 930 -12.24 -38.94 -36.59
CA GLN D 930 -12.68 -40.33 -36.68
C GLN D 930 -14.20 -40.45 -36.60
N ASP D 931 -14.85 -39.59 -35.82
CA ASP D 931 -16.30 -39.54 -35.70
C ASP D 931 -16.69 -38.07 -35.55
N GLU D 932 -17.35 -37.52 -36.56
CA GLU D 932 -17.64 -36.09 -36.56
C GLU D 932 -18.68 -35.72 -35.52
N ASP D 933 -19.69 -36.59 -35.32
CA ASP D 933 -20.68 -36.33 -34.27
C ASP D 933 -20.00 -36.27 -32.91
N TYR D 934 -19.15 -37.26 -32.63
CA TYR D 934 -18.45 -37.30 -31.35
C TYR D 934 -17.54 -36.10 -31.20
N PHE D 935 -16.94 -35.62 -32.28
CA PHE D 935 -16.07 -34.45 -32.16
C PHE D 935 -16.89 -33.19 -31.89
N ASP D 936 -18.03 -33.05 -32.56
CA ASP D 936 -18.97 -31.98 -32.19
C ASP D 936 -19.20 -32.00 -30.68
N ALA D 937 -19.60 -33.16 -30.15
CA ALA D 937 -19.91 -33.26 -28.72
C ALA D 937 -18.71 -32.89 -27.85
N ALA D 938 -17.54 -33.44 -28.18
CA ALA D 938 -16.35 -33.25 -27.35
C ALA D 938 -15.89 -31.80 -27.37
N LEU D 939 -15.75 -31.21 -28.57
CA LEU D 939 -15.33 -29.82 -28.66
C LEU D 939 -16.33 -28.91 -27.97
N SER D 940 -17.63 -29.19 -28.11
CA SER D 940 -18.64 -28.38 -27.44
C SER D 940 -18.47 -28.46 -25.93
N GLN D 941 -18.36 -29.68 -25.40
CA GLN D 941 -18.16 -29.84 -23.96
C GLN D 941 -16.96 -29.03 -23.48
N PHE D 942 -15.81 -29.24 -24.12
CA PHE D 942 -14.62 -28.52 -23.71
C PHE D 942 -14.84 -27.01 -23.76
N ASN D 943 -15.30 -26.49 -24.89
CA ASN D 943 -15.36 -25.04 -25.08
C ASN D 943 -16.34 -24.41 -24.10
N TYR D 944 -17.48 -25.04 -23.87
CA TYR D 944 -18.46 -24.50 -22.94
C TYR D 944 -17.90 -24.49 -21.53
N GLN D 945 -17.29 -25.60 -21.10
CA GLN D 945 -16.70 -25.62 -19.77
C GLN D 945 -15.66 -24.51 -19.62
N TYR D 946 -14.71 -24.44 -20.56
CA TYR D 946 -13.64 -23.46 -20.45
C TYR D 946 -14.19 -22.05 -20.40
N GLN D 947 -15.13 -21.72 -21.28
CA GLN D 947 -15.59 -20.34 -21.38
C GLN D 947 -16.44 -19.94 -20.18
N LEU D 948 -17.26 -20.88 -19.69
CA LEU D 948 -18.12 -20.57 -18.55
C LEU D 948 -17.37 -20.62 -17.22
N ASN D 949 -16.17 -21.18 -17.17
CA ASN D 949 -15.47 -21.32 -15.89
C ASN D 949 -14.05 -20.73 -15.92
N THR D 950 -13.75 -19.87 -16.90
CA THR D 950 -12.45 -19.21 -16.99
C THR D 950 -12.66 -17.70 -17.00
N PRO D 951 -12.85 -17.09 -15.84
CA PRO D 951 -13.14 -15.65 -15.80
C PRO D 951 -11.93 -14.77 -16.11
N ASN D 952 -10.72 -15.31 -16.06
CA ASN D 952 -9.50 -14.55 -16.28
C ASN D 952 -8.85 -14.86 -17.62
N ASP D 953 -9.61 -15.44 -18.55
CA ASP D 953 -9.09 -15.67 -19.90
C ASP D 953 -8.78 -14.36 -20.60
N GLN D 954 -7.65 -14.33 -21.29
CA GLN D 954 -7.22 -13.11 -21.98
C GLN D 954 -8.32 -12.58 -22.88
N PHE D 955 -8.90 -13.46 -23.70
CA PHE D 955 -9.83 -13.02 -24.73
C PHE D 955 -11.25 -12.88 -24.20
N ILE D 956 -11.63 -13.65 -23.18
CA ILE D 956 -12.89 -13.39 -22.51
C ILE D 956 -12.86 -12.05 -21.77
N CYS D 957 -11.67 -11.58 -21.41
CA CYS D 957 -11.52 -10.33 -20.68
C CYS D 957 -11.42 -9.13 -21.62
N ASN D 958 -10.58 -9.23 -22.65
CA ASN D 958 -10.32 -8.10 -23.53
C ASN D 958 -11.26 -8.01 -24.73
N VAL D 959 -12.05 -9.05 -25.01
CA VAL D 959 -12.91 -9.03 -26.19
C VAL D 959 -14.37 -9.22 -25.79
N PHE D 960 -14.70 -10.44 -25.37
CA PHE D 960 -16.09 -10.77 -25.02
C PHE D 960 -16.66 -9.78 -24.01
N SER D 961 -16.00 -9.66 -22.85
CA SER D 961 -16.50 -8.82 -21.78
C SER D 961 -16.62 -7.36 -22.18
N GLU D 962 -15.94 -6.93 -23.24
CA GLU D 962 -15.97 -5.55 -23.71
C GLU D 962 -16.99 -5.29 -24.81
N LEU D 963 -17.68 -6.32 -25.29
CA LEU D 963 -18.81 -6.10 -26.20
C LEU D 963 -19.83 -5.16 -25.56
N LYS D 964 -20.13 -4.06 -26.25
CA LYS D 964 -21.00 -3.03 -25.72
C LYS D 964 -22.48 -3.41 -25.84
N LYS D 974 -23.79 -0.09 -22.62
CA LYS D 974 -22.66 -0.26 -21.73
C LYS D 974 -22.02 -1.63 -21.88
N PRO D 975 -20.73 -1.73 -21.56
CA PRO D 975 -20.02 -3.01 -21.70
C PRO D 975 -20.68 -4.12 -20.89
N TYR D 976 -20.44 -5.36 -21.32
CA TYR D 976 -21.01 -6.52 -20.65
C TYR D 976 -20.49 -6.58 -19.21
N ALA D 977 -19.19 -6.84 -19.06
CA ALA D 977 -18.54 -6.90 -17.77
C ALA D 977 -17.31 -6.01 -17.83
N PRO D 978 -17.46 -4.73 -17.50
CA PRO D 978 -16.31 -3.83 -17.51
C PRO D 978 -15.46 -3.98 -16.26
N ALA D 979 -14.20 -3.58 -16.38
CA ALA D 979 -13.33 -3.46 -15.22
C ALA D 979 -13.86 -2.42 -14.26
N LEU D 980 -13.65 -2.66 -12.97
CA LEU D 980 -14.22 -1.83 -11.92
C LEU D 980 -13.17 -0.94 -11.28
N THR D 981 -13.63 0.17 -10.71
CA THR D 981 -12.78 1.10 -9.99
C THR D 981 -12.93 0.90 -8.49
N LEU D 982 -11.89 1.29 -7.74
CA LEU D 982 -11.97 1.21 -6.29
C LEU D 982 -13.12 2.06 -5.77
N LYS D 983 -13.33 3.23 -6.38
CA LYS D 983 -14.40 4.12 -5.96
C LYS D 983 -15.76 3.48 -6.17
N GLN D 984 -15.96 2.84 -7.33
CA GLN D 984 -17.22 2.15 -7.60
C GLN D 984 -17.56 1.17 -6.48
N LEU D 985 -16.58 0.35 -6.09
CA LEU D 985 -16.84 -0.62 -5.04
C LEU D 985 -17.08 0.07 -3.70
N GLU D 986 -16.35 1.14 -3.41
CA GLU D 986 -16.63 1.92 -2.22
C GLU D 986 -18.06 2.47 -2.20
N SER D 987 -18.69 2.64 -3.36
CA SER D 987 -20.01 3.26 -3.44
C SER D 987 -21.16 2.24 -3.42
N ILE D 988 -20.87 0.95 -3.32
CA ILE D 988 -21.90 -0.06 -3.33
C ILE D 988 -22.12 -0.60 -1.93
N THR D 989 -23.23 -1.32 -1.73
CA THR D 989 -23.52 -1.97 -0.47
C THR D 989 -24.21 -3.31 -0.61
N SER D 990 -24.53 -3.75 -1.83
CA SER D 990 -25.32 -4.97 -2.03
C SER D 990 -24.92 -5.58 -3.36
N LYS D 991 -25.37 -6.82 -3.58
CA LYS D 991 -25.17 -7.45 -4.88
C LYS D 991 -26.02 -6.80 -5.96
N GLN D 992 -27.22 -6.33 -5.61
CA GLN D 992 -28.05 -5.66 -6.60
C GLN D 992 -27.36 -4.42 -7.13
N GLU D 993 -26.85 -3.58 -6.23
CA GLU D 993 -26.11 -2.40 -6.66
C GLU D 993 -24.95 -2.79 -7.57
N LEU D 994 -24.23 -3.85 -7.20
CA LEU D 994 -23.08 -4.29 -7.98
C LEU D 994 -23.51 -4.81 -9.35
N ASP D 995 -24.60 -5.58 -9.39
CA ASP D 995 -25.08 -6.17 -10.64
C ASP D 995 -25.49 -5.12 -11.66
N LYS D 996 -25.64 -3.85 -11.26
CA LYS D 996 -25.92 -2.79 -12.21
C LYS D 996 -24.65 -2.13 -12.72
N LEU D 997 -23.48 -2.66 -12.35
CA LEU D 997 -22.21 -2.24 -12.95
C LEU D 997 -21.67 -3.26 -13.94
N THR D 998 -22.06 -4.53 -13.81
CA THR D 998 -21.44 -5.61 -14.56
C THR D 998 -22.35 -6.83 -14.52
N GLN D 999 -22.28 -7.64 -15.56
CA GLN D 999 -23.04 -8.88 -15.64
C GLN D 999 -22.19 -10.10 -15.34
N SER D 1000 -20.96 -9.91 -14.85
CA SER D 1000 -20.10 -11.02 -14.47
C SER D 1000 -19.07 -10.47 -13.47
N ILE D 1001 -19.44 -10.51 -12.19
CA ILE D 1001 -18.51 -10.08 -11.14
C ILE D 1001 -17.13 -10.73 -11.30
N PRO D 1002 -17.02 -12.03 -11.56
CA PRO D 1002 -15.68 -12.64 -11.68
C PRO D 1002 -14.85 -12.03 -12.80
N ILE D 1003 -15.44 -11.88 -13.98
CA ILE D 1003 -14.69 -11.30 -15.09
C ILE D 1003 -14.29 -9.86 -14.78
N SER D 1004 -15.23 -9.08 -14.25
CA SER D 1004 -14.93 -7.68 -13.90
C SER D 1004 -13.76 -7.59 -12.93
N LEU D 1005 -13.78 -8.43 -11.88
CA LEU D 1005 -12.68 -8.41 -10.92
C LEU D 1005 -11.37 -8.88 -11.55
N SER D 1006 -11.42 -9.91 -12.39
CA SER D 1006 -10.21 -10.40 -13.04
C SER D 1006 -9.59 -9.35 -13.97
N LYS D 1007 -10.38 -8.37 -14.41
CA LYS D 1007 -9.91 -7.28 -15.25
C LYS D 1007 -9.58 -6.02 -14.47
N SER D 1008 -9.69 -6.05 -13.14
CA SER D 1008 -9.55 -4.86 -12.32
C SER D 1008 -8.16 -4.85 -11.67
N ASP D 1009 -7.83 -3.70 -11.08
CA ASP D 1009 -6.56 -3.55 -10.41
C ASP D 1009 -6.55 -4.32 -9.10
N VAL D 1010 -5.33 -4.62 -8.62
CA VAL D 1010 -5.19 -5.42 -7.41
C VAL D 1010 -5.84 -4.71 -6.23
N LYS D 1011 -5.81 -3.38 -6.24
CA LYS D 1011 -6.44 -2.63 -5.16
C LYS D 1011 -7.94 -2.85 -5.14
N VAL D 1012 -8.56 -2.91 -6.33
CA VAL D 1012 -10.00 -3.16 -6.40
C VAL D 1012 -10.33 -4.55 -5.87
N ILE D 1013 -9.53 -5.54 -6.26
CA ILE D 1013 -9.75 -6.90 -5.78
C ILE D 1013 -9.61 -6.96 -4.26
N ASP D 1014 -8.60 -6.28 -3.72
CA ASP D 1014 -8.39 -6.30 -2.28
C ASP D 1014 -9.56 -5.64 -1.55
N TYR D 1015 -10.02 -4.49 -2.05
CA TYR D 1015 -11.16 -3.83 -1.42
C TYR D 1015 -12.41 -4.69 -1.51
N TYR D 1016 -12.62 -5.34 -2.66
CA TYR D 1016 -13.75 -6.26 -2.80
C TYR D 1016 -13.68 -7.35 -1.75
N ASN D 1017 -12.52 -8.00 -1.61
CA ASN D 1017 -12.37 -9.02 -0.58
C ASN D 1017 -12.66 -8.44 0.80
N LYS D 1018 -12.23 -7.19 1.03
CA LYS D 1018 -12.49 -6.54 2.32
C LYS D 1018 -13.98 -6.42 2.59
N ILE D 1019 -14.75 -6.00 1.58
CA ILE D 1019 -16.16 -5.65 1.77
C ILE D 1019 -17.03 -6.86 1.45
N GLN D 1020 -16.41 -8.01 1.23
CA GLN D 1020 -17.14 -9.18 0.73
C GLN D 1020 -18.26 -9.58 1.68
N LYS D 1021 -17.91 -9.92 2.92
CA LYS D 1021 -18.92 -10.42 3.85
C LYS D 1021 -19.94 -9.35 4.19
N ASN D 1022 -19.47 -8.12 4.44
CA ASN D 1022 -20.36 -7.05 4.89
C ASN D 1022 -21.50 -6.80 3.92
N TYR D 1023 -21.21 -6.75 2.61
CA TYR D 1023 -22.22 -6.49 1.60
C TYR D 1023 -22.83 -7.76 1.00
N ASN D 1024 -22.55 -8.92 1.58
CA ASN D 1024 -23.12 -10.20 1.11
C ASN D 1024 -22.84 -10.40 -0.38
N LEU D 1025 -21.58 -10.21 -0.77
CA LEU D 1025 -21.17 -10.35 -2.16
C LEU D 1025 -20.55 -11.71 -2.40
N PRO D 1026 -20.56 -12.18 -3.66
CA PRO D 1026 -19.93 -13.48 -3.97
C PRO D 1026 -18.42 -13.42 -3.74
N ALA D 1027 -17.85 -14.55 -3.33
CA ALA D 1027 -16.42 -14.60 -3.05
C ALA D 1027 -15.63 -14.75 -4.35
N TYR D 1028 -14.58 -13.95 -4.48
CA TYR D 1028 -13.71 -13.97 -5.67
C TYR D 1028 -12.63 -15.02 -5.49
N ASN D 1029 -12.70 -16.09 -6.28
CA ASN D 1029 -11.75 -17.20 -6.20
C ASN D 1029 -10.87 -17.30 -7.44
N SER D 1030 -10.59 -16.16 -8.07
CA SER D 1030 -9.75 -16.14 -9.27
C SER D 1030 -8.59 -15.17 -9.11
N THR D 1031 -7.82 -14.96 -10.16
CA THR D 1031 -6.68 -14.06 -10.15
C THR D 1031 -6.75 -13.10 -11.32
N PRO D 1032 -6.01 -11.99 -11.27
CA PRO D 1032 -6.03 -11.03 -12.38
C PRO D 1032 -5.58 -11.68 -13.68
N MET D 1033 -6.30 -11.36 -14.76
CA MET D 1033 -5.96 -11.90 -16.06
C MET D 1033 -4.55 -11.49 -16.46
N ARG D 1034 -3.84 -12.40 -17.10
CA ARG D 1034 -2.52 -12.12 -17.69
C ARG D 1034 -2.57 -12.50 -19.16
N LYS D 1035 -2.06 -11.62 -20.01
CA LYS D 1035 -2.07 -11.88 -21.44
C LYS D 1035 -1.05 -12.97 -21.80
N ALA D 1036 -1.47 -13.87 -22.69
CA ALA D 1036 -0.62 -14.96 -23.15
C ALA D 1036 -0.06 -14.77 -24.55
N TYR D 1037 -0.72 -13.99 -25.40
CA TYR D 1037 -0.21 -13.71 -26.73
C TYR D 1037 -0.44 -12.24 -27.10
N ALA D 1038 0.51 -11.73 -27.89
CA ALA D 1038 0.64 -10.32 -28.22
C ALA D 1038 0.84 -9.45 -26.97
N VAL D 1039 1.73 -9.90 -26.10
CA VAL D 1039 1.87 -9.26 -24.81
C VAL D 1039 2.42 -7.86 -25.05
N ASN D 1040 2.04 -6.92 -24.19
CA ASN D 1040 2.55 -5.55 -24.30
C ASN D 1040 2.01 -4.87 -25.56
N PRO D 1041 2.08 -3.54 -25.63
CA PRO D 1041 1.62 -2.82 -26.83
C PRO D 1041 2.48 -3.09 -28.05
N LEU D 1042 1.86 -3.62 -29.12
CA LEU D 1042 2.62 -4.01 -30.29
C LEU D 1042 3.07 -2.81 -31.11
N GLU D 1043 2.47 -1.63 -30.87
CA GLU D 1043 2.81 -0.40 -31.57
C GLU D 1043 4.19 0.13 -31.21
N GLN D 1044 4.81 -0.38 -30.14
CA GLN D 1044 6.10 0.10 -29.69
C GLN D 1044 7.27 -0.70 -30.22
N TYR D 1045 7.04 -1.61 -31.16
CA TYR D 1045 8.08 -2.51 -31.65
C TYR D 1045 8.38 -2.17 -33.10
N VAL D 1046 9.67 -2.03 -33.41
CA VAL D 1046 10.14 -1.71 -34.76
C VAL D 1046 10.54 -2.99 -35.45
N TRP D 1047 9.94 -3.25 -36.61
CA TRP D 1047 10.24 -4.44 -37.40
C TRP D 1047 9.58 -4.31 -38.77
N SER D 1048 9.97 -5.21 -39.67
CA SER D 1048 9.47 -5.22 -41.04
C SER D 1048 9.34 -6.65 -41.51
N THR D 1049 8.31 -6.92 -42.32
CA THR D 1049 8.20 -8.22 -42.96
C THR D 1049 9.24 -8.44 -44.05
N GLN D 1050 9.84 -7.38 -44.57
CA GLN D 1050 10.83 -7.48 -45.63
C GLN D 1050 12.22 -7.38 -45.01
N VAL D 1051 12.95 -8.49 -44.99
CA VAL D 1051 14.32 -8.50 -44.48
C VAL D 1051 15.28 -8.71 -45.64
N PRO D 1052 16.51 -8.18 -45.56
CA PRO D 1052 16.98 -7.39 -44.43
C PRO D 1052 16.52 -5.93 -44.47
N PHE D 1053 16.77 -5.18 -43.39
CA PHE D 1053 16.44 -3.77 -43.39
C PHE D 1053 17.30 -3.05 -42.36
N ARG D 1054 17.68 -1.81 -42.68
CA ARG D 1054 18.58 -1.08 -41.81
C ARG D 1054 17.82 -0.43 -40.68
N VAL D 1055 18.44 -0.38 -39.50
CA VAL D 1055 17.87 0.31 -38.35
C VAL D 1055 18.96 1.17 -37.71
N LEU D 1056 18.53 2.27 -37.09
CA LEU D 1056 19.40 3.15 -36.34
C LEU D 1056 19.21 2.88 -34.85
N SER D 1057 20.33 2.81 -34.13
CA SER D 1057 20.34 2.55 -32.69
C SER D 1057 20.14 3.88 -31.96
N LEU D 1058 18.94 4.08 -31.42
CA LEU D 1058 18.67 5.33 -30.71
C LEU D 1058 19.51 5.41 -29.44
N LYS D 1059 19.53 4.34 -28.65
CA LYS D 1059 20.36 4.26 -27.46
C LYS D 1059 21.45 3.21 -27.69
N GLN D 1060 22.36 3.11 -26.72
CA GLN D 1060 23.34 2.03 -26.74
C GLN D 1060 22.64 0.69 -26.54
N ASN D 1061 22.68 -0.16 -27.55
CA ASN D 1061 21.99 -1.44 -27.54
C ASN D 1061 22.96 -2.59 -27.33
N SER D 1062 22.54 -3.56 -26.53
CA SER D 1062 23.30 -4.76 -26.25
C SER D 1062 22.90 -5.87 -27.21
N PHE D 1063 23.79 -6.86 -27.34
CA PHE D 1063 23.54 -8.05 -28.15
C PHE D 1063 23.19 -9.23 -27.26
N TYR D 1064 22.13 -9.96 -27.64
CA TYR D 1064 21.72 -11.17 -26.97
C TYR D 1064 21.74 -12.33 -27.96
N LEU D 1065 22.25 -13.47 -27.52
CA LEU D 1065 22.35 -14.66 -28.35
C LEU D 1065 21.13 -15.57 -28.22
N ASP D 1066 20.02 -15.06 -27.70
CA ASP D 1066 18.82 -15.86 -27.49
C ASP D 1066 17.65 -14.92 -27.35
N VAL D 1067 16.57 -15.20 -28.08
CA VAL D 1067 15.39 -14.34 -28.08
C VAL D 1067 14.91 -14.12 -26.64
N SER D 1068 15.22 -15.06 -25.75
CA SER D 1068 14.83 -14.91 -24.35
C SER D 1068 15.40 -13.63 -23.74
N PHE D 1069 16.52 -13.14 -24.26
CA PHE D 1069 17.23 -12.00 -23.68
C PHE D 1069 17.61 -12.24 -22.22
N ALA D 1070 17.88 -13.49 -21.86
CA ALA D 1070 18.33 -13.78 -20.50
C ALA D 1070 19.71 -13.18 -20.27
N GLU D 1071 19.95 -12.77 -19.02
CA GLU D 1071 21.22 -12.13 -18.69
C GLU D 1071 22.41 -12.96 -19.16
N THR D 1072 22.33 -14.28 -18.99
CA THR D 1072 23.46 -15.13 -19.31
C THR D 1072 23.73 -15.19 -20.81
N THR D 1073 22.74 -14.84 -21.64
CA THR D 1073 22.91 -14.84 -23.08
C THR D 1073 23.26 -13.46 -23.64
N LYS D 1074 23.30 -12.43 -22.80
CA LYS D 1074 23.68 -11.10 -23.24
C LYS D 1074 25.19 -11.04 -23.43
N ARG D 1075 25.61 -10.65 -24.64
CA ARG D 1075 27.02 -10.43 -24.91
C ARG D 1075 27.58 -9.28 -24.09
N LYS D 1076 28.79 -9.47 -23.59
CA LYS D 1076 29.51 -8.44 -22.86
C LYS D 1076 30.82 -8.02 -23.52
N ASP D 1077 31.15 -8.58 -24.69
CA ASP D 1077 32.36 -8.19 -25.41
C ASP D 1077 32.19 -7.00 -26.34
N ILE D 1078 30.98 -6.71 -26.80
CA ILE D 1078 30.75 -5.60 -27.74
C ILE D 1078 29.27 -5.22 -27.66
N PHE D 1079 28.97 -4.00 -28.10
CA PHE D 1079 27.59 -3.51 -28.10
C PHE D 1079 27.36 -2.68 -29.35
N LEU D 1080 26.09 -2.30 -29.55
CA LEU D 1080 25.69 -1.41 -30.63
C LEU D 1080 25.81 0.04 -30.15
N LYS D 1081 26.74 0.79 -30.73
CA LYS D 1081 26.99 2.15 -30.29
C LYS D 1081 25.78 3.05 -30.59
N GLU D 1082 25.56 4.03 -29.72
CA GLU D 1082 24.50 5.00 -29.94
C GLU D 1082 24.67 5.74 -31.26
N LEU D 1083 23.56 5.91 -31.97
CA LEU D 1083 23.51 6.64 -33.23
C LEU D 1083 24.20 5.90 -34.37
N ASN D 1084 24.53 4.63 -34.19
CA ASN D 1084 25.01 3.80 -35.29
C ASN D 1084 23.87 3.04 -35.94
N GLU D 1085 24.09 2.66 -37.19
CA GLU D 1085 23.13 1.86 -37.95
C GLU D 1085 23.64 0.43 -38.10
N ILE D 1086 22.69 -0.47 -38.33
CA ILE D 1086 23.00 -1.89 -38.44
C ILE D 1086 21.87 -2.55 -39.23
N ASP D 1087 22.25 -3.53 -40.05
CA ASP D 1087 21.26 -4.31 -40.79
C ASP D 1087 20.61 -5.35 -39.89
N VAL D 1088 19.31 -5.53 -40.08
CA VAL D 1088 18.53 -6.55 -39.40
C VAL D 1088 18.17 -7.60 -40.44
N ILE D 1089 18.61 -8.84 -40.22
CA ILE D 1089 18.51 -9.89 -41.23
C ILE D 1089 17.39 -10.87 -40.92
N ALA D 1090 16.75 -10.74 -39.77
CA ALA D 1090 15.63 -11.61 -39.42
C ALA D 1090 14.90 -10.97 -38.25
N VAL D 1091 13.62 -11.32 -38.13
CA VAL D 1091 12.76 -10.88 -37.04
C VAL D 1091 12.20 -12.13 -36.40
N ASP D 1092 12.57 -12.39 -35.15
CA ASP D 1092 12.17 -13.60 -34.46
C ASP D 1092 11.28 -13.24 -33.28
N TRP D 1093 10.16 -13.95 -33.16
CA TRP D 1093 9.11 -13.59 -32.20
C TRP D 1093 9.12 -14.55 -31.04
N LEU D 1094 9.02 -14.00 -29.82
CA LEU D 1094 8.77 -14.83 -28.66
C LEU D 1094 7.43 -15.54 -28.82
N LYS D 1095 7.19 -16.50 -27.93
CA LYS D 1095 5.89 -17.17 -27.92
C LYS D 1095 4.77 -16.20 -27.61
N GLY D 1096 5.06 -15.16 -26.84
CA GLY D 1096 4.06 -14.19 -26.43
C GLY D 1096 3.79 -13.09 -27.41
N GLY D 1097 4.49 -13.05 -28.54
CA GLY D 1097 4.22 -12.07 -29.56
C GLY D 1097 5.04 -10.81 -29.40
N VAL D 1098 6.34 -10.96 -29.16
CA VAL D 1098 7.24 -9.84 -28.99
C VAL D 1098 8.39 -10.03 -29.98
N PRO D 1099 8.68 -9.05 -30.84
CA PRO D 1099 9.72 -9.23 -31.85
C PRO D 1099 11.11 -8.87 -31.35
N ARG D 1100 12.09 -9.58 -31.93
CA ARG D 1100 13.52 -9.34 -31.72
C ARG D 1100 14.17 -9.21 -33.08
N LEU D 1101 15.10 -8.25 -33.21
CA LEU D 1101 15.73 -7.93 -34.49
C LEU D 1101 17.12 -8.56 -34.50
N LEU D 1102 17.32 -9.58 -35.34
CA LEU D 1102 18.59 -10.29 -35.38
C LEU D 1102 19.58 -9.56 -36.28
N THR D 1103 20.82 -9.42 -35.80
CA THR D 1103 21.93 -8.88 -36.54
C THR D 1103 23.05 -9.92 -36.54
N GLU D 1104 24.07 -9.67 -37.37
CA GLU D 1104 25.17 -10.62 -37.46
C GLU D 1104 25.87 -10.84 -36.12
N HIS D 1105 25.59 -10.02 -35.12
CA HIS D 1105 26.20 -10.17 -33.79
C HIS D 1105 25.23 -10.67 -32.73
N GLY D 1106 23.94 -10.82 -33.05
CA GLY D 1106 22.97 -11.33 -32.11
C GLY D 1106 21.69 -10.53 -32.16
N TYR D 1107 20.79 -10.82 -31.24
CA TYR D 1107 19.51 -10.13 -31.21
C TYR D 1107 19.64 -8.77 -30.54
N ILE D 1108 18.80 -7.83 -31.00
CA ILE D 1108 18.60 -6.57 -30.33
C ILE D 1108 17.10 -6.35 -30.15
N THR D 1109 16.76 -5.43 -29.26
CA THR D 1109 15.37 -5.10 -29.01
C THR D 1109 14.71 -4.49 -30.24
N ALA D 1110 13.38 -4.56 -30.27
CA ALA D 1110 12.57 -3.87 -31.26
C ALA D 1110 11.85 -2.65 -30.69
N HIS D 1111 11.98 -2.40 -29.39
CA HIS D 1111 11.24 -1.30 -28.76
C HIS D 1111 11.62 0.03 -29.39
N LYS D 1112 10.59 0.84 -29.69
CA LYS D 1112 10.78 2.04 -30.49
C LYS D 1112 11.65 3.06 -29.78
N ASP D 1113 11.78 2.97 -28.45
CA ASP D 1113 12.67 3.87 -27.73
C ASP D 1113 14.14 3.53 -27.93
N TRP D 1114 14.45 2.36 -28.47
CA TRP D 1114 15.82 1.91 -28.57
C TRP D 1114 16.32 1.73 -30.00
N VAL D 1115 15.42 1.45 -30.95
CA VAL D 1115 15.77 1.31 -32.36
C VAL D 1115 14.77 2.10 -33.19
N LYS D 1116 15.15 2.39 -34.43
CA LYS D 1116 14.30 3.17 -35.32
C LYS D 1116 14.57 2.74 -36.75
N LYS D 1117 13.52 2.33 -37.46
CA LYS D 1117 13.67 2.01 -38.87
C LYS D 1117 14.26 3.20 -39.62
N SER D 1118 15.23 2.92 -40.49
CA SER D 1118 15.86 3.96 -41.31
C SER D 1118 14.98 4.31 -42.51
#